data_8FC7
#
_entry.id   8FC7
#
_cell.length_a   1.00
_cell.length_b   1.00
_cell.length_c   1.00
_cell.angle_alpha   90.00
_cell.angle_beta   90.00
_cell.angle_gamma   90.00
#
_symmetry.space_group_name_H-M   'P 1'
#
loop_
_entity.id
_entity.type
_entity.pdbx_description
1 polymer 'Transient receptor potential cation channel subfamily V member 4'
2 polymer 'Transforming protein RhoA'
3 non-polymer 1-({(5S,7S)-3-[5-(2-hydroxypropan-2-yl)pyrazin-2-yl]-7-methyl-2-oxo-1-oxa-3-azaspiro[4.5]decan-7-yl}methyl)-1H-benzimidazole-6-carbonitrile
4 non-polymer 'MAGNESIUM ION'
5 non-polymer "GUANOSINE-5'-DIPHOSPHATE"
#
loop_
_entity_poly.entity_id
_entity_poly.type
_entity_poly.pdbx_seq_one_letter_code
_entity_poly.pdbx_strand_id
1 'polypeptide(L)'
;MADSSEGPRAGPGEVAELPGDESGTPGGEAFPLSSLANLFEGEDGSLSPSPADASRPAGPGDGRPNLRMKFQGAFRKGVP
NPIDLLESTLYESSVVPGPKKAPMDSLFDYGTYRHHSSDNKRWRKKIIEKQPQSPKAPAPQPPPILKVFNRPILFDIVSR
GSTADLDGLLPFLLTHKKRLTDEEFREPSTGKTCLPKALLNLSNGRNDTIPVLLDIAERTGNMREFINSPFRDIYYRGQT
ALHIAIERRCKHYVELLVAQGADVHAQARGRFFQPKDEGGYFYFGELPLSLAACTNQPHIVNYLTENPHKKADMRRQDSR
GNTVLHALVAIADNTRENTKFVTKMYDLLLLKCARLFPDSNLEAVLNNDGLSPLMMAAKTGKIGIFQHIIRREVTDEDTR
HLSRKFKDWAYGPVYSSLYDLSSLDTCGEEASVLEILVYNSKIENRHEMLAVEPINELLRDKWRKFGAVSFYINVVSYLC
AMVIFTLTAYYQPLEGTPPYPYRTTVDYLRLAGEVITLFTGVLFFFTNIKDLFMKKCPGVNSLFIDGSFQLLYFIYSVLV
IVSAALYLAGIEAYLAVMVFALVLGWMNALYFTRGLKLTGTYSIMIQKILFKDLFRFLLVYLLFMIGYASALVSLLNPCA
NMKVCNEDQTNCTVPTYPSCRDSETFSTFLLDLFKLTIGMGDLEMLSSTKYPVVFIILLVTYIILTFVLLLNMLIALMGE
TVGQVSKESKHIWKLQWATTILDIERSFPVFLRKAFRSGEMVTVGKSSDGTPDRRWCFRVDEVNWSHWNQNLGIINEDPG
KNETYQYYGFSHTVGRLRRDRWSSVVPRVVELNKNSNPDEVVVPLDSMGNPRCDGHQQGYPRKWRTDDAPLENSLEVLFQ
GPDYKDDDDKAHHHHHHHHHH
;
A,B,C,D
2 'polypeptide(L)'
;MAAIRKKLVIVGDGACGKTCLLIVFSKDQFPEVYVPTVFENYVADIEVDGKQVELALWDTAGQEDYDRLRPLSYPDTDVI
LMCFSIDSPDSLENIPEKWTPEVKHFCPNVPIILVGNKKDLRNDEHTRRELAKMKQEPVKPEEGRDMANRIGAFGYMECS
AKTKDGVREVFEMATRAALQARRGKKKSGCLVL
;
E,F,G,H
#
# COMPACT_ATOMS: atom_id res chain seq x y z
N LEU A 146 -24.81 68.55 -7.11
CA LEU A 146 -25.86 69.49 -6.76
C LEU A 146 -26.69 69.89 -7.99
N LYS A 147 -26.13 70.77 -8.82
CA LYS A 147 -26.83 71.27 -10.00
C LYS A 147 -26.17 70.89 -11.32
N VAL A 148 -24.91 70.44 -11.29
CA VAL A 148 -24.21 69.98 -12.48
C VAL A 148 -23.87 68.51 -12.25
N PHE A 149 -24.31 67.65 -13.17
CA PHE A 149 -24.12 66.20 -13.05
C PHE A 149 -23.31 65.72 -14.27
N ASN A 150 -22.01 65.61 -14.10
CA ASN A 150 -21.15 64.98 -15.09
C ASN A 150 -20.97 63.51 -14.73
N ARG A 151 -20.41 62.74 -15.66
CA ARG A 151 -20.10 61.32 -15.41
C ARG A 151 -19.27 61.08 -14.11
N PRO A 152 -18.15 61.85 -13.90
CA PRO A 152 -17.43 61.69 -12.63
C PRO A 152 -18.32 61.71 -11.41
N ILE A 153 -19.17 62.73 -11.31
CA ILE A 153 -19.93 62.95 -10.09
C ILE A 153 -20.93 61.84 -9.89
N LEU A 154 -21.78 61.62 -10.91
CA LEU A 154 -22.87 60.67 -10.77
C LEU A 154 -22.36 59.25 -10.55
N PHE A 155 -21.24 58.89 -11.20
CA PHE A 155 -20.73 57.54 -10.99
C PHE A 155 -20.28 57.34 -9.55
N ASP A 156 -19.66 58.33 -8.93
CA ASP A 156 -19.30 58.22 -7.52
C ASP A 156 -20.56 58.14 -6.65
N ILE A 157 -21.54 59.01 -6.93
CA ILE A 157 -22.77 59.02 -6.13
C ILE A 157 -23.39 57.64 -6.12
N VAL A 158 -23.54 57.04 -7.29
CA VAL A 158 -24.18 55.73 -7.37
C VAL A 158 -23.25 54.66 -6.82
N SER A 159 -21.93 54.85 -6.97
CA SER A 159 -20.96 53.85 -6.54
C SER A 159 -20.96 53.66 -5.04
N ARG A 160 -21.23 54.70 -4.25
CA ARG A 160 -21.26 54.51 -2.80
C ARG A 160 -22.67 54.25 -2.27
N GLY A 161 -23.66 54.10 -3.14
CA GLY A 161 -25.01 53.86 -2.68
C GLY A 161 -25.69 55.07 -2.10
N SER A 162 -25.20 56.27 -2.44
CA SER A 162 -25.69 57.52 -1.84
C SER A 162 -27.01 57.92 -2.48
N THR A 163 -28.11 57.45 -1.88
CA THR A 163 -29.43 57.88 -2.33
C THR A 163 -29.66 59.36 -2.06
N ALA A 164 -29.03 59.90 -1.02
CA ALA A 164 -29.32 61.28 -0.62
C ALA A 164 -28.90 62.28 -1.69
N ASP A 165 -27.84 61.99 -2.44
CA ASP A 165 -27.21 62.97 -3.31
C ASP A 165 -27.81 63.01 -4.71
N LEU A 166 -28.98 62.40 -4.92
CA LEU A 166 -29.63 62.40 -6.22
C LEU A 166 -30.80 63.38 -6.29
N ASP A 167 -30.86 64.35 -5.38
CA ASP A 167 -31.96 65.31 -5.40
C ASP A 167 -31.95 66.13 -6.69
N GLY A 168 -30.78 66.62 -7.09
CA GLY A 168 -30.71 67.50 -8.25
C GLY A 168 -30.97 66.78 -9.56
N LEU A 169 -30.69 65.48 -9.60
CA LEU A 169 -30.62 64.77 -10.88
C LEU A 169 -31.92 64.89 -11.67
N LEU A 170 -33.06 64.58 -11.03
CA LEU A 170 -34.32 64.58 -11.76
C LEU A 170 -34.68 65.96 -12.31
N PRO A 171 -34.64 67.05 -11.54
CA PRO A 171 -34.89 68.36 -12.16
C PRO A 171 -33.91 68.65 -13.29
N PHE A 172 -32.65 68.25 -13.12
CA PHE A 172 -31.62 68.57 -14.10
C PHE A 172 -31.91 67.92 -15.44
N LEU A 173 -32.27 66.62 -15.43
CA LEU A 173 -32.50 65.91 -16.69
C LEU A 173 -33.62 66.56 -17.48
N LEU A 174 -34.75 66.88 -16.82
CA LEU A 174 -35.83 67.56 -17.52
C LEU A 174 -35.41 68.95 -17.98
N THR A 175 -34.72 69.69 -17.11
CA THR A 175 -34.37 71.07 -17.44
C THR A 175 -33.52 71.15 -18.71
N HIS A 176 -32.56 70.24 -18.84
CA HIS A 176 -31.61 70.30 -19.96
C HIS A 176 -31.93 69.30 -21.08
N LYS A 177 -33.12 68.71 -21.09
CA LYS A 177 -33.51 67.76 -22.11
C LYS A 177 -32.47 66.65 -22.27
N LYS A 178 -32.13 66.02 -21.15
CA LYS A 178 -31.12 64.99 -21.13
C LYS A 178 -31.67 63.73 -20.48
N ARG A 179 -31.14 62.58 -20.89
CA ARG A 179 -31.52 61.28 -20.38
C ARG A 179 -30.30 60.57 -19.83
N LEU A 180 -30.53 59.65 -18.89
CA LEU A 180 -29.40 58.92 -18.31
C LEU A 180 -28.73 57.97 -19.29
N THR A 181 -29.35 57.69 -20.44
CA THR A 181 -28.75 56.80 -21.43
C THR A 181 -27.98 57.56 -22.49
N ASP A 182 -27.95 58.89 -22.41
CA ASP A 182 -27.18 59.67 -23.37
C ASP A 182 -25.69 59.42 -23.16
N GLU A 183 -24.92 59.53 -24.25
CA GLU A 183 -23.50 59.22 -24.22
C GLU A 183 -22.68 59.95 -23.18
N GLU A 184 -23.15 61.10 -22.71
CA GLU A 184 -22.37 61.86 -21.75
C GLU A 184 -22.20 61.12 -20.42
N PHE A 185 -23.14 60.24 -20.07
CA PHE A 185 -23.14 59.56 -18.78
C PHE A 185 -22.59 58.14 -18.84
N ARG A 186 -22.05 57.75 -19.98
CA ARG A 186 -21.58 56.39 -20.10
C ARG A 186 -20.07 56.26 -20.37
N GLU A 187 -19.48 55.21 -19.81
CA GLU A 187 -18.08 54.87 -20.03
C GLU A 187 -17.76 54.86 -21.52
N PRO A 188 -16.71 55.53 -21.98
CA PRO A 188 -16.37 55.44 -23.41
C PRO A 188 -15.91 54.04 -23.77
N SER A 189 -15.08 53.46 -22.90
CA SER A 189 -14.52 52.14 -23.17
C SER A 189 -15.61 51.08 -23.24
N THR A 190 -16.44 50.96 -22.20
CA THR A 190 -17.37 49.86 -22.08
C THR A 190 -18.83 50.25 -22.25
N GLY A 191 -19.15 51.54 -22.25
CA GLY A 191 -20.53 51.95 -22.36
C GLY A 191 -21.34 51.69 -21.13
N LYS A 192 -20.71 51.36 -20.01
CA LYS A 192 -21.45 51.02 -18.80
C LYS A 192 -22.24 52.23 -18.32
N THR A 193 -23.56 52.03 -18.12
CA THR A 193 -24.48 53.05 -17.68
C THR A 193 -24.51 53.01 -16.12
N CYS A 194 -25.34 53.83 -15.50
CA CYS A 194 -25.36 53.91 -14.05
C CYS A 194 -25.81 52.59 -13.41
N LEU A 195 -26.74 51.88 -14.04
CA LEU A 195 -27.34 50.71 -13.39
C LEU A 195 -26.35 49.57 -13.15
N PRO A 196 -25.53 49.14 -14.12
CA PRO A 196 -24.51 48.13 -13.80
C PRO A 196 -23.54 48.60 -12.74
N LYS A 197 -23.22 49.90 -12.74
CA LYS A 197 -22.30 50.46 -11.75
C LYS A 197 -22.89 50.31 -10.37
N ALA A 198 -24.18 50.58 -10.25
CA ALA A 198 -24.86 50.45 -8.97
C ALA A 198 -24.94 49.00 -8.53
N LEU A 199 -25.24 48.08 -9.46
CA LEU A 199 -25.38 46.69 -9.08
C LEU A 199 -24.06 46.04 -8.70
N LEU A 200 -22.95 46.48 -9.31
CA LEU A 200 -21.65 45.95 -8.92
C LEU A 200 -21.23 46.45 -7.54
N ASN A 201 -21.49 47.72 -7.26
CA ASN A 201 -21.12 48.25 -5.97
C ASN A 201 -22.26 48.08 -4.98
N LEU A 202 -22.45 46.82 -4.62
CA LEU A 202 -23.48 46.41 -3.69
C LEU A 202 -22.94 46.47 -2.27
N SER A 203 -23.66 47.18 -1.40
CA SER A 203 -23.30 47.29 0.00
C SER A 203 -24.17 46.31 0.78
N ASN A 204 -23.58 45.22 1.30
CA ASN A 204 -24.30 44.20 2.06
C ASN A 204 -25.51 43.65 1.32
N GLY A 205 -25.41 43.56 -0.01
CA GLY A 205 -26.48 42.97 -0.79
C GLY A 205 -27.59 43.92 -1.19
N ARG A 206 -27.52 45.18 -0.76
CA ARG A 206 -28.60 46.11 -1.04
C ARG A 206 -28.12 47.55 -1.30
N ASN A 207 -28.35 48.08 -2.50
CA ASN A 207 -27.93 49.43 -2.81
C ASN A 207 -29.16 50.33 -2.83
N ASP A 208 -29.18 51.39 -2.04
CA ASP A 208 -30.37 52.23 -1.97
C ASP A 208 -30.72 53.07 -3.22
N THR A 209 -29.88 53.04 -4.25
CA THR A 209 -30.13 53.87 -5.42
C THR A 209 -30.76 53.15 -6.62
N ILE A 210 -30.88 51.82 -6.63
CA ILE A 210 -31.43 51.18 -7.83
C ILE A 210 -32.88 51.63 -8.01
N PRO A 211 -33.74 51.59 -6.99
CA PRO A 211 -35.12 52.03 -7.21
C PRO A 211 -35.22 53.48 -7.64
N VAL A 212 -34.37 54.35 -7.09
CA VAL A 212 -34.43 55.76 -7.45
C VAL A 212 -33.97 55.95 -8.89
N LEU A 213 -32.93 55.24 -9.32
CA LEU A 213 -32.50 55.34 -10.71
C LEU A 213 -33.60 54.87 -11.65
N LEU A 214 -34.25 53.75 -11.33
CA LEU A 214 -35.32 53.27 -12.19
C LEU A 214 -36.49 54.24 -12.21
N ASP A 215 -36.82 54.82 -11.05
CA ASP A 215 -37.92 55.79 -10.98
C ASP A 215 -37.62 57.00 -11.85
N ILE A 216 -36.39 57.53 -11.76
CA ILE A 216 -36.01 58.67 -12.59
C ILE A 216 -36.04 58.28 -14.06
N ALA A 217 -35.60 57.07 -14.38
CA ALA A 217 -35.58 56.64 -15.77
C ALA A 217 -37.00 56.59 -16.35
N GLU A 218 -37.97 56.02 -15.64
CA GLU A 218 -39.32 56.02 -16.22
C GLU A 218 -39.88 57.41 -16.22
N ARG A 219 -39.62 58.17 -15.17
CA ARG A 219 -40.19 59.51 -15.15
C ARG A 219 -39.65 60.35 -16.30
N THR A 220 -38.43 60.08 -16.74
CA THR A 220 -37.79 60.81 -17.83
C THR A 220 -38.20 60.28 -19.20
N GLY A 221 -38.93 59.16 -19.28
CA GLY A 221 -39.59 58.75 -20.49
C GLY A 221 -39.03 57.52 -21.18
N ASN A 222 -37.84 57.04 -20.78
CA ASN A 222 -37.18 55.97 -21.55
C ASN A 222 -36.77 54.78 -20.70
N MET A 223 -37.68 54.23 -19.89
CA MET A 223 -37.31 53.09 -19.07
C MET A 223 -36.72 51.97 -19.92
N ARG A 224 -37.42 51.61 -21.00
CA ARG A 224 -37.01 50.52 -21.87
C ARG A 224 -35.54 50.55 -22.28
N GLU A 225 -35.10 51.68 -22.80
CA GLU A 225 -33.72 51.82 -23.25
C GLU A 225 -32.74 51.74 -22.10
N PHE A 226 -33.21 51.96 -20.86
CA PHE A 226 -32.31 52.00 -19.71
C PHE A 226 -32.07 50.62 -19.10
N ILE A 227 -33.14 49.85 -18.86
CA ILE A 227 -32.99 48.62 -18.10
C ILE A 227 -32.06 47.64 -18.82
N ASN A 228 -32.15 47.58 -20.15
CA ASN A 228 -31.34 46.66 -20.94
C ASN A 228 -30.49 47.47 -21.92
N SER A 229 -29.32 47.90 -21.43
CA SER A 229 -28.32 48.58 -22.23
C SER A 229 -27.07 47.72 -22.27
N PRO A 230 -26.68 47.17 -23.41
CA PRO A 230 -25.53 46.25 -23.44
C PRO A 230 -24.21 46.99 -23.33
N PHE A 231 -23.18 46.22 -22.98
CA PHE A 231 -21.82 46.71 -23.02
C PHE A 231 -21.33 46.70 -24.46
N ARG A 232 -20.38 47.58 -24.78
CA ARG A 232 -19.83 47.64 -26.13
C ARG A 232 -18.39 47.13 -26.29
N ASP A 233 -17.59 47.09 -25.22
CA ASP A 233 -16.22 46.65 -25.37
C ASP A 233 -16.19 45.17 -25.73
N ILE A 234 -15.30 44.83 -26.67
CA ILE A 234 -15.25 43.47 -27.20
C ILE A 234 -15.17 42.44 -26.08
N TYR A 235 -14.66 42.85 -24.91
CA TYR A 235 -14.38 41.90 -23.85
C TYR A 235 -15.65 41.51 -23.09
N TYR A 236 -16.63 42.43 -23.01
CA TYR A 236 -17.89 42.17 -22.31
C TYR A 236 -19.12 42.37 -23.19
N ARG A 237 -19.01 42.20 -24.51
CA ARG A 237 -20.13 42.53 -25.39
C ARG A 237 -21.41 41.82 -24.97
N GLY A 238 -22.51 42.55 -24.94
CA GLY A 238 -23.83 41.98 -24.76
C GLY A 238 -24.28 41.83 -23.33
N GLN A 239 -23.40 42.04 -22.36
CA GLN A 239 -23.76 41.81 -20.97
C GLN A 239 -24.75 42.88 -20.49
N THR A 240 -25.81 42.45 -19.83
CA THR A 240 -26.90 43.32 -19.41
C THR A 240 -26.91 43.45 -17.89
N ALA A 241 -27.59 44.48 -17.40
CA ALA A 241 -27.77 44.62 -15.97
C ALA A 241 -28.42 43.39 -15.37
N LEU A 242 -29.27 42.71 -16.14
CA LEU A 242 -29.88 41.48 -15.65
C LEU A 242 -28.83 40.40 -15.41
N HIS A 243 -27.82 40.33 -16.26
CA HIS A 243 -26.74 39.37 -16.04
C HIS A 243 -26.02 39.65 -14.73
N ILE A 244 -25.77 40.93 -14.43
CA ILE A 244 -25.11 41.28 -13.18
C ILE A 244 -26.01 40.93 -11.99
N ALA A 245 -27.31 41.21 -12.11
CA ALA A 245 -28.21 40.89 -11.01
C ALA A 245 -28.24 39.40 -10.73
N ILE A 246 -28.28 38.58 -11.78
CA ILE A 246 -28.32 37.13 -11.59
C ILE A 246 -26.99 36.63 -11.06
N GLU A 247 -25.88 37.18 -11.55
CA GLU A 247 -24.56 36.70 -11.16
C GLU A 247 -24.26 37.03 -9.70
N ARG A 248 -24.68 38.21 -9.25
CA ARG A 248 -24.46 38.60 -7.87
C ARG A 248 -25.27 37.77 -6.88
N ARG A 249 -26.23 36.98 -7.37
CA ARG A 249 -26.99 36.06 -6.53
C ARG A 249 -27.91 36.82 -5.57
N CYS A 250 -28.63 37.78 -6.12
CA CYS A 250 -29.65 38.53 -5.38
C CYS A 250 -30.98 38.37 -6.11
N LYS A 251 -31.83 37.48 -5.60
CA LYS A 251 -33.13 37.24 -6.22
C LYS A 251 -34.00 38.49 -6.19
N HIS A 252 -33.88 39.28 -5.13
CA HIS A 252 -34.72 40.47 -4.98
C HIS A 252 -34.48 41.49 -6.08
N TYR A 253 -33.23 41.72 -6.47
CA TYR A 253 -32.98 42.66 -7.56
C TYR A 253 -33.29 42.08 -8.93
N VAL A 254 -33.12 40.78 -9.16
CA VAL A 254 -33.53 40.24 -10.44
C VAL A 254 -35.05 40.35 -10.60
N GLU A 255 -35.81 40.08 -9.55
CA GLU A 255 -37.26 40.30 -9.61
C GLU A 255 -37.57 41.76 -9.86
N LEU A 256 -36.97 42.66 -9.07
CA LEU A 256 -37.26 44.09 -9.20
C LEU A 256 -36.86 44.63 -10.57
N LEU A 257 -35.89 43.99 -11.23
CA LEU A 257 -35.40 44.46 -12.52
C LEU A 257 -36.20 43.90 -13.68
N VAL A 258 -36.65 42.64 -13.57
CA VAL A 258 -37.47 42.07 -14.63
C VAL A 258 -38.90 42.60 -14.56
N ALA A 259 -39.35 43.01 -13.37
CA ALA A 259 -40.72 43.51 -13.25
C ALA A 259 -40.96 44.73 -14.12
N GLN A 260 -39.92 45.48 -14.49
CA GLN A 260 -40.08 46.71 -15.26
C GLN A 260 -39.66 46.56 -16.71
N GLY A 261 -39.39 45.34 -17.18
CA GLY A 261 -39.16 45.13 -18.59
C GLY A 261 -37.74 44.78 -18.97
N ALA A 262 -37.04 44.05 -18.11
CA ALA A 262 -35.69 43.59 -18.44
C ALA A 262 -35.76 42.45 -19.43
N ASP A 263 -34.95 42.52 -20.47
CA ASP A 263 -34.92 41.45 -21.49
C ASP A 263 -34.32 40.21 -20.86
N VAL A 264 -35.12 39.14 -20.77
CA VAL A 264 -34.69 37.92 -20.11
C VAL A 264 -34.09 36.96 -21.14
N HIS A 265 -33.77 37.48 -22.32
CA HIS A 265 -33.19 36.66 -23.38
C HIS A 265 -31.93 37.28 -23.98
N ALA A 266 -31.42 38.37 -23.41
CA ALA A 266 -30.24 39.01 -23.95
C ALA A 266 -29.01 38.15 -23.76
N GLN A 267 -28.12 38.14 -24.76
CA GLN A 267 -27.01 37.21 -24.81
C GLN A 267 -25.70 37.91 -24.45
N ALA A 268 -24.98 37.36 -23.48
CA ALA A 268 -23.65 37.85 -23.11
C ALA A 268 -22.61 37.06 -23.89
N ARG A 269 -22.17 37.61 -25.02
CA ARG A 269 -21.32 36.88 -25.95
C ARG A 269 -19.97 37.55 -26.20
N GLY A 270 -19.49 38.38 -25.28
CA GLY A 270 -18.17 38.98 -25.45
C GLY A 270 -17.05 37.99 -25.18
N ARG A 271 -15.85 38.37 -25.58
CA ARG A 271 -14.69 37.49 -25.47
C ARG A 271 -14.54 36.90 -24.08
N PHE A 272 -14.88 37.67 -23.05
CA PHE A 272 -14.72 37.16 -21.69
C PHE A 272 -15.61 35.95 -21.46
N PHE A 273 -16.78 35.93 -22.10
CA PHE A 273 -17.78 34.89 -21.85
C PHE A 273 -17.69 33.80 -22.92
N GLN A 274 -16.54 33.15 -22.99
CA GLN A 274 -16.26 32.17 -24.01
C GLN A 274 -15.68 30.92 -23.36
N PRO A 275 -15.73 29.77 -24.03
CA PRO A 275 -15.17 28.55 -23.44
C PRO A 275 -13.69 28.74 -23.14
N LYS A 276 -13.23 28.08 -22.07
CA LYS A 276 -11.85 28.25 -21.65
C LYS A 276 -10.87 27.95 -22.77
N ASP A 277 -11.22 27.03 -23.67
CA ASP A 277 -10.34 26.72 -24.79
C ASP A 277 -10.33 27.80 -25.86
N GLU A 278 -11.19 28.80 -25.81
CA GLU A 278 -11.28 29.82 -26.84
C GLU A 278 -11.06 31.22 -26.31
N GLY A 279 -10.21 31.34 -25.30
CA GLY A 279 -9.87 32.64 -24.76
C GLY A 279 -11.00 33.25 -23.95
N GLY A 280 -11.32 32.62 -22.83
CA GLY A 280 -12.35 33.13 -21.94
C GLY A 280 -12.30 32.39 -20.63
N TYR A 281 -12.85 33.02 -19.59
CA TYR A 281 -12.77 32.47 -18.25
C TYR A 281 -14.07 31.87 -17.74
N PHE A 282 -15.18 32.01 -18.46
CA PHE A 282 -16.43 31.41 -18.02
C PHE A 282 -17.40 31.35 -19.19
N TYR A 283 -17.87 30.15 -19.51
CA TYR A 283 -18.91 29.94 -20.51
C TYR A 283 -20.09 29.27 -19.81
N PHE A 284 -21.19 29.99 -19.67
CA PHE A 284 -22.34 29.55 -18.90
C PHE A 284 -23.57 29.31 -19.74
N GLY A 285 -23.42 29.22 -21.06
CA GLY A 285 -24.54 29.04 -21.96
C GLY A 285 -24.98 30.31 -22.66
N GLU A 286 -24.45 31.46 -22.27
CA GLU A 286 -24.66 32.71 -23.02
C GLU A 286 -26.11 33.17 -22.93
N LEU A 287 -26.69 33.12 -21.74
CA LEU A 287 -28.11 33.47 -21.60
C LEU A 287 -28.47 33.62 -20.12
N PRO A 288 -29.39 34.52 -19.77
CA PRO A 288 -29.71 34.70 -18.33
C PRO A 288 -30.15 33.44 -17.63
N LEU A 289 -31.07 32.67 -18.21
CA LEU A 289 -31.52 31.45 -17.54
C LEU A 289 -30.38 30.45 -17.45
N SER A 290 -29.57 30.34 -18.49
CA SER A 290 -28.39 29.48 -18.44
C SER A 290 -27.41 29.97 -17.38
N LEU A 291 -27.29 31.29 -17.21
CA LEU A 291 -26.44 31.82 -16.16
C LEU A 291 -26.95 31.42 -14.78
N ALA A 292 -28.26 31.53 -14.56
CA ALA A 292 -28.83 31.15 -13.27
C ALA A 292 -28.65 29.66 -13.00
N ALA A 293 -28.88 28.83 -14.01
CA ALA A 293 -28.75 27.39 -13.82
C ALA A 293 -27.31 26.97 -13.61
N CYS A 294 -26.37 27.60 -14.31
CA CYS A 294 -24.98 27.17 -14.31
C CYS A 294 -24.21 27.63 -13.08
N THR A 295 -24.73 28.61 -12.32
CA THR A 295 -24.10 29.04 -11.07
C THR A 295 -24.84 28.52 -9.85
N ASN A 296 -25.70 27.53 -10.03
CA ASN A 296 -26.38 26.86 -8.92
C ASN A 296 -27.23 27.83 -8.10
N GLN A 297 -28.24 28.39 -8.76
CA GLN A 297 -29.27 29.22 -8.11
C GLN A 297 -30.63 28.71 -8.54
N PRO A 298 -31.09 27.60 -7.95
CA PRO A 298 -32.38 27.02 -8.40
C PRO A 298 -33.55 27.96 -8.22
N HIS A 299 -33.54 28.81 -7.20
CA HIS A 299 -34.66 29.72 -6.97
C HIS A 299 -34.81 30.71 -8.11
N ILE A 300 -33.69 31.23 -8.63
CA ILE A 300 -33.77 32.18 -9.72
C ILE A 300 -34.30 31.50 -10.98
N VAL A 301 -33.93 30.24 -11.20
CA VAL A 301 -34.46 29.51 -12.35
C VAL A 301 -35.97 29.32 -12.20
N ASN A 302 -36.41 28.94 -11.01
CA ASN A 302 -37.84 28.74 -10.78
C ASN A 302 -38.60 30.03 -11.01
N TYR A 303 -38.03 31.17 -10.59
CA TYR A 303 -38.69 32.44 -10.81
C TYR A 303 -38.67 32.84 -12.29
N LEU A 304 -37.52 32.69 -12.95
CA LEU A 304 -37.40 33.15 -14.33
C LEU A 304 -38.33 32.39 -15.24
N THR A 305 -38.45 31.08 -15.06
CA THR A 305 -39.34 30.30 -15.92
C THR A 305 -40.80 30.65 -15.66
N GLU A 306 -41.16 30.92 -14.41
CA GLU A 306 -42.56 31.18 -14.03
C GLU A 306 -42.66 32.52 -13.31
N ASN A 307 -43.08 33.56 -14.03
CA ASN A 307 -43.42 34.85 -13.44
C ASN A 307 -44.43 35.53 -14.34
N PRO A 308 -45.34 36.33 -13.79
CA PRO A 308 -46.41 36.91 -14.64
C PRO A 308 -45.91 37.88 -15.69
N HIS A 309 -44.75 38.51 -15.50
CA HIS A 309 -44.32 39.55 -16.44
C HIS A 309 -43.79 38.95 -17.74
N LYS A 310 -42.74 38.13 -17.65
CA LYS A 310 -42.15 37.54 -18.85
C LYS A 310 -41.37 36.30 -18.45
N LYS A 311 -41.56 35.23 -19.21
CA LYS A 311 -41.03 33.92 -18.88
C LYS A 311 -39.97 33.52 -19.89
N ALA A 312 -38.80 33.11 -19.38
CA ALA A 312 -37.73 32.61 -20.24
C ALA A 312 -37.94 31.12 -20.45
N ASP A 313 -38.31 30.73 -21.67
CA ASP A 313 -38.58 29.33 -21.95
C ASP A 313 -37.27 28.54 -22.05
N MET A 314 -37.34 27.26 -21.66
CA MET A 314 -36.15 26.45 -21.53
C MET A 314 -35.59 25.96 -22.86
N ARG A 315 -36.36 26.05 -23.94
CA ARG A 315 -35.95 25.49 -25.23
C ARG A 315 -35.12 26.44 -26.07
N ARG A 316 -34.95 27.69 -25.64
CA ARG A 316 -34.21 28.65 -26.44
C ARG A 316 -32.74 28.26 -26.53
N GLN A 317 -32.16 28.51 -27.69
CA GLN A 317 -30.75 28.22 -27.95
C GLN A 317 -29.99 29.53 -28.13
N ASP A 318 -28.72 29.52 -27.74
CA ASP A 318 -27.88 30.70 -27.86
C ASP A 318 -27.25 30.72 -29.25
N SER A 319 -26.26 31.60 -29.46
CA SER A 319 -25.64 31.70 -30.76
C SER A 319 -25.01 30.38 -31.18
N ARG A 320 -24.34 29.70 -30.24
CA ARG A 320 -23.70 28.42 -30.54
C ARG A 320 -24.71 27.32 -30.80
N GLY A 321 -25.99 27.53 -30.48
CA GLY A 321 -26.99 26.49 -30.53
C GLY A 321 -27.21 25.75 -29.23
N ASN A 322 -26.32 25.95 -28.26
CA ASN A 322 -26.42 25.25 -26.98
C ASN A 322 -27.66 25.70 -26.23
N THR A 323 -28.54 24.72 -25.91
CA THR A 323 -29.70 24.84 -25.04
C THR A 323 -29.18 24.85 -23.57
N VAL A 324 -30.09 25.05 -22.62
CA VAL A 324 -29.68 25.07 -21.22
C VAL A 324 -28.96 23.80 -20.81
N LEU A 325 -29.26 22.68 -21.47
CA LEU A 325 -28.68 21.40 -21.09
C LEU A 325 -27.28 21.22 -21.65
N HIS A 326 -27.01 21.65 -22.89
CA HIS A 326 -25.63 21.69 -23.35
C HIS A 326 -24.79 22.60 -22.47
N ALA A 327 -25.36 23.74 -22.06
CA ALA A 327 -24.63 24.65 -21.19
C ALA A 327 -24.33 24.01 -19.84
N LEU A 328 -25.30 23.28 -19.28
CA LEU A 328 -25.07 22.61 -18.00
C LEU A 328 -24.06 21.48 -18.13
N VAL A 329 -24.01 20.83 -19.29
CA VAL A 329 -22.96 19.83 -19.53
C VAL A 329 -21.60 20.51 -19.67
N ALA A 330 -21.56 21.69 -20.28
CA ALA A 330 -20.28 22.35 -20.55
C ALA A 330 -19.55 22.67 -19.24
N ILE A 331 -20.26 23.18 -18.25
CA ILE A 331 -19.64 23.44 -16.95
C ILE A 331 -19.47 22.17 -16.13
N ALA A 332 -20.09 21.07 -16.54
CA ALA A 332 -20.03 19.85 -15.74
C ALA A 332 -18.59 19.42 -15.55
N ASP A 333 -18.27 19.03 -14.33
CA ASP A 333 -16.94 18.52 -14.00
C ASP A 333 -17.11 17.21 -13.26
N ASN A 334 -16.00 16.51 -13.06
CA ASN A 334 -16.01 15.19 -12.45
C ASN A 334 -15.79 15.25 -10.93
N THR A 335 -15.63 16.44 -10.36
CA THR A 335 -15.57 16.56 -8.91
C THR A 335 -16.97 16.37 -8.33
N ARG A 336 -17.02 15.84 -7.11
CA ARG A 336 -18.30 15.61 -6.46
C ARG A 336 -19.05 16.92 -6.24
N GLU A 337 -18.34 17.95 -5.80
CA GLU A 337 -18.97 19.23 -5.51
C GLU A 337 -19.68 19.81 -6.73
N ASN A 338 -19.21 19.47 -7.93
CA ASN A 338 -19.81 19.96 -9.16
C ASN A 338 -20.95 19.06 -9.64
N THR A 339 -20.65 17.78 -9.84
CA THR A 339 -21.67 16.86 -10.35
C THR A 339 -22.89 16.85 -9.44
N LYS A 340 -22.68 16.98 -8.14
CA LYS A 340 -23.79 16.89 -7.18
C LYS A 340 -24.92 17.82 -7.57
N PHE A 341 -24.60 19.05 -7.97
CA PHE A 341 -25.64 20.01 -8.35
C PHE A 341 -25.89 20.04 -9.85
N VAL A 342 -24.91 19.67 -10.67
CA VAL A 342 -25.14 19.63 -12.11
C VAL A 342 -26.25 18.64 -12.43
N THR A 343 -26.18 17.44 -11.87
CA THR A 343 -27.21 16.44 -12.15
C THR A 343 -28.56 16.88 -11.62
N LYS A 344 -28.59 17.47 -10.41
CA LYS A 344 -29.84 17.91 -9.83
C LYS A 344 -30.52 18.96 -10.71
N MET A 345 -29.77 19.97 -11.14
CA MET A 345 -30.34 21.02 -11.96
C MET A 345 -30.76 20.48 -13.32
N TYR A 346 -29.98 19.54 -13.88
CA TYR A 346 -30.34 18.94 -15.15
C TYR A 346 -31.69 18.25 -15.06
N ASP A 347 -31.87 17.40 -14.03
CA ASP A 347 -33.15 16.71 -13.88
C ASP A 347 -34.28 17.69 -13.63
N LEU A 348 -34.05 18.70 -12.79
CA LEU A 348 -35.07 19.70 -12.51
C LEU A 348 -35.55 20.34 -13.81
N LEU A 349 -34.62 20.85 -14.62
CA LEU A 349 -35.01 21.54 -15.84
C LEU A 349 -35.69 20.60 -16.83
N LEU A 350 -35.19 19.36 -16.95
CA LEU A 350 -35.80 18.43 -17.89
C LEU A 350 -37.24 18.15 -17.52
N LEU A 351 -37.49 17.79 -16.25
CA LEU A 351 -38.86 17.48 -15.84
C LEU A 351 -39.75 18.70 -16.00
N LYS A 352 -39.25 19.90 -15.65
CA LYS A 352 -40.09 21.08 -15.77
C LYS A 352 -40.46 21.35 -17.24
N CYS A 353 -39.49 21.23 -18.15
CA CYS A 353 -39.79 21.46 -19.55
C CYS A 353 -40.76 20.43 -20.09
N ALA A 354 -40.61 19.17 -19.66
CA ALA A 354 -41.53 18.13 -20.10
C ALA A 354 -42.94 18.41 -19.60
N ARG A 355 -43.07 18.80 -18.33
CA ARG A 355 -44.40 19.05 -17.77
C ARG A 355 -45.07 20.23 -18.47
N LEU A 356 -44.33 21.32 -18.70
CA LEU A 356 -44.95 22.49 -19.28
C LEU A 356 -45.33 22.22 -20.73
N PHE A 357 -44.35 21.88 -21.56
CA PHE A 357 -44.56 21.56 -22.96
C PHE A 357 -44.51 20.05 -23.12
N PRO A 358 -45.63 19.34 -23.24
CA PRO A 358 -45.58 17.88 -23.20
C PRO A 358 -45.03 17.24 -24.45
N ASP A 359 -45.41 17.73 -25.64
CA ASP A 359 -45.02 17.07 -26.87
C ASP A 359 -43.50 17.09 -27.06
N SER A 360 -42.86 18.21 -26.76
CA SER A 360 -41.44 18.37 -27.05
C SER A 360 -40.59 17.59 -26.05
N ASN A 361 -39.40 17.18 -26.52
CA ASN A 361 -38.37 16.62 -25.65
C ASN A 361 -37.19 17.58 -25.68
N LEU A 362 -36.85 18.14 -24.52
CA LEU A 362 -35.77 19.12 -24.47
C LEU A 362 -34.44 18.48 -24.84
N GLU A 363 -34.24 17.22 -24.49
CA GLU A 363 -32.98 16.53 -24.73
C GLU A 363 -32.76 16.19 -26.20
N ALA A 364 -33.76 16.39 -27.06
CA ALA A 364 -33.65 16.05 -28.47
C ALA A 364 -33.35 17.26 -29.34
N VAL A 365 -32.97 18.38 -28.75
CA VAL A 365 -32.61 19.59 -29.47
C VAL A 365 -31.10 19.59 -29.66
N LEU A 366 -30.65 19.64 -30.89
CA LEU A 366 -29.24 19.57 -31.20
C LEU A 366 -28.68 20.98 -31.38
N ASN A 367 -27.39 21.13 -31.11
CA ASN A 367 -26.73 22.42 -31.26
C ASN A 367 -26.21 22.54 -32.68
N ASN A 368 -25.39 23.57 -32.93
CA ASN A 368 -24.86 23.78 -34.28
C ASN A 368 -23.98 22.63 -34.73
N ASP A 369 -23.36 21.92 -33.79
CA ASP A 369 -22.49 20.80 -34.11
C ASP A 369 -23.24 19.49 -34.27
N GLY A 370 -24.56 19.48 -34.05
CA GLY A 370 -25.34 18.27 -34.20
C GLY A 370 -25.33 17.35 -32.99
N LEU A 371 -24.67 17.74 -31.91
CA LEU A 371 -24.64 16.93 -30.70
C LEU A 371 -25.87 17.20 -29.84
N SER A 372 -26.05 16.40 -28.80
CA SER A 372 -27.11 16.54 -27.81
C SER A 372 -26.48 16.45 -26.43
N PRO A 373 -27.22 16.77 -25.36
CA PRO A 373 -26.58 16.75 -24.03
C PRO A 373 -25.85 15.47 -23.71
N LEU A 374 -26.47 14.31 -23.97
CA LEU A 374 -25.79 13.05 -23.71
C LEU A 374 -24.63 12.85 -24.68
N MET A 375 -24.88 13.05 -25.97
CA MET A 375 -23.82 12.89 -26.96
C MET A 375 -22.73 13.93 -26.77
N MET A 376 -23.07 15.09 -26.20
CA MET A 376 -22.07 16.10 -25.89
C MET A 376 -21.22 15.70 -24.69
N ALA A 377 -21.84 15.09 -23.67
CA ALA A 377 -21.09 14.61 -22.53
C ALA A 377 -20.28 13.37 -22.86
N ALA A 378 -20.62 12.67 -23.94
CA ALA A 378 -19.86 11.49 -24.33
C ALA A 378 -18.46 11.86 -24.82
N LYS A 379 -18.38 12.84 -25.73
CA LYS A 379 -17.13 13.18 -26.37
C LYS A 379 -16.33 14.25 -25.64
N THR A 380 -16.81 14.71 -24.49
CA THR A 380 -16.11 15.72 -23.70
C THR A 380 -15.48 15.16 -22.44
N GLY A 381 -15.89 13.97 -22.00
CA GLY A 381 -15.28 13.34 -20.85
C GLY A 381 -15.95 13.71 -19.54
N LYS A 382 -17.26 13.61 -19.48
CA LYS A 382 -18.04 13.97 -18.28
C LYS A 382 -18.75 12.72 -17.79
N ILE A 383 -18.12 11.99 -16.87
CA ILE A 383 -18.72 10.77 -16.34
C ILE A 383 -19.95 11.10 -15.49
N GLY A 384 -19.81 12.06 -14.59
CA GLY A 384 -20.84 12.28 -13.58
C GLY A 384 -22.21 12.47 -14.19
N ILE A 385 -22.29 13.21 -15.30
CA ILE A 385 -23.56 13.44 -15.95
C ILE A 385 -23.85 12.39 -17.01
N PHE A 386 -22.82 11.82 -17.63
CA PHE A 386 -23.04 10.81 -18.67
C PHE A 386 -23.69 9.56 -18.11
N GLN A 387 -23.11 9.00 -17.05
CA GLN A 387 -23.71 7.81 -16.45
C GLN A 387 -25.05 8.13 -15.80
N HIS A 388 -25.19 9.34 -15.25
CA HIS A 388 -26.47 9.73 -14.68
C HIS A 388 -27.56 9.75 -15.74
N ILE A 389 -27.25 10.27 -16.93
CA ILE A 389 -28.23 10.28 -18.01
C ILE A 389 -28.55 8.86 -18.44
N ILE A 390 -27.54 8.00 -18.54
CA ILE A 390 -27.80 6.63 -18.99
C ILE A 390 -28.67 5.88 -17.99
N ARG A 391 -28.41 6.02 -16.69
CA ARG A 391 -29.06 5.21 -15.69
C ARG A 391 -30.32 5.84 -15.10
N ARG A 392 -30.75 7.00 -15.59
CA ARG A 392 -31.81 7.74 -14.92
C ARG A 392 -33.13 6.99 -15.04
N GLU A 393 -33.90 6.98 -13.95
CA GLU A 393 -35.25 6.44 -13.95
C GLU A 393 -36.15 7.38 -13.17
N VAL A 394 -37.29 7.74 -13.77
CA VAL A 394 -38.24 8.67 -13.17
C VAL A 394 -39.44 7.85 -12.72
N THR A 395 -39.65 7.79 -11.41
CA THR A 395 -40.72 6.95 -10.87
C THR A 395 -42.09 7.56 -11.06
N ASP A 396 -42.21 8.89 -11.03
CA ASP A 396 -43.50 9.53 -11.14
C ASP A 396 -44.19 9.13 -12.45
N GLU A 397 -45.46 8.74 -12.34
CA GLU A 397 -46.20 8.28 -13.51
C GLU A 397 -46.46 9.40 -14.50
N ASP A 398 -46.49 10.64 -14.04
CA ASP A 398 -46.77 11.76 -14.94
C ASP A 398 -45.71 11.86 -16.04
N THR A 399 -44.44 11.69 -15.68
CA THR A 399 -43.33 11.86 -16.60
C THR A 399 -42.36 10.70 -16.50
N ARG A 400 -42.89 9.47 -16.42
CA ARG A 400 -42.03 8.30 -16.40
C ARG A 400 -41.45 7.98 -17.78
N HIS A 401 -42.09 8.47 -18.84
CA HIS A 401 -41.66 8.11 -20.19
C HIS A 401 -40.27 8.62 -20.52
N LEU A 402 -39.79 9.65 -19.85
CA LEU A 402 -38.46 10.19 -20.09
C LEU A 402 -37.41 9.58 -19.17
N SER A 403 -37.41 8.26 -19.12
CA SER A 403 -36.42 7.50 -18.39
C SER A 403 -35.73 6.53 -19.34
N ARG A 404 -34.54 6.08 -18.95
CA ARG A 404 -33.73 5.23 -19.81
C ARG A 404 -33.30 3.93 -19.15
N LYS A 405 -33.87 3.58 -18.00
CA LYS A 405 -33.61 2.29 -17.38
C LYS A 405 -34.89 1.83 -16.68
N PHE A 406 -35.42 0.69 -17.10
CA PHE A 406 -36.69 0.19 -16.60
C PHE A 406 -36.45 -1.13 -15.88
N LYS A 407 -37.42 -1.53 -15.06
CA LYS A 407 -37.34 -2.76 -14.28
C LYS A 407 -38.29 -3.78 -14.90
N ASP A 408 -37.74 -4.77 -15.60
CA ASP A 408 -38.56 -5.71 -16.35
C ASP A 408 -39.37 -6.60 -15.41
N TRP A 409 -38.70 -7.39 -14.58
CA TRP A 409 -39.41 -8.32 -13.69
C TRP A 409 -38.53 -8.68 -12.50
N ALA A 410 -39.14 -9.36 -11.53
CA ALA A 410 -38.44 -9.75 -10.32
C ALA A 410 -39.04 -11.05 -9.79
N TYR A 411 -38.20 -11.81 -9.08
CA TYR A 411 -38.65 -13.01 -8.38
C TYR A 411 -37.67 -13.27 -7.24
N GLY A 412 -38.11 -13.07 -6.01
CA GLY A 412 -37.23 -13.19 -4.88
C GLY A 412 -36.07 -12.24 -5.04
N PRO A 413 -34.83 -12.74 -4.83
CA PRO A 413 -33.63 -11.91 -5.05
C PRO A 413 -33.07 -12.03 -6.47
N VAL A 414 -33.93 -11.82 -7.47
CA VAL A 414 -33.49 -11.80 -8.86
C VAL A 414 -34.25 -10.71 -9.60
N TYR A 415 -33.58 -9.57 -9.83
CA TYR A 415 -34.21 -8.42 -10.48
C TYR A 415 -33.64 -8.29 -11.88
N SER A 416 -34.49 -8.38 -12.89
CA SER A 416 -34.10 -8.19 -14.28
C SER A 416 -34.62 -6.83 -14.73
N SER A 417 -33.70 -5.89 -14.96
CA SER A 417 -33.99 -4.58 -15.50
C SER A 417 -33.49 -4.52 -16.93
N LEU A 418 -33.82 -3.44 -17.63
CA LEU A 418 -33.41 -3.34 -19.03
C LEU A 418 -33.23 -1.89 -19.43
N TYR A 419 -32.05 -1.59 -19.97
CA TYR A 419 -31.65 -0.25 -20.33
C TYR A 419 -32.12 0.11 -21.73
N ASP A 420 -32.40 1.39 -21.95
CA ASP A 420 -32.78 1.91 -23.25
C ASP A 420 -31.53 2.28 -24.03
N LEU A 421 -31.39 1.72 -25.23
CA LEU A 421 -30.29 2.02 -26.14
C LEU A 421 -30.79 2.72 -27.39
N SER A 422 -31.76 3.62 -27.23
CA SER A 422 -32.29 4.36 -28.36
C SER A 422 -31.19 5.14 -29.05
N SER A 423 -30.24 5.67 -28.29
CA SER A 423 -29.14 6.45 -28.86
C SER A 423 -27.79 5.75 -28.82
N LEU A 424 -27.59 4.83 -27.87
CA LEU A 424 -26.28 4.17 -27.77
C LEU A 424 -25.98 3.37 -29.03
N ASP A 425 -26.93 2.57 -29.50
CA ASP A 425 -26.77 1.74 -30.69
C ASP A 425 -27.90 2.07 -31.66
N THR A 426 -27.55 2.73 -32.77
CA THR A 426 -28.54 3.18 -33.74
C THR A 426 -28.38 2.50 -35.10
N CYS A 427 -27.28 1.80 -35.34
CA CYS A 427 -27.05 1.11 -36.61
C CYS A 427 -26.89 2.10 -37.77
N GLY A 428 -25.98 3.06 -37.58
CA GLY A 428 -25.59 3.95 -38.66
C GLY A 428 -26.74 4.74 -39.26
N GLU A 429 -27.57 5.32 -38.42
CA GLU A 429 -28.67 6.15 -38.87
C GLU A 429 -28.71 7.52 -38.21
N GLU A 430 -28.36 7.62 -36.93
CA GLU A 430 -28.49 8.87 -36.19
C GLU A 430 -27.28 9.12 -35.30
N ALA A 431 -26.08 8.85 -35.81
CA ALA A 431 -24.84 9.22 -35.13
C ALA A 431 -24.81 8.68 -33.70
N SER A 432 -24.74 7.35 -33.61
CA SER A 432 -24.77 6.67 -32.33
C SER A 432 -23.78 7.28 -31.37
N VAL A 433 -24.11 7.22 -30.07
CA VAL A 433 -23.21 7.71 -29.04
C VAL A 433 -21.97 6.82 -28.94
N LEU A 434 -22.12 5.53 -29.23
CA LEU A 434 -21.01 4.60 -29.03
C LEU A 434 -19.83 4.92 -29.95
N GLU A 435 -20.11 5.22 -31.22
CA GLU A 435 -19.02 5.55 -32.14
C GLU A 435 -18.29 6.80 -31.69
N ILE A 436 -19.02 7.82 -31.26
CA ILE A 436 -18.41 9.06 -30.79
C ILE A 436 -17.61 8.81 -29.53
N LEU A 437 -18.08 7.91 -28.67
CA LEU A 437 -17.36 7.61 -27.44
C LEU A 437 -16.07 6.85 -27.71
N VAL A 438 -16.07 6.00 -28.74
CA VAL A 438 -14.90 5.17 -29.02
C VAL A 438 -13.88 5.85 -29.94
N TYR A 439 -14.29 6.82 -30.75
CA TYR A 439 -13.38 7.52 -31.64
C TYR A 439 -13.06 8.93 -31.17
N ASN A 440 -14.08 9.77 -31.01
CA ASN A 440 -13.89 11.20 -30.81
C ASN A 440 -13.78 11.60 -29.35
N SER A 441 -13.87 10.65 -28.42
CA SER A 441 -13.93 10.98 -27.01
C SER A 441 -12.57 11.47 -26.52
N LYS A 442 -12.47 11.73 -25.22
CA LYS A 442 -11.24 12.19 -24.61
C LYS A 442 -10.43 10.97 -24.17
N ILE A 443 -9.18 10.90 -24.63
CA ILE A 443 -8.39 9.69 -24.46
C ILE A 443 -8.18 9.39 -22.98
N GLU A 444 -8.01 10.44 -22.17
CA GLU A 444 -7.66 10.22 -20.76
C GLU A 444 -8.74 9.41 -20.04
N ASN A 445 -10.01 9.63 -20.39
CA ASN A 445 -11.12 9.11 -19.61
C ASN A 445 -11.98 8.12 -20.41
N ARG A 446 -11.51 7.73 -21.60
CA ARG A 446 -12.26 6.79 -22.43
C ARG A 446 -12.40 5.44 -21.75
N HIS A 447 -11.32 4.99 -21.09
CA HIS A 447 -11.30 3.70 -20.41
C HIS A 447 -12.41 3.62 -19.37
N GLU A 448 -12.75 4.74 -18.76
CA GLU A 448 -13.79 4.79 -17.75
C GLU A 448 -15.17 5.04 -18.35
N MET A 449 -15.24 5.79 -19.45
CA MET A 449 -16.53 5.91 -20.13
C MET A 449 -16.99 4.57 -20.68
N LEU A 450 -16.06 3.70 -21.06
CA LEU A 450 -16.43 2.43 -21.68
C LEU A 450 -16.78 1.34 -20.67
N ALA A 451 -16.76 1.65 -19.37
CA ALA A 451 -17.09 0.68 -18.33
C ALA A 451 -18.47 0.91 -17.72
N VAL A 452 -19.27 1.83 -18.28
CA VAL A 452 -20.59 2.08 -17.72
C VAL A 452 -21.48 0.86 -17.91
N GLU A 453 -22.57 0.82 -17.14
CA GLU A 453 -23.29 -0.44 -16.93
C GLU A 453 -23.79 -1.07 -18.22
N PRO A 454 -24.45 -0.36 -19.14
CA PRO A 454 -25.01 -1.02 -20.33
C PRO A 454 -24.12 -1.00 -21.57
N ILE A 455 -22.88 -0.53 -21.47
CA ILE A 455 -22.01 -0.41 -22.63
C ILE A 455 -21.05 -1.58 -22.75
N ASN A 456 -20.44 -2.00 -21.64
CA ASN A 456 -19.54 -3.14 -21.69
C ASN A 456 -20.28 -4.41 -22.10
N GLU A 457 -21.46 -4.64 -21.52
CA GLU A 457 -22.25 -5.80 -21.90
C GLU A 457 -22.71 -5.71 -23.35
N LEU A 458 -23.06 -4.51 -23.80
CA LEU A 458 -23.45 -4.35 -25.19
C LEU A 458 -22.30 -4.72 -26.12
N LEU A 459 -21.09 -4.23 -25.84
CA LEU A 459 -19.95 -4.54 -26.69
C LEU A 459 -19.66 -6.04 -26.67
N ARG A 460 -19.73 -6.67 -25.48
CA ARG A 460 -19.50 -8.10 -25.40
C ARG A 460 -20.54 -8.88 -26.20
N ASP A 461 -21.80 -8.48 -26.11
CA ASP A 461 -22.86 -9.15 -26.86
C ASP A 461 -22.62 -9.03 -28.35
N LYS A 462 -22.20 -7.85 -28.81
CA LYS A 462 -21.97 -7.67 -30.24
C LYS A 462 -20.77 -8.48 -30.71
N TRP A 463 -19.72 -8.54 -29.88
CA TRP A 463 -18.59 -9.42 -30.17
C TRP A 463 -19.06 -10.86 -30.34
N ARG A 464 -19.85 -11.36 -29.40
CA ARG A 464 -20.33 -12.73 -29.49
C ARG A 464 -21.20 -12.94 -30.73
N LYS A 465 -22.08 -11.99 -31.02
CA LYS A 465 -23.05 -12.17 -32.08
C LYS A 465 -22.37 -12.18 -33.46
N PHE A 466 -21.53 -11.19 -33.74
CA PHE A 466 -20.93 -11.12 -35.06
C PHE A 466 -19.47 -10.67 -35.05
N GLY A 467 -18.83 -10.57 -33.89
CA GLY A 467 -17.48 -10.02 -33.84
C GLY A 467 -16.39 -11.04 -33.97
N ALA A 468 -16.52 -12.17 -33.26
CA ALA A 468 -15.45 -13.16 -33.25
C ALA A 468 -15.31 -13.84 -34.61
N VAL A 469 -16.42 -14.26 -35.20
CA VAL A 469 -16.35 -15.02 -36.45
C VAL A 469 -15.75 -14.15 -37.56
N SER A 470 -16.20 -12.90 -37.66
CA SER A 470 -15.68 -12.02 -38.70
C SER A 470 -14.20 -11.75 -38.52
N PHE A 471 -13.77 -11.49 -37.28
CA PHE A 471 -12.35 -11.25 -37.04
C PHE A 471 -11.51 -12.46 -37.40
N TYR A 472 -11.95 -13.66 -37.00
CA TYR A 472 -11.17 -14.85 -37.28
C TYR A 472 -11.14 -15.15 -38.79
N ILE A 473 -12.25 -14.87 -39.46
CA ILE A 473 -12.32 -15.09 -40.90
C ILE A 473 -11.34 -14.13 -41.57
N ASN A 474 -11.20 -12.95 -40.97
CA ASN A 474 -10.29 -11.93 -41.49
C ASN A 474 -8.84 -12.39 -41.32
N VAL A 475 -8.54 -12.91 -40.13
CA VAL A 475 -7.20 -13.41 -39.84
C VAL A 475 -6.83 -14.52 -40.82
N VAL A 476 -7.74 -15.47 -41.01
CA VAL A 476 -7.46 -16.59 -41.90
C VAL A 476 -7.21 -16.10 -43.32
N SER A 477 -8.06 -15.18 -43.79
CA SER A 477 -7.91 -14.68 -45.15
C SER A 477 -6.58 -13.95 -45.33
N TYR A 478 -6.20 -13.12 -44.35
CA TYR A 478 -4.93 -12.41 -44.45
C TYR A 478 -3.76 -13.37 -44.46
N LEU A 479 -3.78 -14.38 -43.58
CA LEU A 479 -2.68 -15.33 -43.54
C LEU A 479 -2.57 -16.11 -44.85
N CYS A 480 -3.71 -16.52 -45.41
CA CYS A 480 -3.68 -17.21 -46.70
C CYS A 480 -3.15 -16.30 -47.79
N ALA A 481 -3.57 -15.03 -47.80
CA ALA A 481 -3.09 -14.11 -48.82
C ALA A 481 -1.58 -13.93 -48.73
N MET A 482 -1.05 -13.83 -47.51
CA MET A 482 0.40 -13.70 -47.37
C MET A 482 1.14 -14.98 -47.71
N VAL A 483 0.54 -16.15 -47.44
CA VAL A 483 1.16 -17.39 -47.87
C VAL A 483 1.26 -17.43 -49.38
N ILE A 484 0.19 -17.02 -50.06
CA ILE A 484 0.21 -16.96 -51.52
C ILE A 484 1.26 -15.96 -52.00
N PHE A 485 1.36 -14.81 -51.34
CA PHE A 485 2.37 -13.83 -51.71
C PHE A 485 3.77 -14.39 -51.58
N THR A 486 4.05 -15.08 -50.47
CA THR A 486 5.37 -15.68 -50.28
C THR A 486 5.65 -16.74 -51.34
N LEU A 487 4.66 -17.58 -51.65
CA LEU A 487 4.87 -18.60 -52.67
C LEU A 487 5.14 -17.97 -54.03
N THR A 488 4.40 -16.91 -54.38
CA THR A 488 4.62 -16.24 -55.65
C THR A 488 6.01 -15.62 -55.70
N ALA A 489 6.45 -15.03 -54.59
CA ALA A 489 7.80 -14.46 -54.55
C ALA A 489 8.86 -15.52 -54.73
N TYR A 490 8.68 -16.68 -54.09
CA TYR A 490 9.71 -17.72 -54.10
C TYR A 490 9.89 -18.31 -55.49
N TYR A 491 8.80 -18.50 -56.24
CA TYR A 491 8.86 -19.20 -57.52
C TYR A 491 9.32 -18.32 -58.67
N GLN A 492 9.59 -17.05 -58.42
CA GLN A 492 9.93 -16.13 -59.50
C GLN A 492 11.24 -16.53 -60.17
N PRO A 493 11.26 -16.80 -61.49
CA PRO A 493 12.54 -17.06 -62.15
C PRO A 493 13.41 -15.82 -62.24
N LEU A 494 14.56 -15.83 -61.55
CA LEU A 494 15.42 -14.66 -61.47
C LEU A 494 16.17 -14.37 -62.78
N GLU A 495 16.11 -15.26 -63.77
CA GLU A 495 16.81 -15.07 -65.03
C GLU A 495 15.83 -14.55 -66.06
N GLY A 496 16.12 -13.37 -66.61
CA GLY A 496 15.26 -12.75 -67.59
C GLY A 496 14.74 -11.40 -67.13
N THR A 497 14.49 -10.50 -68.07
CA THR A 497 13.95 -9.18 -67.76
C THR A 497 12.45 -9.16 -68.02
N PRO A 498 11.62 -8.77 -67.05
CA PRO A 498 10.17 -8.84 -67.26
C PRO A 498 9.72 -7.84 -68.31
N PRO A 499 8.47 -7.94 -68.78
CA PRO A 499 7.49 -8.96 -68.35
C PRO A 499 7.79 -10.35 -68.94
N TYR A 500 7.60 -11.40 -68.15
CA TYR A 500 7.88 -12.73 -68.62
C TYR A 500 6.73 -13.27 -69.48
N PRO A 501 7.02 -14.17 -70.41
CA PRO A 501 5.95 -14.82 -71.18
C PRO A 501 5.24 -15.87 -70.34
N TYR A 502 3.93 -15.73 -70.20
CA TYR A 502 3.12 -16.66 -69.41
C TYR A 502 2.52 -17.69 -70.36
N ARG A 503 3.14 -18.87 -70.40
CA ARG A 503 2.71 -19.95 -71.28
C ARG A 503 2.48 -21.26 -70.54
N THR A 504 3.29 -21.55 -69.53
CA THR A 504 3.14 -22.78 -68.76
C THR A 504 2.05 -22.62 -67.70
N THR A 505 1.46 -23.75 -67.30
CA THR A 505 0.47 -23.70 -66.23
C THR A 505 1.07 -23.18 -64.94
N VAL A 506 2.35 -23.47 -64.69
CA VAL A 506 3.04 -22.84 -63.57
C VAL A 506 3.12 -21.33 -63.77
N ASP A 507 3.36 -20.90 -65.02
CA ASP A 507 3.35 -19.47 -65.29
C ASP A 507 1.97 -18.87 -65.08
N TYR A 508 0.92 -19.61 -65.43
CA TYR A 508 -0.44 -19.14 -65.15
C TYR A 508 -0.67 -19.00 -63.64
N LEU A 509 -0.19 -19.98 -62.87
CA LEU A 509 -0.30 -19.89 -61.41
C LEU A 509 0.44 -18.65 -60.90
N ARG A 510 1.64 -18.41 -61.42
CA ARG A 510 2.40 -17.24 -61.00
C ARG A 510 1.68 -15.95 -61.38
N LEU A 511 1.06 -15.91 -62.56
CA LEU A 511 0.29 -14.72 -62.95
C LEU A 511 -0.90 -14.51 -62.02
N ALA A 512 -1.56 -15.59 -61.64
CA ALA A 512 -2.67 -15.47 -60.69
C ALA A 512 -2.17 -14.94 -59.36
N GLY A 513 -1.02 -15.43 -58.89
CA GLY A 513 -0.43 -14.88 -57.68
C GLY A 513 -0.07 -13.41 -57.81
N GLU A 514 0.51 -13.04 -58.95
CA GLU A 514 0.88 -11.65 -59.19
C GLU A 514 -0.35 -10.75 -59.16
N VAL A 515 -1.43 -11.16 -59.82
CA VAL A 515 -2.60 -10.30 -59.88
C VAL A 515 -3.31 -10.26 -58.52
N ILE A 516 -3.42 -11.40 -57.82
CA ILE A 516 -4.07 -11.37 -56.52
C ILE A 516 -3.27 -10.52 -55.53
N THR A 517 -1.93 -10.49 -55.69
CA THR A 517 -1.13 -9.62 -54.84
C THR A 517 -1.52 -8.16 -55.05
N LEU A 518 -1.67 -7.75 -56.31
CA LEU A 518 -2.06 -6.36 -56.58
C LEU A 518 -3.48 -6.09 -56.11
N PHE A 519 -4.38 -7.06 -56.26
CA PHE A 519 -5.73 -6.89 -55.72
C PHE A 519 -5.70 -6.65 -54.22
N THR A 520 -4.92 -7.45 -53.49
CA THR A 520 -4.81 -7.25 -52.05
C THR A 520 -4.16 -5.91 -51.73
N GLY A 521 -3.16 -5.50 -52.49
CA GLY A 521 -2.53 -4.21 -52.23
C GLY A 521 -3.47 -3.05 -52.43
N VAL A 522 -4.22 -3.06 -53.53
CA VAL A 522 -5.18 -1.99 -53.78
C VAL A 522 -6.32 -2.05 -52.77
N LEU A 523 -6.69 -3.26 -52.31
CA LEU A 523 -7.69 -3.37 -51.25
C LEU A 523 -7.19 -2.73 -49.95
N PHE A 524 -5.93 -2.98 -49.60
CA PHE A 524 -5.36 -2.38 -48.40
C PHE A 524 -5.30 -0.87 -48.53
N PHE A 525 -4.93 -0.38 -49.72
CA PHE A 525 -4.98 1.05 -49.98
C PHE A 525 -6.40 1.58 -49.82
N PHE A 526 -7.38 0.91 -50.42
CA PHE A 526 -8.75 1.40 -50.44
C PHE A 526 -9.31 1.52 -49.03
N THR A 527 -9.32 0.42 -48.28
CA THR A 527 -9.94 0.44 -46.96
C THR A 527 -9.15 1.30 -45.99
N ASN A 528 -7.82 1.45 -46.12
CA ASN A 528 -7.07 2.20 -45.11
C ASN A 528 -7.26 3.64 -45.39
N ILE A 529 -7.21 3.99 -46.66
CA ILE A 529 -7.48 5.40 -46.96
C ILE A 529 -8.88 5.78 -46.53
N LYS A 530 -9.86 4.89 -46.73
CA LYS A 530 -11.21 5.22 -46.27
C LYS A 530 -11.23 5.44 -44.76
N ASP A 531 -10.55 4.58 -44.02
CA ASP A 531 -10.52 4.72 -42.57
C ASP A 531 -9.82 6.02 -42.16
N LEU A 532 -8.68 6.32 -42.78
CA LEU A 532 -7.91 7.50 -42.38
C LEU A 532 -8.66 8.79 -42.72
N PHE A 533 -9.33 8.82 -43.88
CA PHE A 533 -10.16 9.97 -44.20
C PHE A 533 -11.36 10.08 -43.26
N MET A 534 -11.99 8.94 -42.95
CA MET A 534 -13.15 8.94 -42.07
C MET A 534 -12.80 9.44 -40.68
N LYS A 535 -11.67 9.01 -40.13
CA LYS A 535 -11.25 9.38 -38.80
C LYS A 535 -10.20 10.48 -38.87
N LYS A 536 -10.24 11.39 -37.90
CA LYS A 536 -9.30 12.49 -37.87
C LYS A 536 -7.90 11.99 -37.55
N CYS A 537 -6.91 12.81 -37.88
CA CYS A 537 -5.52 12.44 -37.60
C CYS A 537 -5.32 12.39 -36.09
N PRO A 538 -4.78 11.30 -35.55
CA PRO A 538 -4.57 11.21 -34.11
C PRO A 538 -3.25 11.84 -33.69
N GLY A 539 -3.07 11.95 -32.37
CA GLY A 539 -1.85 12.48 -31.80
C GLY A 539 -1.21 11.51 -30.84
N VAL A 540 -0.48 12.04 -29.85
CA VAL A 540 0.14 11.17 -28.85
C VAL A 540 -0.94 10.60 -27.93
N ASN A 541 -0.67 9.42 -27.38
CA ASN A 541 -1.55 8.63 -26.53
C ASN A 541 -2.64 7.93 -27.34
N SER A 542 -2.74 8.19 -28.64
CA SER A 542 -3.65 7.47 -29.52
C SER A 542 -2.94 6.71 -30.63
N LEU A 543 -1.65 6.95 -30.83
CA LEU A 543 -0.91 6.22 -31.85
C LEU A 543 -0.87 4.73 -31.55
N PHE A 544 -0.67 4.38 -30.28
CA PHE A 544 -0.55 2.96 -29.92
C PHE A 544 -1.85 2.20 -30.18
N ILE A 545 -2.99 2.88 -30.12
CA ILE A 545 -4.27 2.20 -30.26
C ILE A 545 -4.38 1.64 -31.67
N ASP A 546 -4.40 2.50 -32.68
CA ASP A 546 -4.53 2.04 -34.05
C ASP A 546 -3.67 2.77 -35.07
N GLY A 547 -3.16 3.97 -34.78
CA GLY A 547 -2.55 4.79 -35.83
C GLY A 547 -1.41 4.09 -36.53
N SER A 548 -0.51 3.50 -35.77
CA SER A 548 0.70 2.92 -36.34
C SER A 548 0.37 1.85 -37.37
N PHE A 549 -0.71 1.10 -37.16
CA PHE A 549 -0.99 0.00 -38.06
C PHE A 549 -1.53 0.49 -39.41
N GLN A 550 -2.28 1.56 -39.43
CA GLN A 550 -2.72 2.05 -40.69
C GLN A 550 -1.55 2.72 -41.39
N LEU A 551 -0.65 3.33 -40.63
CA LEU A 551 0.58 3.86 -41.22
C LEU A 551 1.36 2.75 -41.93
N LEU A 552 1.59 1.65 -41.22
CA LEU A 552 2.38 0.55 -41.78
C LEU A 552 1.67 -0.07 -43.00
N TYR A 553 0.35 -0.23 -42.92
CA TYR A 553 -0.39 -0.83 -44.03
C TYR A 553 -0.31 0.06 -45.27
N PHE A 554 -0.43 1.37 -45.07
CA PHE A 554 -0.22 2.32 -46.18
C PHE A 554 1.17 2.16 -46.78
N ILE A 555 2.19 2.07 -45.93
CA ILE A 555 3.55 1.96 -46.47
C ILE A 555 3.69 0.68 -47.30
N TYR A 556 3.14 -0.43 -46.80
CA TYR A 556 3.23 -1.70 -47.51
C TYR A 556 2.50 -1.63 -48.84
N SER A 557 1.30 -1.05 -48.86
CA SER A 557 0.56 -0.91 -50.11
C SER A 557 1.33 -0.05 -51.11
N VAL A 558 1.91 1.06 -50.64
CA VAL A 558 2.70 1.91 -51.53
C VAL A 558 3.86 1.13 -52.11
N LEU A 559 4.51 0.31 -51.28
CA LEU A 559 5.64 -0.48 -51.76
C LEU A 559 5.21 -1.44 -52.85
N VAL A 560 4.06 -2.10 -52.67
CA VAL A 560 3.58 -3.00 -53.71
C VAL A 560 3.27 -2.23 -54.99
N ILE A 561 2.65 -1.06 -54.86
CA ILE A 561 2.31 -0.29 -56.06
C ILE A 561 3.56 0.12 -56.82
N VAL A 562 4.59 0.59 -56.11
CA VAL A 562 5.83 0.94 -56.81
C VAL A 562 6.51 -0.30 -57.39
N SER A 563 6.35 -1.45 -56.73
CA SER A 563 6.89 -2.69 -57.27
C SER A 563 6.25 -3.01 -58.61
N ALA A 564 4.95 -2.76 -58.74
CA ALA A 564 4.30 -2.96 -60.04
C ALA A 564 4.93 -2.08 -61.11
N ALA A 565 5.13 -0.80 -60.81
CA ALA A 565 5.67 0.11 -61.80
C ALA A 565 7.08 -0.31 -62.23
N LEU A 566 7.91 -0.61 -61.27
CA LEU A 566 9.23 -1.01 -61.63
C LEU A 566 9.14 -2.30 -62.47
N TYR A 567 8.39 -3.33 -61.98
CA TYR A 567 8.29 -4.58 -62.70
C TYR A 567 7.86 -4.36 -64.15
N LEU A 568 7.14 -3.26 -64.40
CA LEU A 568 6.70 -3.02 -65.78
C LEU A 568 7.88 -3.00 -66.75
N ALA A 569 8.91 -2.20 -66.47
CA ALA A 569 10.03 -2.04 -67.40
C ALA A 569 11.37 -2.45 -66.79
N GLY A 570 11.73 -1.95 -65.62
CA GLY A 570 13.09 -2.11 -65.12
C GLY A 570 13.36 -3.44 -64.45
N ILE A 571 14.26 -4.22 -65.04
CA ILE A 571 14.56 -5.56 -64.52
C ILE A 571 15.17 -5.49 -63.12
N GLU A 572 16.20 -4.65 -62.94
CA GLU A 572 16.91 -4.63 -61.67
C GLU A 572 16.08 -3.99 -60.56
N ALA A 573 15.32 -2.95 -60.90
CA ALA A 573 14.74 -2.08 -59.88
C ALA A 573 13.74 -2.83 -58.99
N TYR A 574 12.82 -3.58 -59.59
CA TYR A 574 11.62 -3.98 -58.86
C TYR A 574 11.95 -4.89 -57.69
N LEU A 575 13.00 -5.70 -57.80
CA LEU A 575 13.39 -6.59 -56.72
C LEU A 575 13.97 -5.86 -55.53
N ALA A 576 14.30 -4.57 -55.67
CA ALA A 576 14.90 -3.85 -54.55
C ALA A 576 13.96 -3.82 -53.35
N VAL A 577 12.69 -3.55 -53.58
CA VAL A 577 11.75 -3.27 -52.50
C VAL A 577 10.61 -4.29 -52.41
N MET A 578 10.42 -5.15 -53.40
CA MET A 578 9.35 -6.13 -53.29
C MET A 578 9.58 -7.06 -52.10
N VAL A 579 10.85 -7.34 -51.78
CA VAL A 579 11.16 -8.11 -50.58
C VAL A 579 10.76 -7.34 -49.32
N PHE A 580 11.08 -6.04 -49.30
CA PHE A 580 10.60 -5.19 -48.21
C PHE A 580 9.10 -5.31 -48.06
N ALA A 581 8.40 -5.49 -49.17
CA ALA A 581 6.95 -5.69 -49.11
C ALA A 581 6.61 -6.90 -48.23
N LEU A 582 7.28 -8.02 -48.46
CA LEU A 582 7.02 -9.22 -47.65
C LEU A 582 7.37 -8.97 -46.19
N VAL A 583 8.51 -8.32 -45.94
CA VAL A 583 8.93 -8.07 -44.58
C VAL A 583 7.89 -7.23 -43.84
N LEU A 584 7.45 -6.14 -44.48
CA LEU A 584 6.46 -5.27 -43.84
C LEU A 584 5.14 -5.99 -43.65
N GLY A 585 4.75 -6.84 -44.60
CA GLY A 585 3.49 -7.57 -44.44
C GLY A 585 3.52 -8.53 -43.27
N TRP A 586 4.61 -9.29 -43.13
CA TRP A 586 4.73 -10.19 -41.99
C TRP A 586 4.84 -9.42 -40.68
N MET A 587 5.43 -8.23 -40.70
CA MET A 587 5.38 -7.37 -39.52
C MET A 587 3.94 -6.97 -39.21
N ASN A 588 3.18 -6.61 -40.25
CA ASN A 588 1.82 -6.12 -40.06
C ASN A 588 0.90 -7.22 -39.55
N ALA A 589 1.16 -8.47 -39.90
CA ALA A 589 0.35 -9.57 -39.40
C ALA A 589 0.23 -9.55 -37.88
N LEU A 590 1.11 -8.82 -37.20
CA LEU A 590 1.02 -8.67 -35.75
C LEU A 590 -0.25 -7.92 -35.34
N TYR A 591 -0.87 -7.20 -36.27
CA TYR A 591 -2.10 -6.46 -35.97
C TYR A 591 -3.14 -7.34 -35.30
N PHE A 592 -3.35 -8.54 -35.84
CA PHE A 592 -4.50 -9.35 -35.49
C PHE A 592 -4.37 -10.03 -34.13
N THR A 593 -3.27 -9.80 -33.40
CA THR A 593 -3.13 -10.35 -32.05
C THR A 593 -4.06 -9.69 -31.05
N ARG A 594 -4.70 -8.57 -31.41
CA ARG A 594 -5.55 -7.85 -30.47
C ARG A 594 -6.81 -8.63 -30.12
N GLY A 595 -7.19 -9.62 -30.93
CA GLY A 595 -8.35 -10.43 -30.59
C GLY A 595 -8.14 -11.22 -29.31
N LEU A 596 -6.94 -11.75 -29.12
CA LEU A 596 -6.59 -12.46 -27.90
C LEU A 596 -5.92 -11.50 -26.94
N LYS A 597 -6.45 -11.41 -25.72
CA LYS A 597 -5.90 -10.49 -24.73
C LYS A 597 -4.45 -10.81 -24.43
N LEU A 598 -4.12 -12.09 -24.26
CA LEU A 598 -2.76 -12.47 -23.90
C LEU A 598 -1.77 -12.01 -24.97
N THR A 599 -2.13 -12.19 -26.24
CA THR A 599 -1.29 -11.71 -27.33
C THR A 599 -1.40 -10.20 -27.51
N GLY A 600 -2.56 -9.62 -27.23
CA GLY A 600 -2.73 -8.19 -27.37
C GLY A 600 -1.81 -7.40 -26.46
N THR A 601 -1.70 -7.82 -25.20
CA THR A 601 -0.80 -7.14 -24.28
C THR A 601 0.64 -7.19 -24.77
N TYR A 602 1.08 -8.35 -25.27
CA TYR A 602 2.43 -8.46 -25.83
C TYR A 602 2.60 -7.54 -27.04
N SER A 603 1.58 -7.43 -27.88
CA SER A 603 1.67 -6.50 -29.00
C SER A 603 1.88 -5.08 -28.52
N ILE A 604 1.14 -4.69 -27.47
CA ILE A 604 1.33 -3.36 -26.89
C ILE A 604 2.76 -3.20 -26.38
N MET A 605 3.27 -4.24 -25.72
CA MET A 605 4.64 -4.18 -25.21
C MET A 605 5.63 -3.96 -26.33
N ILE A 606 5.50 -4.73 -27.42
CA ILE A 606 6.44 -4.58 -28.53
C ILE A 606 6.36 -3.17 -29.10
N GLN A 607 5.14 -2.67 -29.31
CA GLN A 607 5.00 -1.34 -29.90
C GLN A 607 5.65 -0.28 -29.01
N LYS A 608 5.34 -0.30 -27.71
CA LYS A 608 5.87 0.72 -26.83
C LYS A 608 7.39 0.61 -26.70
N ILE A 609 7.92 -0.61 -26.62
CA ILE A 609 9.36 -0.77 -26.54
C ILE A 609 10.03 -0.24 -27.79
N LEU A 610 9.45 -0.51 -28.97
CA LEU A 610 10.05 0.00 -30.20
C LEU A 610 10.02 1.52 -30.26
N PHE A 611 8.92 2.14 -29.83
CA PHE A 611 8.80 3.58 -30.06
C PHE A 611 9.33 4.43 -28.91
N LYS A 612 8.89 4.19 -27.68
CA LYS A 612 9.18 5.11 -26.59
C LYS A 612 10.67 5.22 -26.28
N ASP A 613 11.31 4.13 -25.87
CA ASP A 613 12.66 4.19 -25.33
C ASP A 613 13.73 3.67 -26.30
N LEU A 614 13.35 2.92 -27.33
CA LEU A 614 14.37 2.41 -28.24
C LEU A 614 15.06 3.55 -28.98
N PHE A 615 14.28 4.53 -29.46
CA PHE A 615 14.89 5.67 -30.14
C PHE A 615 15.70 6.54 -29.19
N ARG A 616 15.28 6.58 -27.92
CA ARG A 616 16.01 7.34 -26.91
C ARG A 616 17.39 6.72 -26.73
N PHE A 617 17.44 5.41 -26.51
CA PHE A 617 18.70 4.69 -26.37
C PHE A 617 19.53 4.83 -27.64
N LEU A 618 18.88 4.78 -28.81
CA LEU A 618 19.61 4.92 -30.06
C LEU A 618 20.26 6.29 -30.16
N LEU A 619 19.55 7.33 -29.74
CA LEU A 619 20.12 8.68 -29.77
C LEU A 619 21.36 8.78 -28.89
N VAL A 620 21.26 8.30 -27.65
CA VAL A 620 22.42 8.39 -26.76
C VAL A 620 23.57 7.55 -27.32
N TYR A 621 23.26 6.37 -27.82
CA TYR A 621 24.25 5.44 -28.33
C TYR A 621 24.97 6.00 -29.56
N LEU A 622 24.21 6.71 -30.39
CA LEU A 622 24.74 7.37 -31.57
C LEU A 622 25.65 8.52 -31.11
N LEU A 623 25.23 9.25 -30.08
CA LEU A 623 26.04 10.34 -29.55
C LEU A 623 27.43 9.83 -29.19
N PHE A 624 27.48 8.78 -28.37
CA PHE A 624 28.78 8.27 -27.95
C PHE A 624 29.55 7.66 -29.12
N MET A 625 28.83 7.01 -30.02
CA MET A 625 29.46 6.41 -31.19
C MET A 625 30.11 7.46 -32.10
N ILE A 626 29.42 8.57 -32.34
CA ILE A 626 29.97 9.59 -33.24
C ILE A 626 31.14 10.30 -32.56
N GLY A 627 31.01 10.57 -31.26
CA GLY A 627 32.14 11.15 -30.54
C GLY A 627 33.38 10.28 -30.62
N TYR A 628 33.22 8.98 -30.35
CA TYR A 628 34.37 8.08 -30.41
C TYR A 628 34.88 7.90 -31.83
N ALA A 629 34.00 7.90 -32.83
CA ALA A 629 34.48 7.80 -34.20
C ALA A 629 35.41 8.96 -34.53
N SER A 630 34.97 10.18 -34.22
CA SER A 630 35.82 11.33 -34.48
C SER A 630 37.13 11.23 -33.70
N ALA A 631 37.04 10.92 -32.40
CA ALA A 631 38.24 10.88 -31.57
C ALA A 631 39.21 9.81 -32.05
N LEU A 632 38.69 8.61 -32.35
CA LEU A 632 39.54 7.50 -32.75
C LEU A 632 40.21 7.76 -34.09
N VAL A 633 39.46 8.27 -35.07
CA VAL A 633 40.03 8.40 -36.40
C VAL A 633 40.88 9.66 -36.54
N SER A 634 40.66 10.68 -35.72
CA SER A 634 41.51 11.86 -35.76
C SER A 634 42.95 11.54 -35.37
N LEU A 635 43.16 10.51 -34.57
CA LEU A 635 44.51 10.16 -34.13
C LEU A 635 45.31 9.46 -35.23
N LEU A 636 44.63 8.73 -36.11
CA LEU A 636 45.33 7.93 -37.11
C LEU A 636 46.09 8.81 -38.10
N ASN A 637 47.27 8.34 -38.50
CA ASN A 637 48.09 9.03 -39.48
C ASN A 637 48.19 8.19 -40.76
N PRO A 638 47.87 8.75 -41.93
CA PRO A 638 47.95 7.94 -43.16
C PRO A 638 49.36 7.94 -43.77
N ASP A 662 40.28 9.91 -48.43
CA ASP A 662 40.39 9.43 -47.07
C ASP A 662 39.03 9.00 -46.51
N SER A 663 37.97 9.36 -47.23
CA SER A 663 36.63 8.98 -46.78
C SER A 663 36.40 7.48 -46.89
N GLU A 664 36.98 6.84 -47.91
CA GLU A 664 36.85 5.39 -48.03
C GLU A 664 37.52 4.67 -46.86
N THR A 665 38.74 5.10 -46.49
CA THR A 665 39.42 4.50 -45.36
C THR A 665 38.65 4.74 -44.07
N PHE A 666 38.03 5.92 -43.94
CA PHE A 666 37.16 6.18 -42.80
C PHE A 666 36.08 5.10 -42.69
N SER A 667 35.49 4.71 -43.81
CA SER A 667 34.46 3.68 -43.78
C SER A 667 35.03 2.34 -43.33
N THR A 668 36.20 1.96 -43.85
CA THR A 668 36.80 0.69 -43.46
C THR A 668 37.09 0.67 -41.97
N PHE A 669 37.61 1.76 -41.44
CA PHE A 669 37.97 1.79 -40.02
C PHE A 669 36.73 1.87 -39.13
N LEU A 670 35.67 2.55 -39.58
CA LEU A 670 34.42 2.51 -38.85
C LEU A 670 33.84 1.11 -38.81
N LEU A 671 33.89 0.39 -39.93
CA LEU A 671 33.45 -1.00 -39.94
C LEU A 671 34.28 -1.86 -39.02
N ASP A 672 35.60 -1.64 -39.01
CA ASP A 672 36.45 -2.39 -38.09
C ASP A 672 36.08 -2.11 -36.64
N LEU A 673 35.81 -0.84 -36.31
CA LEU A 673 35.40 -0.50 -34.96
C LEU A 673 34.08 -1.19 -34.60
N PHE A 674 33.14 -1.23 -35.55
CA PHE A 674 31.89 -1.96 -35.29
C PHE A 674 32.16 -3.43 -35.06
N LYS A 675 33.09 -4.01 -35.82
CA LYS A 675 33.46 -5.41 -35.62
C LYS A 675 34.00 -5.64 -34.22
N LEU A 676 34.86 -4.74 -33.74
CA LEU A 676 35.36 -4.86 -32.37
C LEU A 676 34.21 -4.77 -31.37
N THR A 677 33.17 -4.00 -31.69
CA THR A 677 32.02 -3.91 -30.80
C THR A 677 31.30 -5.25 -30.69
N ILE A 678 31.22 -5.99 -31.81
CA ILE A 678 30.49 -7.25 -31.82
C ILE A 678 31.28 -8.38 -31.17
N GLY A 679 32.61 -8.27 -31.10
CA GLY A 679 33.40 -9.25 -30.37
C GLY A 679 34.51 -9.90 -31.16
N MET A 680 34.76 -9.43 -32.39
CA MET A 680 35.87 -9.94 -33.19
C MET A 680 36.59 -8.76 -33.83
N GLY A 681 37.92 -8.84 -33.86
CA GLY A 681 38.72 -7.77 -34.43
C GLY A 681 40.15 -8.21 -34.59
N ASP A 682 40.97 -7.29 -35.10
CA ASP A 682 42.39 -7.52 -35.33
C ASP A 682 43.18 -6.68 -34.34
N LEU A 683 44.00 -7.35 -33.53
CA LEU A 683 44.82 -6.64 -32.55
C LEU A 683 45.82 -5.72 -33.23
N GLU A 684 46.47 -6.20 -34.29
CA GLU A 684 47.46 -5.37 -34.98
C GLU A 684 46.82 -4.14 -35.59
N MET A 685 45.54 -4.21 -35.94
CA MET A 685 44.86 -3.05 -36.50
C MET A 685 44.82 -1.89 -35.50
N LEU A 686 44.50 -2.20 -34.24
CA LEU A 686 44.43 -1.15 -33.23
C LEU A 686 45.80 -0.52 -32.98
N SER A 687 46.84 -1.34 -32.91
CA SER A 687 48.20 -0.86 -32.67
C SER A 687 48.93 -0.52 -33.96
N SER A 688 48.23 -0.51 -35.09
CA SER A 688 48.89 -0.25 -36.38
C SER A 688 49.52 1.13 -36.41
N THR A 689 48.83 2.14 -35.88
CA THR A 689 49.25 3.53 -36.02
C THR A 689 49.42 4.17 -34.64
N LYS A 690 50.59 3.97 -34.04
CA LYS A 690 51.07 4.81 -32.93
C LYS A 690 50.18 4.74 -31.69
N TYR A 691 50.73 5.20 -30.56
CA TYR A 691 50.04 5.32 -29.29
C TYR A 691 49.13 4.14 -29.00
N PRO A 692 49.68 2.93 -28.83
CA PRO A 692 48.83 1.80 -28.44
C PRO A 692 48.15 1.99 -27.10
N VAL A 693 48.80 2.68 -26.17
CA VAL A 693 48.25 2.80 -24.82
C VAL A 693 46.93 3.57 -24.85
N VAL A 694 46.92 4.73 -25.50
CA VAL A 694 45.70 5.54 -25.51
C VAL A 694 44.59 4.79 -26.21
N PHE A 695 44.93 4.02 -27.26
CA PHE A 695 43.93 3.19 -27.90
C PHE A 695 43.35 2.17 -26.93
N ILE A 696 44.21 1.54 -26.11
CA ILE A 696 43.71 0.53 -25.17
C ILE A 696 42.76 1.16 -24.17
N ILE A 697 43.15 2.30 -23.59
CA ILE A 697 42.26 2.97 -22.62
C ILE A 697 40.97 3.41 -23.30
N LEU A 698 41.06 3.99 -24.50
CA LEU A 698 39.85 4.41 -25.20
C LEU A 698 38.91 3.25 -25.42
N LEU A 699 39.43 2.12 -25.89
CA LEU A 699 38.57 0.96 -26.14
C LEU A 699 37.98 0.41 -24.85
N VAL A 700 38.77 0.40 -23.77
CA VAL A 700 38.27 -0.10 -22.50
C VAL A 700 37.11 0.77 -22.01
N THR A 701 37.28 2.09 -22.07
CA THR A 701 36.21 2.99 -21.69
C THR A 701 35.01 2.83 -22.62
N TYR A 702 35.26 2.64 -23.92
CA TYR A 702 34.19 2.38 -24.86
C TYR A 702 33.34 1.21 -24.42
N ILE A 703 33.98 0.08 -24.12
CA ILE A 703 33.23 -1.12 -23.75
C ILE A 703 32.50 -0.88 -22.43
N ILE A 704 33.18 -0.27 -21.45
CA ILE A 704 32.58 -0.07 -20.14
C ILE A 704 31.36 0.84 -20.25
N LEU A 705 31.49 1.94 -20.98
CA LEU A 705 30.37 2.86 -21.14
C LEU A 705 29.22 2.22 -21.91
N THR A 706 29.52 1.41 -22.93
CA THR A 706 28.45 0.71 -23.61
C THR A 706 27.69 -0.20 -22.64
N PHE A 707 28.43 -0.91 -21.78
CA PHE A 707 27.77 -1.73 -20.76
C PHE A 707 26.94 -0.88 -19.82
N VAL A 708 27.44 0.31 -19.48
CA VAL A 708 26.71 1.20 -18.58
C VAL A 708 25.40 1.65 -19.24
N LEU A 709 25.45 1.99 -20.53
CA LEU A 709 24.21 2.32 -21.25
C LEU A 709 23.24 1.16 -21.22
N LEU A 710 23.75 -0.07 -21.44
CA LEU A 710 22.86 -1.22 -21.38
C LEU A 710 22.20 -1.37 -20.02
N LEU A 711 22.98 -1.21 -18.97
CA LEU A 711 22.49 -1.32 -17.60
C LEU A 711 21.44 -0.25 -17.32
N ASN A 712 21.73 0.99 -17.71
CA ASN A 712 20.81 2.10 -17.49
C ASN A 712 19.49 1.87 -18.21
N MET A 713 19.56 1.41 -19.46
CA MET A 713 18.35 1.10 -20.20
C MET A 713 17.57 -0.01 -19.50
N LEU A 714 18.29 -1.00 -18.97
CA LEU A 714 17.63 -2.09 -18.27
C LEU A 714 16.87 -1.55 -17.06
N ILE A 715 17.49 -0.66 -16.30
CA ILE A 715 16.86 -0.09 -15.10
C ILE A 715 15.62 0.71 -15.48
N ALA A 716 15.75 1.54 -16.52
CA ALA A 716 14.64 2.41 -16.91
C ALA A 716 13.45 1.58 -17.38
N LEU A 717 13.69 0.57 -18.22
CA LEU A 717 12.63 -0.36 -18.57
C LEU A 717 12.12 -1.10 -17.33
N MET A 718 13.00 -1.34 -16.37
CA MET A 718 12.63 -2.11 -15.18
C MET A 718 11.55 -1.44 -14.36
N GLY A 719 11.78 -0.20 -13.95
CA GLY A 719 10.87 0.35 -12.97
C GLY A 719 9.78 1.22 -13.53
N GLU A 720 10.20 2.24 -14.29
CA GLU A 720 9.27 3.25 -14.77
C GLU A 720 8.32 2.65 -15.81
N THR A 721 8.84 1.85 -16.72
CA THR A 721 8.00 1.26 -17.75
C THR A 721 7.04 0.23 -17.18
N VAL A 722 7.54 -0.70 -16.37
CA VAL A 722 6.71 -1.82 -15.93
C VAL A 722 5.63 -1.36 -14.96
N GLY A 723 5.97 -0.48 -14.00
CA GLY A 723 4.96 -0.03 -13.07
C GLY A 723 3.76 0.58 -13.76
N GLN A 724 3.99 1.37 -14.81
CA GLN A 724 2.91 1.98 -15.56
C GLN A 724 2.22 0.96 -16.47
N VAL A 725 3.00 0.08 -17.09
CA VAL A 725 2.46 -0.86 -18.06
C VAL A 725 1.44 -1.77 -17.41
N SER A 726 1.78 -2.33 -16.24
CA SER A 726 0.91 -3.30 -15.60
C SER A 726 -0.53 -2.81 -15.49
N LYS A 727 -0.75 -1.49 -15.55
CA LYS A 727 -2.08 -0.91 -15.54
C LYS A 727 -2.53 -0.40 -16.90
N GLU A 728 -1.62 0.18 -17.69
CA GLU A 728 -2.04 0.82 -18.94
C GLU A 728 -2.34 -0.18 -20.04
N SER A 729 -1.69 -1.35 -20.02
CA SER A 729 -1.87 -2.31 -21.10
C SER A 729 -3.31 -2.80 -21.17
N LYS A 730 -3.92 -3.05 -20.01
CA LYS A 730 -5.32 -3.49 -19.98
C LYS A 730 -6.21 -2.52 -20.74
N HIS A 731 -6.11 -1.24 -20.40
CA HIS A 731 -6.99 -0.25 -20.98
C HIS A 731 -6.72 -0.06 -22.46
N ILE A 732 -5.44 -0.05 -22.86
CA ILE A 732 -5.14 0.14 -24.28
C ILE A 732 -5.69 -1.03 -25.08
N TRP A 733 -5.55 -2.26 -24.56
CA TRP A 733 -6.10 -3.41 -25.26
C TRP A 733 -7.63 -3.31 -25.34
N LYS A 734 -8.27 -2.87 -24.27
CA LYS A 734 -9.73 -2.73 -24.30
C LYS A 734 -10.15 -1.75 -25.38
N LEU A 735 -9.45 -0.62 -25.49
CA LEU A 735 -9.77 0.35 -26.53
C LEU A 735 -9.58 -0.26 -27.92
N GLN A 736 -8.49 -1.00 -28.12
CA GLN A 736 -8.26 -1.63 -29.41
C GLN A 736 -9.38 -2.60 -29.75
N TRP A 737 -9.78 -3.41 -28.77
CA TRP A 737 -10.85 -4.39 -28.99
C TRP A 737 -12.14 -3.69 -29.38
N ALA A 738 -12.52 -2.65 -28.65
CA ALA A 738 -13.77 -1.95 -28.94
C ALA A 738 -13.74 -1.30 -30.32
N THR A 739 -12.62 -0.65 -30.68
CA THR A 739 -12.56 0.00 -31.98
C THR A 739 -12.59 -1.01 -33.12
N THR A 740 -11.96 -2.18 -32.94
CA THR A 740 -12.08 -3.21 -33.97
C THR A 740 -13.51 -3.71 -34.10
N ILE A 741 -14.21 -3.88 -32.97
CA ILE A 741 -15.61 -4.29 -33.05
C ILE A 741 -16.41 -3.29 -33.86
N LEU A 742 -16.22 -2.00 -33.59
CA LEU A 742 -17.01 -0.99 -34.30
C LEU A 742 -16.63 -0.93 -35.77
N ASP A 743 -15.35 -1.12 -36.09
CA ASP A 743 -14.94 -1.17 -37.50
C ASP A 743 -15.62 -2.33 -38.21
N ILE A 744 -15.64 -3.50 -37.57
CA ILE A 744 -16.29 -4.66 -38.17
C ILE A 744 -17.77 -4.36 -38.40
N GLU A 745 -18.42 -3.71 -37.43
CA GLU A 745 -19.81 -3.30 -37.63
C GLU A 745 -19.94 -2.43 -38.88
N ARG A 746 -19.15 -1.36 -38.96
CA ARG A 746 -19.33 -0.41 -40.05
C ARG A 746 -19.01 -1.04 -41.40
N SER A 747 -18.24 -2.12 -41.41
CA SER A 747 -17.98 -2.81 -42.68
C SER A 747 -19.27 -3.33 -43.30
N PHE A 748 -20.16 -3.90 -42.49
CA PHE A 748 -21.37 -4.52 -43.01
C PHE A 748 -22.32 -3.47 -43.57
N PRO A 749 -23.22 -3.87 -44.46
CA PRO A 749 -24.22 -2.93 -44.97
C PRO A 749 -25.29 -2.62 -43.92
N VAL A 750 -26.07 -1.57 -44.19
CA VAL A 750 -27.02 -1.07 -43.20
C VAL A 750 -28.07 -2.12 -42.87
N PHE A 751 -28.62 -2.76 -43.91
CA PHE A 751 -29.68 -3.74 -43.66
C PHE A 751 -29.17 -4.92 -42.84
N LEU A 752 -27.95 -5.37 -43.13
CA LEU A 752 -27.37 -6.46 -42.35
C LEU A 752 -27.15 -6.05 -40.90
N ARG A 753 -26.69 -4.81 -40.69
CA ARG A 753 -26.54 -4.31 -39.33
C ARG A 753 -27.88 -4.30 -38.60
N LYS A 754 -28.93 -3.87 -39.30
CA LYS A 754 -30.26 -3.89 -38.69
C LYS A 754 -30.69 -5.30 -38.34
N ALA A 755 -30.37 -6.27 -39.20
CA ALA A 755 -30.69 -7.66 -38.91
C ALA A 755 -29.98 -8.14 -37.65
N PHE A 756 -28.70 -7.81 -37.52
CA PHE A 756 -27.91 -8.18 -36.34
C PHE A 756 -27.90 -7.06 -35.30
N ARG A 757 -29.08 -6.61 -34.90
CA ARG A 757 -29.21 -5.52 -33.94
C ARG A 757 -29.42 -6.11 -32.55
N SER A 758 -28.60 -5.67 -31.60
CA SER A 758 -28.71 -6.13 -30.23
C SER A 758 -29.96 -5.56 -29.56
N GLY A 759 -30.42 -6.25 -28.51
CA GLY A 759 -31.56 -5.80 -27.75
C GLY A 759 -32.88 -6.32 -28.28
N GLU A 760 -33.93 -6.10 -27.49
CA GLU A 760 -35.25 -6.60 -27.80
C GLU A 760 -36.07 -5.50 -28.49
N MET A 761 -37.37 -5.76 -28.66
CA MET A 761 -38.32 -4.79 -29.18
C MET A 761 -39.37 -4.51 -28.12
N VAL A 762 -38.92 -4.43 -26.86
CA VAL A 762 -39.85 -4.37 -25.74
C VAL A 762 -40.72 -3.12 -25.83
N THR A 763 -41.94 -3.24 -25.32
CA THR A 763 -42.86 -2.10 -25.19
C THR A 763 -42.88 -1.69 -23.73
N VAL A 764 -42.67 -0.40 -23.48
CA VAL A 764 -42.52 0.12 -22.13
C VAL A 764 -43.87 0.48 -21.51
N GLY A 765 -44.69 1.23 -22.25
CA GLY A 765 -45.98 1.63 -21.73
C GLY A 765 -46.65 2.62 -22.67
N LYS A 766 -47.83 3.04 -22.25
CA LYS A 766 -48.59 4.02 -23.02
C LYS A 766 -47.91 5.38 -22.98
N SER A 767 -47.95 6.09 -24.10
CA SER A 767 -47.36 7.42 -24.20
C SER A 767 -48.35 8.46 -23.69
N SER A 768 -48.06 9.74 -23.93
CA SER A 768 -48.95 10.79 -23.47
C SER A 768 -50.35 10.63 -24.04
N ASP A 769 -50.46 10.13 -25.27
CA ASP A 769 -51.75 9.89 -25.90
C ASP A 769 -52.17 8.42 -25.84
N GLY A 770 -51.46 7.61 -25.06
CA GLY A 770 -51.77 6.20 -24.94
C GLY A 770 -51.08 5.32 -25.96
N THR A 771 -50.36 5.88 -26.92
CA THR A 771 -49.67 5.07 -27.90
C THR A 771 -48.52 4.32 -27.24
N PRO A 772 -48.13 3.16 -27.79
CA PRO A 772 -47.06 2.37 -27.17
C PRO A 772 -45.69 2.97 -27.44
N ASP A 773 -44.78 2.74 -26.49
CA ASP A 773 -43.42 3.25 -26.64
C ASP A 773 -42.65 2.46 -27.69
N ARG A 774 -42.51 1.15 -27.50
CA ARG A 774 -41.84 0.28 -28.45
C ARG A 774 -40.39 0.73 -28.68
N ARG A 775 -39.61 0.66 -27.60
CA ARG A 775 -38.23 1.09 -27.60
C ARG A 775 -37.29 -0.10 -27.55
N TRP A 776 -36.26 -0.08 -28.37
CA TRP A 776 -35.26 -1.16 -28.41
C TRP A 776 -34.42 -1.09 -27.15
N CYS A 777 -34.65 -2.02 -26.22
CA CYS A 777 -33.94 -2.06 -24.95
C CYS A 777 -32.98 -3.25 -24.92
N PHE A 778 -32.25 -3.35 -23.82
CA PHE A 778 -31.24 -4.39 -23.63
C PHE A 778 -31.25 -4.76 -22.15
N ARG A 779 -31.60 -6.01 -21.84
CA ARG A 779 -31.82 -6.41 -20.46
C ARG A 779 -30.56 -6.91 -19.78
N VAL A 780 -30.41 -6.55 -18.52
CA VAL A 780 -29.41 -7.12 -17.62
C VAL A 780 -30.12 -7.44 -16.31
N ASP A 781 -29.67 -8.51 -15.66
CA ASP A 781 -30.28 -9.00 -14.43
C ASP A 781 -29.24 -9.10 -13.32
N GLU A 782 -29.72 -9.04 -12.09
CA GLU A 782 -28.85 -9.01 -10.93
C GLU A 782 -29.49 -9.78 -9.79
N VAL A 783 -28.67 -10.12 -8.80
CA VAL A 783 -29.09 -10.80 -7.58
C VAL A 783 -28.74 -9.89 -6.41
N ASN A 784 -29.75 -9.55 -5.60
CA ASN A 784 -29.56 -8.68 -4.45
C ASN A 784 -30.28 -9.27 -3.24
N TRP A 785 -29.56 -9.42 -2.13
CA TRP A 785 -30.11 -9.98 -0.90
C TRP A 785 -30.35 -8.95 0.18
N SER A 786 -30.07 -7.66 -0.07
CA SER A 786 -30.16 -6.65 0.97
C SER A 786 -31.53 -5.99 1.00
N HIS A 787 -31.92 -5.33 -0.09
CA HIS A 787 -33.22 -4.68 -0.17
C HIS A 787 -34.25 -5.71 -0.64
N TRP A 788 -35.15 -6.07 0.26
CA TRP A 788 -36.15 -7.10 -0.01
C TRP A 788 -37.43 -6.46 -0.51
N ASN A 789 -38.01 -7.05 -1.55
CA ASN A 789 -39.25 -6.60 -2.19
C ASN A 789 -39.36 -5.07 -2.20
N GLN A 790 -38.28 -4.39 -2.58
CA GLN A 790 -38.30 -2.93 -2.73
C GLN A 790 -38.63 -2.62 -4.19
N ASN A 791 -39.84 -2.12 -4.42
CA ASN A 791 -40.32 -1.92 -5.78
C ASN A 791 -40.53 -3.26 -6.46
N LEU A 792 -41.03 -3.27 -7.69
CA LEU A 792 -41.29 -4.51 -8.41
C LEU A 792 -41.21 -4.25 -9.90
N GLY A 793 -41.05 -5.34 -10.65
CA GLY A 793 -41.05 -5.26 -12.09
C GLY A 793 -42.38 -4.78 -12.63
N ILE A 794 -42.35 -3.66 -13.35
CA ILE A 794 -43.59 -3.02 -13.79
C ILE A 794 -44.01 -3.50 -15.18
N ILE A 795 -43.08 -4.05 -15.96
CA ILE A 795 -43.40 -4.40 -17.34
C ILE A 795 -43.99 -5.80 -17.57
N ASN A 796 -43.18 -6.85 -17.58
CA ASN A 796 -43.71 -8.16 -17.91
C ASN A 796 -44.74 -8.68 -16.92
N GLU A 797 -44.49 -8.41 -15.64
CA GLU A 797 -45.30 -8.86 -14.50
C GLU A 797 -45.37 -10.38 -14.48
N ASP A 798 -44.25 -10.98 -14.87
CA ASP A 798 -44.05 -12.43 -14.96
C ASP A 798 -42.59 -12.60 -15.36
N PRO A 799 -41.84 -13.47 -14.64
CA PRO A 799 -40.44 -13.66 -15.06
C PRO A 799 -40.24 -13.96 -16.54
N MET B 1 -42.52 27.97 -32.37
CA MET B 1 -41.99 27.01 -31.34
C MET B 1 -41.11 27.74 -30.34
N ALA B 2 -39.84 27.90 -30.71
CA ALA B 2 -38.90 28.74 -29.97
C ALA B 2 -38.47 29.85 -30.91
N ALA B 3 -38.77 31.09 -30.55
CA ALA B 3 -38.49 32.19 -31.46
C ALA B 3 -37.00 32.31 -31.68
N ILE B 4 -36.62 32.63 -32.92
CA ILE B 4 -35.21 32.74 -33.28
C ILE B 4 -34.83 34.20 -33.33
N ARG B 5 -33.66 34.54 -32.80
CA ARG B 5 -33.22 35.93 -32.67
C ARG B 5 -32.35 36.30 -33.86
N LYS B 6 -32.76 37.32 -34.60
CA LYS B 6 -32.02 37.80 -35.76
C LYS B 6 -31.71 39.28 -35.61
N LYS B 7 -30.49 39.65 -36.00
CA LYS B 7 -29.97 41.01 -35.82
C LYS B 7 -30.14 41.79 -37.12
N LEU B 8 -30.88 42.90 -37.05
CA LEU B 8 -31.10 43.78 -38.19
C LEU B 8 -30.51 45.15 -37.91
N VAL B 9 -29.77 45.69 -38.89
CA VAL B 9 -29.09 46.97 -38.72
C VAL B 9 -29.41 47.87 -39.91
N ILE B 10 -29.53 49.17 -39.63
CA ILE B 10 -29.93 50.18 -40.62
C ILE B 10 -28.74 51.12 -40.81
N VAL B 11 -28.32 51.32 -42.06
CA VAL B 11 -27.25 52.29 -42.37
C VAL B 11 -27.68 53.13 -43.55
N GLY B 12 -27.71 54.45 -43.37
CA GLY B 12 -28.03 55.37 -44.45
C GLY B 12 -27.71 56.80 -44.08
N ASP B 13 -27.74 57.67 -45.08
CA ASP B 13 -27.53 59.09 -44.84
C ASP B 13 -28.61 59.64 -43.91
N GLY B 14 -28.27 60.73 -43.23
CA GLY B 14 -29.22 61.37 -42.34
C GLY B 14 -30.44 61.89 -43.07
N ALA B 15 -31.54 61.98 -42.32
CA ALA B 15 -32.79 62.57 -42.78
C ALA B 15 -33.46 61.78 -43.89
N CYS B 16 -33.10 60.51 -44.07
CA CYS B 16 -33.74 59.68 -45.08
C CYS B 16 -34.85 58.81 -44.52
N GLY B 17 -35.14 58.90 -43.22
CA GLY B 17 -36.25 58.20 -42.63
C GLY B 17 -35.93 56.87 -41.97
N LYS B 18 -34.65 56.59 -41.70
CA LYS B 18 -34.30 55.31 -41.09
C LYS B 18 -34.97 55.15 -39.72
N THR B 19 -34.78 56.13 -38.85
CA THR B 19 -35.34 56.08 -37.52
C THR B 19 -36.87 56.08 -37.57
N CYS B 20 -37.45 56.90 -38.45
CA CYS B 20 -38.89 56.92 -38.58
C CYS B 20 -39.41 55.61 -39.14
N LEU B 21 -38.67 55.01 -40.08
CA LEU B 21 -39.06 53.71 -40.61
C LEU B 21 -39.13 52.66 -39.50
N LEU B 22 -38.07 52.57 -38.69
CA LEU B 22 -38.08 51.63 -37.58
C LEU B 22 -39.19 51.95 -36.59
N ILE B 23 -39.43 53.23 -36.32
CA ILE B 23 -40.45 53.61 -35.35
C ILE B 23 -41.83 53.18 -35.82
N VAL B 24 -42.16 53.48 -37.08
CA VAL B 24 -43.44 53.06 -37.64
C VAL B 24 -43.56 51.56 -37.62
N PHE B 25 -42.45 50.85 -37.88
CA PHE B 25 -42.48 49.39 -37.73
C PHE B 25 -42.80 48.99 -36.30
N SER B 26 -42.31 49.74 -35.32
CA SER B 26 -42.37 49.31 -33.93
C SER B 26 -43.76 49.50 -33.31
N LYS B 27 -44.21 50.74 -33.21
CA LYS B 27 -45.50 51.05 -32.59
C LYS B 27 -46.60 51.36 -33.58
N ASP B 28 -46.30 51.44 -34.87
CA ASP B 28 -47.31 51.70 -35.90
C ASP B 28 -48.04 53.02 -35.65
N GLN B 29 -47.34 54.00 -35.06
CA GLN B 29 -47.90 55.32 -34.81
C GLN B 29 -46.83 56.35 -35.14
N PHE B 30 -47.10 57.17 -36.14
CA PHE B 30 -46.12 58.15 -36.60
C PHE B 30 -45.93 59.22 -35.53
N PRO B 31 -44.71 59.45 -35.03
CA PRO B 31 -44.48 60.55 -34.09
C PRO B 31 -44.46 61.90 -34.79
N GLU B 32 -45.45 62.73 -34.49
CA GLU B 32 -45.60 64.02 -35.16
C GLU B 32 -44.90 65.15 -34.44
N VAL B 33 -44.31 64.91 -33.26
CA VAL B 33 -43.70 65.94 -32.45
C VAL B 33 -42.24 65.64 -32.15
N TYR B 34 -41.94 64.43 -31.70
CA TYR B 34 -40.61 64.07 -31.20
C TYR B 34 -40.12 62.81 -31.88
N VAL B 35 -38.93 62.89 -32.48
CA VAL B 35 -38.26 61.76 -33.10
C VAL B 35 -36.86 61.67 -32.52
N PRO B 36 -36.49 60.60 -31.82
CA PRO B 36 -35.12 60.48 -31.33
C PRO B 36 -34.13 60.35 -32.48
N THR B 37 -32.89 60.76 -32.19
CA THR B 37 -31.82 60.59 -33.18
C THR B 37 -31.59 59.13 -33.51
N VAL B 38 -31.90 58.23 -32.59
CA VAL B 38 -31.71 56.80 -32.80
C VAL B 38 -32.80 56.05 -32.05
N PHE B 39 -33.19 54.91 -32.59
CA PHE B 39 -34.15 54.00 -31.97
C PHE B 39 -33.38 52.77 -31.53
N GLU B 40 -33.38 52.50 -30.23
CA GLU B 40 -32.39 51.61 -29.64
C GLU B 40 -33.07 50.56 -28.76
N ASN B 41 -32.33 49.49 -28.50
CA ASN B 41 -32.77 48.42 -27.62
C ASN B 41 -34.20 47.94 -27.82
N TYR B 42 -34.55 47.58 -29.06
CA TYR B 42 -35.87 47.04 -29.33
C TYR B 42 -35.79 45.73 -30.09
N VAL B 43 -36.68 44.83 -29.72
CA VAL B 43 -36.87 43.53 -30.38
C VAL B 43 -38.34 43.39 -30.72
N ALA B 44 -38.64 43.05 -31.97
CA ALA B 44 -40.02 42.92 -32.45
C ALA B 44 -40.29 41.49 -32.87
N ASP B 45 -41.55 41.07 -32.75
CA ASP B 45 -41.96 39.72 -33.10
C ASP B 45 -42.56 39.71 -34.50
N ILE B 46 -42.10 38.81 -35.35
CA ILE B 46 -42.59 38.71 -36.72
C ILE B 46 -42.66 37.25 -37.13
N GLU B 47 -43.71 36.90 -37.87
CA GLU B 47 -43.89 35.58 -38.45
C GLU B 47 -44.07 35.72 -39.95
N VAL B 48 -43.30 34.94 -40.73
CA VAL B 48 -43.33 35.05 -42.18
C VAL B 48 -43.82 33.75 -42.80
N ASP B 49 -43.14 32.63 -42.50
CA ASP B 49 -43.52 31.32 -43.02
C ASP B 49 -43.34 30.29 -41.91
N GLY B 50 -44.38 30.13 -41.09
CA GLY B 50 -44.40 29.12 -40.05
C GLY B 50 -43.32 29.28 -39.00
N LYS B 51 -42.47 30.29 -39.13
CA LYS B 51 -41.36 30.52 -38.21
C LYS B 51 -41.58 31.83 -37.47
N GLN B 52 -41.24 31.85 -36.18
CA GLN B 52 -41.41 33.02 -35.33
C GLN B 52 -40.06 33.59 -35.00
N VAL B 53 -39.85 34.86 -35.33
CA VAL B 53 -38.54 35.49 -35.29
C VAL B 53 -38.63 36.75 -34.46
N GLU B 54 -37.73 36.87 -33.49
CA GLU B 54 -37.51 38.12 -32.77
C GLU B 54 -36.39 38.88 -33.48
N LEU B 55 -36.75 40.02 -34.05
CA LEU B 55 -35.82 40.85 -34.80
C LEU B 55 -35.34 41.96 -33.88
N ALA B 56 -34.04 41.99 -33.59
CA ALA B 56 -33.43 43.04 -32.79
C ALA B 56 -32.98 44.14 -33.74
N LEU B 57 -33.58 45.32 -33.62
CA LEU B 57 -33.36 46.42 -34.55
C LEU B 57 -32.36 47.41 -33.97
N TRP B 58 -31.17 47.45 -34.56
CA TRP B 58 -30.22 48.51 -34.25
C TRP B 58 -30.40 49.67 -35.24
N ASP B 59 -29.86 50.82 -34.88
CA ASP B 59 -29.97 52.02 -35.68
C ASP B 59 -28.66 52.80 -35.61
N THR B 60 -28.23 53.35 -36.74
CA THR B 60 -26.97 54.08 -36.84
C THR B 60 -27.23 55.48 -37.37
N ALA B 61 -26.77 56.49 -36.64
CA ALA B 61 -26.76 57.87 -37.10
C ALA B 61 -25.34 58.41 -37.06
N GLY B 62 -25.10 59.45 -37.85
CA GLY B 62 -23.76 60.01 -37.96
C GLY B 62 -23.69 61.50 -37.66
N GLN B 63 -24.71 62.03 -36.98
CA GLN B 63 -24.82 63.48 -36.84
C GLN B 63 -23.70 64.07 -35.99
N GLU B 64 -23.47 63.52 -34.80
CA GLU B 64 -22.48 64.10 -33.88
C GLU B 64 -22.06 63.02 -32.87
N ASP B 65 -20.87 62.49 -33.04
CA ASP B 65 -20.12 61.57 -32.17
C ASP B 65 -20.66 60.15 -32.30
N TYR B 66 -21.73 59.93 -33.05
CA TYR B 66 -22.22 58.58 -33.28
C TYR B 66 -21.38 57.85 -34.32
N ASP B 67 -20.78 58.61 -35.25
CA ASP B 67 -19.96 57.99 -36.28
C ASP B 67 -18.76 57.27 -35.68
N ARG B 68 -18.23 57.81 -34.59
CA ARG B 68 -17.09 57.17 -33.94
C ARG B 68 -17.48 55.82 -33.33
N LEU B 69 -18.72 55.74 -32.86
CA LEU B 69 -19.23 54.52 -32.22
C LEU B 69 -20.04 53.64 -33.18
N ARG B 70 -20.18 54.04 -34.44
CA ARG B 70 -20.94 53.23 -35.40
C ARG B 70 -20.33 51.85 -35.62
N PRO B 71 -19.02 51.71 -35.89
CA PRO B 71 -18.48 50.38 -36.19
C PRO B 71 -18.90 49.31 -35.18
N LEU B 72 -19.12 49.73 -33.93
CA LEU B 72 -19.36 48.79 -32.85
C LEU B 72 -20.68 48.04 -33.03
N SER B 73 -21.60 48.57 -33.85
CA SER B 73 -22.88 47.93 -34.06
C SER B 73 -22.85 46.84 -35.13
N TYR B 74 -21.84 46.84 -35.99
CA TYR B 74 -21.74 45.89 -37.11
C TYR B 74 -21.47 44.45 -36.71
N PRO B 75 -20.78 44.15 -35.61
CA PRO B 75 -20.50 42.74 -35.31
C PRO B 75 -21.77 41.97 -35.07
N ASP B 76 -21.75 40.66 -35.39
CA ASP B 76 -22.90 39.78 -35.23
C ASP B 76 -24.17 40.35 -35.86
N THR B 77 -24.03 40.96 -37.02
CA THR B 77 -25.18 41.52 -37.73
C THR B 77 -25.69 40.44 -38.69
N ASP B 78 -26.99 40.19 -38.70
CA ASP B 78 -27.54 39.14 -39.56
C ASP B 78 -28.10 39.65 -40.88
N VAL B 79 -28.61 40.88 -40.92
CA VAL B 79 -29.22 41.47 -42.10
C VAL B 79 -29.22 42.99 -42.02
N ILE B 80 -29.08 43.63 -43.18
CA ILE B 80 -28.89 45.08 -43.26
C ILE B 80 -29.96 45.65 -44.19
N LEU B 81 -30.55 46.78 -43.79
CA LEU B 81 -31.34 47.60 -44.74
C LEU B 81 -30.53 48.86 -45.01
N MET B 82 -29.87 48.88 -46.16
CA MET B 82 -29.24 50.10 -46.64
C MET B 82 -30.31 51.02 -47.20
N CYS B 83 -30.47 52.20 -46.61
CA CYS B 83 -31.61 53.07 -46.88
C CYS B 83 -31.16 54.40 -47.48
N PHE B 84 -31.99 54.93 -48.37
CA PHE B 84 -31.76 56.26 -48.95
C PHE B 84 -33.10 56.90 -49.26
N SER B 85 -33.05 58.17 -49.62
CA SER B 85 -34.25 58.99 -49.79
C SER B 85 -34.60 59.12 -51.27
N ILE B 86 -35.89 58.95 -51.57
CA ILE B 86 -36.35 59.12 -52.95
C ILE B 86 -36.47 60.60 -53.30
N ASP B 87 -36.82 61.45 -52.33
CA ASP B 87 -36.95 62.88 -52.54
C ASP B 87 -35.63 63.62 -52.38
N SER B 88 -34.50 62.90 -52.39
CA SER B 88 -33.18 63.51 -52.24
C SER B 88 -32.20 62.72 -53.08
N PRO B 89 -31.97 63.14 -54.34
CA PRO B 89 -31.08 62.36 -55.21
C PRO B 89 -29.65 62.27 -54.71
N ASP B 90 -29.21 63.22 -53.87
CA ASP B 90 -27.84 63.19 -53.38
C ASP B 90 -27.54 61.91 -52.60
N SER B 91 -28.56 61.29 -52.02
CA SER B 91 -28.35 60.10 -51.19
C SER B 91 -27.87 58.93 -52.04
N LEU B 92 -28.36 58.81 -53.28
CA LEU B 92 -28.13 57.60 -54.05
C LEU B 92 -26.65 57.41 -54.39
N GLU B 93 -26.02 58.44 -54.95
CA GLU B 93 -24.68 58.25 -55.53
C GLU B 93 -23.63 57.97 -54.47
N ASN B 94 -23.89 58.33 -53.21
CA ASN B 94 -22.94 58.12 -52.14
C ASN B 94 -22.98 56.68 -51.68
N ILE B 95 -24.10 56.00 -51.93
CA ILE B 95 -24.21 54.59 -51.53
C ILE B 95 -23.08 53.75 -52.11
N PRO B 96 -22.83 53.74 -53.42
CA PRO B 96 -21.66 53.02 -53.93
C PRO B 96 -20.34 53.63 -53.44
N GLU B 97 -20.29 54.94 -53.23
CA GLU B 97 -19.02 55.60 -52.94
C GLU B 97 -18.53 55.29 -51.54
N LYS B 98 -19.36 55.48 -50.52
CA LYS B 98 -18.86 55.47 -49.15
C LYS B 98 -19.54 54.44 -48.26
N TRP B 99 -20.86 54.29 -48.38
CA TRP B 99 -21.58 53.39 -47.49
C TRP B 99 -21.19 51.94 -47.74
N THR B 100 -21.15 51.53 -49.01
CA THR B 100 -20.89 50.14 -49.34
C THR B 100 -19.53 49.64 -48.86
N PRO B 101 -18.42 50.33 -49.10
CA PRO B 101 -17.14 49.80 -48.63
C PRO B 101 -17.03 49.63 -47.12
N GLU B 102 -17.63 50.51 -46.32
CA GLU B 102 -17.58 50.31 -44.87
C GLU B 102 -18.37 49.07 -44.46
N VAL B 103 -19.53 48.87 -45.09
CA VAL B 103 -20.35 47.69 -44.81
C VAL B 103 -19.60 46.43 -45.19
N LYS B 104 -18.94 46.43 -46.34
CA LYS B 104 -18.15 45.27 -46.75
C LYS B 104 -16.97 45.05 -45.81
N HIS B 105 -16.32 46.14 -45.38
CA HIS B 105 -15.13 46.01 -44.53
C HIS B 105 -15.47 45.37 -43.19
N PHE B 106 -16.46 45.93 -42.48
CA PHE B 106 -16.67 45.49 -41.10
C PHE B 106 -17.41 44.16 -41.04
N CYS B 107 -18.35 43.93 -41.96
CA CYS B 107 -19.20 42.75 -41.91
C CYS B 107 -19.48 42.28 -43.33
N PRO B 108 -18.66 41.37 -43.86
CA PRO B 108 -18.90 40.84 -45.20
C PRO B 108 -19.80 39.61 -45.18
N ASN B 109 -20.20 39.19 -46.37
CA ASN B 109 -21.08 38.05 -46.60
C ASN B 109 -22.37 38.18 -45.84
N VAL B 110 -22.93 39.39 -45.82
CA VAL B 110 -24.19 39.63 -45.13
C VAL B 110 -25.25 40.08 -46.13
N PRO B 111 -26.51 39.64 -45.93
CA PRO B 111 -27.55 40.07 -46.88
C PRO B 111 -27.83 41.56 -46.76
N ILE B 112 -28.16 42.22 -47.88
CA ILE B 112 -28.42 43.65 -47.85
C ILE B 112 -29.66 44.01 -48.68
N ILE B 113 -30.58 44.81 -48.11
CA ILE B 113 -31.76 45.25 -48.83
C ILE B 113 -31.63 46.75 -49.05
N LEU B 114 -31.55 47.17 -50.31
CA LEU B 114 -31.47 48.59 -50.64
C LEU B 114 -32.89 49.14 -50.80
N VAL B 115 -33.21 50.17 -50.02
CA VAL B 115 -34.57 50.70 -49.97
C VAL B 115 -34.52 52.22 -50.17
N GLY B 116 -35.57 52.73 -50.81
CA GLY B 116 -35.78 54.16 -50.96
C GLY B 116 -37.06 54.60 -50.28
N ASN B 117 -36.97 55.59 -49.40
CA ASN B 117 -38.06 55.93 -48.50
C ASN B 117 -38.89 57.09 -49.05
N LYS B 118 -40.10 57.23 -48.48
CA LYS B 118 -40.98 58.36 -48.73
C LYS B 118 -41.33 58.49 -50.21
N LYS B 119 -42.06 57.49 -50.71
CA LYS B 119 -42.57 57.55 -52.08
C LYS B 119 -43.48 58.76 -52.29
N ASP B 120 -44.14 59.23 -51.23
CA ASP B 120 -45.10 60.32 -51.38
C ASP B 120 -44.42 61.61 -51.86
N LEU B 121 -43.18 61.86 -51.44
CA LEU B 121 -42.55 63.15 -51.72
C LEU B 121 -42.07 63.29 -53.16
N ARG B 122 -41.91 62.19 -53.90
CA ARG B 122 -41.46 62.32 -55.28
C ARG B 122 -42.50 63.02 -56.15
N ASN B 123 -43.79 62.82 -55.85
CA ASN B 123 -44.87 63.47 -56.56
C ASN B 123 -45.27 64.79 -55.92
N ASP B 124 -44.68 65.14 -54.78
CA ASP B 124 -45.03 66.39 -54.12
C ASP B 124 -44.61 67.59 -54.97
N GLU B 125 -45.47 68.61 -55.00
CA GLU B 125 -45.16 69.80 -55.80
C GLU B 125 -43.96 70.54 -55.25
N HIS B 126 -43.86 70.67 -53.93
CA HIS B 126 -42.75 71.42 -53.34
C HIS B 126 -41.41 70.77 -53.65
N THR B 127 -41.31 69.45 -53.41
CA THR B 127 -40.05 68.76 -53.69
C THR B 127 -39.73 68.76 -55.19
N ARG B 128 -40.76 68.58 -56.03
CA ARG B 128 -40.54 68.61 -57.47
C ARG B 128 -39.99 69.95 -57.91
N ARG B 129 -40.57 71.05 -57.41
CA ARG B 129 -40.08 72.37 -57.77
C ARG B 129 -38.67 72.59 -57.25
N GLU B 130 -38.40 72.15 -56.01
CA GLU B 130 -37.07 72.33 -55.45
C GLU B 130 -36.02 71.60 -56.26
N LEU B 131 -36.32 70.37 -56.68
CA LEU B 131 -35.37 69.62 -57.51
C LEU B 131 -35.23 70.25 -58.89
N ALA B 132 -36.34 70.72 -59.47
CA ALA B 132 -36.27 71.39 -60.76
C ALA B 132 -35.49 72.69 -60.71
N LYS B 133 -35.40 73.31 -59.54
CA LYS B 133 -34.59 74.52 -59.41
C LYS B 133 -33.14 74.26 -59.78
N MET B 134 -32.65 73.05 -59.53
CA MET B 134 -31.30 72.64 -59.89
C MET B 134 -31.27 71.74 -61.11
N LYS B 135 -32.32 71.77 -61.93
CA LYS B 135 -32.41 70.89 -63.10
C LYS B 135 -32.30 69.43 -62.71
N GLN B 136 -32.92 69.08 -61.59
CA GLN B 136 -32.91 67.71 -61.06
C GLN B 136 -34.32 67.15 -61.04
N GLU B 137 -34.41 65.86 -60.76
CA GLU B 137 -35.68 65.17 -60.66
C GLU B 137 -35.58 64.15 -59.53
N PRO B 138 -36.70 63.75 -58.93
CA PRO B 138 -36.64 62.74 -57.88
C PRO B 138 -36.08 61.42 -58.41
N VAL B 139 -35.50 60.64 -57.50
CA VAL B 139 -34.87 59.38 -57.87
C VAL B 139 -35.91 58.50 -58.56
N LYS B 140 -35.65 58.15 -59.82
CA LYS B 140 -36.56 57.31 -60.57
C LYS B 140 -36.49 55.87 -60.07
N PRO B 141 -37.61 55.14 -60.12
CA PRO B 141 -37.55 53.71 -59.75
C PRO B 141 -36.58 52.91 -60.60
N GLU B 142 -36.44 53.27 -61.88
CA GLU B 142 -35.49 52.55 -62.73
C GLU B 142 -34.08 52.65 -62.19
N GLU B 143 -33.69 53.85 -61.72
CA GLU B 143 -32.35 54.03 -61.17
C GLU B 143 -32.15 53.17 -59.92
N GLY B 144 -33.16 53.10 -59.07
CA GLY B 144 -33.07 52.25 -57.89
C GLY B 144 -32.94 50.78 -58.25
N ARG B 145 -33.72 50.33 -59.23
CA ARG B 145 -33.61 48.94 -59.67
C ARG B 145 -32.22 48.65 -60.21
N ASP B 146 -31.68 49.59 -61.01
CA ASP B 146 -30.35 49.42 -61.56
C ASP B 146 -29.30 49.37 -60.44
N MET B 147 -29.45 50.24 -59.44
CA MET B 147 -28.51 50.21 -58.31
C MET B 147 -28.59 48.89 -57.55
N ALA B 148 -29.81 48.40 -57.34
CA ALA B 148 -29.99 47.15 -56.62
C ALA B 148 -29.29 46.01 -57.36
N ASN B 149 -29.43 45.98 -58.69
CA ASN B 149 -28.65 45.02 -59.48
C ASN B 149 -27.16 45.31 -59.37
N ARG B 150 -26.79 46.59 -59.28
CA ARG B 150 -25.40 46.99 -59.41
C ARG B 150 -24.57 46.58 -58.21
N ILE B 151 -25.09 46.74 -56.99
CA ILE B 151 -24.30 46.57 -55.78
C ILE B 151 -24.70 45.30 -55.02
N GLY B 152 -25.34 44.35 -55.69
CA GLY B 152 -25.60 43.06 -55.09
C GLY B 152 -26.76 43.00 -54.14
N ALA B 153 -27.71 43.93 -54.26
CA ALA B 153 -28.83 43.98 -53.33
C ALA B 153 -29.63 42.69 -53.37
N PHE B 154 -30.13 42.28 -52.20
CA PHE B 154 -30.99 41.10 -52.11
C PHE B 154 -32.40 41.42 -52.56
N GLY B 155 -32.85 42.66 -52.38
CA GLY B 155 -34.14 43.10 -52.87
C GLY B 155 -34.26 44.60 -52.75
N TYR B 156 -35.18 45.16 -53.53
CA TYR B 156 -35.37 46.60 -53.60
C TYR B 156 -36.85 46.91 -53.45
N MET B 157 -37.20 47.64 -52.38
CA MET B 157 -38.57 48.09 -52.17
C MET B 157 -38.60 49.59 -51.88
N GLU B 158 -39.78 50.12 -51.58
CA GLU B 158 -39.95 51.53 -51.23
C GLU B 158 -40.89 51.61 -50.04
N CYS B 159 -40.60 52.55 -49.13
CA CYS B 159 -41.36 52.73 -47.91
C CYS B 159 -42.01 54.10 -47.87
N SER B 160 -42.96 54.25 -46.96
CA SER B 160 -43.63 55.53 -46.73
C SER B 160 -44.07 55.53 -45.27
N ALA B 161 -43.30 56.19 -44.41
CA ALA B 161 -43.59 56.16 -42.99
C ALA B 161 -44.89 56.89 -42.66
N LYS B 162 -45.14 58.01 -43.32
CA LYS B 162 -46.36 58.77 -43.03
C LYS B 162 -47.61 57.95 -43.34
N THR B 163 -47.61 57.24 -44.46
CA THR B 163 -48.76 56.47 -44.89
C THR B 163 -48.65 54.99 -44.53
N LYS B 164 -47.56 54.56 -43.90
CA LYS B 164 -47.39 53.18 -43.48
C LYS B 164 -47.56 52.21 -44.65
N ASP B 165 -46.98 52.55 -45.80
CA ASP B 165 -47.09 51.74 -47.01
C ASP B 165 -45.85 50.87 -47.17
N GLY B 166 -46.05 49.55 -47.18
CA GLY B 166 -45.00 48.63 -47.52
C GLY B 166 -44.00 48.33 -46.42
N VAL B 167 -44.20 48.85 -45.21
CA VAL B 167 -43.26 48.56 -44.13
C VAL B 167 -43.31 47.09 -43.76
N ARG B 168 -44.52 46.53 -43.60
CA ARG B 168 -44.65 45.15 -43.18
C ARG B 168 -43.97 44.21 -44.17
N GLU B 169 -44.25 44.38 -45.46
CA GLU B 169 -43.63 43.52 -46.46
C GLU B 169 -42.12 43.73 -46.52
N VAL B 170 -41.67 44.98 -46.35
CA VAL B 170 -40.24 45.25 -46.42
C VAL B 170 -39.51 44.49 -45.31
N PHE B 171 -39.99 44.61 -44.08
CA PHE B 171 -39.32 43.91 -42.98
C PHE B 171 -39.54 42.41 -43.06
N GLU B 172 -40.67 41.97 -43.61
CA GLU B 172 -40.86 40.54 -43.83
C GLU B 172 -39.78 39.99 -44.75
N MET B 173 -39.55 40.64 -45.89
CA MET B 173 -38.49 40.20 -46.79
C MET B 173 -37.12 40.35 -46.13
N ALA B 174 -36.94 41.36 -45.29
CA ALA B 174 -35.66 41.51 -44.59
C ALA B 174 -35.38 40.30 -43.72
N THR B 175 -36.36 39.86 -42.93
CA THR B 175 -36.14 38.70 -42.07
C THR B 175 -36.09 37.40 -42.86
N ARG B 176 -36.80 37.33 -43.99
CA ARG B 176 -36.68 36.17 -44.87
C ARG B 176 -35.26 36.04 -45.41
N ALA B 177 -34.66 37.16 -45.81
CA ALA B 177 -33.27 37.15 -46.25
C ALA B 177 -32.34 36.79 -45.09
N ALA B 178 -32.63 37.30 -43.90
CA ALA B 178 -31.79 37.03 -42.74
C ALA B 178 -31.76 35.53 -42.41
N LEU B 179 -32.91 34.87 -42.52
CA LEU B 179 -32.99 33.46 -42.12
C LEU B 179 -32.14 32.56 -43.01
N GLN B 180 -31.86 33.00 -44.22
CA GLN B 180 -30.97 32.21 -45.05
C GLN B 180 -29.57 32.30 -44.38
N ALA B 181 -28.83 31.20 -44.31
CA ALA B 181 -27.49 31.16 -43.71
C ALA B 181 -26.40 31.10 -44.78
N ARG B 182 -26.47 32.02 -45.74
CA ARG B 182 -25.43 32.15 -46.75
C ARG B 182 -25.19 30.82 -47.47
N ARG B 183 -24.02 30.65 -48.08
CA ARG B 183 -23.67 29.42 -48.78
C ARG B 183 -22.24 29.00 -48.37
N GLY B 184 -22.13 28.31 -47.24
CA GLY B 184 -20.87 27.70 -46.87
C GLY B 184 -19.73 28.71 -46.82
N LYS B 185 -18.61 28.34 -47.45
CA LYS B 185 -17.44 29.22 -47.57
C LYS B 185 -16.91 29.16 -48.99
N LYS B 186 -16.30 30.25 -49.46
CA LYS B 186 -15.77 30.29 -50.81
C LYS B 186 -14.24 30.38 -50.78
N LYS B 187 -13.55 29.57 -51.60
CA LYS B 187 -12.09 29.53 -51.61
C LYS B 187 -11.51 29.35 -50.20
N SER B 188 -12.19 28.55 -49.39
CA SER B 188 -11.75 28.31 -48.01
C SER B 188 -10.37 27.65 -48.08
N GLY B 189 -9.35 28.15 -47.32
CA GLY B 189 -7.98 27.69 -47.29
C GLY B 189 -7.88 26.21 -46.95
N CYS B 190 -6.86 25.57 -47.51
CA CYS B 190 -6.59 24.15 -47.23
C CYS B 190 -6.11 23.96 -45.80
N MET C 1 15.59 55.86 16.69
CA MET C 1 14.67 54.80 16.18
C MET C 1 14.62 53.64 17.15
N ALA C 2 15.58 52.73 17.03
CA ALA C 2 15.78 51.66 17.99
C ALA C 2 17.16 51.85 18.59
N ALA C 3 17.22 52.09 19.89
CA ALA C 3 18.50 52.41 20.50
C ALA C 3 19.46 51.24 20.37
N ILE C 4 20.73 51.54 20.12
CA ILE C 4 21.73 50.50 19.94
C ILE C 4 22.54 50.37 21.22
N ARG C 5 22.83 49.13 21.63
CA ARG C 5 23.48 48.85 22.90
C ARG C 5 24.98 48.70 22.67
N LYS C 6 25.77 49.53 23.33
CA LYS C 6 27.22 49.50 23.24
C LYS C 6 27.85 49.33 24.61
N LYS C 7 28.88 48.50 24.68
CA LYS C 7 29.53 48.12 25.93
C LYS C 7 30.76 48.99 26.14
N LEU C 8 30.80 49.73 27.25
CA LEU C 8 31.93 50.57 27.62
C LEU C 8 32.54 50.08 28.93
N VAL C 9 33.87 49.97 28.94
CA VAL C 9 34.59 49.44 30.11
C VAL C 9 35.71 50.40 30.49
N ILE C 10 35.96 50.53 31.80
CA ILE C 10 36.93 51.45 32.35
C ILE C 10 38.03 50.63 33.02
N VAL C 11 39.29 50.88 32.66
CA VAL C 11 40.43 50.22 33.31
C VAL C 11 41.48 51.26 33.64
N GLY C 12 41.85 51.34 34.92
CA GLY C 12 42.90 52.25 35.35
C GLY C 12 43.32 51.97 36.77
N ASP C 13 44.43 52.58 37.17
CA ASP C 13 44.92 52.45 38.54
C ASP C 13 43.88 52.99 39.53
N GLY C 14 43.95 52.50 40.75
CA GLY C 14 43.04 52.97 41.78
C GLY C 14 43.24 54.45 42.09
N ALA C 15 42.16 55.06 42.58
CA ALA C 15 42.14 56.44 43.06
C ALA C 15 42.38 57.46 41.96
N CYS C 16 42.19 57.08 40.69
CA CYS C 16 42.34 58.02 39.59
C CYS C 16 41.01 58.63 39.14
N GLY C 17 39.91 58.26 39.76
CA GLY C 17 38.62 58.87 39.46
C GLY C 17 37.73 58.11 38.50
N LYS C 18 38.03 56.84 38.22
CA LYS C 18 37.22 56.08 37.28
C LYS C 18 35.77 56.00 37.74
N THR C 19 35.56 55.53 38.97
CA THR C 19 34.23 55.37 39.51
C THR C 19 33.53 56.72 39.63
N CYS C 20 34.26 57.74 40.09
CA CYS C 20 33.68 59.07 40.20
C CYS C 20 33.35 59.64 38.82
N LEU C 21 34.20 59.37 37.83
CA LEU C 21 33.91 59.80 36.47
C LEU C 21 32.60 59.21 35.98
N LEU C 22 32.44 57.90 36.12
CA LEU C 22 31.18 57.26 35.70
C LEU C 22 30.00 57.80 36.50
N ILE C 23 30.20 58.03 37.80
CA ILE C 23 29.09 58.48 38.64
C ILE C 23 28.63 59.87 38.18
N VAL C 24 29.57 60.79 37.99
CA VAL C 24 29.21 62.12 37.52
C VAL C 24 28.54 62.04 36.16
N PHE C 25 29.00 61.12 35.30
CA PHE C 25 28.30 60.90 34.03
C PHE C 25 26.86 60.46 34.28
N SER C 26 26.63 59.64 35.31
CA SER C 26 25.34 58.97 35.48
C SER C 26 24.27 59.91 36.04
N LYS C 27 24.47 60.41 37.25
CA LYS C 27 23.48 61.25 37.91
C LYS C 27 23.84 62.73 37.90
N ASP C 28 25.03 63.09 37.42
CA ASP C 28 25.44 64.49 37.35
C ASP C 28 25.43 65.16 38.72
N GLN C 29 25.69 64.38 39.78
CA GLN C 29 25.75 64.90 41.14
C GLN C 29 26.93 64.26 41.85
N PHE C 30 27.91 65.07 42.21
CA PHE C 30 29.12 64.54 42.82
C PHE C 30 28.80 64.00 44.21
N PRO C 31 29.11 62.72 44.50
CA PRO C 31 28.90 62.20 45.86
C PRO C 31 30.01 62.68 46.80
N GLU C 32 29.63 63.49 47.77
CA GLU C 32 30.58 64.10 48.70
C GLU C 32 30.80 63.27 49.95
N VAL C 33 30.07 62.17 50.13
CA VAL C 33 30.13 61.37 51.35
C VAL C 33 30.50 59.92 51.05
N TYR C 34 29.81 59.30 50.10
CA TYR C 34 29.92 57.86 49.84
C TYR C 34 30.20 57.61 48.37
N VAL C 35 31.27 56.87 48.08
CA VAL C 35 31.61 56.46 46.74
C VAL C 35 31.82 54.95 46.75
N PRO C 36 31.02 54.17 46.02
CA PRO C 36 31.25 52.73 45.97
C PRO C 36 32.58 52.40 45.30
N THR C 37 33.12 51.23 45.65
CA THR C 37 34.34 50.77 45.01
C THR C 37 34.13 50.55 43.52
N VAL C 38 32.90 50.26 43.10
CA VAL C 38 32.59 50.03 41.70
C VAL C 38 31.19 50.53 41.43
N PHE C 39 30.97 51.00 40.20
CA PHE C 39 29.66 51.44 39.72
C PHE C 39 29.20 50.41 38.70
N GLU C 40 28.08 49.75 38.98
CA GLU C 40 27.74 48.51 38.31
C GLU C 40 26.31 48.55 37.78
N ASN C 41 26.04 47.65 36.83
CA ASN C 41 24.72 47.49 36.25
C ASN C 41 23.99 48.78 35.87
N TYR C 42 24.64 49.63 35.10
CA TYR C 42 24.00 50.85 34.62
C TYR C 42 24.12 50.98 33.11
N VAL C 43 23.04 51.49 32.51
CA VAL C 43 22.95 51.81 31.10
C VAL C 43 22.43 53.24 30.98
N ALA C 44 23.14 54.06 30.20
CA ALA C 44 22.79 55.47 30.03
C ALA C 44 22.43 55.73 28.57
N ASP C 45 21.57 56.73 28.37
CA ASP C 45 21.09 57.10 27.03
C ASP C 45 21.90 58.30 26.53
N ILE C 46 22.42 58.20 25.31
CA ILE C 46 23.22 59.27 24.73
C ILE C 46 22.93 59.36 23.23
N GLU C 47 22.86 60.59 22.73
CA GLU C 47 22.70 60.86 21.30
C GLU C 47 23.84 61.75 20.85
N VAL C 48 24.51 61.36 19.76
CA VAL C 48 25.67 62.10 19.27
C VAL C 48 25.40 62.67 17.89
N ASP C 49 25.06 61.80 16.93
CA ASP C 49 24.76 62.24 15.55
C ASP C 49 23.57 61.42 15.05
N GLY C 50 22.36 61.92 15.34
CA GLY C 50 21.15 61.31 14.84
C GLY C 50 20.91 59.89 15.29
N LYS C 51 21.82 59.34 16.08
CA LYS C 51 21.73 57.96 16.56
C LYS C 51 21.56 57.94 18.06
N GLN C 52 20.72 57.03 18.56
CA GLN C 52 20.45 56.92 19.98
C GLN C 52 21.08 55.64 20.51
N VAL C 53 21.94 55.77 21.51
CA VAL C 53 22.78 54.68 21.97
C VAL C 53 22.59 54.50 23.46
N GLU C 54 22.32 53.27 23.88
CA GLU C 54 22.36 52.88 25.28
C GLU C 54 23.75 52.33 25.57
N LEU C 55 24.48 53.05 26.41
CA LEU C 55 25.84 52.70 26.78
C LEU C 55 25.80 51.98 28.12
N ALA C 56 26.21 50.71 28.12
CA ALA C 56 26.29 49.92 29.35
C ALA C 56 27.69 50.11 29.91
N LEU C 57 27.77 50.71 31.10
CA LEU C 57 29.04 51.10 31.70
C LEU C 57 29.46 50.07 32.74
N TRP C 58 30.52 49.32 32.43
CA TRP C 58 31.16 48.47 33.42
C TRP C 58 32.30 49.23 34.09
N ASP C 59 32.74 48.72 35.24
CA ASP C 59 33.79 49.35 36.02
C ASP C 59 34.67 48.26 36.63
N THR C 60 35.98 48.49 36.63
CA THR C 60 36.95 47.52 37.14
C THR C 60 37.80 48.18 38.22
N ALA C 61 37.86 47.54 39.38
CA ALA C 61 38.76 47.92 40.46
C ALA C 61 39.64 46.73 40.82
N GLY C 62 40.78 47.02 41.44
CA GLY C 62 41.74 45.97 41.78
C GLY C 62 42.13 45.94 43.24
N GLN C 63 41.32 46.56 44.10
CA GLN C 63 41.73 46.77 45.48
C GLN C 63 41.84 45.44 46.24
N GLU C 64 40.80 44.61 46.20
CA GLU C 64 40.79 43.38 46.99
C GLU C 64 39.78 42.41 46.38
N ASP C 65 40.28 41.39 45.71
CA ASP C 65 39.60 40.21 45.14
C ASP C 65 38.87 40.57 43.85
N TYR C 66 38.85 41.85 43.46
CA TYR C 66 38.26 42.23 42.19
C TYR C 66 39.19 41.90 41.03
N ASP C 67 40.50 41.92 41.28
CA ASP C 67 41.46 41.63 40.23
C ASP C 67 41.29 40.21 39.69
N ARG C 68 40.91 39.28 40.56
CA ARG C 68 40.70 37.91 40.13
C ARG C 68 39.51 37.80 39.19
N LEU C 69 38.49 38.64 39.42
CA LEU C 69 37.28 38.64 38.62
C LEU C 69 37.28 39.69 37.52
N ARG C 70 38.35 40.48 37.39
CA ARG C 70 38.41 41.49 36.34
C ARG C 70 38.34 40.92 34.94
N PRO C 71 39.12 39.89 34.57
CA PRO C 71 39.08 39.41 33.17
C PRO C 71 37.68 39.16 32.65
N LEU C 72 36.76 38.81 33.57
CA LEU C 72 35.43 38.39 33.16
C LEU C 72 34.64 39.53 32.54
N SER C 73 35.04 40.79 32.79
CA SER C 73 34.32 41.93 32.24
C SER C 73 34.75 42.28 30.82
N TYR C 74 35.91 41.82 30.37
CA TYR C 74 36.46 42.16 29.06
C TYR C 74 35.70 41.56 27.87
N PRO C 75 35.06 40.39 27.96
CA PRO C 75 34.40 39.84 26.78
C PRO C 75 33.28 40.75 26.30
N ASP C 76 33.03 40.73 24.99
CA ASP C 76 32.00 41.55 24.35
C ASP C 76 32.10 43.03 24.75
N THR C 77 33.33 43.53 24.82
CA THR C 77 33.55 44.93 25.15
C THR C 77 33.60 45.70 23.84
N ASP C 78 32.89 46.83 23.74
CA ASP C 78 32.88 47.59 22.50
C ASP C 78 33.84 48.77 22.48
N VAL C 79 34.11 49.38 23.64
CA VAL C 79 34.98 50.54 23.76
C VAL C 79 35.51 50.67 25.18
N ILE C 80 36.74 51.19 25.28
CA ILE C 80 37.47 51.23 26.55
C ILE C 80 37.92 52.66 26.80
N LEU C 81 37.77 53.13 28.05
CA LEU C 81 38.44 54.35 28.48
C LEU C 81 39.55 53.95 29.45
N MET C 82 40.77 53.93 28.94
CA MET C 82 41.94 53.74 29.80
C MET C 82 42.21 55.06 30.52
N CYS C 83 42.15 55.04 31.86
CA CYS C 83 42.16 56.27 32.64
C CYS C 83 43.37 56.31 33.57
N PHE C 84 43.87 57.52 33.78
CA PHE C 84 44.96 57.75 34.71
C PHE C 84 44.81 59.15 35.32
N SER C 85 45.62 59.43 36.34
CA SER C 85 45.50 60.65 37.12
C SER C 85 46.53 61.67 36.69
N ILE C 86 46.08 62.92 36.53
CA ILE C 86 47.00 64.00 36.19
C ILE C 86 47.80 64.45 37.41
N ASP C 87 47.21 64.39 38.60
CA ASP C 87 47.88 64.77 39.83
C ASP C 87 48.69 63.63 40.44
N SER C 88 48.95 62.57 39.67
CA SER C 88 49.72 61.43 40.15
C SER C 88 50.53 60.89 38.99
N PRO C 89 51.79 61.32 38.86
CA PRO C 89 52.59 60.88 37.70
C PRO C 89 52.86 59.38 37.69
N ASP C 90 52.79 58.71 38.84
CA ASP C 90 53.06 57.28 38.87
C ASP C 90 52.09 56.49 38.00
N SER C 91 50.90 57.03 37.77
CA SER C 91 49.89 56.31 37.00
C SER C 91 50.31 56.17 35.54
N LEU C 92 50.98 57.17 34.98
CA LEU C 92 51.22 57.21 33.54
C LEU C 92 52.13 56.06 33.08
N GLU C 93 53.28 55.90 33.74
CA GLU C 93 54.30 55.00 33.20
C GLU C 93 53.88 53.54 33.27
N ASN C 94 52.91 53.20 34.13
CA ASN C 94 52.45 51.83 34.27
C ASN C 94 51.49 51.48 33.15
N ILE C 95 50.89 52.49 32.53
CA ILE C 95 49.96 52.24 31.43
C ILE C 95 50.63 51.43 30.32
N PRO C 96 51.76 51.85 29.76
CA PRO C 96 52.44 50.98 28.79
C PRO C 96 52.93 49.68 29.40
N GLU C 97 53.32 49.69 30.68
CA GLU C 97 53.97 48.52 31.27
C GLU C 97 53.00 47.37 31.50
N LYS C 98 51.87 47.64 32.17
CA LYS C 98 51.03 46.54 32.66
C LYS C 98 49.61 46.59 32.14
N TRP C 99 49.00 47.77 32.09
CA TRP C 99 47.60 47.87 31.70
C TRP C 99 47.42 47.48 30.23
N THR C 100 48.27 48.02 29.36
CA THR C 100 48.10 47.77 27.92
C THR C 100 48.17 46.31 27.53
N PRO C 101 49.18 45.53 27.95
CA PRO C 101 49.22 44.12 27.53
C PRO C 101 48.02 43.30 27.98
N GLU C 102 47.46 43.54 29.16
CA GLU C 102 46.27 42.78 29.56
C GLU C 102 45.08 43.12 28.66
N VAL C 103 44.93 44.40 28.34
CA VAL C 103 43.84 44.84 27.46
C VAL C 103 44.00 44.23 26.08
N LYS C 104 45.23 44.20 25.56
CA LYS C 104 45.47 43.58 24.26
C LYS C 104 45.21 42.08 24.33
N HIS C 105 45.62 41.43 25.42
CA HIS C 105 45.49 39.99 25.53
C HIS C 105 44.02 39.55 25.52
N PHE C 106 43.21 40.14 26.41
CA PHE C 106 41.86 39.61 26.59
C PHE C 106 40.93 40.07 25.46
N CYS C 107 41.10 41.30 24.98
CA CYS C 107 40.18 41.88 24.01
C CYS C 107 40.97 42.75 23.05
N PRO C 108 41.42 42.19 21.93
CA PRO C 108 42.14 42.97 20.93
C PRO C 108 41.20 43.60 19.90
N ASN C 109 41.77 44.48 19.08
CA ASN C 109 41.07 45.20 18.03
C ASN C 109 39.90 45.98 18.59
N VAL C 110 40.10 46.60 19.75
CA VAL C 110 39.05 47.40 20.37
C VAL C 110 39.49 48.86 20.48
N PRO C 111 38.55 49.80 20.29
CA PRO C 111 38.96 51.22 20.40
C PRO C 111 39.33 51.57 21.84
N ILE C 112 40.29 52.47 22.01
CA ILE C 112 40.73 52.85 23.36
C ILE C 112 40.91 54.37 23.48
N ILE C 113 40.34 54.99 24.52
CA ILE C 113 40.50 56.43 24.75
C ILE C 113 41.33 56.58 26.02
N LEU C 114 42.51 57.17 25.89
CA LEU C 114 43.38 57.42 27.04
C LEU C 114 43.04 58.79 27.62
N VAL C 115 42.67 58.82 28.90
CA VAL C 115 42.21 60.04 29.54
C VAL C 115 42.96 60.28 30.83
N GLY C 116 43.17 61.56 31.15
CA GLY C 116 43.76 61.98 32.41
C GLY C 116 42.78 62.82 33.21
N ASN C 117 42.52 62.43 34.45
CA ASN C 117 41.43 62.99 35.22
C ASN C 117 41.91 64.11 36.15
N LYS C 118 40.95 64.89 36.62
CA LYS C 118 41.16 65.93 37.64
C LYS C 118 42.20 66.95 37.19
N LYS C 119 41.83 67.72 36.16
CA LYS C 119 42.69 68.82 35.72
C LYS C 119 42.89 69.85 36.84
N ASP C 120 41.92 69.97 37.75
CA ASP C 120 42.01 70.99 38.78
C ASP C 120 43.23 70.79 39.69
N LEU C 121 43.60 69.55 39.96
CA LEU C 121 44.63 69.27 40.96
C LEU C 121 46.04 69.57 40.46
N ARG C 122 46.26 69.66 39.15
CA ARG C 122 47.61 69.94 38.67
C ARG C 122 48.06 71.35 39.06
N ASN C 123 47.13 72.30 39.11
CA ASN C 123 47.43 73.66 39.54
C ASN C 123 47.25 73.86 41.03
N ASP C 124 46.79 72.84 41.76
CA ASP C 124 46.59 72.96 43.19
C ASP C 124 47.94 73.14 43.90
N GLU C 125 47.95 74.02 44.90
CA GLU C 125 49.19 74.28 45.63
C GLU C 125 49.65 73.05 46.41
N HIS C 126 48.71 72.35 47.05
CA HIS C 126 49.08 71.20 47.86
C HIS C 126 49.71 70.10 47.00
N THR C 127 49.06 69.75 45.90
CA THR C 127 49.61 68.70 45.03
C THR C 127 50.92 69.15 44.40
N ARG C 128 51.01 70.42 44.00
CA ARG C 128 52.26 70.92 43.41
C ARG C 128 53.41 70.81 44.41
N ARG C 129 53.17 71.22 45.67
CA ARG C 129 54.21 71.11 46.68
C ARG C 129 54.57 69.65 46.96
N GLU C 130 53.56 68.78 47.02
CA GLU C 130 53.83 67.37 47.28
C GLU C 130 54.69 66.77 46.19
N LEU C 131 54.39 67.08 44.92
CA LEU C 131 55.19 66.56 43.82
C LEU C 131 56.58 67.18 43.83
N ALA C 132 56.69 68.48 44.14
CA ALA C 132 57.99 69.12 44.20
C ALA C 132 58.84 68.56 45.34
N LYS C 133 58.21 67.99 46.37
CA LYS C 133 58.99 67.37 47.44
C LYS C 133 59.88 66.25 46.91
N MET C 134 59.44 65.57 45.86
CA MET C 134 60.22 64.52 45.22
C MET C 134 60.82 64.97 43.89
N LYS C 135 60.96 66.28 43.69
CA LYS C 135 61.49 66.82 42.45
C LYS C 135 60.65 66.37 41.26
N GLN C 136 59.35 66.32 41.44
CA GLN C 136 58.40 65.91 40.42
C GLN C 136 57.48 67.06 40.06
N GLU C 137 56.70 66.85 38.99
CA GLU C 137 55.73 67.82 38.52
C GLU C 137 54.50 67.07 38.05
N PRO C 138 53.33 67.72 38.03
CA PRO C 138 52.13 67.05 37.52
C PRO C 138 52.30 66.66 36.06
N VAL C 139 51.56 65.63 35.65
CA VAL C 139 51.65 65.10 34.29
C VAL C 139 51.34 66.23 33.32
N LYS C 140 52.31 66.57 32.47
CA LYS C 140 52.12 67.63 31.50
C LYS C 140 51.20 67.16 30.38
N PRO C 141 50.39 68.07 29.81
CA PRO C 141 49.58 67.68 28.65
C PRO C 141 50.39 67.15 27.49
N GLU C 142 51.60 67.68 27.27
CA GLU C 142 52.44 67.18 26.19
C GLU C 142 52.75 65.70 26.36
N GLU C 143 53.04 65.28 27.60
CA GLU C 143 53.32 63.87 27.84
C GLU C 143 52.11 63.00 27.55
N GLY C 144 50.92 63.46 27.93
CA GLY C 144 49.71 62.72 27.62
C GLY C 144 49.47 62.61 26.13
N ARG C 145 49.68 63.71 25.39
CA ARG C 145 49.53 63.66 23.95
C ARG C 145 50.50 62.67 23.33
N ASP C 146 51.76 62.70 23.80
CA ASP C 146 52.77 61.77 23.31
C ASP C 146 52.39 60.33 23.60
N MET C 147 51.87 60.07 24.81
CA MET C 147 51.44 58.72 25.14
C MET C 147 50.29 58.27 24.26
N ALA C 148 49.33 59.16 24.01
CA ALA C 148 48.19 58.82 23.18
C ALA C 148 48.65 58.45 21.78
N ASN C 149 49.60 59.20 21.23
CA ASN C 149 50.21 58.79 19.97
C ASN C 149 50.98 57.47 20.12
N ARG C 150 51.59 57.26 21.28
CA ARG C 150 52.53 56.16 21.46
C ARG C 150 51.82 54.80 21.48
N ILE C 151 50.69 54.72 22.18
CA ILE C 151 50.05 53.42 22.42
C ILE C 151 48.77 53.25 21.61
N GLY C 152 48.60 54.01 20.54
CA GLY C 152 47.50 53.80 19.62
C GLY C 152 46.17 54.35 20.09
N ALA C 153 46.17 55.34 20.98
CA ALA C 153 44.93 55.86 21.51
C ALA C 153 44.06 56.45 20.39
N PHE C 154 42.74 56.27 20.53
CA PHE C 154 41.79 56.83 19.59
C PHE C 154 41.59 58.32 19.83
N GLY C 155 41.72 58.76 21.08
CA GLY C 155 41.64 60.17 21.41
C GLY C 155 42.09 60.39 22.83
N TYR C 156 42.47 61.63 23.12
CA TYR C 156 43.01 62.01 24.42
C TYR C 156 42.30 63.26 24.92
N MET C 157 41.59 63.13 26.04
CA MET C 157 40.95 64.27 26.67
C MET C 157 41.30 64.33 28.15
N GLU C 158 40.70 65.28 28.88
CA GLU C 158 40.90 65.42 30.31
C GLU C 158 39.55 65.68 30.96
N CYS C 159 39.35 65.11 32.15
CA CYS C 159 38.10 65.20 32.88
C CYS C 159 38.31 65.91 34.20
N SER C 160 37.19 66.32 34.81
CA SER C 160 37.20 66.93 36.13
C SER C 160 35.84 66.63 36.77
N ALA C 161 35.81 65.61 37.63
CA ALA C 161 34.55 65.17 38.20
C ALA C 161 33.95 66.23 39.12
N LYS C 162 34.78 66.91 39.91
CA LYS C 162 34.28 67.91 40.83
C LYS C 162 33.59 69.05 40.09
N THR C 163 34.18 69.51 39.00
CA THR C 163 33.65 70.63 38.23
C THR C 163 32.84 70.19 37.01
N LYS C 164 32.71 68.88 36.78
CA LYS C 164 31.91 68.37 35.66
C LYS C 164 32.36 68.97 34.33
N ASP C 165 33.68 69.05 34.12
CA ASP C 165 34.24 69.63 32.91
C ASP C 165 34.63 68.53 31.93
N GLY C 166 34.01 68.56 30.75
CA GLY C 166 34.41 67.69 29.66
C GLY C 166 33.92 66.27 29.73
N VAL C 167 33.08 65.92 30.71
CA VAL C 167 32.59 64.55 30.79
C VAL C 167 31.68 64.24 29.60
N ARG C 168 30.76 65.15 29.29
CA ARG C 168 29.81 64.90 28.20
C ARG C 168 30.55 64.68 26.88
N GLU C 169 31.49 65.56 26.55
CA GLU C 169 32.23 65.41 25.31
C GLU C 169 33.08 64.14 25.32
N VAL C 170 33.66 63.81 26.48
CA VAL C 170 34.52 62.64 26.56
C VAL C 170 33.71 61.38 26.24
N PHE C 171 32.56 61.22 26.89
CA PHE C 171 31.75 60.03 26.63
C PHE C 171 31.10 60.08 25.25
N GLU C 172 30.82 61.28 24.73
CA GLU C 172 30.33 61.38 23.37
C GLU C 172 31.35 60.81 22.39
N MET C 173 32.61 61.25 22.51
CA MET C 173 33.65 60.70 21.64
C MET C 173 33.86 59.21 21.90
N ALA C 174 33.70 58.76 23.15
CA ALA C 174 33.83 57.35 23.44
C ALA C 174 32.80 56.53 22.66
N THR C 175 31.54 56.96 22.67
CA THR C 175 30.51 56.22 21.94
C THR C 175 30.65 56.41 20.43
N ARG C 176 31.14 57.55 19.98
CA ARG C 176 31.44 57.73 18.56
C ARG C 176 32.49 56.74 18.09
N ALA C 177 33.53 56.54 18.89
CA ALA C 177 34.54 55.54 18.55
C ALA C 177 33.95 54.14 18.60
N ALA C 178 33.08 53.88 19.58
CA ALA C 178 32.48 52.56 19.71
C ALA C 178 31.64 52.20 18.48
N LEU C 179 30.91 53.18 17.94
CA LEU C 179 29.99 52.89 16.83
C LEU C 179 30.74 52.48 15.57
N GLN C 180 32.00 52.86 15.45
CA GLN C 180 32.77 52.39 14.32
C GLN C 180 32.96 50.87 14.53
N ALA C 181 32.82 50.05 13.48
CA ALA C 181 32.98 48.60 13.55
C ALA C 181 34.32 48.17 12.96
N ARG C 182 35.40 48.79 13.42
CA ARG C 182 36.75 48.39 13.03
C ARG C 182 36.90 48.37 11.51
N ARG C 183 37.88 47.62 11.00
CA ARG C 183 38.10 47.50 9.55
C ARG C 183 38.30 46.02 9.20
N GLY C 184 37.20 45.30 9.01
CA GLY C 184 37.28 43.94 8.48
C GLY C 184 38.19 43.05 9.30
N LYS C 185 39.08 42.34 8.61
CA LYS C 185 40.07 41.48 9.24
C LYS C 185 41.42 41.69 8.57
N LYS C 186 42.51 41.52 9.31
CA LYS C 186 43.85 41.71 8.76
C LYS C 186 44.60 40.37 8.70
N LYS C 187 45.25 40.07 7.57
CA LYS C 187 45.95 38.80 7.37
C LYS C 187 45.05 37.61 7.72
N SER C 188 43.78 37.71 7.38
CA SER C 188 42.82 36.64 7.68
C SER C 188 43.28 35.40 6.91
N GLY C 189 43.38 34.20 7.57
CA GLY C 189 43.84 32.94 7.03
C GLY C 189 43.03 32.52 5.81
N CYS C 190 43.70 31.82 4.90
CA CYS C 190 43.05 31.29 3.70
C CYS C 190 42.10 30.16 4.05
N MET D 1 16.22 -14.84 56.18
CA MET D 1 15.77 -13.93 55.10
C MET D 1 14.52 -14.47 54.44
N ALA D 2 14.72 -15.36 53.47
CA ALA D 2 13.65 -16.13 52.86
C ALA D 2 13.93 -17.59 53.14
N ALA D 3 13.03 -18.25 53.87
CA ALA D 3 13.29 -19.61 54.29
C ALA D 3 13.41 -20.52 53.07
N ILE D 4 14.33 -21.47 53.13
CA ILE D 4 14.54 -22.39 52.03
C ILE D 4 13.88 -23.71 52.33
N ARG D 5 13.22 -24.30 51.34
CA ARG D 5 12.44 -25.51 51.53
C ARG D 5 13.27 -26.72 51.16
N LYS D 6 13.46 -27.63 52.12
CA LYS D 6 14.23 -28.84 51.92
C LYS D 6 13.38 -30.07 52.25
N LYS D 7 13.51 -31.10 51.42
CA LYS D 7 12.69 -32.31 51.51
C LYS D 7 13.46 -33.38 52.27
N LEU D 8 12.90 -33.86 53.39
CA LEU D 8 13.48 -34.91 54.19
C LEU D 8 12.56 -36.13 54.21
N VAL D 9 13.15 -37.31 54.00
CA VAL D 9 12.38 -38.56 53.92
C VAL D 9 12.99 -39.60 54.84
N ILE D 10 12.13 -40.42 55.44
CA ILE D 10 12.54 -41.42 56.43
C ILE D 10 12.22 -42.80 55.83
N VAL D 11 13.21 -43.69 55.80
CA VAL D 11 12.99 -45.07 55.35
C VAL D 11 13.64 -46.03 56.34
N GLY D 12 12.86 -46.94 56.89
CA GLY D 12 13.37 -47.95 57.79
C GLY D 12 12.35 -49.03 58.05
N ASP D 13 12.83 -50.13 58.67
CA ASP D 13 11.93 -51.21 59.05
C ASP D 13 10.88 -50.72 60.04
N GLY D 14 9.75 -51.42 60.07
CA GLY D 14 8.69 -51.06 61.00
C GLY D 14 9.12 -51.19 62.45
N ALA D 15 8.45 -50.42 63.29
CA ALA D 15 8.61 -50.48 64.75
C ALA D 15 9.98 -50.03 65.21
N CYS D 16 10.74 -49.31 64.39
CA CYS D 16 12.04 -48.80 64.79
C CYS D 16 11.99 -47.36 65.28
N GLY D 17 10.81 -46.73 65.31
CA GLY D 17 10.66 -45.41 65.86
C GLY D 17 10.70 -44.26 64.87
N LYS D 18 10.56 -44.54 63.58
CA LYS D 18 10.62 -43.47 62.57
C LYS D 18 9.53 -42.44 62.82
N THR D 19 8.27 -42.91 62.90
CA THR D 19 7.15 -42.01 63.09
C THR D 19 7.24 -41.31 64.44
N CYS D 20 7.64 -42.04 65.48
CA CYS D 20 7.78 -41.42 66.80
C CYS D 20 8.92 -40.41 66.80
N LEU D 21 10.01 -40.71 66.08
CA LEU D 21 11.10 -39.75 65.96
C LEU D 21 10.62 -38.45 65.34
N LEU D 22 9.93 -38.53 64.21
CA LEU D 22 9.40 -37.32 63.59
C LEU D 22 8.41 -36.61 64.50
N ILE D 23 7.58 -37.37 65.21
CA ILE D 23 6.56 -36.75 66.06
C ILE D 23 7.23 -35.97 67.19
N VAL D 24 8.20 -36.58 67.86
CA VAL D 24 8.92 -35.90 68.93
C VAL D 24 9.63 -34.67 68.38
N PHE D 25 10.16 -34.76 67.15
CA PHE D 25 10.72 -33.58 66.51
C PHE D 25 9.67 -32.50 66.33
N SER D 26 8.43 -32.90 66.02
CA SER D 26 7.41 -31.93 65.60
C SER D 26 6.84 -31.15 66.77
N LYS D 27 6.16 -31.85 67.70
CA LYS D 27 5.50 -31.20 68.82
C LYS D 27 6.26 -31.33 70.13
N ASP D 28 7.35 -32.09 70.17
CA ASP D 28 8.15 -32.25 71.38
C ASP D 28 7.33 -32.80 72.54
N GLN D 29 6.33 -33.63 72.22
CA GLN D 29 5.49 -34.27 73.23
C GLN D 29 5.25 -35.71 72.81
N PHE D 30 5.76 -36.65 73.60
CA PHE D 30 5.66 -38.06 73.26
C PHE D 30 4.20 -38.51 73.33
N PRO D 31 3.62 -39.07 72.26
CA PRO D 31 2.26 -39.59 72.34
C PRO D 31 2.24 -40.94 73.05
N GLU D 32 1.62 -40.98 74.22
CA GLU D 32 1.59 -42.18 75.04
C GLU D 32 0.39 -43.08 74.77
N VAL D 33 -0.54 -42.66 73.91
CA VAL D 33 -1.78 -43.39 73.65
C VAL D 33 -1.93 -43.74 72.17
N TYR D 34 -1.76 -42.75 71.29
CA TYR D 34 -2.07 -42.91 69.87
C TYR D 34 -0.87 -42.48 69.03
N VAL D 35 -0.42 -43.36 68.14
CA VAL D 35 0.64 -43.05 67.20
C VAL D 35 0.14 -43.43 65.80
N PRO D 36 0.02 -42.47 64.87
CA PRO D 36 -0.39 -42.82 63.52
C PRO D 36 0.65 -43.69 62.83
N THR D 37 0.18 -44.48 61.86
CA THR D 37 1.09 -45.29 61.07
C THR D 37 2.07 -44.42 60.29
N VAL D 38 1.70 -43.19 59.98
CA VAL D 38 2.55 -42.27 59.23
C VAL D 38 2.29 -40.86 59.72
N PHE D 39 3.32 -40.03 59.69
CA PHE D 39 3.23 -38.61 60.01
C PHE D 39 3.41 -37.84 58.71
N GLU D 40 2.39 -37.08 58.32
CA GLU D 40 2.27 -36.61 56.95
C GLU D 40 2.02 -35.11 56.90
N ASN D 41 2.28 -34.53 55.74
CA ASN D 41 2.03 -33.12 55.49
C ASN D 41 2.48 -32.16 56.57
N TYR D 42 3.74 -32.25 56.98
CA TYR D 42 4.27 -31.32 57.97
C TYR D 42 5.56 -30.69 57.47
N VAL D 43 5.70 -29.40 57.81
CA VAL D 43 6.90 -28.61 57.55
C VAL D 43 7.30 -27.94 58.84
N ALA D 44 8.58 -28.08 59.22
CA ALA D 44 9.10 -27.52 60.47
C ALA D 44 10.16 -26.47 60.17
N ASP D 45 10.29 -25.51 61.08
CA ASP D 45 11.25 -24.42 60.93
C ASP D 45 12.51 -24.73 61.74
N ILE D 46 13.67 -24.63 61.11
CA ILE D 46 14.93 -24.92 61.79
C ILE D 46 15.99 -23.93 61.30
N GLU D 47 16.85 -23.49 62.24
CA GLU D 47 17.98 -22.64 61.93
C GLU D 47 19.24 -23.31 62.47
N VAL D 48 20.26 -23.41 61.62
CA VAL D 48 21.50 -24.10 61.99
C VAL D 48 22.68 -23.15 61.97
N ASP D 49 22.92 -22.48 60.84
CA ASP D 49 24.02 -21.53 60.71
C ASP D 49 23.53 -20.34 59.89
N GLY D 50 22.91 -19.37 60.56
CA GLY D 50 22.48 -18.14 59.92
C GLY D 50 21.45 -18.32 58.82
N LYS D 51 21.05 -19.56 58.55
CA LYS D 51 20.11 -19.87 57.49
C LYS D 51 18.84 -20.45 58.09
N GLN D 52 17.69 -20.06 57.54
CA GLN D 52 16.40 -20.52 58.02
C GLN D 52 15.78 -21.47 56.99
N VAL D 53 15.47 -22.68 57.44
CA VAL D 53 15.10 -23.76 56.55
C VAL D 53 13.76 -24.33 57.01
N GLU D 54 12.83 -24.45 56.06
CA GLU D 54 11.60 -25.18 56.26
C GLU D 54 11.83 -26.61 55.75
N LEU D 55 11.80 -27.56 56.67
CA LEU D 55 12.03 -28.97 56.37
C LEU D 55 10.68 -29.65 56.25
N ALA D 56 10.38 -30.16 55.05
CA ALA D 56 9.15 -30.91 54.81
C ALA D 56 9.45 -32.38 55.08
N LEU D 57 8.80 -32.94 56.10
CA LEU D 57 9.10 -34.29 56.57
C LEU D 57 8.09 -35.27 56.00
N TRP D 58 8.54 -36.13 55.10
CA TRP D 58 7.75 -37.27 54.66
C TRP D 58 8.07 -38.49 55.51
N ASP D 59 7.17 -39.47 55.46
CA ASP D 59 7.32 -40.70 56.24
C ASP D 59 6.84 -41.87 55.41
N THR D 60 7.57 -42.99 55.51
CA THR D 60 7.26 -44.19 54.74
C THR D 60 7.07 -45.37 55.68
N ALA D 61 5.94 -46.05 55.56
CA ALA D 61 5.68 -47.31 56.25
C ALA D 61 5.36 -48.38 55.22
N GLY D 62 5.54 -49.64 55.62
CA GLY D 62 5.33 -50.75 54.72
C GLY D 62 4.35 -51.80 55.23
N GLN D 63 3.54 -51.43 56.21
CA GLN D 63 2.73 -52.43 56.91
C GLN D 63 1.67 -53.05 56.00
N GLU D 64 0.87 -52.22 55.32
CA GLU D 64 -0.23 -52.73 54.52
C GLU D 64 -0.61 -51.67 53.48
N ASP D 65 -0.24 -51.91 52.23
CA ASP D 65 -0.59 -51.19 50.99
C ASP D 65 0.22 -49.90 50.88
N TYR D 66 1.01 -49.54 51.90
CA TYR D 66 1.87 -48.37 51.78
C TYR D 66 3.10 -48.68 50.94
N ASP D 67 3.55 -49.93 50.94
CA ASP D 67 4.72 -50.30 50.16
C ASP D 67 4.50 -50.06 48.67
N ARG D 68 3.27 -50.26 48.20
CA ARG D 68 2.97 -50.03 46.79
C ARG D 68 3.10 -48.56 46.43
N LEU D 69 2.76 -47.69 47.39
CA LEU D 69 2.79 -46.25 47.18
C LEU D 69 4.06 -45.60 47.71
N ARG D 70 4.99 -46.37 48.27
CA ARG D 70 6.23 -45.81 48.78
C ARG D 70 7.08 -45.14 47.69
N PRO D 71 7.34 -45.77 46.54
CA PRO D 71 8.23 -45.13 45.55
C PRO D 71 7.86 -43.69 45.25
N LEU D 72 6.57 -43.37 45.37
CA LEU D 72 6.08 -42.06 44.95
C LEU D 72 6.63 -40.94 45.83
N SER D 73 7.12 -41.26 47.03
CA SER D 73 7.64 -40.24 47.92
C SER D 73 9.10 -39.88 47.64
N TYR D 74 9.83 -40.74 46.94
CA TYR D 74 11.26 -40.55 46.67
C TYR D 74 11.60 -39.39 45.72
N PRO D 75 10.75 -39.02 44.75
CA PRO D 75 11.15 -37.94 43.84
C PRO D 75 11.35 -36.63 44.59
N ASP D 76 12.23 -35.79 44.05
CA ASP D 76 12.56 -34.50 44.66
C ASP D 76 12.87 -34.60 46.15
N THR D 77 13.60 -35.64 46.53
CA THR D 77 14.00 -35.82 47.92
C THR D 77 15.35 -35.15 48.09
N ASP D 78 15.53 -34.35 49.15
CA ASP D 78 16.79 -33.66 49.35
C ASP D 78 17.74 -34.34 50.34
N VAL D 79 17.19 -35.06 51.33
CA VAL D 79 17.98 -35.73 52.36
C VAL D 79 17.16 -36.86 52.99
N ILE D 80 17.88 -37.92 53.39
CA ILE D 80 17.26 -39.15 53.86
C ILE D 80 17.83 -39.48 55.23
N LEU D 81 16.96 -39.89 56.16
CA LEU D 81 17.42 -40.54 57.39
C LEU D 81 17.05 -42.02 57.30
N MET D 82 18.03 -42.84 56.96
CA MET D 82 17.84 -44.28 57.04
C MET D 82 17.93 -44.71 58.49
N CYS D 83 16.85 -45.29 59.02
CA CYS D 83 16.71 -45.53 60.45
C CYS D 83 16.59 -47.02 60.75
N PHE D 84 17.14 -47.42 61.89
CA PHE D 84 17.02 -48.79 62.38
C PHE D 84 17.01 -48.78 63.89
N SER D 85 16.72 -49.93 64.49
CA SER D 85 16.52 -50.06 65.92
C SER D 85 17.76 -50.63 66.59
N ILE D 86 18.15 -50.01 67.71
CA ILE D 86 19.29 -50.52 68.48
C ILE D 86 18.89 -51.75 69.29
N ASP D 87 17.64 -51.80 69.77
CA ASP D 87 17.15 -52.93 70.54
C ASP D 87 16.63 -54.06 69.66
N SER D 88 16.94 -54.04 68.37
CA SER D 88 16.48 -55.09 67.45
C SER D 88 17.58 -55.31 66.41
N PRO D 89 18.47 -56.28 66.65
CA PRO D 89 19.58 -56.49 65.71
C PRO D 89 19.14 -56.89 64.31
N ASP D 90 17.94 -57.45 64.16
CA ASP D 90 17.49 -57.88 62.83
C ASP D 90 17.39 -56.71 61.86
N SER D 91 17.21 -55.50 62.38
CA SER D 91 17.05 -54.34 61.51
C SER D 91 18.34 -54.01 60.75
N LEU D 92 19.49 -54.23 61.39
CA LEU D 92 20.75 -53.75 60.82
C LEU D 92 21.10 -54.45 59.52
N GLU D 93 21.08 -55.79 59.52
CA GLU D 93 21.64 -56.53 58.39
C GLU D 93 20.81 -56.37 57.12
N ASN D 94 19.54 -55.97 57.24
CA ASN D 94 18.68 -55.80 56.10
C ASN D 94 18.96 -54.48 55.41
N ILE D 95 19.54 -53.54 56.16
CA ILE D 95 19.85 -52.23 55.56
C ILE D 95 20.74 -52.38 54.33
N PRO D 96 21.89 -53.05 54.39
CA PRO D 96 22.64 -53.29 53.14
C PRO D 96 21.89 -54.17 52.14
N GLU D 97 21.08 -55.10 52.63
CA GLU D 97 20.48 -56.09 51.74
C GLU D 97 19.37 -55.49 50.87
N LYS D 98 18.40 -54.80 51.48
CA LYS D 98 17.20 -54.44 50.75
C LYS D 98 16.93 -52.93 50.72
N TRP D 99 17.15 -52.25 51.84
CA TRP D 99 16.80 -50.83 51.90
C TRP D 99 17.71 -50.01 50.98
N THR D 100 19.01 -50.27 51.04
CA THR D 100 19.96 -49.46 50.27
C THR D 100 19.74 -49.52 48.77
N PRO D 101 19.59 -50.69 48.13
CA PRO D 101 19.39 -50.69 46.67
C PRO D 101 18.14 -49.96 46.21
N GLU D 102 17.04 -50.01 46.95
CA GLU D 102 15.86 -49.25 46.52
C GLU D 102 16.11 -47.76 46.59
N VAL D 103 16.79 -47.31 47.66
CA VAL D 103 17.13 -45.90 47.81
C VAL D 103 18.05 -45.45 46.68
N LYS D 104 19.04 -46.28 46.34
CA LYS D 104 19.93 -45.94 45.23
C LYS D 104 19.17 -45.92 43.90
N HIS D 105 18.26 -46.88 43.71
CA HIS D 105 17.55 -46.99 42.45
C HIS D 105 16.68 -45.76 42.20
N PHE D 106 15.81 -45.41 43.15
CA PHE D 106 14.82 -44.37 42.86
C PHE D 106 15.42 -42.98 42.92
N CYS D 107 16.36 -42.75 43.84
CA CYS D 107 16.90 -41.41 44.07
C CYS D 107 18.39 -41.54 44.41
N PRO D 108 19.26 -41.46 43.40
CA PRO D 108 20.70 -41.51 43.66
C PRO D 108 21.29 -40.13 43.91
N ASN D 109 22.55 -40.14 44.33
CA ASN D 109 23.32 -38.94 44.65
C ASN D 109 22.62 -38.10 45.69
N VAL D 110 22.05 -38.74 46.69
CA VAL D 110 21.36 -38.03 47.76
C VAL D 110 22.05 -38.29 49.10
N PRO D 111 22.13 -37.28 49.97
CA PRO D 111 22.79 -37.51 51.26
C PRO D 111 21.98 -38.47 52.12
N ILE D 112 22.65 -39.29 52.94
CA ILE D 112 21.96 -40.26 53.77
C ILE D 112 22.55 -40.30 55.20
N ILE D 113 21.69 -40.24 56.22
CA ILE D 113 22.15 -40.31 57.61
C ILE D 113 21.62 -41.61 58.18
N LEU D 114 22.52 -42.52 58.56
CA LEU D 114 22.14 -43.78 59.17
C LEU D 114 22.06 -43.61 60.68
N VAL D 115 20.89 -43.90 61.25
CA VAL D 115 20.63 -43.64 62.66
C VAL D 115 20.08 -44.89 63.31
N GLY D 116 20.43 -45.07 64.59
CA GLY D 116 19.89 -46.13 65.42
C GLY D 116 19.12 -45.57 66.59
N ASN D 117 17.87 -45.98 66.75
CA ASN D 117 16.96 -45.34 67.68
C ASN D 117 16.91 -46.05 69.02
N LYS D 118 16.36 -45.35 70.02
CA LYS D 118 16.07 -45.90 71.34
C LYS D 118 17.33 -46.47 72.01
N LYS D 119 18.26 -45.56 72.33
CA LYS D 119 19.44 -45.97 73.08
C LYS D 119 19.07 -46.55 74.44
N ASP D 120 17.94 -46.13 75.01
CA ASP D 120 17.58 -46.58 76.34
C ASP D 120 17.36 -48.09 76.41
N LEU D 121 16.85 -48.69 75.35
CA LEU D 121 16.46 -50.10 75.40
C LEU D 121 17.65 -51.06 75.35
N ARG D 122 18.82 -50.61 74.88
CA ARG D 122 19.95 -51.53 74.82
C ARG D 122 20.41 -51.93 76.22
N ASN D 123 20.29 -51.04 77.20
CA ASN D 123 20.63 -51.33 78.57
C ASN D 123 19.45 -51.88 79.37
N ASP D 124 18.26 -51.93 78.77
CA ASP D 124 17.09 -52.43 79.48
C ASP D 124 17.25 -53.92 79.79
N GLU D 125 16.83 -54.31 81.00
CA GLU D 125 16.95 -55.70 81.41
C GLU D 125 16.08 -56.62 80.56
N HIS D 126 14.86 -56.18 80.25
CA HIS D 126 13.95 -57.04 79.49
C HIS D 126 14.50 -57.31 78.09
N THR D 127 14.91 -56.26 77.39
CA THR D 127 15.45 -56.44 76.04
C THR D 127 16.75 -57.24 76.07
N ARG D 128 17.61 -56.98 77.07
CA ARG D 128 18.86 -57.71 77.17
C ARG D 128 18.59 -59.20 77.36
N ARG D 129 17.65 -59.55 78.25
CA ARG D 129 17.32 -60.95 78.47
C ARG D 129 16.70 -61.57 77.21
N GLU D 130 15.83 -60.83 76.53
CA GLU D 130 15.20 -61.35 75.32
C GLU D 130 16.24 -61.65 74.25
N LEU D 131 17.21 -60.75 74.07
CA LEU D 131 18.26 -60.98 73.09
C LEU D 131 19.17 -62.13 73.52
N ALA D 132 19.48 -62.22 74.81
CA ALA D 132 20.31 -63.30 75.31
C ALA D 132 19.61 -64.65 75.19
N LYS D 133 18.28 -64.67 75.13
CA LYS D 133 17.57 -65.93 74.91
C LYS D 133 17.98 -66.58 73.60
N MET D 134 18.32 -65.77 72.59
CA MET D 134 18.79 -66.27 71.30
C MET D 134 20.30 -66.11 71.14
N LYS D 135 21.04 -65.99 72.24
CA LYS D 135 22.48 -65.78 72.20
C LYS D 135 22.83 -64.55 71.38
N GLN D 136 22.03 -63.50 71.54
CA GLN D 136 22.22 -62.24 70.84
C GLN D 136 22.51 -61.13 71.83
N GLU D 137 22.89 -59.96 71.29
CA GLU D 137 23.16 -58.78 72.08
C GLU D 137 22.65 -57.57 71.32
N PRO D 138 22.35 -56.47 72.01
CA PRO D 138 21.91 -55.26 71.30
C PRO D 138 22.99 -54.75 70.36
N VAL D 139 22.54 -54.04 69.32
CA VAL D 139 23.45 -53.53 68.29
C VAL D 139 24.51 -52.66 68.97
N LYS D 140 25.77 -53.07 68.85
CA LYS D 140 26.85 -52.31 69.45
C LYS D 140 27.11 -51.02 68.66
N PRO D 141 27.52 -49.95 69.34
CA PRO D 141 27.87 -48.73 68.59
C PRO D 141 28.97 -48.94 67.57
N GLU D 142 29.93 -49.83 67.85
CA GLU D 142 31.00 -50.10 66.90
C GLU D 142 30.42 -50.63 65.58
N GLU D 143 29.44 -51.52 65.67
CA GLU D 143 28.83 -52.06 64.45
C GLU D 143 28.14 -50.96 63.66
N GLY D 144 27.44 -50.05 64.35
CA GLY D 144 26.81 -48.95 63.65
C GLY D 144 27.82 -48.04 62.97
N ARG D 145 28.93 -47.75 63.67
CA ARG D 145 29.97 -46.91 63.06
C ARG D 145 30.54 -47.60 61.83
N ASP D 146 30.79 -48.91 61.91
CA ASP D 146 31.30 -49.66 60.78
C ASP D 146 30.32 -49.64 59.62
N MET D 147 29.03 -49.80 59.91
CA MET D 147 28.03 -49.75 58.85
C MET D 147 27.99 -48.37 58.19
N ALA D 148 28.07 -47.32 59.00
CA ALA D 148 28.05 -45.97 58.47
C ALA D 148 29.21 -45.74 57.52
N ASN D 149 30.39 -46.23 57.90
CA ASN D 149 31.52 -46.20 56.97
C ASN D 149 31.26 -47.09 55.76
N ARG D 150 30.56 -48.21 55.97
CA ARG D 150 30.44 -49.24 54.95
C ARG D 150 29.56 -48.80 53.79
N ILE D 151 28.43 -48.16 54.08
CA ILE D 151 27.42 -47.87 53.05
C ILE D 151 27.37 -46.39 52.71
N GLY D 152 28.43 -45.64 52.99
CA GLY D 152 28.53 -44.26 52.53
C GLY D 152 27.75 -43.26 53.34
N ALA D 153 27.44 -43.57 54.59
CA ALA D 153 26.62 -42.67 55.40
C ALA D 153 27.30 -41.32 55.58
N PHE D 154 26.49 -40.27 55.57
CA PHE D 154 26.99 -38.92 55.81
C PHE D 154 27.28 -38.67 57.28
N GLY D 155 26.54 -39.34 58.16
CA GLY D 155 26.79 -39.27 59.59
C GLY D 155 25.97 -40.30 60.32
N TYR D 156 26.42 -40.62 61.53
CA TYR D 156 25.80 -41.67 62.34
C TYR D 156 25.55 -41.14 63.75
N MET D 157 24.29 -41.08 64.14
CA MET D 157 23.92 -40.67 65.50
C MET D 157 22.96 -41.68 66.10
N GLU D 158 22.47 -41.39 67.31
CA GLU D 158 21.50 -42.23 68.00
C GLU D 158 20.44 -41.34 68.61
N CYS D 159 19.19 -41.80 68.58
CA CYS D 159 18.05 -41.05 69.07
C CYS D 159 17.39 -41.78 70.23
N SER D 160 16.53 -41.04 70.94
CA SER D 160 15.74 -41.61 72.03
C SER D 160 14.46 -40.76 72.13
N ALA D 161 13.38 -41.27 71.55
CA ALA D 161 12.15 -40.50 71.49
C ALA D 161 11.55 -40.29 72.88
N LYS D 162 11.60 -41.31 73.73
CA LYS D 162 11.02 -41.20 75.06
C LYS D 162 11.71 -40.10 75.87
N THR D 163 13.04 -40.04 75.80
CA THR D 163 13.82 -39.08 76.57
C THR D 163 14.21 -37.84 75.75
N LYS D 164 13.83 -37.77 74.48
CA LYS D 164 14.11 -36.61 73.64
C LYS D 164 15.61 -36.29 73.63
N ASP D 165 16.44 -37.33 73.49
CA ASP D 165 17.89 -37.17 73.49
C ASP D 165 18.41 -37.17 72.07
N GLY D 166 19.05 -36.07 71.67
CA GLY D 166 19.76 -36.01 70.41
C GLY D 166 18.91 -35.78 69.18
N VAL D 167 17.61 -35.56 69.33
CA VAL D 167 16.77 -35.33 68.16
C VAL D 167 17.14 -34.01 67.49
N ARG D 168 17.31 -32.95 68.28
CA ARG D 168 17.59 -31.64 67.71
C ARG D 168 18.89 -31.67 66.91
N GLU D 169 19.95 -32.22 67.49
CA GLU D 169 21.23 -32.30 66.79
C GLU D 169 21.13 -33.20 65.57
N VAL D 170 20.39 -34.30 65.67
CA VAL D 170 20.27 -35.22 64.55
C VAL D 170 19.64 -34.52 63.35
N PHE D 171 18.51 -33.84 63.57
CA PHE D 171 17.86 -33.16 62.45
C PHE D 171 18.65 -31.93 62.01
N GLU D 172 19.39 -31.30 62.93
CA GLU D 172 20.26 -30.20 62.52
C GLU D 172 21.30 -30.70 61.53
N MET D 173 21.98 -31.79 61.85
CA MET D 173 22.95 -32.35 60.91
C MET D 173 22.27 -32.84 59.63
N ALA D 174 21.04 -33.34 59.75
CA ALA D 174 20.32 -33.76 58.54
C ALA D 174 20.12 -32.58 57.58
N THR D 175 19.66 -31.44 58.10
CA THR D 175 19.45 -30.30 57.23
C THR D 175 20.78 -29.67 56.78
N ARG D 176 21.81 -29.75 57.61
CA ARG D 176 23.14 -29.30 57.19
C ARG D 176 23.62 -30.11 56.00
N ALA D 177 23.43 -31.43 56.03
CA ALA D 177 23.79 -32.27 54.89
C ALA D 177 22.93 -31.94 53.69
N ALA D 178 21.63 -31.68 53.92
CA ALA D 178 20.73 -31.38 52.81
C ALA D 178 21.14 -30.11 52.08
N LEU D 179 21.59 -29.09 52.83
CA LEU D 179 21.91 -27.80 52.20
C LEU D 179 23.09 -27.90 51.26
N GLN D 180 23.95 -28.90 51.45
CA GLN D 180 25.03 -29.08 50.50
C GLN D 180 24.35 -29.52 49.18
N ALA D 181 24.79 -29.00 48.03
CA ALA D 181 24.26 -29.36 46.71
C ALA D 181 25.19 -30.28 45.95
N ARG D 182 25.60 -31.38 46.60
CA ARG D 182 26.40 -32.41 45.96
C ARG D 182 27.65 -31.81 45.33
N ARG D 183 28.24 -32.51 44.35
CA ARG D 183 29.42 -32.03 43.64
C ARG D 183 29.23 -32.21 42.13
N GLY D 184 28.56 -31.25 41.50
CA GLY D 184 28.49 -31.24 40.05
C GLY D 184 27.93 -32.53 39.48
N LYS D 185 28.62 -33.05 38.47
CA LYS D 185 28.28 -34.33 37.84
C LYS D 185 29.55 -35.15 37.64
N LYS D 186 29.41 -36.48 37.68
CA LYS D 186 30.57 -37.35 37.50
C LYS D 186 30.46 -38.13 36.20
N LYS D 187 31.54 -38.19 35.41
CA LYS D 187 31.54 -38.87 34.12
C LYS D 187 30.37 -38.40 33.24
N SER D 188 30.05 -37.11 33.32
CA SER D 188 28.94 -36.55 32.55
C SER D 188 29.28 -36.73 31.06
N GLY D 189 28.34 -37.28 30.23
CA GLY D 189 28.50 -37.57 28.82
C GLY D 189 28.90 -36.33 28.03
N CYS D 190 29.66 -36.56 26.97
CA CYS D 190 30.08 -35.49 26.06
C CYS D 190 28.91 -34.96 25.25
N MET E 1 -42.01 -42.69 7.28
CA MET E 1 -41.03 -41.67 7.73
C MET E 1 -41.33 -40.33 7.08
N ALA E 2 -40.82 -40.15 5.87
CA ALA E 2 -41.15 -39.02 5.02
C ALA E 2 -41.81 -39.57 3.77
N ALA E 3 -43.07 -39.21 3.55
CA ALA E 3 -43.80 -39.81 2.45
C ALA E 3 -43.15 -39.43 1.13
N ILE E 4 -43.13 -40.37 0.20
CA ILE E 4 -42.50 -40.14 -1.10
C ILE E 4 -43.58 -39.87 -2.13
N ARG E 5 -43.35 -38.89 -3.00
CA ARG E 5 -44.35 -38.44 -3.95
C ARG E 5 -44.13 -39.15 -5.29
N LYS E 6 -45.15 -39.86 -5.76
CA LYS E 6 -45.10 -40.59 -7.02
C LYS E 6 -46.24 -40.16 -7.93
N LYS E 7 -45.93 -40.00 -9.21
CA LYS E 7 -46.87 -39.47 -10.19
C LYS E 7 -47.51 -40.64 -10.94
N LEU E 8 -48.84 -40.72 -10.88
CA LEU E 8 -49.60 -41.75 -11.59
C LEU E 8 -50.53 -41.11 -12.60
N VAL E 9 -50.55 -41.65 -13.82
CA VAL E 9 -51.34 -41.09 -14.91
C VAL E 9 -52.17 -42.19 -15.55
N ILE E 10 -53.38 -41.84 -15.99
CA ILE E 10 -54.34 -42.76 -16.56
C ILE E 10 -54.58 -42.37 -18.02
N VAL E 11 -54.42 -43.32 -18.94
CA VAL E 11 -54.71 -43.09 -20.35
C VAL E 11 -55.53 -44.25 -20.89
N GLY E 12 -56.71 -43.93 -21.44
CA GLY E 12 -57.56 -44.94 -22.05
C GLY E 12 -58.68 -44.30 -22.84
N ASP E 13 -59.36 -45.12 -23.63
CA ASP E 13 -60.52 -44.66 -24.39
C ASP E 13 -61.61 -44.16 -23.44
N GLY E 14 -62.45 -43.27 -23.97
CA GLY E 14 -63.55 -42.75 -23.19
C GLY E 14 -64.53 -43.83 -22.77
N ALA E 15 -65.22 -43.56 -21.66
CA ALA E 15 -66.30 -44.39 -21.15
C ALA E 15 -65.84 -45.76 -20.67
N CYS E 16 -64.53 -45.94 -20.41
CA CYS E 16 -64.03 -47.21 -19.91
C CYS E 16 -63.88 -47.23 -18.39
N GLY E 17 -64.22 -46.14 -17.71
CA GLY E 17 -64.21 -46.11 -16.26
C GLY E 17 -62.97 -45.53 -15.62
N LYS E 18 -62.11 -44.83 -16.37
CA LYS E 18 -60.90 -44.28 -15.79
C LYS E 18 -61.22 -43.31 -14.66
N THR E 19 -62.06 -42.32 -14.95
CA THR E 19 -62.41 -41.33 -13.94
C THR E 19 -63.15 -41.96 -12.78
N CYS E 20 -64.05 -42.90 -13.06
CA CYS E 20 -64.78 -43.57 -11.99
C CYS E 20 -63.84 -44.44 -11.17
N LEU E 21 -62.87 -45.09 -11.83
CA LEU E 21 -61.87 -45.87 -11.11
C LEU E 21 -61.11 -45.00 -10.11
N LEU E 22 -60.59 -43.86 -10.58
CA LEU E 22 -59.88 -42.97 -9.67
C LEU E 22 -60.79 -42.45 -8.58
N ILE E 23 -62.05 -42.15 -8.91
CA ILE E 23 -62.97 -41.60 -7.92
C ILE E 23 -63.22 -42.62 -6.81
N VAL E 24 -63.53 -43.86 -7.20
CA VAL E 24 -63.75 -44.92 -6.20
C VAL E 24 -62.49 -45.13 -5.38
N PHE E 25 -61.31 -45.01 -5.99
CA PHE E 25 -60.07 -45.06 -5.22
C PHE E 25 -60.02 -43.93 -4.20
N SER E 26 -60.53 -42.75 -4.57
CA SER E 26 -60.31 -41.55 -3.77
C SER E 26 -61.21 -41.51 -2.53
N LYS E 27 -62.53 -41.45 -2.74
CA LYS E 27 -63.48 -41.32 -1.64
C LYS E 27 -64.19 -42.63 -1.31
N ASP E 28 -63.99 -43.69 -2.09
CA ASP E 28 -64.61 -44.99 -1.83
C ASP E 28 -66.13 -44.88 -1.81
N GLN E 29 -66.69 -43.96 -2.59
CA GLN E 29 -68.14 -43.79 -2.69
C GLN E 29 -68.48 -43.56 -4.15
N PHE E 30 -69.22 -44.49 -4.74
CA PHE E 30 -69.55 -44.41 -6.16
C PHE E 30 -70.49 -43.22 -6.40
N PRO E 31 -70.15 -42.28 -7.29
CA PRO E 31 -71.07 -41.19 -7.61
C PRO E 31 -72.16 -41.67 -8.56
N GLU E 32 -73.41 -41.69 -8.06
CA GLU E 32 -74.53 -42.20 -8.83
C GLU E 32 -75.25 -41.13 -9.65
N VAL E 33 -74.85 -39.86 -9.53
CA VAL E 33 -75.54 -38.75 -10.18
C VAL E 33 -74.58 -37.95 -11.06
N TYR E 34 -73.42 -37.57 -10.54
CA TYR E 34 -72.52 -36.64 -11.22
C TYR E 34 -71.12 -37.22 -11.26
N VAL E 35 -70.55 -37.30 -12.47
CA VAL E 35 -69.17 -37.74 -12.67
C VAL E 35 -68.47 -36.68 -13.51
N PRO E 36 -67.43 -36.02 -13.00
CA PRO E 36 -66.70 -35.06 -13.82
C PRO E 36 -66.00 -35.74 -14.98
N THR E 37 -65.77 -34.96 -16.05
CA THR E 37 -65.01 -35.47 -17.19
C THR E 37 -63.61 -35.86 -16.79
N VAL E 38 -63.05 -35.23 -15.74
CA VAL E 38 -61.70 -35.52 -15.29
C VAL E 38 -61.66 -35.34 -13.78
N PHE E 39 -60.81 -36.14 -13.14
CA PHE E 39 -60.55 -36.04 -11.71
C PHE E 39 -59.15 -35.48 -11.53
N GLU E 40 -59.04 -34.32 -10.90
CA GLU E 40 -57.84 -33.51 -11.01
C GLU E 40 -57.34 -33.09 -9.63
N ASN E 41 -56.07 -32.68 -9.59
CA ASN E 41 -55.44 -32.18 -8.38
C ASN E 41 -55.71 -32.97 -7.10
N TYR E 42 -55.46 -34.28 -7.15
CA TYR E 42 -55.61 -35.10 -5.96
C TYR E 42 -54.35 -35.91 -5.69
N VAL E 43 -54.04 -36.04 -4.40
CA VAL E 43 -52.95 -36.86 -3.89
C VAL E 43 -53.51 -37.75 -2.80
N ALA E 44 -53.25 -39.06 -2.89
CA ALA E 44 -53.76 -40.04 -1.94
C ALA E 44 -52.60 -40.70 -1.19
N ASP E 45 -52.87 -41.13 0.03
CA ASP E 45 -51.87 -41.76 0.88
C ASP E 45 -52.03 -43.27 0.80
N ILE E 46 -50.93 -43.99 0.54
CA ILE E 46 -50.96 -45.44 0.43
C ILE E 46 -49.69 -46.02 1.03
N GLU E 47 -49.83 -47.14 1.73
CA GLU E 47 -48.71 -47.89 2.28
C GLU E 47 -48.79 -49.32 1.76
N VAL E 48 -47.67 -49.82 1.25
CA VAL E 48 -47.63 -51.15 0.64
C VAL E 48 -46.67 -52.06 1.41
N ASP E 49 -45.41 -51.65 1.53
CA ASP E 49 -44.41 -52.44 2.26
C ASP E 49 -43.54 -51.47 3.05
N GLY E 50 -43.99 -51.14 4.26
CA GLY E 50 -43.21 -50.31 5.18
C GLY E 50 -42.91 -48.91 4.67
N LYS E 51 -43.37 -48.58 3.47
CA LYS E 51 -43.12 -47.29 2.85
C LYS E 51 -44.43 -46.54 2.67
N GLN E 52 -44.40 -45.24 2.92
CA GLN E 52 -45.58 -44.39 2.81
C GLN E 52 -45.44 -43.48 1.60
N VAL E 53 -46.42 -43.56 0.69
CA VAL E 53 -46.32 -42.94 -0.62
C VAL E 53 -47.55 -42.07 -0.84
N GLU E 54 -47.30 -40.82 -1.22
CA GLU E 54 -48.34 -39.93 -1.70
C GLU E 54 -48.39 -40.06 -3.23
N LEU E 55 -49.49 -40.59 -3.73
CA LEU E 55 -49.69 -40.82 -5.15
C LEU E 55 -50.51 -39.67 -5.71
N ALA E 56 -49.92 -38.89 -6.61
CA ALA E 56 -50.62 -37.80 -7.28
C ALA E 56 -51.25 -38.36 -8.54
N LEU E 57 -52.58 -38.33 -8.59
CA LEU E 57 -53.34 -38.99 -9.65
C LEU E 57 -53.76 -37.94 -10.70
N TRP E 58 -53.17 -38.03 -11.89
CA TRP E 58 -53.66 -37.26 -13.01
C TRP E 58 -54.64 -38.09 -13.82
N ASP E 59 -55.42 -37.41 -14.66
CA ASP E 59 -56.44 -38.05 -15.47
C ASP E 59 -56.47 -37.39 -16.84
N THR E 60 -56.64 -38.19 -17.89
CA THR E 60 -56.65 -37.70 -19.26
C THR E 60 -57.95 -38.13 -19.94
N ALA E 61 -58.66 -37.16 -20.52
CA ALA E 61 -59.81 -37.43 -21.36
C ALA E 61 -59.59 -36.78 -22.72
N GLY E 62 -60.31 -37.28 -23.73
CA GLY E 62 -60.13 -36.80 -25.08
C GLY E 62 -61.41 -36.31 -25.75
N GLN E 63 -62.43 -36.03 -24.95
CA GLN E 63 -63.76 -35.78 -25.50
C GLN E 63 -63.80 -34.50 -26.33
N GLU E 64 -63.32 -33.38 -25.76
CA GLU E 64 -63.42 -32.09 -26.46
C GLU E 64 -62.39 -31.14 -25.87
N ASP E 65 -61.32 -30.89 -26.63
CA ASP E 65 -60.23 -29.92 -26.42
C ASP E 65 -59.25 -30.40 -25.36
N TYR E 66 -59.53 -31.54 -24.70
CA TYR E 66 -58.57 -32.09 -23.76
C TYR E 66 -57.43 -32.80 -24.48
N ASP E 67 -57.71 -33.34 -25.67
CA ASP E 67 -56.67 -34.04 -26.42
C ASP E 67 -55.52 -33.11 -26.78
N ARG E 68 -55.83 -31.84 -27.02
CA ARG E 68 -54.78 -30.88 -27.36
C ARG E 68 -53.86 -30.63 -26.16
N LEU E 69 -54.43 -30.69 -24.96
CA LEU E 69 -53.68 -30.45 -23.73
C LEU E 69 -53.23 -31.73 -23.04
N ARG E 70 -53.53 -32.89 -23.62
CA ARG E 70 -53.10 -34.16 -23.00
C ARG E 70 -51.59 -34.30 -22.92
N PRO E 71 -50.80 -34.06 -23.96
CA PRO E 71 -49.35 -34.28 -23.86
C PRO E 71 -48.73 -33.63 -22.63
N LEU E 72 -49.32 -32.53 -22.17
CA LEU E 72 -48.72 -31.75 -21.10
C LEU E 72 -48.70 -32.51 -19.77
N SER E 73 -49.53 -33.54 -19.63
CA SER E 73 -49.58 -34.32 -18.40
C SER E 73 -48.51 -35.41 -18.32
N TYR E 74 -47.95 -35.81 -19.46
CA TYR E 74 -46.97 -36.89 -19.52
C TYR E 74 -45.61 -36.60 -18.87
N PRO E 75 -45.13 -35.36 -18.84
CA PRO E 75 -43.80 -35.15 -18.25
C PRO E 75 -43.77 -35.52 -16.78
N ASP E 76 -42.60 -35.94 -16.29
CA ASP E 76 -42.41 -36.36 -14.90
C ASP E 76 -43.47 -37.35 -14.44
N THR E 77 -43.82 -38.29 -15.30
CA THR E 77 -44.79 -39.32 -14.95
C THR E 77 -44.01 -40.51 -14.40
N ASP E 78 -44.43 -41.05 -13.27
CA ASP E 78 -43.72 -42.18 -12.67
C ASP E 78 -44.31 -43.55 -12.99
N VAL E 79 -45.63 -43.63 -13.20
CA VAL E 79 -46.31 -44.88 -13.47
C VAL E 79 -47.63 -44.62 -14.17
N ILE E 80 -48.02 -45.55 -15.05
CA ILE E 80 -49.17 -45.39 -15.93
C ILE E 80 -50.10 -46.58 -15.75
N LEU E 81 -51.41 -46.32 -15.67
CA LEU E 81 -52.41 -47.38 -15.82
C LEU E 81 -53.09 -47.19 -17.17
N MET E 82 -52.67 -47.98 -18.14
CA MET E 82 -53.38 -48.03 -19.41
C MET E 82 -54.65 -48.85 -19.24
N CYS E 83 -55.81 -48.23 -19.46
CA CYS E 83 -57.09 -48.81 -19.09
C CYS E 83 -57.96 -49.03 -20.32
N PHE E 84 -58.75 -50.10 -20.29
CA PHE E 84 -59.72 -50.38 -21.33
C PHE E 84 -60.92 -51.11 -20.71
N SER E 85 -61.97 -51.28 -21.51
CA SER E 85 -63.24 -51.80 -21.03
C SER E 85 -63.39 -53.26 -21.39
N ILE E 86 -63.84 -54.07 -20.43
CA ILE E 86 -64.08 -55.48 -20.69
C ILE E 86 -65.40 -55.67 -21.45
N ASP E 87 -66.39 -54.82 -21.20
CA ASP E 87 -67.68 -54.89 -21.88
C ASP E 87 -67.68 -54.15 -23.21
N SER E 88 -66.51 -53.81 -23.74
CA SER E 88 -66.41 -53.09 -25.01
C SER E 88 -65.16 -53.58 -25.73
N PRO E 89 -65.30 -54.58 -26.60
CA PRO E 89 -64.11 -55.13 -27.26
C PRO E 89 -63.38 -54.13 -28.14
N ASP E 90 -64.05 -53.08 -28.62
CA ASP E 90 -63.41 -52.11 -29.49
C ASP E 90 -62.23 -51.42 -28.80
N SER E 91 -62.26 -51.36 -27.47
CA SER E 91 -61.19 -50.66 -26.74
C SER E 91 -59.85 -51.39 -26.86
N LEU E 92 -59.88 -52.72 -26.91
CA LEU E 92 -58.65 -53.49 -26.81
C LEU E 92 -57.73 -53.26 -28.02
N GLU E 93 -58.26 -53.41 -29.23
CA GLU E 93 -57.39 -53.44 -30.40
C GLU E 93 -56.73 -52.09 -30.68
N ASN E 94 -57.29 -51.00 -30.15
CA ASN E 94 -56.73 -49.68 -30.38
C ASN E 94 -55.55 -49.44 -29.46
N ILE E 95 -55.48 -50.19 -28.37
CA ILE E 95 -54.35 -50.02 -27.44
C ILE E 95 -53.02 -50.22 -28.15
N PRO E 96 -52.76 -51.33 -28.84
CA PRO E 96 -51.52 -51.41 -29.62
C PRO E 96 -51.45 -50.39 -30.74
N GLU E 97 -52.59 -50.03 -31.34
CA GLU E 97 -52.56 -49.20 -32.53
C GLU E 97 -52.18 -47.76 -32.23
N LYS E 98 -52.85 -47.12 -31.27
CA LYS E 98 -52.73 -45.67 -31.12
C LYS E 98 -52.25 -45.24 -29.73
N TRP E 99 -52.76 -45.89 -28.68
CA TRP E 99 -52.41 -45.45 -27.33
C TRP E 99 -50.94 -45.71 -27.03
N THR E 100 -50.45 -46.91 -27.37
CA THR E 100 -49.08 -47.27 -27.03
C THR E 100 -48.03 -46.36 -27.65
N PRO E 101 -48.06 -46.07 -28.96
CA PRO E 101 -47.01 -45.20 -29.52
C PRO E 101 -46.97 -43.81 -28.92
N GLU E 102 -48.10 -43.20 -28.57
CA GLU E 102 -48.04 -41.88 -27.94
C GLU E 102 -47.38 -41.95 -26.57
N VAL E 103 -47.71 -43.00 -25.80
CA VAL E 103 -47.12 -43.19 -24.49
C VAL E 103 -45.62 -43.40 -24.61
N LYS E 104 -45.19 -44.20 -25.58
CA LYS E 104 -43.76 -44.41 -25.80
C LYS E 104 -43.09 -43.11 -26.25
N HIS E 105 -43.75 -42.34 -27.11
CA HIS E 105 -43.14 -41.13 -27.64
C HIS E 105 -42.89 -40.10 -26.55
N PHE E 106 -43.91 -39.77 -25.77
CA PHE E 106 -43.77 -38.65 -24.85
C PHE E 106 -42.97 -39.03 -23.61
N CYS E 107 -43.16 -40.26 -23.12
CA CYS E 107 -42.55 -40.68 -21.86
C CYS E 107 -42.14 -42.15 -21.97
N PRO E 108 -40.91 -42.42 -22.39
CA PRO E 108 -40.43 -43.80 -22.46
C PRO E 108 -39.81 -44.27 -21.15
N ASN E 109 -39.52 -45.57 -21.11
CA ASN E 109 -38.94 -46.25 -19.95
C ASN E 109 -39.76 -46.03 -18.71
N VAL E 110 -41.08 -46.09 -18.85
CA VAL E 110 -41.98 -45.92 -17.71
C VAL E 110 -42.79 -47.19 -17.49
N PRO E 111 -43.05 -47.55 -16.21
CA PRO E 111 -43.83 -48.77 -15.98
C PRO E 111 -45.28 -48.58 -16.44
N ILE E 112 -45.89 -49.66 -16.92
CA ILE E 112 -47.26 -49.58 -17.42
C ILE E 112 -48.12 -50.77 -16.94
N ILE E 113 -49.31 -50.51 -16.40
CA ILE E 113 -50.20 -51.57 -15.95
C ILE E 113 -51.41 -51.54 -16.87
N LEU E 114 -51.63 -52.61 -17.63
CA LEU E 114 -52.78 -52.72 -18.50
C LEU E 114 -53.94 -53.35 -17.74
N VAL E 115 -55.06 -52.64 -17.66
CA VAL E 115 -56.20 -53.06 -16.85
C VAL E 115 -57.46 -53.04 -17.68
N GLY E 116 -58.37 -53.97 -17.36
CA GLY E 116 -59.69 -54.02 -17.96
C GLY E 116 -60.76 -53.84 -16.90
N ASN E 117 -61.65 -52.88 -17.10
CA ASN E 117 -62.57 -52.45 -16.06
C ASN E 117 -63.92 -53.13 -16.18
N LYS E 118 -64.69 -53.05 -15.09
CA LYS E 118 -66.09 -53.49 -15.04
C LYS E 118 -66.23 -54.97 -15.41
N LYS E 119 -65.67 -55.82 -14.54
CA LYS E 119 -65.85 -57.27 -14.72
C LYS E 119 -67.32 -57.66 -14.68
N ASP E 120 -68.15 -56.90 -13.97
CA ASP E 120 -69.55 -57.28 -13.81
C ASP E 120 -70.30 -57.31 -15.14
N LEU E 121 -69.94 -56.41 -16.07
CA LEU E 121 -70.72 -56.27 -17.30
C LEU E 121 -70.48 -57.39 -18.31
N ARG E 122 -69.37 -58.14 -18.19
CA ARG E 122 -69.13 -59.21 -19.15
C ARG E 122 -70.16 -60.32 -19.01
N ASN E 123 -70.64 -60.57 -17.79
CA ASN E 123 -71.67 -61.56 -17.54
C ASN E 123 -73.08 -60.99 -17.62
N ASP E 124 -73.21 -59.67 -17.80
CA ASP E 124 -74.52 -59.04 -17.87
C ASP E 124 -75.27 -59.51 -19.11
N GLU E 125 -76.57 -59.76 -18.95
CA GLU E 125 -77.38 -60.23 -20.07
C GLU E 125 -77.48 -59.18 -21.16
N HIS E 126 -77.67 -57.91 -20.78
CA HIS E 126 -77.83 -56.86 -21.78
C HIS E 126 -76.59 -56.70 -22.63
N THR E 127 -75.42 -56.60 -21.99
CA THR E 127 -74.18 -56.46 -22.75
C THR E 127 -73.89 -57.69 -23.57
N ARG E 128 -74.15 -58.88 -23.01
CA ARG E 128 -73.92 -60.11 -23.77
C ARG E 128 -74.78 -60.14 -25.03
N ARG E 129 -76.06 -59.80 -24.90
CA ARG E 129 -76.94 -59.77 -26.06
C ARG E 129 -76.50 -58.71 -27.07
N GLU E 130 -76.09 -57.54 -26.58
CA GLU E 130 -75.65 -56.49 -27.49
C GLU E 130 -74.43 -56.92 -28.28
N LEU E 131 -73.46 -57.56 -27.62
CA LEU E 131 -72.28 -58.04 -28.32
C LEU E 131 -72.63 -59.18 -29.28
N ALA E 132 -73.53 -60.07 -28.87
CA ALA E 132 -73.94 -61.16 -29.74
C ALA E 132 -74.70 -60.65 -30.96
N LYS E 133 -75.30 -59.46 -30.87
CA LYS E 133 -75.97 -58.90 -32.04
C LYS E 133 -75.00 -58.70 -33.20
N MET E 134 -73.73 -58.43 -32.90
CA MET E 134 -72.69 -58.28 -33.90
C MET E 134 -71.77 -59.50 -33.96
N LYS E 135 -72.23 -60.65 -33.48
CA LYS E 135 -71.42 -61.86 -33.45
C LYS E 135 -70.12 -61.63 -32.67
N GLN E 136 -70.22 -60.88 -31.57
CA GLN E 136 -69.09 -60.56 -30.72
C GLN E 136 -69.30 -61.15 -29.33
N GLU E 137 -68.24 -61.09 -28.53
CA GLU E 137 -68.27 -61.56 -27.16
C GLU E 137 -67.45 -60.61 -26.31
N PRO E 138 -67.70 -60.55 -25.00
CA PRO E 138 -66.89 -59.68 -24.13
C PRO E 138 -65.43 -60.11 -24.15
N VAL E 139 -64.55 -59.14 -23.87
CA VAL E 139 -63.12 -59.38 -23.89
C VAL E 139 -62.80 -60.51 -22.93
N LYS E 140 -62.25 -61.61 -23.47
CA LYS E 140 -61.90 -62.74 -22.64
C LYS E 140 -60.67 -62.43 -21.80
N PRO E 141 -60.57 -62.99 -20.59
CA PRO E 141 -59.34 -62.80 -19.80
C PRO E 141 -58.08 -63.30 -20.51
N GLU E 142 -58.20 -64.37 -21.28
CA GLU E 142 -57.04 -64.87 -22.02
C GLU E 142 -56.49 -63.82 -22.97
N GLU E 143 -57.37 -63.09 -23.66
CA GLU E 143 -56.93 -62.06 -24.58
C GLU E 143 -56.21 -60.94 -23.83
N GLY E 144 -56.73 -60.55 -22.67
CA GLY E 144 -56.05 -59.54 -21.87
C GLY E 144 -54.69 -59.99 -21.40
N ARG E 145 -54.57 -61.25 -20.96
CA ARG E 145 -53.28 -61.77 -20.54
C ARG E 145 -52.30 -61.75 -21.70
N ASP E 146 -52.76 -62.18 -22.89
CA ASP E 146 -51.92 -62.18 -24.07
C ASP E 146 -51.47 -60.77 -24.43
N MET E 147 -52.39 -59.79 -24.34
CA MET E 147 -52.01 -58.41 -24.62
C MET E 147 -50.98 -57.91 -23.62
N ALA E 148 -51.18 -58.23 -22.34
CA ALA E 148 -50.23 -57.79 -21.31
C ALA E 148 -48.84 -58.33 -21.60
N ASN E 149 -48.76 -59.60 -22.00
CA ASN E 149 -47.48 -60.13 -22.45
C ASN E 149 -47.00 -59.44 -23.72
N ARG E 150 -47.94 -59.06 -24.59
CA ARG E 150 -47.59 -58.59 -25.93
C ARG E 150 -46.94 -57.21 -25.91
N ILE E 151 -47.47 -56.30 -25.10
CA ILE E 151 -47.03 -54.90 -25.15
C ILE E 151 -46.21 -54.51 -23.94
N GLY E 152 -45.64 -55.48 -23.23
CA GLY E 152 -44.68 -55.19 -22.17
C GLY E 152 -45.30 -54.77 -20.86
N ALA E 153 -46.57 -55.12 -20.61
CA ALA E 153 -47.24 -54.70 -19.40
C ALA E 153 -46.51 -55.20 -18.16
N PHE E 154 -46.50 -54.38 -17.12
CA PHE E 154 -45.91 -54.76 -15.84
C PHE E 154 -46.83 -55.69 -15.06
N GLY E 155 -48.15 -55.54 -15.24
CA GLY E 155 -49.11 -56.44 -14.63
C GLY E 155 -50.48 -56.19 -15.22
N TYR E 156 -51.34 -57.20 -15.07
CA TYR E 156 -52.68 -57.17 -15.65
C TYR E 156 -53.70 -57.56 -14.59
N MET E 157 -54.59 -56.64 -14.25
CA MET E 157 -55.68 -56.91 -13.32
C MET E 157 -57.01 -56.49 -13.90
N GLU E 158 -58.08 -56.61 -13.12
CA GLU E 158 -59.41 -56.19 -13.52
C GLU E 158 -60.06 -55.45 -12.37
N CYS E 159 -60.82 -54.40 -12.69
CA CYS E 159 -61.45 -53.55 -11.69
C CYS E 159 -62.97 -53.61 -11.84
N SER E 160 -63.65 -53.12 -10.80
CA SER E 160 -65.11 -53.02 -10.82
C SER E 160 -65.48 -51.85 -9.89
N ALA E 161 -65.74 -50.70 -10.48
CA ALA E 161 -65.99 -49.50 -9.69
C ALA E 161 -67.29 -49.62 -8.89
N LYS E 162 -68.33 -50.19 -9.49
CA LYS E 162 -69.60 -50.31 -8.80
C LYS E 162 -69.48 -51.16 -7.54
N THR E 163 -68.76 -52.28 -7.63
CA THR E 163 -68.61 -53.21 -6.52
C THR E 163 -67.30 -53.01 -5.75
N LYS E 164 -66.46 -52.07 -6.16
CA LYS E 164 -65.21 -51.78 -5.46
C LYS E 164 -64.35 -53.03 -5.31
N ASP E 165 -64.25 -53.81 -6.39
CA ASP E 165 -63.49 -55.06 -6.39
C ASP E 165 -62.12 -54.83 -7.00
N GLY E 166 -61.07 -55.07 -6.21
CA GLY E 166 -59.72 -55.09 -6.72
C GLY E 166 -59.07 -53.73 -6.92
N VAL E 167 -59.74 -52.64 -6.55
CA VAL E 167 -59.13 -51.32 -6.72
C VAL E 167 -57.91 -51.17 -5.81
N ARG E 168 -58.04 -51.56 -4.54
CA ARG E 168 -56.94 -51.39 -3.60
C ARG E 168 -55.70 -52.13 -4.07
N GLU E 169 -55.87 -53.41 -4.45
CA GLU E 169 -54.72 -54.19 -4.91
C GLU E 169 -54.16 -53.63 -6.20
N VAL E 170 -55.03 -53.17 -7.10
CA VAL E 170 -54.57 -52.63 -8.37
C VAL E 170 -53.66 -51.44 -8.15
N PHE E 171 -54.11 -50.47 -7.35
CA PHE E 171 -53.28 -49.29 -7.10
C PHE E 171 -52.07 -49.62 -6.23
N GLU E 172 -52.20 -50.62 -5.35
CA GLU E 172 -51.02 -51.07 -4.59
C GLU E 172 -49.93 -51.56 -5.54
N MET E 173 -50.29 -52.44 -6.47
CA MET E 173 -49.30 -52.89 -7.45
C MET E 173 -48.81 -51.76 -8.33
N ALA E 174 -49.69 -50.79 -8.64
CA ALA E 174 -49.27 -49.64 -9.44
C ALA E 174 -48.15 -48.87 -8.72
N THR E 175 -48.33 -48.58 -7.44
CA THR E 175 -47.30 -47.84 -6.72
C THR E 175 -46.06 -48.70 -6.44
N ARG E 176 -46.25 -50.02 -6.28
CA ARG E 176 -45.10 -50.92 -6.16
C ARG E 176 -44.25 -50.87 -7.42
N ALA E 177 -44.88 -50.88 -8.59
CA ALA E 177 -44.15 -50.74 -9.84
C ALA E 177 -43.50 -49.38 -9.94
N ALA E 178 -44.19 -48.33 -9.50
CA ALA E 178 -43.65 -46.99 -9.57
C ALA E 178 -42.38 -46.84 -8.75
N LEU E 179 -42.35 -47.46 -7.56
CA LEU E 179 -41.20 -47.29 -6.66
C LEU E 179 -39.93 -47.88 -7.24
N GLN E 180 -40.05 -48.83 -8.15
CA GLN E 180 -38.86 -49.34 -8.79
C GLN E 180 -38.32 -48.18 -9.66
N ALA E 181 -37.00 -47.96 -9.68
CA ALA E 181 -36.36 -46.90 -10.47
C ALA E 181 -35.69 -47.46 -11.71
N ARG E 182 -36.43 -48.26 -12.49
CA ARG E 182 -35.94 -48.77 -13.76
C ARG E 182 -34.61 -49.49 -13.59
N ARG E 183 -33.83 -49.61 -14.67
CA ARG E 183 -32.51 -50.26 -14.62
C ARG E 183 -31.49 -49.39 -15.37
N GLY E 184 -30.95 -48.40 -14.68
CA GLY E 184 -29.83 -47.64 -15.23
C GLY E 184 -30.16 -47.04 -16.58
N LYS E 185 -29.24 -47.22 -17.53
CA LYS E 185 -29.41 -46.78 -18.90
C LYS E 185 -28.96 -47.89 -19.86
N LYS E 186 -29.58 -47.95 -21.04
CA LYS E 186 -29.22 -48.97 -22.01
C LYS E 186 -28.55 -48.33 -23.24
N LYS E 187 -27.44 -48.91 -23.71
CA LYS E 187 -26.68 -48.37 -24.84
C LYS E 187 -26.39 -46.88 -24.65
N SER E 188 -26.09 -46.49 -23.42
CA SER E 188 -25.80 -45.09 -23.10
C SER E 188 -24.55 -44.71 -23.89
N GLY E 189 -24.56 -43.55 -24.63
CA GLY E 189 -23.49 -43.04 -25.47
C GLY E 189 -22.19 -42.87 -24.70
N CYS E 190 -21.08 -43.07 -25.40
CA CYS E 190 -19.76 -42.88 -24.82
C CYS E 190 -19.49 -41.40 -24.54
N LEU F 146 20.31 33.22 62.04
CA LEU F 146 19.90 34.09 63.14
C LEU F 146 20.61 35.43 63.09
N LYS F 147 21.87 35.45 63.51
CA LYS F 147 22.65 36.68 63.56
C LYS F 147 23.85 36.69 62.63
N VAL F 148 24.27 35.53 62.13
CA VAL F 148 25.36 35.44 61.16
C VAL F 148 24.78 34.86 59.89
N PHE F 149 24.94 35.57 58.77
CA PHE F 149 24.40 35.18 57.48
C PHE F 149 25.54 35.01 56.49
N ASN F 150 26.00 33.77 56.32
CA ASN F 150 26.94 33.43 55.28
C ASN F 150 26.19 32.92 54.06
N ARG F 151 26.88 32.79 52.94
CA ARG F 151 26.29 32.23 51.71
C ARG F 151 25.58 30.85 51.94
N PRO F 152 26.25 29.86 52.62
CA PRO F 152 25.55 28.61 52.91
C PRO F 152 24.16 28.81 53.50
N ILE F 153 24.07 29.62 54.55
CA ILE F 153 22.83 29.71 55.31
C ILE F 153 21.75 30.37 54.46
N LEU F 154 22.05 31.56 53.93
CA LEU F 154 21.05 32.34 53.21
C LEU F 154 20.58 31.60 51.96
N PHE F 155 21.49 30.91 51.27
CA PHE F 155 21.05 30.19 50.07
C PHE F 155 20.05 29.10 50.41
N ASP F 156 20.26 28.38 51.52
CA ASP F 156 19.28 27.37 51.94
C ASP F 156 17.97 28.05 52.33
N ILE F 157 18.04 29.13 53.10
CA ILE F 157 16.83 29.82 53.54
C ILE F 157 15.97 30.18 52.35
N VAL F 158 16.59 30.81 51.35
CA VAL F 158 15.84 31.24 50.18
C VAL F 158 15.44 30.04 49.33
N SER F 159 16.27 28.99 49.33
CA SER F 159 16.01 27.83 48.50
C SER F 159 14.76 27.08 48.91
N ARG F 160 14.41 27.06 50.20
CA ARG F 160 13.20 26.37 50.61
C ARG F 160 11.99 27.30 50.72
N GLY F 161 12.14 28.57 50.32
CA GLY F 161 11.03 29.49 50.40
C GLY F 161 10.72 29.96 51.81
N SER F 162 11.68 29.84 52.73
CA SER F 162 11.46 30.13 54.15
C SER F 162 11.49 31.64 54.38
N THR F 163 10.30 32.25 54.29
CA THR F 163 10.17 33.66 54.62
C THR F 163 10.43 33.91 56.10
N ALA F 164 10.12 32.93 56.95
CA ALA F 164 10.22 33.15 58.40
C ALA F 164 11.64 33.42 58.85
N ASP F 165 12.62 32.82 58.19
CA ASP F 165 13.99 32.80 58.67
C ASP F 165 14.82 34.01 58.21
N LEU F 166 14.18 35.05 57.68
CA LEU F 166 14.88 36.24 57.22
C LEU F 166 14.75 37.41 58.19
N ASP F 167 14.38 37.14 59.45
CA ASP F 167 14.24 38.22 60.41
C ASP F 167 15.57 38.93 60.66
N GLY F 168 16.65 38.16 60.83
CA GLY F 168 17.93 38.77 61.17
C GLY F 168 18.55 39.53 60.02
N LEU F 169 18.21 39.15 58.78
CA LEU F 169 18.97 39.62 57.63
C LEU F 169 19.00 41.14 57.55
N LEU F 170 17.83 41.78 57.62
CA LEU F 170 17.79 43.24 57.45
C LEU F 170 18.58 43.98 58.52
N PRO F 171 18.42 43.70 59.82
CA PRO F 171 19.30 44.38 60.79
C PRO F 171 20.76 44.09 60.52
N PHE F 172 21.08 42.87 60.11
CA PHE F 172 22.49 42.49 59.92
C PHE F 172 23.14 43.30 58.80
N LEU F 173 22.45 43.46 57.67
CA LEU F 173 23.04 44.17 56.54
C LEU F 173 23.37 45.61 56.92
N LEU F 174 22.44 46.31 57.57
CA LEU F 174 22.72 47.67 58.02
C LEU F 174 23.83 47.69 59.07
N THR F 175 23.78 46.75 60.03
CA THR F 175 24.74 46.78 61.13
C THR F 175 26.17 46.66 60.61
N HIS F 176 26.40 45.78 59.63
CA HIS F 176 27.74 45.49 59.16
C HIS F 176 28.08 46.18 57.84
N LYS F 177 27.28 47.16 57.40
CA LYS F 177 27.53 47.88 56.16
C LYS F 177 27.72 46.90 55.00
N LYS F 178 26.76 46.00 54.83
CA LYS F 178 26.83 44.97 53.80
C LYS F 178 25.57 45.01 52.96
N ARG F 179 25.71 44.60 51.71
CA ARG F 179 24.61 44.53 50.76
C ARG F 179 24.50 43.12 50.20
N LEU F 180 23.29 42.75 49.76
CA LEU F 180 23.10 41.41 49.22
C LEU F 180 23.83 41.18 47.91
N THR F 181 24.31 42.24 47.24
CA THR F 181 25.03 42.08 45.99
C THR F 181 26.54 42.01 46.19
N ASP F 182 27.01 42.11 47.43
CA ASP F 182 28.43 42.00 47.70
C ASP F 182 28.90 40.57 47.42
N GLU F 183 30.16 40.44 47.01
CA GLU F 183 30.72 39.15 46.61
C GLU F 183 30.57 38.02 47.62
N GLU F 184 30.43 38.35 48.89
CA GLU F 184 30.35 37.29 49.90
C GLU F 184 29.11 36.42 49.73
N PHE F 185 28.03 36.97 49.16
CA PHE F 185 26.76 36.27 49.06
C PHE F 185 26.52 35.66 47.68
N ARG F 186 27.52 35.67 46.82
CA ARG F 186 27.32 35.17 45.49
C ARG F 186 28.21 33.97 45.11
N GLU F 187 27.65 33.05 44.33
CA GLU F 187 28.37 31.89 43.80
C GLU F 187 29.69 32.34 43.17
N PRO F 188 30.81 31.73 43.51
CA PRO F 188 32.07 32.09 42.83
C PRO F 188 32.02 31.70 41.36
N SER F 189 31.52 30.50 41.10
CA SER F 189 31.49 29.98 39.74
C SER F 189 30.61 30.84 38.84
N THR F 190 29.35 31.04 39.23
CA THR F 190 28.36 31.65 38.34
C THR F 190 27.96 33.06 38.77
N GLY F 191 28.30 33.48 39.98
CA GLY F 191 27.87 34.79 40.44
C GLY F 191 26.40 34.88 40.77
N LYS F 192 25.70 33.75 40.85
CA LYS F 192 24.27 33.77 41.09
C LYS F 192 23.97 34.38 42.46
N THR F 193 23.10 35.41 42.47
CA THR F 193 22.71 36.12 43.67
C THR F 193 21.46 35.40 44.24
N CYS F 194 20.90 35.92 45.31
CA CYS F 194 19.77 35.25 45.97
C CYS F 194 18.55 35.17 45.07
N LEU F 195 18.31 36.20 44.25
CA LEU F 195 17.06 36.27 43.50
C LEU F 195 16.91 35.15 42.46
N PRO F 196 17.89 34.85 41.61
CA PRO F 196 17.75 33.69 40.72
C PRO F 196 17.58 32.39 41.47
N LYS F 197 18.23 32.28 42.63
CA LYS F 197 18.12 31.08 43.44
C LYS F 197 16.69 30.90 43.91
N ALA F 198 16.08 32.00 44.33
CA ALA F 198 14.69 31.97 44.77
C ALA F 198 13.75 31.65 43.63
N LEU F 199 13.98 32.23 42.46
CA LEU F 199 13.06 32.02 41.34
C LEU F 199 13.16 30.60 40.79
N LEU F 200 14.34 29.98 40.84
CA LEU F 200 14.46 28.61 40.39
C LEU F 200 13.80 27.64 41.37
N ASN F 201 13.93 27.89 42.65
CA ASN F 201 13.30 27.01 43.62
C ASN F 201 11.92 27.51 43.96
N LEU F 202 11.06 27.35 42.97
CA LEU F 202 9.66 27.75 43.06
C LEU F 202 8.84 26.60 43.63
N SER F 203 8.09 26.90 44.68
CA SER F 203 7.20 25.93 45.31
C SER F 203 5.78 26.19 44.80
N ASN F 204 5.24 25.30 43.97
CA ASN F 204 3.91 25.44 43.40
C ASN F 204 3.68 26.77 42.71
N GLY F 205 4.73 27.32 42.09
CA GLY F 205 4.61 28.55 41.35
C GLY F 205 4.74 29.82 42.17
N ARG F 206 4.93 29.70 43.47
CA ARG F 206 5.00 30.89 44.30
C ARG F 206 5.98 30.77 45.47
N ASN F 207 7.02 31.61 45.50
CA ASN F 207 7.99 31.55 46.58
C ASN F 207 7.75 32.74 47.50
N ASP F 208 7.54 32.52 48.79
CA ASP F 208 7.24 33.61 49.69
C ASP F 208 8.37 34.62 49.99
N THR F 209 9.57 34.38 49.48
CA THR F 209 10.69 35.26 49.80
C THR F 209 11.05 36.29 48.72
N ILE F 210 10.47 36.25 47.51
CA ILE F 210 10.90 37.23 46.51
C ILE F 210 10.52 38.62 46.97
N PRO F 211 9.29 38.87 47.43
CA PRO F 211 8.95 40.24 47.87
C PRO F 211 9.80 40.70 49.02
N VAL F 212 10.12 39.81 49.96
CA VAL F 212 10.93 40.20 51.11
C VAL F 212 12.36 40.52 50.67
N LEU F 213 12.92 39.71 49.76
CA LEU F 213 14.25 40.03 49.27
C LEU F 213 14.27 41.38 48.56
N LEU F 214 13.27 41.65 47.73
CA LEU F 214 13.23 42.94 47.04
C LEU F 214 13.06 44.09 48.03
N ASP F 215 12.22 43.89 49.04
CA ASP F 215 12.01 44.92 50.06
C ASP F 215 13.31 45.23 50.79
N ILE F 216 14.03 44.18 51.20
CA ILE F 216 15.32 44.38 51.87
C ILE F 216 16.31 45.06 50.94
N ALA F 217 16.30 44.69 49.66
CA ALA F 217 17.23 45.30 48.72
C ALA F 217 16.97 46.79 48.58
N GLU F 218 15.73 47.23 48.43
CA GLU F 218 15.51 48.68 48.32
C GLU F 218 15.79 49.35 49.64
N ARG F 219 15.39 48.70 50.72
CA ARG F 219 15.62 49.35 52.01
C ARG F 219 17.11 49.53 52.27
N THR F 220 17.94 48.65 51.73
CA THR F 220 19.38 48.71 51.91
C THR F 220 20.05 49.66 50.93
N GLY F 221 19.33 50.18 49.94
CA GLY F 221 19.79 51.30 49.13
C GLY F 221 20.12 50.98 47.69
N ASN F 222 20.21 49.70 47.30
CA ASN F 222 20.71 49.37 45.97
C ASN F 222 19.78 48.46 45.18
N MET F 223 18.50 48.80 45.08
CA MET F 223 17.59 47.95 44.33
C MET F 223 18.10 47.70 42.91
N ARG F 224 18.47 48.78 42.22
CA ARG F 224 18.92 48.72 40.84
C ARG F 224 19.97 47.64 40.57
N GLU F 225 21.03 47.64 41.36
CA GLU F 225 22.11 46.67 41.18
C GLU F 225 21.65 45.25 41.48
N PHE F 226 20.54 45.11 42.20
CA PHE F 226 20.09 43.78 42.61
C PHE F 226 19.20 43.11 41.59
N ILE F 227 18.20 43.82 41.06
CA ILE F 227 17.18 43.17 40.23
C ILE F 227 17.81 42.61 38.97
N ASN F 228 18.79 43.31 38.39
CA ASN F 228 19.46 42.88 37.16
C ASN F 228 20.94 42.69 37.43
N SER F 229 21.29 41.50 37.93
CA SER F 229 22.67 41.10 38.12
C SER F 229 22.98 39.92 37.21
N PRO F 230 23.84 40.07 36.22
CA PRO F 230 24.07 38.98 35.27
C PRO F 230 24.91 37.86 35.86
N PHE F 231 24.84 36.71 35.20
CA PHE F 231 25.71 35.60 35.51
C PHE F 231 27.09 35.86 34.88
N ARG F 232 28.14 35.29 35.47
CA ARG F 232 29.48 35.46 34.94
C ARG F 232 30.10 34.23 34.27
N ASP F 233 29.64 33.02 34.60
CA ASP F 233 30.25 31.84 34.01
C ASP F 233 29.98 31.82 32.52
N ILE F 234 31.01 31.45 31.74
CA ILE F 234 30.92 31.50 30.28
C ILE F 234 29.67 30.77 29.79
N TYR F 235 29.17 29.82 30.58
CA TYR F 235 28.10 28.95 30.11
C TYR F 235 26.75 29.64 30.16
N TYR F 236 26.56 30.56 31.13
CA TYR F 236 25.30 31.30 31.29
C TYR F 236 25.46 32.81 31.23
N ARG F 237 26.49 33.32 30.54
CA ARG F 237 26.76 34.76 30.60
C ARG F 237 25.55 35.58 30.23
N GLY F 238 25.27 36.63 31.02
CA GLY F 238 24.27 37.61 30.69
C GLY F 238 22.87 37.30 31.16
N GLN F 239 22.61 36.09 31.65
CA GLN F 239 21.25 35.71 32.02
C GLN F 239 20.83 36.47 33.28
N THR F 240 19.63 37.03 33.25
CA THR F 240 19.11 37.87 34.31
C THR F 240 17.97 37.17 35.02
N ALA F 241 17.65 37.66 36.23
CA ALA F 241 16.49 37.14 36.95
C ALA F 241 15.23 37.27 36.12
N LEU F 242 15.16 38.30 35.27
CA LEU F 242 14.00 38.45 34.39
C LEU F 242 13.90 37.29 33.42
N HIS F 243 15.04 36.80 32.91
CA HIS F 243 15.01 35.65 32.03
C HIS F 243 14.44 34.43 32.74
N ILE F 244 14.82 34.22 34.00
CA ILE F 244 14.30 33.10 34.76
C ILE F 244 12.81 33.26 34.99
N ALA F 245 12.37 34.48 35.31
CA ALA F 245 10.96 34.71 35.55
C ALA F 245 10.14 34.41 34.30
N ILE F 246 10.61 34.85 33.14
CA ILE F 246 9.88 34.61 31.90
C ILE F 246 9.93 33.14 31.51
N GLU F 247 11.06 32.49 31.73
CA GLU F 247 11.20 31.09 31.32
C GLU F 247 10.33 30.17 32.18
N ARG F 248 10.24 30.46 33.48
CA ARG F 248 9.42 29.65 34.36
C ARG F 248 7.93 29.79 34.07
N ARG F 249 7.54 30.75 33.24
CA ARG F 249 6.15 30.91 32.80
C ARG F 249 5.25 31.34 33.96
N CYS F 250 5.70 32.35 34.69
CA CYS F 250 4.93 32.97 35.77
C CYS F 250 4.79 34.46 35.46
N LYS F 251 3.63 34.84 34.91
CA LYS F 251 3.39 36.24 34.57
C LYS F 251 3.43 37.13 35.80
N HIS F 252 2.96 36.61 36.94
CA HIS F 252 2.90 37.41 38.16
C HIS F 252 4.27 37.86 38.63
N TYR F 253 5.28 36.99 38.57
CA TYR F 253 6.61 37.41 38.97
C TYR F 253 7.32 38.26 37.93
N VAL F 254 7.07 38.07 36.64
CA VAL F 254 7.67 38.98 35.67
C VAL F 254 7.11 40.38 35.85
N GLU F 255 5.80 40.50 36.09
CA GLU F 255 5.24 41.82 36.40
C GLU F 255 5.85 42.39 37.66
N LEU F 256 5.86 41.61 38.74
CA LEU F 256 6.39 42.08 40.01
C LEU F 256 7.86 42.46 39.93
N LEU F 257 8.60 41.86 39.00
CA LEU F 257 10.03 42.11 38.87
C LEU F 257 10.32 43.29 37.96
N VAL F 258 9.53 43.48 36.90
CA VAL F 258 9.75 44.63 36.04
C VAL F 258 9.21 45.89 36.68
N ALA F 259 8.22 45.77 37.58
CA ALA F 259 7.65 46.96 38.20
C ALA F 259 8.68 47.75 39.00
N GLN F 260 9.77 47.10 39.42
CA GLN F 260 10.77 47.76 40.26
C GLN F 260 12.05 48.07 39.51
N GLY F 261 12.08 47.92 38.19
CA GLY F 261 13.22 48.37 37.41
C GLY F 261 14.07 47.26 36.81
N ALA F 262 13.45 46.16 36.42
CA ALA F 262 14.19 45.09 35.76
C ALA F 262 14.48 45.49 34.32
N ASP F 263 15.72 45.30 33.89
CA ASP F 263 16.11 45.61 32.53
C ASP F 263 15.42 44.64 31.57
N VAL F 264 14.55 45.18 30.72
CA VAL F 264 13.77 44.33 29.81
C VAL F 264 14.49 44.19 28.48
N HIS F 265 15.78 44.53 28.46
CA HIS F 265 16.57 44.45 27.24
C HIS F 265 17.89 43.71 27.44
N ALA F 266 18.11 43.12 28.62
CA ALA F 266 19.37 42.44 28.88
C ALA F 266 19.47 41.16 28.05
N GLN F 267 20.68 40.88 27.57
CA GLN F 267 20.90 39.81 26.60
C GLN F 267 21.54 38.60 27.26
N ALA F 268 20.90 37.43 27.08
CA ALA F 268 21.45 36.16 27.55
C ALA F 268 22.26 35.54 26.42
N ARG F 269 23.57 35.77 26.44
CA ARG F 269 24.43 35.37 25.32
C ARG F 269 25.54 34.40 25.71
N GLY F 270 25.38 33.65 26.79
CA GLY F 270 26.38 32.66 27.15
C GLY F 270 26.32 31.44 26.25
N ARG F 271 27.38 30.63 26.32
CA ARG F 271 27.52 29.46 25.46
C ARG F 271 26.27 28.58 25.46
N PHE F 272 25.59 28.49 26.60
CA PHE F 272 24.41 27.63 26.66
C PHE F 272 23.32 28.16 25.73
N PHE F 273 23.24 29.48 25.57
CA PHE F 273 22.16 30.10 24.81
C PHE F 273 22.62 30.42 23.38
N GLN F 274 22.98 29.37 22.65
CA GLN F 274 23.53 29.48 21.31
C GLN F 274 22.82 28.52 20.39
N PRO F 275 22.87 28.75 19.08
CA PRO F 275 22.21 27.83 18.15
C PRO F 275 22.77 26.42 18.30
N LYS F 276 21.90 25.43 18.08
CA LYS F 276 22.30 24.05 18.28
C LYS F 276 23.54 23.70 17.48
N ASP F 277 23.73 24.32 16.31
CA ASP F 277 24.90 24.05 15.50
C ASP F 277 26.17 24.68 16.06
N GLU F 278 26.09 25.53 17.07
CA GLU F 278 27.26 26.23 17.59
C GLU F 278 27.49 25.95 19.07
N GLY F 279 27.16 24.74 19.50
CA GLY F 279 27.40 24.34 20.87
C GLY F 279 26.46 25.00 21.85
N GLY F 280 25.18 24.68 21.76
CA GLY F 280 24.19 25.21 22.67
C GLY F 280 22.89 24.45 22.50
N TYR F 281 22.07 24.50 23.55
CA TYR F 281 20.84 23.72 23.56
C TYR F 281 19.57 24.54 23.35
N PHE F 282 19.66 25.87 23.28
CA PHE F 282 18.46 26.67 23.02
C PHE F 282 18.89 28.06 22.59
N TYR F 283 18.44 28.49 21.42
CA TYR F 283 18.64 29.85 20.92
C TYR F 283 17.26 30.44 20.69
N PHE F 284 16.90 31.44 21.52
CA PHE F 284 15.56 32.00 21.52
C PHE F 284 15.54 33.45 21.08
N GLY F 285 16.60 33.95 20.46
CA GLY F 285 16.70 35.32 20.04
C GLY F 285 17.52 36.20 20.96
N GLU F 286 17.92 35.69 22.13
CA GLU F 286 18.89 36.38 22.98
C GLU F 286 18.30 37.66 23.58
N LEU F 287 17.06 37.59 24.05
CA LEU F 287 16.40 38.79 24.55
C LEU F 287 15.13 38.41 25.31
N PRO F 288 14.75 39.16 26.36
CA PRO F 288 13.55 38.77 27.12
C PRO F 288 12.29 38.65 26.29
N LEU F 289 12.00 39.65 25.45
CA LEU F 289 10.78 39.56 24.63
C LEU F 289 10.87 38.41 23.65
N SER F 290 12.05 38.19 23.07
CA SER F 290 12.24 37.04 22.20
C SER F 290 12.07 35.73 22.97
N LEU F 291 12.51 35.71 24.23
CA LEU F 291 12.31 34.52 25.07
C LEU F 291 10.83 34.27 25.30
N ALA F 292 10.06 35.31 25.59
CA ALA F 292 8.63 35.14 25.82
C ALA F 292 7.93 34.68 24.55
N ALA F 293 8.29 35.25 23.40
CA ALA F 293 7.62 34.89 22.15
C ALA F 293 8.00 33.47 21.73
N CYS F 294 9.26 33.08 21.93
CA CYS F 294 9.76 31.81 21.42
C CYS F 294 9.35 30.61 22.26
N THR F 295 8.88 30.81 23.49
CA THR F 295 8.38 29.73 24.33
C THR F 295 6.86 29.73 24.41
N ASN F 296 6.19 30.44 23.51
CA ASN F 296 4.74 30.41 23.40
C ASN F 296 4.07 30.88 24.69
N GLN F 297 4.30 32.14 25.03
CA GLN F 297 3.63 32.82 26.13
C GLN F 297 3.09 34.15 25.62
N PRO F 298 1.99 34.14 24.88
CA PRO F 298 1.49 35.39 24.30
C PRO F 298 1.15 36.45 25.33
N HIS F 299 0.68 36.05 26.52
CA HIS F 299 0.31 37.02 27.54
C HIS F 299 1.52 37.82 28.01
N ILE F 300 2.66 37.15 28.17
CA ILE F 300 3.86 37.86 28.61
C ILE F 300 4.31 38.84 27.54
N VAL F 301 4.18 38.48 26.27
CA VAL F 301 4.53 39.41 25.19
C VAL F 301 3.62 40.62 25.22
N ASN F 302 2.32 40.38 25.39
CA ASN F 302 1.37 41.49 25.43
C ASN F 302 1.68 42.43 26.59
N TYR F 303 2.06 41.86 27.74
CA TYR F 303 2.42 42.70 28.88
C TYR F 303 3.74 43.43 28.65
N LEU F 304 4.75 42.74 28.14
CA LEU F 304 6.08 43.33 28.01
C LEU F 304 6.04 44.51 27.03
N THR F 305 5.34 44.35 25.92
CA THR F 305 5.27 45.44 24.96
C THR F 305 4.49 46.64 25.51
N GLU F 306 3.44 46.39 26.28
CA GLU F 306 2.57 47.45 26.80
C GLU F 306 2.48 47.35 28.32
N ASN F 307 3.25 48.19 29.02
CA ASN F 307 3.12 48.35 30.47
C ASN F 307 3.60 49.76 30.82
N PRO F 308 3.03 50.38 31.85
CA PRO F 308 3.40 51.77 32.15
C PRO F 308 4.85 51.97 32.57
N HIS F 309 5.52 50.94 33.11
CA HIS F 309 6.86 51.14 33.65
C HIS F 309 7.90 51.23 32.53
N LYS F 310 8.03 50.18 31.72
CA LYS F 310 9.01 50.17 30.66
C LYS F 310 8.61 49.15 29.61
N LYS F 311 8.69 49.55 28.34
CA LYS F 311 8.17 48.78 27.23
C LYS F 311 9.33 48.28 26.38
N ALA F 312 9.33 46.98 26.09
CA ALA F 312 10.33 46.39 25.19
C ALA F 312 9.82 46.50 23.76
N ASP F 313 10.43 47.36 22.96
CA ASP F 313 9.98 47.56 21.59
C ASP F 313 10.38 46.38 20.72
N MET F 314 9.54 46.10 19.71
CA MET F 314 9.71 44.89 18.91
C MET F 314 10.84 44.99 17.90
N ARG F 315 11.34 46.19 17.60
CA ARG F 315 12.32 46.38 16.55
C ARG F 315 13.76 46.17 17.01
N ARG F 316 13.98 45.97 18.30
CA ARG F 316 15.35 45.82 18.80
C ARG F 316 15.99 44.55 18.27
N GLN F 317 17.28 44.63 17.99
CA GLN F 317 18.04 43.49 17.49
C GLN F 317 19.07 43.07 18.54
N ASP F 318 19.37 41.79 18.56
CA ASP F 318 20.33 41.26 19.52
C ASP F 318 21.74 41.38 18.93
N SER F 319 22.71 40.72 19.56
CA SER F 319 24.08 40.82 19.07
C SER F 319 24.21 40.31 17.65
N ARG F 320 23.53 39.20 17.34
CA ARG F 320 23.57 38.64 16.00
C ARG F 320 22.86 39.50 14.97
N GLY F 321 22.07 40.47 15.41
CA GLY F 321 21.22 41.25 14.54
C GLY F 321 19.81 40.72 14.40
N ASN F 322 19.55 39.51 14.88
CA ASN F 322 18.23 38.90 14.76
C ASN F 322 17.22 39.68 15.58
N THR F 323 16.15 40.16 14.90
CA THR F 323 14.96 40.77 15.46
C THR F 323 14.07 39.62 16.00
N VAL F 324 12.97 39.97 16.65
CA VAL F 324 12.07 38.96 17.19
C VAL F 324 11.62 37.98 16.11
N LEU F 325 11.55 38.42 14.86
CA LEU F 325 11.03 37.57 13.79
C LEU F 325 12.08 36.60 13.27
N HIS F 326 13.34 37.03 13.16
CA HIS F 326 14.39 36.05 12.88
C HIS F 326 14.47 35.01 13.98
N ALA F 327 14.31 35.44 15.24
CA ALA F 327 14.34 34.50 16.35
C ALA F 327 13.18 33.52 16.27
N LEU F 328 11.99 34.01 15.91
CA LEU F 328 10.84 33.12 15.78
C LEU F 328 10.99 32.16 14.62
N VAL F 329 11.67 32.59 13.55
CA VAL F 329 11.98 31.68 12.45
C VAL F 329 13.00 30.64 12.89
N ALA F 330 13.96 31.04 13.72
CA ALA F 330 15.04 30.14 14.11
C ALA F 330 14.51 28.92 14.84
N ILE F 331 13.58 29.11 15.77
CA ILE F 331 12.97 27.98 16.46
C ILE F 331 11.91 27.29 15.62
N ALA F 332 11.50 27.89 14.51
CA ALA F 332 10.44 27.32 13.71
C ALA F 332 10.82 25.92 13.25
N ASP F 333 9.87 25.01 13.35
CA ASP F 333 10.06 23.64 12.89
C ASP F 333 8.88 23.26 12.00
N ASN F 334 9.00 22.12 11.35
CA ASN F 334 8.00 21.67 10.39
C ASN F 334 6.94 20.77 11.02
N THR F 335 7.03 20.49 12.32
CA THR F 335 5.97 19.77 12.99
C THR F 335 4.77 20.67 13.18
N ARG F 336 3.58 20.07 13.19
CA ARG F 336 2.35 20.85 13.36
C ARG F 336 2.33 21.56 14.71
N GLU F 337 2.74 20.85 15.76
CA GLU F 337 2.70 21.42 17.11
C GLU F 337 3.53 22.68 17.21
N ASN F 338 4.57 22.81 16.38
CA ASN F 338 5.45 23.98 16.39
C ASN F 338 4.92 25.09 15.49
N THR F 339 4.72 24.78 14.21
CA THR F 339 4.25 25.79 13.27
C THR F 339 2.95 26.41 13.72
N LYS F 340 2.07 25.63 14.34
CA LYS F 340 0.76 26.12 14.73
C LYS F 340 0.87 27.41 15.55
N PHE F 341 1.82 27.47 16.48
CA PHE F 341 1.99 28.66 17.30
C PHE F 341 3.05 29.60 16.76
N VAL F 342 4.02 29.10 16.00
CA VAL F 342 5.03 29.98 15.41
C VAL F 342 4.36 30.99 14.49
N THR F 343 3.48 30.52 13.60
CA THR F 343 2.81 31.42 12.68
C THR F 343 1.91 32.40 13.41
N LYS F 344 1.19 31.92 14.42
CA LYS F 344 0.29 32.78 15.18
C LYS F 344 1.06 33.91 15.84
N MET F 345 2.16 33.58 16.54
CA MET F 345 2.93 34.61 17.22
C MET F 345 3.57 35.56 16.22
N TYR F 346 4.03 35.04 15.08
CA TYR F 346 4.61 35.88 14.05
C TYR F 346 3.61 36.93 13.59
N ASP F 347 2.40 36.49 13.23
CA ASP F 347 1.39 37.45 12.78
C ASP F 347 1.02 38.44 13.88
N LEU F 348 0.87 37.95 15.11
CA LEU F 348 0.55 38.83 16.22
C LEU F 348 1.58 39.95 16.34
N LEU F 349 2.86 39.59 16.40
CA LEU F 349 3.90 40.59 16.59
C LEU F 349 3.98 41.53 15.39
N LEU F 350 3.83 41.01 14.18
CA LEU F 350 3.92 41.88 13.01
C LEU F 350 2.81 42.92 13.02
N LEU F 351 1.56 42.48 13.22
CA LEU F 351 0.46 43.44 13.24
C LEU F 351 0.62 44.44 14.37
N LYS F 352 1.04 43.99 15.55
CA LYS F 352 1.21 44.92 16.66
C LYS F 352 2.27 45.97 16.35
N CYS F 353 3.41 45.54 15.80
CA CYS F 353 4.46 46.50 15.48
C CYS F 353 3.99 47.49 14.41
N ALA F 354 3.25 46.99 13.42
CA ALA F 354 2.74 47.88 12.38
C ALA F 354 1.78 48.90 12.96
N ARG F 355 0.87 48.46 13.83
CA ARG F 355 -0.11 49.38 14.41
C ARG F 355 0.56 50.44 15.28
N LEU F 356 1.53 50.03 16.09
CA LEU F 356 2.14 50.99 17.01
C LEU F 356 2.98 51.98 16.21
N PHE F 357 3.97 51.48 15.49
CA PHE F 357 4.84 52.31 14.65
C PHE F 357 4.41 52.14 13.21
N PRO F 358 3.69 53.11 12.62
CA PRO F 358 3.10 52.87 11.29
C PRO F 358 4.11 52.90 10.16
N ASP F 359 5.04 53.86 10.18
CA ASP F 359 5.95 54.03 9.04
C ASP F 359 6.83 52.80 8.85
N SER F 360 7.34 52.24 9.94
CA SER F 360 8.31 51.16 9.82
C SER F 360 7.65 49.85 9.43
N ASN F 361 8.42 49.00 8.76
CA ASN F 361 8.03 47.61 8.51
C ASN F 361 9.00 46.72 9.26
N LEU F 362 8.48 45.94 10.21
CA LEU F 362 9.34 45.09 11.02
C LEU F 362 10.04 44.03 10.16
N GLU F 363 9.37 43.54 9.14
CA GLU F 363 9.90 42.47 8.29
C GLU F 363 11.02 42.95 7.38
N ALA F 364 11.29 44.25 7.31
CA ALA F 364 12.31 44.79 6.42
C ALA F 364 13.61 45.10 7.15
N VAL F 365 13.76 44.61 8.39
CA VAL F 365 14.98 44.80 9.17
C VAL F 365 15.85 43.57 8.97
N LEU F 366 17.06 43.78 8.47
CA LEU F 366 17.97 42.69 8.15
C LEU F 366 18.91 42.46 9.32
N ASN F 367 19.39 41.22 9.45
CA ASN F 367 20.33 40.88 10.49
C ASN F 367 21.76 41.12 10.00
N ASN F 368 22.74 40.66 10.77
CA ASN F 368 24.13 40.88 10.37
C ASN F 368 24.47 40.19 9.06
N ASP F 369 23.76 39.11 8.73
CA ASP F 369 23.99 38.36 7.51
C ASP F 369 23.25 38.93 6.31
N GLY F 370 22.44 39.97 6.52
CA GLY F 370 21.69 40.58 5.43
C GLY F 370 20.41 39.89 5.07
N LEU F 371 20.02 38.84 5.78
CA LEU F 371 18.77 38.14 5.53
C LEU F 371 17.61 38.84 6.23
N SER F 372 16.40 38.38 5.92
CA SER F 372 15.17 38.85 6.54
C SER F 372 14.35 37.64 6.94
N PRO F 373 13.29 37.80 7.73
CA PRO F 373 12.55 36.60 8.19
C PRO F 373 12.14 35.66 7.07
N LEU F 374 11.59 36.18 5.97
CA LEU F 374 11.23 35.32 4.85
C LEU F 374 12.47 34.75 4.18
N MET F 375 13.44 35.61 3.88
CA MET F 375 14.67 35.14 3.24
C MET F 375 15.46 34.22 4.17
N MET F 376 15.29 34.39 5.48
CA MET F 376 15.93 33.49 6.44
C MET F 376 15.24 32.13 6.48
N ALA F 377 13.91 32.11 6.38
CA ALA F 377 13.20 30.85 6.32
C ALA F 377 13.37 30.16 4.98
N ALA F 378 13.78 30.89 3.94
CA ALA F 378 13.99 30.26 2.64
C ALA F 378 15.20 29.34 2.66
N LYS F 379 16.33 29.81 3.19
CA LYS F 379 17.57 29.07 3.12
C LYS F 379 17.80 28.16 4.32
N THR F 380 16.85 28.08 5.25
CA THR F 380 16.97 27.22 6.41
C THR F 380 16.07 26.00 6.34
N GLY F 381 15.06 26.01 5.46
CA GLY F 381 14.21 24.85 5.29
C GLY F 381 13.01 24.85 6.22
N LYS F 382 12.27 25.94 6.27
CA LYS F 382 11.11 26.09 7.14
C LYS F 382 9.88 26.33 6.26
N ILE F 383 9.19 25.25 5.90
CA ILE F 383 8.00 25.36 5.05
C ILE F 383 6.88 26.07 5.80
N GLY F 384 6.61 25.62 7.04
CA GLY F 384 5.41 26.07 7.72
C GLY F 384 5.30 27.58 7.78
N ILE F 385 6.41 28.26 8.02
CA ILE F 385 6.39 29.71 8.10
C ILE F 385 6.67 30.34 6.74
N PHE F 386 7.44 29.67 5.87
CA PHE F 386 7.76 30.24 4.57
C PHE F 386 6.50 30.38 3.70
N GLN F 387 5.74 29.31 3.56
CA GLN F 387 4.52 29.40 2.76
C GLN F 387 3.48 30.29 3.44
N HIS F 388 3.46 30.29 4.77
CA HIS F 388 2.54 31.18 5.48
C HIS F 388 2.86 32.64 5.17
N ILE F 389 4.14 33.00 5.15
CA ILE F 389 4.52 34.37 4.82
C ILE F 389 4.14 34.69 3.38
N ILE F 390 4.37 33.75 2.46
CA ILE F 390 4.07 34.02 1.06
C ILE F 390 2.57 34.22 0.85
N ARG F 391 1.74 33.38 1.47
CA ARG F 391 0.31 33.37 1.19
C ARG F 391 -0.51 34.26 2.11
N ARG F 392 0.11 35.01 3.02
CA ARG F 392 -0.64 35.69 4.05
C ARG F 392 -1.48 36.81 3.44
N GLU F 393 -2.71 36.96 3.93
CA GLU F 393 -3.57 38.06 3.56
C GLU F 393 -4.26 38.59 4.82
N VAL F 394 -4.20 39.91 5.01
CA VAL F 394 -4.77 40.57 6.18
C VAL F 394 -6.02 41.29 5.72
N THR F 395 -7.17 40.84 6.21
CA THR F 395 -8.45 41.40 5.77
C THR F 395 -8.72 42.77 6.36
N ASP F 396 -8.27 43.01 7.59
CA ASP F 396 -8.58 44.27 8.26
C ASP F 396 -8.05 45.44 7.44
N GLU F 397 -8.90 46.46 7.25
CA GLU F 397 -8.52 47.59 6.42
C GLU F 397 -7.43 48.43 7.07
N ASP F 398 -7.32 48.38 8.40
CA ASP F 398 -6.32 49.20 9.09
C ASP F 398 -4.92 48.82 8.65
N THR F 399 -4.64 47.53 8.52
CA THR F 399 -3.31 47.02 8.20
C THR F 399 -3.37 45.98 7.10
N ARG F 400 -4.16 46.26 6.06
CA ARG F 400 -4.22 45.36 4.92
C ARG F 400 -2.99 45.49 4.03
N HIS F 401 -2.27 46.60 4.10
CA HIS F 401 -1.16 46.83 3.20
C HIS F 401 -0.02 45.84 3.40
N LEU F 402 0.09 45.23 4.58
CA LEU F 402 1.14 44.26 4.85
C LEU F 402 0.69 42.83 4.56
N SER F 403 0.13 42.64 3.37
CA SER F 403 -0.26 41.33 2.88
C SER F 403 0.44 41.08 1.55
N ARG F 404 0.55 39.80 1.19
CA ARG F 404 1.28 39.41 -0.01
C ARG F 404 0.47 38.55 -0.96
N LYS F 405 -0.84 38.46 -0.78
CA LYS F 405 -1.71 37.78 -1.74
C LYS F 405 -3.05 38.51 -1.76
N PHE F 406 -3.42 39.03 -2.92
CA PHE F 406 -4.62 39.82 -3.07
C PHE F 406 -5.59 39.11 -4.01
N LYS F 407 -6.86 39.51 -3.95
CA LYS F 407 -7.91 38.93 -4.78
C LYS F 407 -8.28 39.94 -5.86
N ASP F 408 -7.85 39.67 -7.09
CA ASP F 408 -8.03 40.62 -8.18
C ASP F 408 -9.51 40.77 -8.54
N TRP F 409 -10.14 39.69 -9.00
CA TRP F 409 -11.52 39.78 -9.42
C TRP F 409 -12.18 38.40 -9.36
N ALA F 410 -13.50 38.39 -9.55
CA ALA F 410 -14.26 37.15 -9.49
C ALA F 410 -15.47 37.25 -10.40
N TYR F 411 -15.92 36.09 -10.89
CA TYR F 411 -17.16 36.01 -11.67
C TYR F 411 -17.67 34.58 -11.55
N GLY F 412 -18.77 34.39 -10.84
CA GLY F 412 -19.27 33.07 -10.57
C GLY F 412 -18.21 32.24 -9.88
N PRO F 413 -17.97 31.02 -10.37
CA PRO F 413 -16.90 30.18 -9.80
C PRO F 413 -15.56 30.36 -10.53
N VAL F 414 -15.12 31.61 -10.66
CA VAL F 414 -13.81 31.89 -11.23
C VAL F 414 -13.16 33.03 -10.46
N TYR F 415 -12.22 32.71 -9.57
CA TYR F 415 -11.57 33.70 -8.73
C TYR F 415 -10.14 33.90 -9.21
N SER F 416 -9.80 35.12 -9.62
CA SER F 416 -8.45 35.46 -10.02
C SER F 416 -7.82 36.29 -8.91
N SER F 417 -6.82 35.72 -8.25
CA SER F 417 -6.03 36.38 -7.23
C SER F 417 -4.64 36.64 -7.80
N LEU F 418 -3.83 37.39 -7.06
CA LEU F 418 -2.51 37.72 -7.56
C LEU F 418 -1.54 37.93 -6.40
N TYR F 419 -0.43 37.21 -6.46
CA TYR F 419 0.58 37.18 -5.40
C TYR F 419 1.57 38.31 -5.59
N ASP F 420 2.11 38.80 -4.48
CA ASP F 420 3.15 39.83 -4.49
C ASP F 420 4.50 39.16 -4.59
N LEU F 421 5.29 39.55 -5.58
CA LEU F 421 6.65 39.05 -5.76
C LEU F 421 7.67 40.17 -5.57
N SER F 422 7.40 41.06 -4.61
CA SER F 422 8.34 42.15 -4.34
C SER F 422 9.72 41.62 -3.99
N SER F 423 9.79 40.49 -3.29
CA SER F 423 11.07 39.90 -2.90
C SER F 423 11.42 38.62 -3.64
N LEU F 424 10.42 37.88 -4.13
CA LEU F 424 10.71 36.62 -4.82
C LEU F 424 11.54 36.85 -6.08
N ASP F 425 11.13 37.81 -6.90
CA ASP F 425 11.82 38.14 -8.15
C ASP F 425 12.16 39.63 -8.12
N THR F 426 13.45 39.93 -8.00
CA THR F 426 13.91 41.31 -7.88
C THR F 426 14.79 41.76 -9.05
N CYS F 427 15.24 40.83 -9.90
CA CYS F 427 16.07 41.15 -11.06
C CYS F 427 17.44 41.68 -10.62
N GLY F 428 18.11 40.93 -9.76
CA GLY F 428 19.48 41.21 -9.41
C GLY F 428 19.71 42.58 -8.82
N GLU F 429 18.87 42.97 -7.87
CA GLU F 429 19.01 44.26 -7.19
C GLU F 429 19.01 44.13 -5.68
N GLU F 430 18.23 43.22 -5.11
CA GLU F 430 18.06 43.14 -3.66
C GLU F 430 18.05 41.68 -3.19
N ALA F 431 18.93 40.85 -3.75
CA ALA F 431 19.15 39.50 -3.26
C ALA F 431 17.83 38.72 -3.19
N SER F 432 17.28 38.47 -4.37
CA SER F 432 15.99 37.79 -4.48
C SER F 432 15.96 36.53 -3.63
N VAL F 433 14.76 36.20 -3.14
CA VAL F 433 14.58 34.98 -2.37
C VAL F 433 14.75 33.76 -3.25
N LEU F 434 14.41 33.86 -4.54
CA LEU F 434 14.43 32.69 -5.41
C LEU F 434 15.85 32.14 -5.59
N GLU F 435 16.82 33.03 -5.79
CA GLU F 435 18.20 32.57 -5.96
C GLU F 435 18.69 31.86 -4.71
N ILE F 436 18.40 32.43 -3.53
CA ILE F 436 18.81 31.81 -2.27
C ILE F 436 18.11 30.47 -2.08
N LEU F 437 16.86 30.37 -2.52
CA LEU F 437 16.13 29.12 -2.36
C LEU F 437 16.66 28.04 -3.29
N VAL F 438 17.15 28.43 -4.48
CA VAL F 438 17.61 27.44 -5.44
C VAL F 438 19.08 27.08 -5.28
N TYR F 439 19.90 27.95 -4.68
CA TYR F 439 21.32 27.65 -4.48
C TYR F 439 21.65 27.33 -3.03
N ASN F 440 21.35 28.24 -2.11
CA ASN F 440 21.85 28.16 -0.73
C ASN F 440 20.92 27.40 0.19
N SER F 441 19.78 26.92 -0.30
CA SER F 441 18.77 26.34 0.56
C SER F 441 19.24 24.97 1.08
N LYS F 442 18.37 24.31 1.82
CA LYS F 442 18.66 22.99 2.38
C LYS F 442 18.25 21.93 1.37
N ILE F 443 19.19 21.06 1.01
CA ILE F 443 18.96 20.14 -0.10
C ILE F 443 17.79 19.21 0.19
N GLU F 444 17.64 18.80 1.45
CA GLU F 444 16.62 17.81 1.79
C GLU F 444 15.22 18.30 1.44
N ASN F 445 14.97 19.59 1.60
CA ASN F 445 13.60 20.12 1.54
C ASN F 445 13.44 21.13 0.40
N ARG F 446 14.44 21.25 -0.47
CA ARG F 446 14.37 22.18 -1.59
C ARG F 446 13.24 21.80 -2.55
N HIS F 447 13.07 20.51 -2.78
CA HIS F 447 12.04 20.02 -3.70
C HIS F 447 10.66 20.46 -3.26
N GLU F 448 10.45 20.60 -1.95
CA GLU F 448 9.18 21.03 -1.41
C GLU F 448 9.07 22.54 -1.31
N MET F 449 10.19 23.24 -1.04
CA MET F 449 10.15 24.69 -1.09
C MET F 449 9.83 25.19 -2.50
N LEU F 450 10.24 24.45 -3.53
CA LEU F 450 10.05 24.92 -4.90
C LEU F 450 8.67 24.62 -5.45
N ALA F 451 7.78 24.01 -4.65
CA ALA F 451 6.43 23.69 -5.10
C ALA F 451 5.38 24.62 -4.52
N VAL F 452 5.79 25.69 -3.83
CA VAL F 452 4.81 26.60 -3.25
C VAL F 452 4.04 27.32 -4.37
N GLU F 453 2.91 27.89 -4.00
CA GLU F 453 1.90 28.26 -5.00
C GLU F 453 2.41 29.24 -6.05
N PRO F 454 3.08 30.34 -5.70
CA PRO F 454 3.50 31.32 -6.72
C PRO F 454 4.90 31.14 -7.28
N ILE F 455 5.60 30.07 -6.92
CA ILE F 455 6.99 29.88 -7.35
C ILE F 455 7.09 28.97 -8.56
N ASN F 456 6.35 27.85 -8.56
CA ASN F 456 6.39 26.95 -9.70
C ASN F 456 5.86 27.66 -10.96
N GLU F 457 4.74 28.37 -10.83
CA GLU F 457 4.20 29.09 -11.96
C GLU F 457 5.14 30.20 -12.41
N LEU F 458 5.80 30.86 -11.46
CA LEU F 458 6.76 31.89 -11.83
C LEU F 458 7.89 31.30 -12.65
N LEU F 459 8.45 30.17 -12.19
CA LEU F 459 9.54 29.54 -12.93
C LEU F 459 9.09 29.10 -14.31
N ARG F 460 7.89 28.51 -14.40
CA ARG F 460 7.38 28.11 -15.71
C ARG F 460 7.21 29.30 -16.64
N ASP F 461 6.66 30.40 -16.11
CA ASP F 461 6.48 31.59 -16.93
C ASP F 461 7.81 32.12 -17.44
N LYS F 462 8.83 32.11 -16.58
CA LYS F 462 10.14 32.62 -16.99
C LYS F 462 10.76 31.70 -18.04
N TRP F 463 10.61 30.39 -17.87
CA TRP F 463 11.04 29.44 -18.89
C TRP F 463 10.39 29.75 -20.23
N ARG F 464 9.07 29.94 -20.23
CA ARG F 464 8.38 30.23 -21.49
C ARG F 464 8.85 31.55 -22.08
N LYS F 465 9.02 32.57 -21.25
CA LYS F 465 9.30 33.90 -21.76
C LYS F 465 10.70 33.97 -22.37
N PHE F 466 11.72 33.49 -21.65
CA PHE F 466 13.08 33.61 -22.17
C PHE F 466 13.96 32.38 -21.89
N GLY F 467 13.39 31.29 -21.39
CA GLY F 467 14.22 30.16 -20.98
C GLY F 467 14.45 29.15 -22.08
N ALA F 468 13.40 28.79 -22.82
CA ALA F 468 13.52 27.73 -23.81
C ALA F 468 14.40 28.17 -24.98
N VAL F 469 14.15 29.37 -25.51
CA VAL F 469 14.88 29.82 -26.70
C VAL F 469 16.37 29.94 -26.39
N SER F 470 16.72 30.52 -25.25
CA SER F 470 18.12 30.68 -24.91
C SER F 470 18.81 29.34 -24.73
N PHE F 471 18.15 28.40 -24.04
CA PHE F 471 18.74 27.08 -23.86
C PHE F 471 18.96 26.38 -25.18
N TYR F 472 17.97 26.43 -26.08
CA TYR F 472 18.10 25.73 -27.35
C TYR F 472 19.17 26.39 -28.22
N ILE F 473 19.27 27.71 -28.14
CA ILE F 473 20.28 28.44 -28.90
C ILE F 473 21.65 28.03 -28.37
N ASN F 474 21.72 27.77 -27.07
CA ASN F 474 22.95 27.34 -26.43
C ASN F 474 23.34 25.95 -26.92
N VAL F 475 22.36 25.05 -26.95
CA VAL F 475 22.58 23.69 -27.42
C VAL F 475 23.10 23.70 -28.85
N VAL F 476 22.45 24.48 -29.71
CA VAL F 476 22.83 24.52 -31.12
C VAL F 476 24.27 25.04 -31.25
N SER F 477 24.59 26.11 -30.52
CA SER F 477 25.91 26.69 -30.62
C SER F 477 26.98 25.71 -30.14
N TYR F 478 26.72 25.01 -29.03
CA TYR F 478 27.69 24.05 -28.54
C TYR F 478 27.89 22.91 -29.53
N LEU F 479 26.80 22.39 -30.10
CA LEU F 479 26.94 21.30 -31.06
C LEU F 479 27.71 21.73 -32.29
N CYS F 480 27.43 22.94 -32.79
CA CYS F 480 28.19 23.45 -33.93
C CYS F 480 29.66 23.62 -33.59
N ALA F 481 29.95 24.14 -32.38
CA ALA F 481 31.35 24.33 -31.99
C ALA F 481 32.08 22.99 -31.93
N MET F 482 31.42 21.95 -31.42
CA MET F 482 32.06 20.65 -31.37
C MET F 482 32.18 20.02 -32.75
N VAL F 483 31.24 20.27 -33.64
CA VAL F 483 31.38 19.78 -35.01
C VAL F 483 32.61 20.42 -35.65
N ILE F 484 32.78 21.72 -35.45
CA ILE F 484 33.96 22.42 -35.98
C ILE F 484 35.23 21.85 -35.36
N PHE F 485 35.20 21.59 -34.04
CA PHE F 485 36.37 21.01 -33.39
C PHE F 485 36.72 19.65 -33.98
N THR F 486 35.73 18.80 -34.20
CA THR F 486 35.98 17.49 -34.79
C THR F 486 36.54 17.62 -36.19
N LEU F 487 35.97 18.53 -37.00
CA LEU F 487 36.47 18.72 -38.36
C LEU F 487 37.91 19.20 -38.34
N THR F 488 38.24 20.14 -37.45
CA THR F 488 39.60 20.64 -37.35
C THR F 488 40.56 19.54 -36.94
N ALA F 489 40.14 18.68 -36.00
CA ALA F 489 40.99 17.57 -35.58
C ALA F 489 41.22 16.60 -36.74
N TYR F 490 40.18 16.31 -37.51
CA TYR F 490 40.29 15.30 -38.56
C TYR F 490 41.24 15.74 -39.67
N TYR F 491 41.21 17.01 -40.05
CA TYR F 491 41.97 17.49 -41.20
C TYR F 491 43.44 17.75 -40.89
N GLN F 492 43.87 17.55 -39.66
CA GLN F 492 45.24 17.89 -39.28
C GLN F 492 46.24 17.02 -40.04
N PRO F 493 47.18 17.59 -40.79
CA PRO F 493 48.23 16.77 -41.42
C PRO F 493 49.20 16.20 -40.40
N LEU F 494 49.21 14.88 -40.24
CA LEU F 494 50.02 14.23 -39.22
C LEU F 494 51.51 14.25 -39.54
N GLU F 495 51.91 14.66 -40.74
CA GLU F 495 53.31 14.67 -41.14
C GLU F 495 53.86 16.09 -40.98
N GLY F 496 54.89 16.24 -40.15
CA GLY F 496 55.47 17.53 -39.89
C GLY F 496 55.38 17.93 -38.43
N THR F 497 56.35 18.71 -37.96
CA THR F 497 56.36 19.19 -36.58
C THR F 497 55.84 20.61 -36.52
N PRO F 498 54.84 20.92 -35.71
CA PRO F 498 54.26 22.27 -35.71
C PRO F 498 55.26 23.29 -35.19
N PRO F 499 54.98 24.60 -35.35
CA PRO F 499 53.77 25.11 -36.02
C PRO F 499 53.84 24.98 -37.54
N TYR F 500 52.72 24.63 -38.17
CA TYR F 500 52.70 24.44 -39.61
C TYR F 500 52.61 25.79 -40.32
N PRO F 501 53.13 25.87 -41.55
CA PRO F 501 52.96 27.10 -42.35
C PRO F 501 51.56 27.18 -42.91
N TYR F 502 50.86 28.27 -42.61
CA TYR F 502 49.49 28.49 -43.07
C TYR F 502 49.55 29.34 -44.33
N ARG F 503 49.41 28.68 -45.48
CA ARG F 503 49.47 29.34 -46.78
C ARG F 503 48.27 29.03 -47.66
N THR F 504 47.76 27.81 -47.60
CA THR F 504 46.61 27.43 -48.41
C THR F 504 45.32 27.88 -47.73
N THR F 505 44.27 28.07 -48.55
CA THR F 505 42.97 28.42 -48.00
C THR F 505 42.46 27.33 -47.06
N VAL F 506 42.76 26.07 -47.35
CA VAL F 506 42.47 25.01 -46.39
C VAL F 506 43.25 25.22 -45.11
N ASP F 507 44.50 25.66 -45.22
CA ASP F 507 45.29 25.97 -44.02
C ASP F 507 44.69 27.15 -43.26
N TYR F 508 44.15 28.15 -43.98
CA TYR F 508 43.46 29.24 -43.31
C TYR F 508 42.22 28.74 -42.57
N LEU F 509 41.47 27.84 -43.19
CA LEU F 509 40.31 27.24 -42.52
C LEU F 509 40.74 26.50 -41.26
N ARG F 510 41.83 25.73 -41.37
CA ARG F 510 42.33 25.01 -40.20
C ARG F 510 42.77 25.98 -39.10
N LEU F 511 43.42 27.09 -39.47
CA LEU F 511 43.81 28.07 -38.47
C LEU F 511 42.59 28.69 -37.81
N ALA F 512 41.54 28.97 -38.58
CA ALA F 512 40.31 29.48 -37.99
C ALA F 512 39.71 28.47 -37.02
N GLY F 513 39.72 27.19 -37.39
CA GLY F 513 39.27 26.17 -36.46
C GLY F 513 40.12 26.10 -35.21
N GLU F 514 41.44 26.18 -35.37
CA GLU F 514 42.35 26.15 -34.24
C GLU F 514 42.08 27.30 -33.28
N VAL F 515 41.91 28.51 -33.81
CA VAL F 515 41.71 29.66 -32.95
C VAL F 515 40.34 29.63 -32.31
N ILE F 516 39.29 29.26 -33.06
CA ILE F 516 37.96 29.19 -32.46
C ILE F 516 37.91 28.14 -31.37
N THR F 517 38.68 27.05 -31.53
CA THR F 517 38.75 26.05 -30.46
C THR F 517 39.30 26.66 -29.18
N LEU F 518 40.38 27.45 -29.29
CA LEU F 518 40.93 28.09 -28.10
C LEU F 518 39.98 29.13 -27.53
N PHE F 519 39.28 29.86 -28.40
CA PHE F 519 38.28 30.81 -27.89
C PHE F 519 37.20 30.09 -27.10
N THR F 520 36.71 28.96 -27.60
CA THR F 520 35.71 28.19 -26.86
C THR F 520 36.29 27.64 -25.56
N GLY F 521 37.54 27.19 -25.59
CA GLY F 521 38.15 26.67 -24.37
C GLY F 521 38.28 27.73 -23.30
N VAL F 522 38.78 28.91 -23.67
CA VAL F 522 38.92 29.98 -22.70
C VAL F 522 37.56 30.49 -22.26
N LEU F 523 36.55 30.44 -23.14
CA LEU F 523 35.19 30.78 -22.73
C LEU F 523 34.68 29.81 -21.67
N PHE F 524 34.91 28.51 -21.89
CA PHE F 524 34.48 27.52 -20.91
C PHE F 524 35.19 27.72 -19.59
N PHE F 525 36.50 28.02 -19.65
CA PHE F 525 37.23 28.36 -18.44
C PHE F 525 36.62 29.58 -17.75
N PHE F 526 36.36 30.63 -18.52
CA PHE F 526 35.89 31.90 -17.96
C PHE F 526 34.57 31.72 -17.23
N THR F 527 33.55 31.23 -17.94
CA THR F 527 32.22 31.15 -17.34
C THR F 527 32.18 30.10 -16.24
N ASN F 528 32.99 29.03 -16.28
CA ASN F 528 32.85 27.99 -15.27
C ASN F 528 33.54 28.46 -14.05
N ILE F 529 34.70 29.07 -14.23
CA ILE F 529 35.35 29.61 -13.04
C ILE F 529 34.48 30.67 -12.39
N LYS F 530 33.82 31.51 -13.18
CA LYS F 530 32.92 32.50 -12.58
C LYS F 530 31.83 31.83 -11.79
N ASP F 531 31.23 30.77 -12.34
CA ASP F 531 30.17 30.07 -11.63
C ASP F 531 30.69 29.43 -10.35
N LEU F 532 31.85 28.76 -10.44
CA LEU F 532 32.37 28.05 -9.26
C LEU F 532 32.77 29.01 -8.15
N PHE F 533 33.37 30.16 -8.52
CA PHE F 533 33.66 31.18 -7.52
C PHE F 533 32.39 31.78 -6.94
N MET F 534 31.39 32.04 -7.80
CA MET F 534 30.14 32.63 -7.34
C MET F 534 29.42 31.71 -6.37
N LYS F 535 29.37 30.42 -6.66
CA LYS F 535 28.68 29.47 -5.81
C LYS F 535 29.67 28.72 -4.94
N LYS F 536 29.24 28.40 -3.71
CA LYS F 536 30.12 27.70 -2.79
C LYS F 536 30.34 26.26 -3.25
N CYS F 537 31.40 25.66 -2.72
CA CYS F 537 31.72 24.28 -3.07
C CYS F 537 30.61 23.36 -2.54
N PRO F 538 30.02 22.52 -3.37
CA PRO F 538 28.96 21.63 -2.90
C PRO F 538 29.52 20.35 -2.27
N GLY F 539 28.62 19.59 -1.67
CA GLY F 539 28.98 18.31 -1.07
C GLY F 539 28.15 17.18 -1.63
N VAL F 540 27.93 16.13 -0.83
CA VAL F 540 27.11 15.02 -1.28
C VAL F 540 25.65 15.44 -1.33
N ASN F 541 24.88 14.79 -2.22
CA ASN F 541 23.49 15.06 -2.52
C ASN F 541 23.33 16.31 -3.39
N SER F 542 24.39 17.05 -3.65
CA SER F 542 24.36 18.19 -4.58
C SER F 542 25.28 18.01 -5.76
N LEU F 543 26.16 17.00 -5.75
CA LEU F 543 27.03 16.75 -6.89
C LEU F 543 26.23 16.40 -8.13
N PHE F 544 25.20 15.58 -7.98
CA PHE F 544 24.43 15.13 -9.14
C PHE F 544 23.71 16.29 -9.81
N ILE F 545 23.36 17.34 -9.06
CA ILE F 545 22.59 18.44 -9.62
C ILE F 545 23.41 19.14 -10.70
N ASP F 546 24.53 19.74 -10.30
CA ASP F 546 25.36 20.47 -11.26
C ASP F 546 26.87 20.29 -11.07
N GLY F 547 27.36 19.86 -9.90
CA GLY F 547 28.78 19.92 -9.64
C GLY F 547 29.62 19.18 -10.65
N SER F 548 29.23 17.96 -10.97
CA SER F 548 30.05 17.12 -11.84
C SER F 548 30.27 17.76 -13.19
N PHE F 549 29.29 18.51 -13.69
CA PHE F 549 29.43 19.07 -15.04
C PHE F 549 30.42 20.23 -15.08
N GLN F 550 30.48 21.02 -14.03
CA GLN F 550 31.45 22.07 -14.05
C GLN F 550 32.82 21.47 -13.82
N LEU F 551 32.91 20.39 -13.04
CA LEU F 551 34.17 19.67 -12.91
C LEU F 551 34.68 19.20 -14.27
N LEU F 552 33.80 18.52 -15.03
CA LEU F 552 34.20 17.99 -16.33
C LEU F 552 34.56 19.10 -17.30
N TYR F 553 33.79 20.18 -17.30
CA TYR F 553 34.07 21.29 -18.21
C TYR F 553 35.42 21.93 -17.90
N PHE F 554 35.73 22.10 -16.61
CA PHE F 554 37.05 22.56 -16.21
C PHE F 554 38.15 21.62 -16.71
N ILE F 555 37.95 20.31 -16.56
CA ILE F 555 38.98 19.38 -17.00
C ILE F 555 39.19 19.49 -18.50
N TYR F 556 38.10 19.60 -19.27
CA TYR F 556 38.21 19.70 -20.72
C TYR F 556 38.93 20.99 -21.13
N SER F 557 38.59 22.11 -20.49
CA SER F 557 39.26 23.36 -20.79
C SER F 557 40.75 23.28 -20.47
N VAL F 558 41.10 22.68 -19.33
CA VAL F 558 42.50 22.53 -18.97
C VAL F 558 43.22 21.70 -20.02
N LEU F 559 42.57 20.64 -20.50
CA LEU F 559 43.18 19.79 -21.52
C LEU F 559 43.46 20.58 -22.78
N VAL F 560 42.51 21.41 -23.21
CA VAL F 560 42.73 22.21 -24.41
C VAL F 560 43.89 23.19 -24.19
N ILE F 561 43.95 23.81 -23.01
CA ILE F 561 45.00 24.77 -22.74
C ILE F 561 46.37 24.10 -22.79
N VAL F 562 46.51 22.92 -22.17
CA VAL F 562 47.79 22.22 -22.24
C VAL F 562 48.08 21.76 -23.67
N SER F 563 47.04 21.44 -24.44
CA SER F 563 47.25 21.08 -25.83
C SER F 563 47.86 22.24 -26.60
N ALA F 564 47.43 23.46 -26.31
CA ALA F 564 48.05 24.63 -26.94
C ALA F 564 49.54 24.70 -26.63
N ALA F 565 49.90 24.54 -25.35
CA ALA F 565 51.29 24.65 -24.97
C ALA F 565 52.14 23.58 -25.65
N LEU F 566 51.68 22.36 -25.62
CA LEU F 566 52.45 21.34 -26.25
C LEU F 566 52.56 21.67 -27.76
N TYR F 567 51.42 21.95 -28.43
CA TYR F 567 51.44 22.24 -29.86
C TYR F 567 52.46 23.33 -30.18
N LEU F 568 52.73 24.21 -29.22
CA LEU F 568 53.69 25.28 -29.49
C LEU F 568 55.03 24.73 -29.97
N ALA F 569 55.62 23.79 -29.22
CA ALA F 569 56.95 23.28 -29.55
C ALA F 569 56.97 21.78 -29.81
N GLY F 570 56.42 20.96 -28.92
CA GLY F 570 56.63 19.52 -28.98
C GLY F 570 55.72 18.80 -29.96
N ILE F 571 56.31 18.20 -31.00
CA ILE F 571 55.53 17.54 -32.04
C ILE F 571 54.76 16.35 -31.47
N GLU F 572 55.45 15.47 -30.73
CA GLU F 572 54.80 14.24 -30.28
C GLU F 572 53.78 14.51 -29.18
N ALA F 573 54.08 15.46 -28.29
CA ALA F 573 53.33 15.58 -27.04
C ALA F 573 51.87 15.94 -27.27
N TYR F 574 51.59 16.93 -28.12
CA TYR F 574 50.29 17.58 -28.08
C TYR F 574 49.17 16.61 -28.48
N LEU F 575 49.46 15.66 -29.36
CA LEU F 575 48.46 14.70 -29.78
C LEU F 575 48.10 13.70 -28.69
N ALA F 576 48.86 13.64 -27.60
CA ALA F 576 48.56 12.67 -26.56
C ALA F 576 47.18 12.91 -25.96
N VAL F 577 46.84 14.18 -25.70
CA VAL F 577 45.65 14.50 -24.92
C VAL F 577 44.62 15.32 -25.71
N MET F 578 44.97 15.86 -26.87
CA MET F 578 43.98 16.62 -27.63
C MET F 578 42.80 15.73 -28.03
N VAL F 579 43.06 14.45 -28.27
CA VAL F 579 41.96 13.51 -28.53
C VAL F 579 41.10 13.35 -27.28
N PHE F 580 41.74 13.22 -26.11
CA PHE F 580 40.98 13.21 -24.87
C PHE F 580 40.09 14.43 -24.77
N ALA F 581 40.55 15.56 -25.32
CA ALA F 581 39.71 16.76 -25.34
C ALA F 581 38.39 16.49 -26.06
N LEU F 582 38.45 15.88 -27.25
CA LEU F 582 37.24 15.58 -27.99
C LEU F 582 36.36 14.60 -27.21
N VAL F 583 36.98 13.57 -26.63
CA VAL F 583 36.21 12.57 -25.90
C VAL F 583 35.46 13.23 -24.75
N LEU F 584 36.16 14.06 -23.97
CA LEU F 584 35.53 14.71 -22.83
C LEU F 584 34.45 15.69 -23.29
N GLY F 585 34.67 16.37 -24.40
CA GLY F 585 33.66 17.30 -24.89
C GLY F 585 32.38 16.59 -25.30
N TRP F 586 32.51 15.49 -26.05
CA TRP F 586 31.32 14.73 -26.42
C TRP F 586 30.64 14.11 -25.21
N MET F 587 31.41 13.73 -24.19
CA MET F 587 30.80 13.32 -22.94
C MET F 587 30.02 14.48 -22.30
N ASN F 588 30.59 15.67 -22.33
CA ASN F 588 29.98 16.83 -21.67
C ASN F 588 28.70 17.25 -22.38
N ALA F 589 28.62 17.03 -23.70
CA ALA F 589 27.40 17.38 -24.43
C ALA F 589 26.17 16.75 -23.80
N LEU F 590 26.34 15.74 -22.94
CA LEU F 590 25.22 15.16 -22.21
C LEU F 590 24.58 16.15 -21.25
N TYR F 591 25.28 17.23 -20.91
CA TYR F 591 24.74 18.23 -20.00
C TYR F 591 23.37 18.72 -20.44
N PHE F 592 23.22 19.01 -21.73
CA PHE F 592 22.07 19.74 -22.23
C PHE F 592 20.80 18.89 -22.32
N THR F 593 20.86 17.62 -21.92
CA THR F 593 19.67 16.78 -21.91
C THR F 593 18.68 17.19 -20.82
N ARG F 594 19.08 18.06 -19.89
CA ARG F 594 18.22 18.43 -18.78
C ARG F 594 17.03 19.27 -19.23
N GLY F 595 17.09 19.87 -20.41
CA GLY F 595 15.96 20.62 -20.91
C GLY F 595 14.74 19.73 -21.15
N LEU F 596 14.97 18.53 -21.67
CA LEU F 596 13.91 17.56 -21.87
C LEU F 596 13.86 16.62 -20.67
N LYS F 597 12.68 16.52 -20.05
CA LYS F 597 12.53 15.67 -18.86
C LYS F 597 12.88 14.22 -19.17
N LEU F 598 12.40 13.70 -20.30
CA LEU F 598 12.63 12.30 -20.63
C LEU F 598 14.13 12.01 -20.73
N THR F 599 14.88 12.91 -21.36
CA THR F 599 16.33 12.76 -21.44
C THR F 599 17.01 13.12 -20.13
N GLY F 600 16.43 14.06 -19.37
CA GLY F 600 17.03 14.45 -18.10
C GLY F 600 17.07 13.31 -17.11
N THR F 601 15.97 12.55 -17.01
CA THR F 601 15.95 11.42 -16.10
C THR F 601 17.02 10.39 -16.48
N TYR F 602 17.18 10.13 -17.78
CA TYR F 602 18.22 9.20 -18.22
C TYR F 602 19.61 9.74 -17.88
N SER F 603 19.82 11.04 -18.02
CA SER F 603 21.10 11.62 -17.63
C SER F 603 21.38 11.37 -16.15
N ILE F 604 20.35 11.56 -15.31
CA ILE F 604 20.50 11.28 -13.88
C ILE F 604 20.85 9.81 -13.66
N MET F 605 20.19 8.92 -14.40
CA MET F 605 20.48 7.50 -14.26
C MET F 605 21.92 7.20 -14.60
N ILE F 606 22.41 7.74 -15.72
CA ILE F 606 23.80 7.48 -16.12
C ILE F 606 24.75 7.98 -15.06
N GLN F 607 24.52 9.20 -14.57
CA GLN F 607 25.43 9.78 -13.57
C GLN F 607 25.46 8.91 -12.31
N LYS F 608 24.28 8.56 -11.78
CA LYS F 608 24.25 7.79 -10.54
C LYS F 608 24.84 6.40 -10.73
N ILE F 609 24.55 5.75 -11.86
CA ILE F 609 25.13 4.43 -12.11
C ILE F 609 26.65 4.53 -12.19
N LEU F 610 27.18 5.56 -12.84
CA LEU F 610 28.64 5.70 -12.93
C LEU F 610 29.26 5.93 -11.56
N PHE F 611 28.63 6.74 -10.72
CA PHE F 611 29.30 7.15 -9.49
C PHE F 611 29.01 6.22 -8.31
N LYS F 612 27.73 6.00 -7.99
CA LYS F 612 27.37 5.33 -6.75
C LYS F 612 27.91 3.91 -6.66
N ASP F 613 27.46 3.01 -7.56
CA ASP F 613 27.73 1.59 -7.41
C ASP F 613 28.79 1.07 -8.36
N LEU F 614 29.13 1.79 -9.42
CA LEU F 614 30.14 1.29 -10.34
C LEU F 614 31.50 1.17 -9.66
N PHE F 615 31.88 2.19 -8.88
CA PHE F 615 33.15 2.14 -8.17
C PHE F 615 33.13 1.08 -7.08
N ARG F 616 31.96 0.84 -6.49
CA ARG F 616 31.81 -0.18 -5.47
C ARG F 616 32.10 -1.54 -6.08
N PHE F 617 31.44 -1.85 -7.19
CA PHE F 617 31.66 -3.09 -7.92
C PHE F 617 33.12 -3.20 -8.36
N LEU F 618 33.70 -2.08 -8.83
CA LEU F 618 35.08 -2.10 -9.26
C LEU F 618 36.01 -2.44 -8.11
N LEU F 619 35.75 -1.91 -6.92
CA LEU F 619 36.57 -2.22 -5.75
C LEU F 619 36.52 -3.71 -5.43
N VAL F 620 35.32 -4.27 -5.36
CA VAL F 620 35.21 -5.70 -5.04
C VAL F 620 35.88 -6.54 -6.13
N TYR F 621 35.66 -6.16 -7.38
CA TYR F 621 36.18 -6.90 -8.52
C TYR F 621 37.71 -6.87 -8.56
N LEU F 622 38.27 -5.71 -8.17
CA LEU F 622 39.71 -5.54 -8.09
C LEU F 622 40.23 -6.40 -6.94
N LEU F 623 39.51 -6.45 -5.83
CA LEU F 623 39.91 -7.27 -4.69
C LEU F 623 40.11 -8.72 -5.14
N PHE F 624 39.08 -9.28 -5.77
CA PHE F 624 39.19 -10.68 -6.20
C PHE F 624 40.24 -10.86 -7.30
N MET F 625 40.34 -9.88 -8.18
CA MET F 625 41.33 -9.94 -9.25
C MET F 625 42.76 -9.94 -8.72
N ILE F 626 43.05 -9.09 -7.73
CA ILE F 626 44.41 -9.02 -7.20
C ILE F 626 44.73 -10.27 -6.40
N GLY F 627 43.76 -10.75 -5.62
CA GLY F 627 43.97 -12.01 -4.90
C GLY F 627 44.28 -13.16 -5.84
N TYR F 628 43.49 -13.30 -6.91
CA TYR F 628 43.74 -14.37 -7.87
C TYR F 628 45.04 -14.15 -8.64
N ALA F 629 45.39 -12.92 -8.96
CA ALA F 629 46.66 -12.69 -9.63
C ALA F 629 47.82 -13.20 -8.79
N SER F 630 47.84 -12.82 -7.51
CA SER F 630 48.92 -13.30 -6.64
C SER F 630 48.89 -14.82 -6.55
N ALA F 631 47.71 -15.40 -6.30
CA ALA F 631 47.63 -16.85 -6.12
C ALA F 631 48.06 -17.60 -7.39
N LEU F 632 47.58 -17.15 -8.55
CA LEU F 632 47.87 -17.82 -9.80
C LEU F 632 49.35 -17.73 -10.15
N VAL F 633 49.95 -16.55 -10.00
CA VAL F 633 51.31 -16.38 -10.47
C VAL F 633 52.32 -16.91 -9.45
N SER F 634 51.97 -16.98 -8.17
CA SER F 634 52.88 -17.56 -7.20
C SER F 634 53.15 -19.04 -7.46
N LEU F 635 52.22 -19.74 -8.11
CA LEU F 635 52.40 -21.15 -8.38
C LEU F 635 53.37 -21.40 -9.52
N LEU F 636 53.45 -20.49 -10.48
CA LEU F 636 54.26 -20.71 -11.67
C LEU F 636 55.74 -20.79 -11.33
N ASN F 637 56.45 -21.68 -12.02
CA ASN F 637 57.89 -21.84 -11.86
C ASN F 637 58.59 -21.42 -13.14
N PRO F 638 59.59 -20.51 -13.07
CA PRO F 638 60.27 -20.10 -14.30
C PRO F 638 61.43 -21.03 -14.67
N ASP F 662 61.45 -10.65 -13.89
CA ASP F 662 60.23 -11.46 -13.80
C ASP F 662 58.98 -10.61 -13.84
N SER F 663 59.16 -9.29 -13.71
CA SER F 663 58.01 -8.38 -13.75
C SER F 663 57.41 -8.32 -15.14
N GLU F 664 58.23 -8.42 -16.19
CA GLU F 664 57.70 -8.42 -17.55
C GLU F 664 56.84 -9.65 -17.79
N THR F 665 57.31 -10.83 -17.37
CA THR F 665 56.51 -12.04 -17.53
C THR F 665 55.22 -11.96 -16.73
N PHE F 666 55.28 -11.35 -15.54
CA PHE F 666 54.08 -11.10 -14.77
C PHE F 666 53.04 -10.35 -15.61
N SER F 667 53.48 -9.34 -16.37
CA SER F 667 52.55 -8.58 -17.20
C SER F 667 51.96 -9.45 -18.30
N THR F 668 52.78 -10.27 -18.96
CA THR F 668 52.27 -11.13 -20.02
C THR F 668 51.23 -12.10 -19.47
N PHE F 669 51.49 -12.68 -18.31
CA PHE F 669 50.58 -13.66 -17.75
C PHE F 669 49.31 -13.00 -17.21
N LEU F 670 49.42 -11.78 -16.68
CA LEU F 670 48.21 -11.05 -16.30
C LEU F 670 47.36 -10.74 -17.52
N LEU F 671 47.98 -10.33 -18.63
CA LEU F 671 47.23 -10.09 -19.85
C LEU F 671 46.58 -11.38 -20.35
N ASP F 672 47.30 -12.50 -20.27
CA ASP F 672 46.70 -13.78 -20.67
C ASP F 672 45.50 -14.10 -19.80
N LEU F 673 45.61 -13.88 -18.49
CA LEU F 673 44.48 -14.12 -17.60
C LEU F 673 43.29 -13.24 -17.97
N PHE F 674 43.55 -11.97 -18.30
CA PHE F 674 42.46 -11.09 -18.74
C PHE F 674 41.84 -11.62 -20.02
N LYS F 675 42.67 -12.13 -20.94
CA LYS F 675 42.14 -12.71 -22.17
C LYS F 675 41.21 -13.88 -21.87
N LEU F 676 41.61 -14.76 -20.94
CA LEU F 676 40.73 -15.85 -20.54
C LEU F 676 39.42 -15.33 -19.96
N THR F 677 39.47 -14.17 -19.28
CA THR F 677 38.24 -13.59 -18.75
C THR F 677 37.30 -13.19 -19.87
N ILE F 678 37.85 -12.67 -20.98
CA ILE F 678 37.00 -12.18 -22.07
C ILE F 678 36.44 -13.31 -22.92
N GLY F 679 37.07 -14.49 -22.91
CA GLY F 679 36.51 -15.64 -23.58
C GLY F 679 37.42 -16.31 -24.60
N MET F 680 38.67 -15.88 -24.68
CA MET F 680 39.65 -16.52 -25.55
C MET F 680 40.96 -16.71 -24.82
N GLY F 681 41.59 -17.86 -25.01
CA GLY F 681 42.85 -18.15 -24.34
C GLY F 681 43.49 -19.37 -24.93
N ASP F 682 44.65 -19.72 -24.38
CA ASP F 682 45.43 -20.87 -24.80
C ASP F 682 45.37 -21.94 -23.71
N LEU F 683 44.86 -23.13 -24.08
CA LEU F 683 44.77 -24.21 -23.11
C LEU F 683 46.15 -24.65 -22.64
N GLU F 684 47.11 -24.77 -23.56
CA GLU F 684 48.45 -25.19 -23.17
C GLU F 684 49.10 -24.20 -22.21
N MET F 685 48.72 -22.92 -22.31
CA MET F 685 49.30 -21.92 -21.41
C MET F 685 48.94 -22.22 -19.96
N LEU F 686 47.68 -22.59 -19.70
CA LEU F 686 47.26 -22.89 -18.33
C LEU F 686 47.98 -24.12 -17.79
N SER F 687 48.10 -25.17 -18.60
CA SER F 687 48.76 -26.39 -18.20
C SER F 687 50.25 -26.37 -18.47
N SER F 688 50.80 -25.22 -18.84
CA SER F 688 52.22 -25.15 -19.17
C SER F 688 53.10 -25.52 -17.99
N THR F 689 52.74 -25.04 -16.79
CA THR F 689 53.60 -25.18 -15.61
C THR F 689 52.85 -25.91 -14.49
N LYS F 690 52.88 -27.24 -14.54
CA LYS F 690 52.56 -28.07 -13.39
C LYS F 690 51.13 -27.91 -12.87
N TYR F 691 50.69 -28.88 -12.07
CA TYR F 691 49.41 -28.88 -11.37
C TYR F 691 48.29 -28.36 -12.26
N PRO F 692 47.94 -29.07 -13.34
CA PRO F 692 46.79 -28.65 -14.15
C PRO F 692 45.49 -28.68 -13.38
N VAL F 693 45.33 -29.61 -12.44
CA VAL F 693 44.06 -29.76 -11.74
C VAL F 693 43.74 -28.51 -10.93
N VAL F 694 44.69 -28.05 -10.13
CA VAL F 694 44.43 -26.88 -9.28
C VAL F 694 44.15 -25.67 -10.15
N PHE F 695 44.83 -25.56 -11.28
CA PHE F 695 44.52 -24.48 -12.22
C PHE F 695 43.08 -24.57 -12.71
N ILE F 696 42.62 -25.78 -13.04
CA ILE F 696 41.25 -25.92 -13.54
C ILE F 696 40.25 -25.50 -12.48
N ILE F 697 40.42 -25.98 -11.24
CA ILE F 697 39.50 -25.58 -10.17
C ILE F 697 39.57 -24.09 -9.91
N LEU F 698 40.79 -23.52 -9.87
CA LEU F 698 40.91 -22.08 -9.65
C LEU F 698 40.17 -21.29 -10.71
N LEU F 699 40.35 -21.67 -11.98
CA LEU F 699 39.69 -20.94 -13.06
C LEU F 699 38.17 -21.11 -12.99
N VAL F 700 37.71 -22.31 -12.65
CA VAL F 700 36.27 -22.54 -12.55
C VAL F 700 35.67 -21.66 -11.46
N THR F 701 36.31 -21.64 -10.29
CA THR F 701 35.83 -20.77 -9.21
C THR F 701 35.92 -19.31 -9.62
N TYR F 702 36.99 -18.93 -10.34
CA TYR F 702 37.11 -17.56 -10.85
C TYR F 702 35.89 -17.17 -11.67
N ILE F 703 35.52 -18.01 -12.64
CA ILE F 703 34.40 -17.69 -13.51
C ILE F 703 33.11 -17.66 -12.71
N ILE F 704 32.91 -18.65 -11.83
CA ILE F 704 31.67 -18.72 -11.07
C ILE F 704 31.51 -17.50 -10.17
N LEU F 705 32.58 -17.13 -9.47
CA LEU F 705 32.52 -15.97 -8.58
C LEU F 705 32.32 -14.68 -9.37
N THR F 706 32.94 -14.56 -10.54
CA THR F 706 32.68 -13.38 -11.35
C THR F 706 31.21 -13.30 -11.72
N PHE F 707 30.61 -14.44 -12.10
CA PHE F 707 29.18 -14.45 -12.39
C PHE F 707 28.37 -14.07 -11.16
N VAL F 708 28.81 -14.53 -9.98
CA VAL F 708 28.10 -14.20 -8.75
C VAL F 708 28.15 -12.71 -8.47
N LEU F 709 29.32 -12.09 -8.70
CA LEU F 709 29.40 -10.64 -8.56
C LEU F 709 28.46 -9.93 -9.52
N LEU F 710 28.40 -10.42 -10.77
CA LEU F 710 27.48 -9.81 -11.73
C LEU F 710 26.03 -9.91 -11.25
N LEU F 711 25.65 -11.09 -10.76
CA LEU F 711 24.30 -11.32 -10.27
C LEU F 711 23.98 -10.42 -9.08
N ASN F 712 24.91 -10.33 -8.14
CA ASN F 712 24.73 -9.51 -6.95
C ASN F 712 24.56 -8.04 -7.33
N MET F 713 25.40 -7.55 -8.25
CA MET F 713 25.27 -6.18 -8.71
C MET F 713 23.91 -5.98 -9.38
N LEU F 714 23.45 -6.97 -10.15
CA LEU F 714 22.16 -6.87 -10.79
C LEU F 714 21.06 -6.72 -9.75
N ILE F 715 21.11 -7.53 -8.70
CA ILE F 715 20.08 -7.48 -7.64
C ILE F 715 20.09 -6.12 -6.94
N ALA F 716 21.29 -5.63 -6.60
CA ALA F 716 21.40 -4.38 -5.87
C ALA F 716 20.86 -3.21 -6.71
N LEU F 717 21.25 -3.14 -7.98
CA LEU F 717 20.64 -2.17 -8.88
C LEU F 717 19.14 -2.42 -9.01
N MET F 718 18.71 -3.67 -8.92
CA MET F 718 17.31 -4.00 -9.14
C MET F 718 16.40 -3.37 -8.09
N GLY F 719 16.68 -3.63 -6.82
CA GLY F 719 15.68 -3.24 -5.84
C GLY F 719 15.94 -1.91 -5.17
N GLU F 720 17.13 -1.80 -4.59
CA GLU F 720 17.44 -0.63 -3.76
C GLU F 720 17.56 0.62 -4.62
N THR F 721 18.21 0.50 -5.78
CA THR F 721 18.39 1.66 -6.65
C THR F 721 17.07 2.09 -7.28
N VAL F 722 16.32 1.16 -7.84
CA VAL F 722 15.13 1.53 -8.61
C VAL F 722 14.03 2.06 -7.71
N GLY F 723 13.79 1.42 -6.56
CA GLY F 723 12.73 1.90 -5.69
C GLY F 723 12.94 3.36 -5.30
N GLN F 724 14.18 3.74 -5.01
CA GLN F 724 14.48 5.13 -4.65
C GLN F 724 14.46 6.03 -5.87
N VAL F 725 14.98 5.55 -7.00
CA VAL F 725 15.11 6.37 -8.20
C VAL F 725 13.75 6.84 -8.68
N SER F 726 12.79 5.91 -8.75
CA SER F 726 11.48 6.24 -9.31
C SER F 726 10.89 7.50 -8.69
N LYS F 727 11.34 7.88 -7.49
CA LYS F 727 10.91 9.10 -6.82
C LYS F 727 11.96 10.20 -6.85
N GLU F 728 13.25 9.86 -6.72
CA GLU F 728 14.26 10.90 -6.60
C GLU F 728 14.60 11.57 -7.93
N SER F 729 14.44 10.85 -9.04
CA SER F 729 14.83 11.42 -10.33
C SER F 729 14.00 12.64 -10.67
N LYS F 730 12.69 12.59 -10.38
CA LYS F 730 11.82 13.73 -10.65
C LYS F 730 12.35 14.99 -9.98
N HIS F 731 12.63 14.89 -8.68
CA HIS F 731 13.05 16.06 -7.93
C HIS F 731 14.42 16.55 -8.37
N ILE F 732 15.35 15.63 -8.63
CA ILE F 732 16.68 16.08 -9.06
C ILE F 732 16.58 16.79 -10.40
N TRP F 733 15.78 16.27 -11.32
CA TRP F 733 15.60 16.96 -12.60
C TRP F 733 14.96 18.33 -12.40
N LYS F 734 13.98 18.43 -11.50
CA LYS F 734 13.35 19.72 -11.26
C LYS F 734 14.38 20.73 -10.76
N LEU F 735 15.24 20.31 -9.83
CA LEU F 735 16.28 21.21 -9.34
C LEU F 735 17.22 21.63 -10.45
N GLN F 736 17.61 20.69 -11.31
CA GLN F 736 18.50 21.04 -12.41
C GLN F 736 17.84 22.05 -13.34
N TRP F 737 16.56 21.84 -13.66
CA TRP F 737 15.83 22.74 -14.53
C TRP F 737 15.78 24.15 -13.94
N ALA F 738 15.43 24.24 -12.65
CA ALA F 738 15.34 25.56 -12.02
C ALA F 738 16.68 26.27 -11.98
N THR F 739 17.76 25.55 -11.63
CA THR F 739 19.05 26.20 -11.55
C THR F 739 19.54 26.65 -12.92
N THR F 740 19.25 25.87 -13.98
CA THR F 740 19.60 26.35 -15.32
C THR F 740 18.80 27.59 -15.69
N ILE F 741 17.52 27.63 -15.34
CA ILE F 741 16.73 28.84 -15.62
C ILE F 741 17.38 30.06 -14.96
N LEU F 742 17.76 29.91 -13.69
CA LEU F 742 18.32 31.05 -12.97
C LEU F 742 19.69 31.44 -13.53
N ASP F 743 20.48 30.46 -13.96
CA ASP F 743 21.76 30.77 -14.59
C ASP F 743 21.55 31.56 -15.88
N ILE F 744 20.58 31.13 -16.69
CA ILE F 744 20.28 31.85 -17.93
C ILE F 744 19.85 33.27 -17.61
N GLU F 745 19.03 33.46 -16.57
CA GLU F 745 18.68 34.81 -16.15
C GLU F 745 19.92 35.63 -15.83
N ARG F 746 20.78 35.11 -14.96
CA ARG F 746 21.93 35.90 -14.51
C ARG F 746 22.89 36.18 -15.65
N SER F 747 22.85 35.40 -16.72
CA SER F 747 23.70 35.69 -17.88
C SER F 747 23.37 37.05 -18.48
N PHE F 748 22.07 37.37 -18.60
CA PHE F 748 21.65 38.59 -19.26
C PHE F 748 22.04 39.82 -18.43
N PRO F 749 22.14 40.98 -19.06
CA PRO F 749 22.41 42.22 -18.32
C PRO F 749 21.20 42.67 -17.52
N VAL F 750 21.45 43.60 -16.60
CA VAL F 750 20.41 44.02 -15.66
C VAL F 750 19.23 44.64 -16.39
N PHE F 751 19.52 45.54 -17.34
CA PHE F 751 18.43 46.23 -18.03
C PHE F 751 17.58 45.25 -18.83
N LEU F 752 18.23 44.27 -19.47
CA LEU F 752 17.47 43.27 -20.22
C LEU F 752 16.60 42.43 -19.28
N ARG F 753 17.14 42.08 -18.10
CA ARG F 753 16.34 41.35 -17.13
C ARG F 753 15.13 42.18 -16.71
N LYS F 754 15.32 43.48 -16.49
CA LYS F 754 14.20 44.34 -16.15
C LYS F 754 13.16 44.37 -17.26
N ALA F 755 13.63 44.38 -18.51
CA ALA F 755 12.69 44.37 -19.64
C ALA F 755 11.87 43.07 -19.64
N PHE F 756 12.52 41.94 -19.40
CA PHE F 756 11.84 40.65 -19.35
C PHE F 756 11.46 40.28 -17.92
N ARG F 757 10.75 41.17 -17.24
CA ARG F 757 10.35 40.95 -15.85
C ARG F 757 8.93 40.38 -15.81
N SER F 758 8.76 39.27 -15.11
CA SER F 758 7.45 38.66 -14.98
C SER F 758 6.55 39.49 -14.08
N GLY F 759 5.24 39.31 -14.25
CA GLY F 759 4.26 39.98 -13.43
C GLY F 759 3.84 41.33 -14.00
N GLU F 760 2.79 41.89 -13.40
CA GLU F 760 2.20 43.13 -13.83
C GLU F 760 2.76 44.30 -13.04
N MET F 761 2.17 45.48 -13.22
CA MET F 761 2.49 46.67 -12.45
C MET F 761 1.27 47.11 -11.68
N VAL F 762 0.52 46.13 -11.15
CA VAL F 762 -0.77 46.40 -10.55
C VAL F 762 -0.64 47.36 -9.38
N THR F 763 -1.68 48.16 -9.16
CA THR F 763 -1.79 49.04 -8.00
C THR F 763 -2.78 48.40 -7.03
N VAL F 764 -2.37 48.25 -5.78
CA VAL F 764 -3.17 47.55 -4.79
C VAL F 764 -4.15 48.47 -4.08
N GLY F 765 -3.69 49.62 -3.62
CA GLY F 765 -4.56 50.55 -2.94
C GLY F 765 -3.76 51.69 -2.34
N LYS F 766 -4.50 52.58 -1.67
CA LYS F 766 -3.88 53.71 -1.02
C LYS F 766 -3.07 53.26 0.18
N SER F 767 -1.93 53.93 0.39
CA SER F 767 -1.05 53.62 1.50
C SER F 767 -1.53 54.36 2.75
N SER F 768 -0.70 54.37 3.79
CA SER F 768 -1.07 55.06 5.02
C SER F 768 -1.38 56.53 4.77
N ASP F 769 -0.65 57.16 3.85
CA ASP F 769 -0.89 58.55 3.49
C ASP F 769 -1.71 58.71 2.21
N GLY F 770 -2.29 57.62 1.71
CA GLY F 770 -3.08 57.66 0.50
C GLY F 770 -2.29 57.45 -0.77
N THR F 771 -0.97 57.36 -0.71
CA THR F 771 -0.18 57.12 -1.89
C THR F 771 -0.43 55.71 -2.43
N PRO F 772 -0.27 55.50 -3.74
CA PRO F 772 -0.54 54.18 -4.30
C PRO F 772 0.57 53.18 -4.00
N ASP F 773 0.18 51.91 -3.91
CA ASP F 773 1.15 50.86 -3.63
C ASP F 773 2.05 50.60 -4.85
N ARG F 774 1.45 50.23 -5.97
CA ARG F 774 2.19 50.00 -7.22
C ARG F 774 3.24 48.90 -7.01
N ARG F 775 2.74 47.70 -6.73
CA ARG F 775 3.59 46.54 -6.46
C ARG F 775 3.53 45.56 -7.63
N TRP F 776 4.69 45.07 -8.02
CA TRP F 776 4.79 44.09 -9.11
C TRP F 776 4.23 42.75 -8.62
N CYS F 777 3.04 42.40 -9.09
CA CYS F 777 2.37 41.18 -8.70
C CYS F 777 2.35 40.18 -9.85
N PHE F 778 1.80 39.01 -9.57
CA PHE F 778 1.74 37.91 -10.53
C PHE F 778 0.44 37.16 -10.28
N ARG F 779 -0.47 37.17 -11.27
CA ARG F 779 -1.81 36.65 -11.06
C ARG F 779 -1.92 35.17 -11.37
N VAL F 780 -2.70 34.47 -10.55
CA VAL F 780 -3.14 33.12 -10.81
C VAL F 780 -4.63 33.05 -10.52
N ASP F 781 -5.34 32.22 -11.27
CA ASP F 781 -6.79 32.11 -11.18
C ASP F 781 -7.19 30.67 -10.94
N GLU F 782 -8.38 30.50 -10.34
CA GLU F 782 -8.84 29.18 -9.93
C GLU F 782 -10.35 29.10 -10.12
N VAL F 783 -10.85 27.87 -10.10
CA VAL F 783 -12.27 27.58 -10.21
C VAL F 783 -12.67 26.82 -8.96
N ASN F 784 -13.66 27.34 -8.23
CA ASN F 784 -14.13 26.74 -7.00
C ASN F 784 -15.66 26.73 -6.99
N TRP F 785 -16.23 25.54 -6.74
CA TRP F 785 -17.68 25.36 -6.73
C TRP F 785 -18.25 25.17 -5.32
N SER F 786 -17.41 25.22 -4.29
CA SER F 786 -17.87 24.91 -2.92
C SER F 786 -18.31 26.17 -2.20
N HIS F 787 -17.39 27.11 -1.99
CA HIS F 787 -17.70 28.36 -1.30
C HIS F 787 -18.23 29.35 -2.33
N TRP F 788 -19.51 29.66 -2.22
CA TRP F 788 -20.19 30.53 -3.19
C TRP F 788 -20.17 31.96 -2.67
N ASN F 789 -19.87 32.90 -3.58
CA ASN F 789 -19.79 34.34 -3.30
C ASN F 789 -19.25 34.61 -1.89
N GLN F 790 -18.16 33.95 -1.52
CA GLN F 790 -17.48 34.21 -0.26
C GLN F 790 -16.39 35.24 -0.52
N ASN F 791 -16.59 36.47 -0.05
CA ASN F 791 -15.68 37.56 -0.35
C ASN F 791 -15.78 37.90 -1.84
N LEU F 792 -15.05 38.92 -2.27
CA LEU F 792 -15.11 39.34 -3.68
C LEU F 792 -13.80 40.01 -4.05
N GLY F 793 -13.55 40.11 -5.35
CA GLY F 793 -12.39 40.81 -5.85
C GLY F 793 -12.43 42.27 -5.51
N ILE F 794 -11.42 42.74 -4.76
CA ILE F 794 -11.42 44.09 -4.24
C ILE F 794 -10.73 45.07 -5.19
N ILE F 795 -9.89 44.57 -6.10
CA ILE F 795 -9.10 45.46 -6.94
C ILE F 795 -9.74 45.92 -8.25
N ASN F 796 -9.75 45.09 -9.29
CA ASN F 796 -10.27 45.55 -10.56
C ASN F 796 -11.74 45.92 -10.55
N GLU F 797 -12.51 45.10 -9.82
CA GLU F 797 -13.98 45.23 -9.70
C GLU F 797 -14.62 45.09 -11.08
N ASP F 798 -13.99 44.22 -11.89
CA ASP F 798 -14.39 43.92 -13.26
C ASP F 798 -13.44 42.82 -13.71
N PRO F 799 -13.98 41.72 -14.29
CA PRO F 799 -13.05 40.68 -14.76
C PRO F 799 -11.90 41.18 -15.63
N LEU G 146 -25.90 -43.29 53.10
CA LEU G 146 -26.61 -43.36 54.37
C LEU G 146 -25.70 -43.79 55.51
N LYS G 147 -25.42 -45.10 55.58
CA LYS G 147 -24.60 -45.65 56.65
C LYS G 147 -23.28 -46.25 56.18
N VAL G 148 -23.14 -46.51 54.89
CA VAL G 148 -21.89 -47.01 54.32
C VAL G 148 -21.40 -45.96 53.33
N PHE G 149 -20.17 -45.49 53.53
CA PHE G 149 -19.58 -44.44 52.70
C PHE G 149 -18.32 -44.99 52.04
N ASN G 150 -18.45 -45.46 50.81
CA ASN G 150 -17.31 -45.84 49.99
C ASN G 150 -16.91 -44.64 49.12
N ARG G 151 -15.75 -44.73 48.48
CA ARG G 151 -15.30 -43.70 47.54
C ARG G 151 -16.34 -43.35 46.45
N PRO G 152 -16.94 -44.38 45.74
CA PRO G 152 -18.01 -44.06 44.78
C PRO G 152 -19.04 -43.11 45.33
N ILE G 153 -19.60 -43.44 46.49
CA ILE G 153 -20.75 -42.70 46.99
C ILE G 153 -20.35 -41.28 47.35
N LEU G 154 -19.34 -41.15 48.21
CA LEU G 154 -18.95 -39.84 48.72
C LEU G 154 -18.49 -38.92 47.61
N PHE G 155 -17.78 -39.46 46.60
CA PHE G 155 -17.32 -38.60 45.52
C PHE G 155 -18.51 -38.02 44.74
N ASP G 156 -19.55 -38.82 44.51
CA ASP G 156 -20.74 -38.29 43.85
C ASP G 156 -21.43 -37.24 44.73
N ILE G 157 -21.56 -37.55 46.03
CA ILE G 157 -22.24 -36.62 46.94
C ILE G 157 -21.57 -35.26 46.88
N VAL G 158 -20.24 -35.25 47.00
CA VAL G 158 -19.52 -33.99 47.00
C VAL G 158 -19.52 -33.38 45.60
N SER G 159 -19.52 -34.22 44.57
CA SER G 159 -19.45 -33.74 43.20
C SER G 159 -20.67 -32.94 42.79
N ARG G 160 -21.86 -33.26 43.32
CA ARG G 160 -23.03 -32.47 42.96
C ARG G 160 -23.33 -31.36 43.97
N GLY G 161 -22.46 -31.15 44.95
CA GLY G 161 -22.70 -30.12 45.93
C GLY G 161 -23.77 -30.46 46.94
N SER G 162 -24.07 -31.75 47.11
CA SER G 162 -25.18 -32.20 47.96
C SER G 162 -24.76 -32.15 49.43
N THR G 163 -25.03 -30.99 50.05
CA THR G 163 -24.80 -30.88 51.49
C THR G 163 -25.74 -31.78 52.29
N ALA G 164 -26.94 -32.04 51.76
CA ALA G 164 -27.93 -32.78 52.52
C ALA G 164 -27.49 -34.20 52.82
N ASP G 165 -26.74 -34.82 51.91
CA ASP G 165 -26.46 -36.24 51.97
C ASP G 165 -25.23 -36.60 52.81
N LEU G 166 -24.72 -35.66 53.61
CA LEU G 166 -23.55 -35.92 54.45
C LEU G 166 -23.93 -36.12 55.92
N ASP G 167 -25.19 -36.44 56.20
CA ASP G 167 -25.60 -36.65 57.59
C ASP G 167 -24.87 -37.84 58.20
N GLY G 168 -24.78 -38.94 57.48
CA GLY G 168 -24.19 -40.15 58.04
C GLY G 168 -22.69 -40.06 58.22
N LEU G 169 -22.04 -39.21 57.42
CA LEU G 169 -20.59 -39.27 57.32
C LEU G 169 -19.91 -39.07 58.67
N LEU G 170 -20.28 -38.01 59.39
CA LEU G 170 -19.60 -37.72 60.65
C LEU G 170 -19.76 -38.82 61.69
N PRO G 171 -20.97 -39.34 61.97
CA PRO G 171 -21.04 -40.49 62.88
C PRO G 171 -20.24 -41.67 62.38
N PHE G 172 -20.23 -41.91 61.07
CA PHE G 172 -19.56 -43.08 60.52
C PHE G 172 -18.06 -43.01 60.76
N LEU G 173 -17.43 -41.86 60.51
CA LEU G 173 -15.99 -41.75 60.67
C LEU G 173 -15.56 -42.04 62.10
N LEU G 174 -16.25 -41.46 63.08
CA LEU G 174 -15.94 -41.76 64.48
C LEU G 174 -16.22 -43.22 64.81
N THR G 175 -17.36 -43.74 64.35
CA THR G 175 -17.74 -45.10 64.72
C THR G 175 -16.70 -46.12 64.26
N HIS G 176 -16.16 -45.95 63.06
CA HIS G 176 -15.26 -46.94 62.48
C HIS G 176 -13.79 -46.51 62.55
N LYS G 177 -13.45 -45.49 63.35
CA LYS G 177 -12.07 -45.02 63.48
C LYS G 177 -11.45 -44.76 62.12
N LYS G 178 -12.14 -43.95 61.31
CA LYS G 178 -11.69 -43.65 59.96
C LYS G 178 -11.64 -42.14 59.77
N ARG G 179 -10.74 -41.72 58.88
CA ARG G 179 -10.55 -40.31 58.56
C ARG G 179 -10.73 -40.12 57.05
N LEU G 180 -11.10 -38.91 56.65
CA LEU G 180 -11.30 -38.63 55.23
C LEU G 180 -10.00 -38.67 54.43
N THR G 181 -8.84 -38.66 55.09
CA THR G 181 -7.57 -38.70 54.38
C THR G 181 -7.03 -40.11 54.26
N ASP G 182 -7.74 -41.10 54.80
CA ASP G 182 -7.30 -42.49 54.66
C ASP G 182 -7.41 -42.93 53.21
N GLU G 183 -6.54 -43.85 52.81
CA GLU G 183 -6.45 -44.29 51.43
C GLU G 183 -7.75 -44.78 50.80
N GLU G 184 -8.69 -45.23 51.63
CA GLU G 184 -9.93 -45.76 51.07
C GLU G 184 -10.74 -44.70 50.32
N PHE G 185 -10.60 -43.43 50.69
CA PHE G 185 -11.40 -42.35 50.13
C PHE G 185 -10.69 -41.57 49.04
N ARG G 186 -9.52 -42.03 48.63
CA ARG G 186 -8.77 -41.28 47.65
C ARG G 186 -8.52 -42.01 46.34
N GLU G 187 -8.53 -41.27 45.23
CA GLU G 187 -8.21 -41.77 43.90
C GLU G 187 -6.90 -42.57 43.94
N PRO G 188 -6.87 -43.78 43.41
CA PRO G 188 -5.59 -44.51 43.36
C PRO G 188 -4.61 -43.83 42.42
N SER G 189 -5.12 -43.41 41.26
CA SER G 189 -4.27 -42.78 40.25
C SER G 189 -3.66 -41.49 40.76
N THR G 190 -4.49 -40.55 41.21
CA THR G 190 -4.03 -39.20 41.51
C THR G 190 -4.01 -38.88 43.01
N GLY G 191 -4.63 -39.70 43.84
CA GLY G 191 -4.69 -39.39 45.26
C GLY G 191 -5.62 -38.26 45.61
N LYS G 192 -6.46 -37.82 44.67
CA LYS G 192 -7.34 -36.69 44.92
C LYS G 192 -8.31 -37.00 46.05
N THR G 193 -8.34 -36.14 47.08
CA THR G 193 -9.19 -36.28 48.23
C THR G 193 -10.52 -35.55 47.92
N CYS G 194 -11.44 -35.50 48.87
CA CYS G 194 -12.75 -34.92 48.62
C CYS G 194 -12.67 -33.43 48.30
N LEU G 195 -11.74 -32.72 48.94
CA LEU G 195 -11.74 -31.26 48.81
C LEU G 195 -11.43 -30.77 47.40
N PRO G 196 -10.40 -31.26 46.70
CA PRO G 196 -10.23 -30.84 45.29
C PRO G 196 -11.41 -31.21 44.44
N LYS G 197 -12.04 -32.34 44.73
CA LYS G 197 -13.20 -32.78 43.95
C LYS G 197 -14.32 -31.79 44.12
N ALA G 198 -14.52 -31.31 45.34
CA ALA G 198 -15.55 -30.33 45.62
C ALA G 198 -15.25 -28.99 44.96
N LEU G 199 -13.98 -28.56 45.01
CA LEU G 199 -13.64 -27.26 44.45
C LEU G 199 -13.69 -27.25 42.93
N LEU G 200 -13.42 -28.37 42.28
CA LEU G 200 -13.54 -28.43 40.82
C LEU G 200 -15.00 -28.43 40.40
N ASN G 201 -15.85 -29.13 41.12
CA ASN G 201 -17.25 -29.15 40.76
C ASN G 201 -17.98 -28.05 41.48
N LEU G 202 -17.70 -26.85 41.02
CA LEU G 202 -18.28 -25.62 41.56
C LEU G 202 -19.58 -25.32 40.81
N SER G 203 -20.65 -25.13 41.57
CA SER G 203 -21.96 -24.78 41.02
C SER G 203 -22.13 -23.27 41.18
N ASN G 204 -22.08 -22.51 40.08
CA ASN G 204 -22.23 -21.06 40.11
C ASN G 204 -21.27 -20.37 41.07
N GLY G 205 -20.08 -20.93 41.22
CA GLY G 205 -19.07 -20.32 42.08
C GLY G 205 -19.15 -20.67 43.54
N ARG G 206 -20.13 -21.47 43.94
CA ARG G 206 -20.29 -21.79 45.35
C ARG G 206 -20.76 -23.21 45.61
N ASN G 207 -19.97 -24.03 46.30
CA ASN G 207 -20.36 -25.40 46.58
C ASN G 207 -20.73 -25.49 48.05
N ASP G 208 -21.93 -25.94 48.38
CA ASP G 208 -22.37 -25.97 49.77
C ASP G 208 -21.66 -26.99 50.69
N THR G 209 -20.78 -27.82 50.17
CA THR G 209 -20.14 -28.83 50.99
C THR G 209 -18.72 -28.52 51.48
N ILE G 210 -18.06 -27.44 51.00
CA ILE G 210 -16.69 -27.22 51.46
C ILE G 210 -16.71 -26.94 52.95
N PRO G 211 -17.56 -26.05 53.48
CA PRO G 211 -17.52 -25.81 54.93
C PRO G 211 -17.84 -27.06 55.73
N VAL G 212 -18.77 -27.88 55.26
CA VAL G 212 -19.12 -29.09 56.00
C VAL G 212 -17.97 -30.08 55.98
N LEU G 213 -17.29 -30.23 54.84
CA LEU G 213 -16.14 -31.12 54.80
C LEU G 213 -15.06 -30.64 55.76
N LEU G 214 -14.77 -29.34 55.76
CA LEU G 214 -13.75 -28.82 56.67
C LEU G 214 -14.17 -29.01 58.13
N ASP G 215 -15.45 -28.78 58.42
CA ASP G 215 -15.94 -28.96 59.79
C ASP G 215 -15.77 -30.40 60.24
N ILE G 216 -16.15 -31.36 59.39
CA ILE G 216 -15.98 -32.76 59.72
C ILE G 216 -14.50 -33.11 59.88
N ALA G 217 -13.64 -32.53 59.03
CA ALA G 217 -12.22 -32.82 59.12
C ALA G 217 -11.65 -32.36 60.45
N GLU G 218 -11.96 -31.14 60.91
CA GLU G 218 -11.42 -30.73 62.21
C GLU G 218 -12.06 -31.52 63.32
N ARG G 219 -13.36 -31.77 63.20
CA ARG G 219 -13.99 -32.50 64.28
C ARG G 219 -13.42 -33.90 64.41
N THR G 220 -12.93 -34.48 63.31
CA THR G 220 -12.35 -35.82 63.31
C THR G 220 -10.88 -35.81 63.72
N GLY G 221 -10.26 -34.65 63.88
CA GLY G 221 -8.97 -34.54 64.53
C GLY G 221 -7.80 -34.17 63.63
N ASN G 222 -7.95 -34.21 62.31
CA ASN G 222 -6.79 -34.05 61.42
C ASN G 222 -6.98 -32.97 60.37
N MET G 223 -7.39 -31.77 60.76
CA MET G 223 -7.56 -30.72 59.76
C MET G 223 -6.30 -30.52 58.93
N ARG G 224 -5.17 -30.39 59.61
CA ARG G 224 -3.89 -30.13 58.96
C ARG G 224 -3.60 -31.04 57.77
N GLU G 225 -3.70 -32.34 57.99
CA GLU G 225 -3.41 -33.31 56.93
C GLU G 225 -4.43 -33.22 55.80
N PHE G 226 -5.59 -32.62 56.05
CA PHE G 226 -6.65 -32.59 55.05
C PHE G 226 -6.53 -31.39 54.11
N ILE G 227 -6.33 -30.19 54.64
CA ILE G 227 -6.42 -28.98 53.82
C ILE G 227 -5.34 -28.99 52.74
N ASN G 228 -4.15 -29.50 53.06
CA ASN G 228 -3.03 -29.54 52.11
C ASN G 228 -2.59 -30.98 51.91
N SER G 229 -3.28 -31.66 51.00
CA SER G 229 -2.93 -33.01 50.58
C SER G 229 -2.52 -32.99 49.11
N PRO G 230 -1.26 -33.25 48.77
CA PRO G 230 -0.83 -33.11 47.37
C PRO G 230 -1.33 -34.27 46.52
N PHE G 231 -1.30 -34.03 45.21
CA PHE G 231 -1.56 -35.08 44.24
C PHE G 231 -0.30 -35.94 44.09
N ARG G 232 -0.47 -37.20 43.72
CA ARG G 232 0.66 -38.09 43.54
C ARG G 232 1.00 -38.46 42.09
N ASP G 233 0.05 -38.36 41.16
CA ASP G 233 0.35 -38.76 39.79
C ASP G 233 1.39 -37.81 39.21
N ILE G 234 2.34 -38.39 38.46
CA ILE G 234 3.45 -37.60 37.94
C ILE G 234 2.96 -36.37 37.19
N TYR G 235 1.73 -36.42 36.68
CA TYR G 235 1.25 -35.37 35.79
C TYR G 235 0.82 -34.13 36.58
N TYR G 236 0.33 -34.32 37.82
CA TYR G 236 -0.12 -33.21 38.67
C TYR G 236 0.60 -33.14 40.01
N ARG G 237 1.84 -33.64 40.11
CA ARG G 237 2.48 -33.74 41.42
C ARG G 237 2.51 -32.41 42.14
N GLY G 238 2.15 -32.42 43.42
CA GLY G 238 2.32 -31.27 44.29
C GLY G 238 1.15 -30.31 44.32
N GLN G 239 0.17 -30.47 43.44
CA GLN G 239 -0.92 -29.52 43.37
C GLN G 239 -1.82 -29.65 44.60
N THR G 240 -2.16 -28.52 45.21
CA THR G 240 -2.91 -28.48 46.45
C THR G 240 -4.30 -27.90 46.20
N ALA G 241 -5.21 -28.15 47.14
CA ALA G 241 -6.53 -27.55 47.07
C ALA G 241 -6.44 -26.02 46.97
N LEU G 242 -5.41 -25.43 47.58
CA LEU G 242 -5.22 -23.99 47.48
C LEU G 242 -4.96 -23.58 46.03
N HIS G 243 -4.20 -24.39 45.30
CA HIS G 243 -3.97 -24.08 43.88
C HIS G 243 -5.27 -24.07 43.10
N ILE G 244 -6.16 -25.03 43.39
CA ILE G 244 -7.45 -25.07 42.70
C ILE G 244 -8.29 -23.86 43.09
N ALA G 245 -8.28 -23.50 44.37
CA ALA G 245 -9.06 -22.34 44.80
C ALA G 245 -8.59 -21.07 44.11
N ILE G 246 -7.27 -20.88 44.00
CA ILE G 246 -6.75 -19.68 43.36
C ILE G 246 -7.00 -19.71 41.86
N GLU G 247 -6.87 -20.88 41.24
CA GLU G 247 -7.03 -20.97 39.80
C GLU G 247 -8.48 -20.74 39.38
N ARG G 248 -9.43 -21.24 40.17
CA ARG G 248 -10.84 -21.05 39.86
C ARG G 248 -11.28 -19.59 40.01
N ARG G 249 -10.44 -18.74 40.59
CA ARG G 249 -10.70 -17.31 40.69
C ARG G 249 -11.87 -17.02 41.62
N CYS G 250 -11.84 -17.65 42.79
CA CYS G 250 -12.81 -17.41 43.86
C CYS G 250 -12.05 -16.96 45.10
N LYS G 251 -12.04 -15.65 45.34
CA LYS G 251 -11.34 -15.11 46.51
C LYS G 251 -11.94 -15.61 47.81
N HIS G 252 -13.26 -15.82 47.82
CA HIS G 252 -13.93 -16.25 49.05
C HIS G 252 -13.47 -17.62 49.51
N TYR G 253 -13.27 -18.57 48.61
CA TYR G 253 -12.78 -19.88 49.02
C TYR G 253 -11.29 -19.88 49.33
N VAL G 254 -10.48 -19.07 48.66
CA VAL G 254 -9.06 -19.03 49.05
C VAL G 254 -8.94 -18.46 50.46
N GLU G 255 -9.71 -17.41 50.78
CA GLU G 255 -9.71 -16.91 52.16
C GLU G 255 -10.18 -17.98 53.13
N LEU G 256 -11.33 -18.61 52.83
CA LEU G 256 -11.88 -19.61 53.73
C LEU G 256 -10.96 -20.81 53.90
N LEU G 257 -10.10 -21.09 52.92
CA LEU G 257 -9.22 -22.23 52.96
C LEU G 257 -7.90 -21.92 53.65
N VAL G 258 -7.38 -20.70 53.47
CA VAL G 258 -6.15 -20.34 54.17
C VAL G 258 -6.42 -20.02 55.63
N ALA G 259 -7.64 -19.60 55.96
CA ALA G 259 -7.95 -19.26 57.34
C ALA G 259 -7.77 -20.45 58.28
N GLN G 260 -7.84 -21.68 57.77
CA GLN G 260 -7.75 -22.88 58.60
C GLN G 260 -6.43 -23.60 58.47
N GLY G 261 -5.43 -23.00 57.81
CA GLY G 261 -4.10 -23.57 57.80
C GLY G 261 -3.65 -24.16 56.49
N ALA G 262 -4.07 -23.57 55.37
CA ALA G 262 -3.61 -24.02 54.06
C ALA G 262 -2.19 -23.54 53.83
N ASP G 263 -1.33 -24.44 53.37
CA ASP G 263 0.06 -24.09 53.08
C ASP G 263 0.10 -23.15 51.88
N VAL G 264 0.55 -21.92 52.10
CA VAL G 264 0.55 -20.91 51.05
C VAL G 264 1.89 -20.92 50.33
N HIS G 265 2.67 -21.99 50.51
CA HIS G 265 3.97 -22.10 49.88
C HIS G 265 4.16 -23.44 49.16
N ALA G 266 3.12 -24.27 49.07
CA ALA G 266 3.25 -25.57 48.43
C ALA G 266 3.45 -25.42 46.93
N GLN G 267 4.30 -26.27 46.36
CA GLN G 267 4.75 -26.12 44.99
C GLN G 267 4.08 -27.14 44.08
N ALA G 268 3.46 -26.65 43.00
CA ALA G 268 2.85 -27.49 41.98
C ALA G 268 3.87 -27.74 40.89
N ARG G 269 4.60 -28.86 40.98
CA ARG G 269 5.73 -29.12 40.11
C ARG G 269 5.58 -30.39 39.27
N GLY G 270 4.36 -30.85 39.02
CA GLY G 270 4.18 -32.02 38.17
C GLY G 270 4.38 -31.68 36.70
N ARG G 271 4.52 -32.74 35.89
CA ARG G 271 4.80 -32.57 34.47
C ARG G 271 3.86 -31.60 33.79
N PHE G 272 2.60 -31.56 34.22
CA PHE G 272 1.65 -30.66 33.57
C PHE G 272 2.06 -29.21 33.78
N PHE G 273 2.67 -28.91 34.92
CA PHE G 273 2.98 -27.53 35.29
C PHE G 273 4.45 -27.21 34.97
N GLN G 274 4.78 -27.30 33.69
CA GLN G 274 6.14 -27.13 33.22
C GLN G 274 6.15 -26.19 32.03
N PRO G 275 7.29 -25.58 31.71
CA PRO G 275 7.34 -24.67 30.57
C PRO G 275 6.94 -25.39 29.29
N LYS G 276 6.31 -24.65 28.37
CA LYS G 276 5.80 -25.26 27.16
C LYS G 276 6.89 -26.00 26.40
N ASP G 277 8.14 -25.53 26.49
CA ASP G 277 9.25 -26.19 25.82
C ASP G 277 9.66 -27.50 26.49
N GLU G 278 9.16 -27.81 27.68
CA GLU G 278 9.58 -28.99 28.42
C GLU G 278 8.43 -29.93 28.73
N GLY G 279 7.47 -29.99 27.82
CA GLY G 279 6.35 -30.91 27.99
C GLY G 279 5.39 -30.47 29.07
N GLY G 280 4.71 -29.35 28.85
CA GLY G 280 3.72 -28.85 29.79
C GLY G 280 2.93 -27.74 29.15
N TYR G 281 1.74 -27.52 29.68
CA TYR G 281 0.83 -26.54 29.09
C TYR G 281 0.70 -25.24 29.87
N PHE G 282 1.31 -25.13 31.05
CA PHE G 282 1.26 -23.87 31.79
C PHE G 282 2.34 -23.87 32.85
N TYR G 283 3.22 -22.87 32.81
CA TYR G 283 4.23 -22.64 33.85
C TYR G 283 3.97 -21.26 34.43
N PHE G 284 3.54 -21.22 35.69
CA PHE G 284 3.11 -19.98 36.33
C PHE G 284 4.01 -19.58 37.48
N GLY G 285 5.21 -20.15 37.58
CA GLY G 285 6.11 -19.87 38.67
C GLY G 285 6.13 -20.92 39.76
N GLU G 286 5.22 -21.89 39.72
CA GLU G 286 5.28 -23.06 40.60
C GLU G 286 5.03 -22.68 42.06
N LEU G 287 4.03 -21.83 42.29
CA LEU G 287 3.78 -21.36 43.65
C LEU G 287 2.43 -20.66 43.74
N PRO G 288 1.72 -20.73 44.85
CA PRO G 288 0.39 -20.10 44.92
C PRO G 288 0.39 -18.62 44.60
N LEU G 289 1.30 -17.84 45.19
CA LEU G 289 1.31 -16.41 44.91
C LEU G 289 1.68 -16.15 43.46
N SER G 290 2.62 -16.92 42.91
CA SER G 290 2.94 -16.82 41.51
C SER G 290 1.74 -17.20 40.64
N LEU G 291 0.95 -18.19 41.07
CA LEU G 291 -0.25 -18.55 40.34
C LEU G 291 -1.25 -17.39 40.33
N ALA G 292 -1.44 -16.74 41.48
CA ALA G 292 -2.37 -15.63 41.54
C ALA G 292 -1.91 -14.46 40.68
N ALA G 293 -0.60 -14.17 40.72
CA ALA G 293 -0.09 -13.03 39.95
C ALA G 293 -0.12 -13.32 38.45
N CYS G 294 0.17 -14.56 38.05
CA CYS G 294 0.32 -14.91 36.65
C CYS G 294 -1.01 -15.10 35.92
N THR G 295 -2.12 -15.25 36.64
CA THR G 295 -3.44 -15.35 36.03
C THR G 295 -4.24 -14.06 36.20
N ASN G 296 -3.58 -12.96 36.55
CA ASN G 296 -4.21 -11.64 36.63
C ASN G 296 -5.37 -11.62 37.62
N GLN G 297 -5.01 -11.84 38.89
CA GLN G 297 -5.95 -11.70 40.01
C GLN G 297 -5.29 -10.84 41.07
N PRO G 298 -5.25 -9.51 40.87
CA PRO G 298 -4.54 -8.65 41.83
C PRO G 298 -5.10 -8.72 43.24
N HIS G 299 -6.41 -8.93 43.38
CA HIS G 299 -7.02 -8.98 44.71
C HIS G 299 -6.48 -10.16 45.52
N ILE G 300 -6.32 -11.31 44.87
CA ILE G 300 -5.81 -12.48 45.58
C ILE G 300 -4.37 -12.25 46.01
N VAL G 301 -3.58 -11.57 45.18
CA VAL G 301 -2.21 -11.26 45.57
C VAL G 301 -2.19 -10.32 46.77
N ASN G 302 -3.05 -9.30 46.74
CA ASN G 302 -3.11 -8.36 47.86
C ASN G 302 -3.50 -9.07 49.14
N TYR G 303 -4.43 -10.03 49.05
CA TYR G 303 -4.83 -10.78 50.23
C TYR G 303 -3.72 -11.73 50.69
N LEU G 304 -3.12 -12.46 49.76
CA LEU G 304 -2.13 -13.47 50.13
C LEU G 304 -0.93 -12.84 50.81
N THR G 305 -0.46 -11.70 50.30
CA THR G 305 0.70 -11.06 50.91
C THR G 305 0.36 -10.50 52.29
N GLU G 306 -0.86 -9.99 52.47
CA GLU G 306 -1.28 -9.34 53.73
C GLU G 306 -2.55 -10.00 54.26
N ASN G 307 -2.41 -10.91 55.23
CA ASN G 307 -3.53 -11.46 55.96
C ASN G 307 -3.04 -11.89 57.34
N PRO G 308 -3.87 -11.81 58.37
CA PRO G 308 -3.38 -12.11 59.73
C PRO G 308 -2.94 -13.55 59.93
N HIS G 309 -3.44 -14.50 59.16
CA HIS G 309 -3.13 -15.91 59.43
C HIS G 309 -1.73 -16.27 58.97
N LYS G 310 -1.44 -16.11 57.68
CA LYS G 310 -0.13 -16.48 57.15
C LYS G 310 0.10 -15.74 55.85
N LYS G 311 1.28 -15.17 55.70
CA LYS G 311 1.60 -14.27 54.59
C LYS G 311 2.65 -14.93 53.70
N ALA G 312 2.37 -14.95 52.40
CA ALA G 312 3.32 -15.46 51.41
C ALA G 312 4.23 -14.32 50.98
N ASP G 313 5.50 -14.38 51.40
CA ASP G 313 6.43 -13.30 51.08
C ASP G 313 6.84 -13.37 49.61
N MET G 314 7.12 -12.20 49.04
CA MET G 314 7.37 -12.11 47.61
C MET G 314 8.74 -12.60 47.18
N ARG G 315 9.67 -12.76 48.11
CA ARG G 315 11.06 -13.08 47.78
C ARG G 315 11.31 -14.58 47.65
N ARG G 316 10.32 -15.42 47.95
CA ARG G 316 10.54 -16.86 47.89
C ARG G 316 10.76 -17.31 46.46
N GLN G 317 11.64 -18.30 46.29
CA GLN G 317 11.96 -18.86 44.99
C GLN G 317 11.46 -20.29 44.93
N ASP G 318 11.09 -20.73 43.74
CA ASP G 318 10.60 -22.08 43.54
C ASP G 318 11.78 -23.01 43.29
N SER G 319 11.50 -24.23 42.85
CA SER G 319 12.59 -25.19 42.63
C SER G 319 13.56 -24.68 41.58
N ARG G 320 13.04 -24.07 40.51
CA ARG G 320 13.90 -23.54 39.45
C ARG G 320 14.69 -22.32 39.90
N GLY G 321 14.34 -21.72 41.04
CA GLY G 321 14.93 -20.48 41.48
C GLY G 321 14.15 -19.25 41.08
N ASN G 322 13.17 -19.40 40.18
CA ASN G 322 12.40 -18.27 39.69
C ASN G 322 11.56 -17.68 40.83
N THR G 323 11.77 -16.38 41.10
CA THR G 323 11.00 -15.53 41.99
C THR G 323 9.70 -15.15 41.24
N VAL G 324 8.79 -14.45 41.91
CA VAL G 324 7.54 -14.05 41.28
C VAL G 324 7.78 -13.26 40.01
N LEU G 325 8.90 -12.55 39.92
CA LEU G 325 9.16 -11.69 38.77
C LEU G 325 9.70 -12.47 37.58
N HIS G 326 10.56 -13.46 37.80
CA HIS G 326 10.90 -14.36 36.70
C HIS G 326 9.66 -15.08 36.18
N ALA G 327 8.77 -15.49 37.09
CA ALA G 327 7.55 -16.16 36.67
C ALA G 327 6.67 -15.23 35.85
N LEU G 328 6.57 -13.96 36.26
CA LEU G 328 5.76 -13.00 35.51
C LEU G 328 6.38 -12.69 34.15
N VAL G 329 7.71 -12.73 34.05
CA VAL G 329 8.36 -12.58 32.76
C VAL G 329 8.11 -13.81 31.89
N ALA G 330 8.08 -14.99 32.50
CA ALA G 330 7.95 -16.23 31.73
C ALA G 330 6.64 -16.26 30.95
N ILE G 331 5.54 -15.86 31.59
CA ILE G 331 4.26 -15.80 30.89
C ILE G 331 4.14 -14.56 30.02
N ALA G 332 5.04 -13.60 30.17
CA ALA G 332 4.93 -12.36 29.42
C ALA G 332 4.93 -12.64 27.93
N ASP G 333 4.04 -11.98 27.22
CA ASP G 333 3.95 -12.08 25.78
C ASP G 333 3.94 -10.67 25.19
N ASN G 334 4.06 -10.61 23.87
CA ASN G 334 4.16 -9.33 23.18
C ASN G 334 2.80 -8.82 22.69
N THR G 335 1.72 -9.55 22.95
CA THR G 335 0.39 -9.04 22.66
C THR G 335 0.01 -7.97 23.67
N ARG G 336 -0.80 -7.00 23.23
CA ARG G 336 -1.20 -5.93 24.13
C ARG G 336 -2.00 -6.47 25.31
N GLU G 337 -2.92 -7.40 25.05
CA GLU G 337 -3.77 -7.94 26.10
C GLU G 337 -2.94 -8.56 27.22
N ASN G 338 -1.75 -9.07 26.91
CA ASN G 338 -0.89 -9.69 27.91
C ASN G 338 0.00 -8.67 28.61
N THR G 339 0.79 -7.92 27.83
CA THR G 339 1.71 -6.94 28.42
C THR G 339 0.96 -5.95 29.30
N LYS G 340 -0.26 -5.59 28.90
CA LYS G 340 -1.00 -4.57 29.63
C LYS G 340 -1.08 -4.90 31.12
N PHE G 341 -1.34 -6.16 31.46
CA PHE G 341 -1.44 -6.55 32.86
C PHE G 341 -0.12 -7.10 33.40
N VAL G 342 0.74 -7.65 32.55
CA VAL G 342 2.03 -8.14 33.04
C VAL G 342 2.82 -7.00 33.65
N THR G 343 2.91 -5.87 32.94
CA THR G 343 3.67 -4.73 33.46
C THR G 343 3.03 -4.19 34.74
N LYS G 344 1.70 -4.10 34.76
CA LYS G 344 1.02 -3.57 35.94
C LYS G 344 1.31 -4.43 37.16
N MET G 345 1.16 -5.74 37.03
CA MET G 345 1.40 -6.63 38.17
C MET G 345 2.87 -6.60 38.58
N TYR G 346 3.78 -6.51 37.60
CA TYR G 346 5.20 -6.42 37.91
C TYR G 346 5.49 -5.21 38.78
N ASP G 347 5.01 -4.04 38.36
CA ASP G 347 5.25 -2.83 39.13
C ASP G 347 4.60 -2.92 40.51
N LEU G 348 3.36 -3.43 40.57
CA LEU G 348 2.68 -3.58 41.85
C LEU G 348 3.52 -4.39 42.82
N LEU G 349 3.95 -5.58 42.38
CA LEU G 349 4.70 -6.45 43.28
C LEU G 349 6.04 -5.84 43.67
N LEU G 350 6.72 -5.20 42.72
CA LEU G 350 8.01 -4.61 43.04
C LEU G 350 7.87 -3.53 44.10
N LEU G 351 6.95 -2.58 43.90
CA LEU G 351 6.77 -1.52 44.88
C LEU G 351 6.36 -2.08 46.23
N LYS G 352 5.46 -3.07 46.24
CA LYS G 352 5.03 -3.63 47.52
C LYS G 352 6.20 -4.28 48.25
N CYS G 353 7.01 -5.06 47.55
CA CYS G 353 8.14 -5.71 48.20
C CYS G 353 9.14 -4.68 48.70
N ALA G 354 9.37 -3.61 47.93
CA ALA G 354 10.28 -2.57 48.37
C ALA G 354 9.75 -1.88 49.64
N ARG G 355 8.47 -1.56 49.66
CA ARG G 355 7.90 -0.87 50.82
C ARG G 355 7.95 -1.74 52.06
N LEU G 356 7.63 -3.02 51.93
CA LEU G 356 7.58 -3.88 53.11
C LEU G 356 9.00 -4.11 53.62
N PHE G 357 9.85 -4.70 52.79
CA PHE G 357 11.24 -4.95 53.13
C PHE G 357 12.10 -3.91 52.45
N PRO G 358 12.60 -2.88 53.16
CA PRO G 358 13.26 -1.77 52.47
C PRO G 358 14.64 -2.10 51.96
N ASP G 359 15.45 -2.80 52.76
CA ASP G 359 16.85 -3.03 52.37
C ASP G 359 16.95 -3.85 51.09
N SER G 360 16.12 -4.89 50.96
CA SER G 360 16.26 -5.81 49.84
C SER G 360 15.74 -5.20 48.55
N ASN G 361 16.30 -5.66 47.44
CA ASN G 361 15.77 -5.37 46.11
C ASN G 361 15.30 -6.67 45.50
N LEU G 362 14.00 -6.76 45.21
CA LEU G 362 13.45 -8.00 44.68
C LEU G 362 14.04 -8.33 43.32
N GLU G 363 14.32 -7.31 42.52
CA GLU G 363 14.83 -7.50 41.17
C GLU G 363 16.28 -7.98 41.13
N ALA G 364 16.97 -8.03 42.26
CA ALA G 364 18.37 -8.43 42.31
C ALA G 364 18.54 -9.88 42.76
N VAL G 365 17.46 -10.65 42.80
CA VAL G 365 17.50 -12.06 43.16
C VAL G 365 17.60 -12.87 41.88
N LEU G 366 18.66 -13.67 41.76
CA LEU G 366 18.93 -14.43 40.56
C LEU G 366 18.38 -15.84 40.73
N ASN G 367 18.02 -16.46 39.60
CA ASN G 367 17.52 -17.82 39.61
C ASN G 367 18.69 -18.80 39.51
N ASN G 368 18.39 -20.08 39.29
CA ASN G 368 19.45 -21.08 39.22
C ASN G 368 20.37 -20.83 38.03
N ASP G 369 19.87 -20.18 36.98
CA ASP G 369 20.65 -19.89 35.79
C ASP G 369 21.45 -18.60 35.91
N GLY G 370 21.31 -17.86 37.01
CA GLY G 370 22.04 -16.63 37.19
C GLY G 370 21.43 -15.42 36.55
N LEU G 371 20.27 -15.55 35.91
CA LEU G 371 19.60 -14.42 35.28
C LEU G 371 18.76 -13.66 36.30
N SER G 372 18.23 -12.52 35.88
CA SER G 372 17.34 -11.69 36.67
C SER G 372 16.16 -11.31 35.79
N PRO G 373 15.08 -10.74 36.36
CA PRO G 373 13.91 -10.46 35.52
C PRO G 373 14.22 -9.68 34.24
N LEU G 374 15.02 -8.62 34.33
CA LEU G 374 15.38 -7.87 33.13
C LEU G 374 16.28 -8.70 32.23
N MET G 375 17.33 -9.30 32.80
CA MET G 375 18.24 -10.12 32.02
C MET G 375 17.53 -11.35 31.48
N MET G 376 16.49 -11.82 32.16
CA MET G 376 15.70 -12.95 31.66
C MET G 376 14.81 -12.53 30.50
N ALA G 377 14.23 -11.32 30.57
CA ALA G 377 13.44 -10.82 29.45
C ALA G 377 14.30 -10.41 28.27
N ALA G 378 15.60 -10.19 28.49
CA ALA G 378 16.48 -9.83 27.38
C ALA G 378 16.69 -10.99 26.43
N LYS G 379 17.00 -12.18 26.98
CA LYS G 379 17.37 -13.32 26.16
C LYS G 379 16.18 -14.19 25.78
N THR G 380 14.96 -13.81 26.16
CA THR G 380 13.77 -14.57 25.84
C THR G 380 12.91 -13.90 24.77
N GLY G 381 13.12 -12.61 24.53
CA GLY G 381 12.39 -11.92 23.47
C GLY G 381 11.08 -11.32 23.94
N LYS G 382 11.12 -10.57 25.05
CA LYS G 382 9.93 -9.95 25.63
C LYS G 382 10.12 -8.45 25.60
N ILE G 383 9.65 -7.80 24.54
CA ILE G 383 9.79 -6.34 24.43
C ILE G 383 8.93 -5.64 25.46
N GLY G 384 7.66 -6.04 25.58
CA GLY G 384 6.72 -5.27 26.37
C GLY G 384 7.20 -5.03 27.79
N ILE G 385 7.81 -6.04 28.40
CA ILE G 385 8.32 -5.88 29.76
C ILE G 385 9.77 -5.39 29.76
N PHE G 386 10.55 -5.73 28.74
CA PHE G 386 11.95 -5.32 28.70
C PHE G 386 12.08 -3.80 28.62
N GLN G 387 11.40 -3.19 27.64
CA GLN G 387 11.48 -1.73 27.52
C GLN G 387 10.79 -1.06 28.69
N HIS G 388 9.73 -1.66 29.23
CA HIS G 388 9.08 -1.09 30.41
C HIS G 388 10.04 -1.05 31.59
N ILE G 389 10.83 -2.11 31.79
CA ILE G 389 11.80 -2.12 32.87
C ILE G 389 12.87 -1.06 32.63
N ILE G 390 13.34 -0.94 31.38
CA ILE G 390 14.39 0.02 31.10
C ILE G 390 13.91 1.45 31.34
N ARG G 391 12.70 1.78 30.90
CA ARG G 391 12.23 3.15 30.91
C ARG G 391 11.45 3.54 32.16
N ARG G 392 11.33 2.65 33.14
CA ARG G 392 10.43 2.90 34.26
C ARG G 392 10.93 4.05 35.12
N GLU G 393 10.01 4.90 35.56
CA GLU G 393 10.32 5.96 36.50
C GLU G 393 9.21 6.02 37.54
N VAL G 394 9.60 6.03 38.81
CA VAL G 394 8.67 6.05 39.93
C VAL G 394 8.70 7.45 40.53
N THR G 395 7.59 8.17 40.42
CA THR G 395 7.54 9.56 40.87
C THR G 395 7.47 9.66 42.38
N ASP G 396 6.82 8.72 43.05
CA ASP G 396 6.64 8.81 44.49
C ASP G 396 8.00 8.89 45.18
N GLU G 397 8.13 9.84 46.11
CA GLU G 397 9.40 10.05 46.79
C GLU G 397 9.75 8.89 47.71
N ASP G 398 8.74 8.15 48.19
CA ASP G 398 9.00 7.05 49.10
C ASP G 398 9.88 5.99 48.46
N THR G 399 9.60 5.65 47.20
CA THR G 399 10.30 4.59 46.49
C THR G 399 10.74 5.04 45.11
N ARG G 400 11.27 6.27 45.02
CA ARG G 400 11.79 6.75 43.75
C ARG G 400 13.13 6.12 43.40
N HIS G 401 13.86 5.60 44.39
CA HIS G 401 15.19 5.08 44.13
C HIS G 401 15.19 3.88 43.20
N LEU G 402 14.08 3.16 43.10
CA LEU G 402 14.00 1.99 42.22
C LEU G 402 13.45 2.35 40.85
N SER G 403 14.04 3.37 40.26
CA SER G 403 13.73 3.79 38.90
C SER G 403 15.00 3.79 38.08
N ARG G 404 14.84 3.72 36.75
CA ARG G 404 15.99 3.60 35.86
C ARG G 404 16.02 4.66 34.77
N LYS G 405 15.20 5.70 34.88
CA LYS G 405 15.27 6.83 33.96
C LYS G 405 14.92 8.10 34.73
N PHE G 406 15.85 9.03 34.78
CA PHE G 406 15.70 10.25 35.57
C PHE G 406 15.69 11.46 34.64
N LYS G 407 15.19 12.58 35.14
CA LYS G 407 15.10 13.82 34.38
C LYS G 407 16.17 14.78 34.90
N ASP G 408 17.23 14.95 34.12
CA ASP G 408 18.36 15.74 34.58
C ASP G 408 18.01 17.23 34.71
N TRP G 409 17.64 17.87 33.60
CA TRP G 409 17.33 19.29 33.63
C TRP G 409 16.42 19.65 32.47
N ALA G 410 15.93 20.89 32.50
CA ALA G 410 15.03 21.38 31.46
C ALA G 410 15.21 22.89 31.30
N TYR G 411 14.92 23.38 30.10
CA TYR G 411 14.90 24.81 29.82
C TYR G 411 14.00 25.03 28.61
N GLY G 412 12.84 25.62 28.82
CA GLY G 412 11.88 25.78 27.78
C GLY G 412 11.52 24.43 27.19
N PRO G 413 11.54 24.30 25.86
CA PRO G 413 11.29 23.00 25.21
C PRO G 413 12.57 22.20 24.97
N VAL G 414 13.38 22.03 26.02
CA VAL G 414 14.57 21.19 25.93
C VAL G 414 14.72 20.40 27.22
N TYR G 415 14.36 19.12 27.19
CA TYR G 415 14.39 18.27 28.38
C TYR G 415 15.53 17.27 28.23
N SER G 416 16.49 17.32 29.14
CA SER G 416 17.61 16.38 29.17
C SER G 416 17.36 15.41 30.31
N SER G 417 17.08 14.15 29.96
CA SER G 417 16.93 13.05 30.90
C SER G 417 18.15 12.14 30.77
N LEU G 418 18.25 11.17 31.69
CA LEU G 418 19.41 10.30 31.67
C LEU G 418 19.06 8.93 32.24
N TYR G 419 19.35 7.90 31.44
CA TYR G 419 19.01 6.51 31.75
C TYR G 419 20.07 5.87 32.61
N ASP G 420 19.65 4.94 33.45
CA ASP G 420 20.57 4.17 34.28
C ASP G 420 21.03 2.95 33.51
N LEU G 421 22.34 2.78 33.39
CA LEU G 421 22.95 1.62 32.75
C LEU G 421 23.73 0.78 33.75
N SER G 422 23.20 0.65 34.96
CA SER G 422 23.85 -0.16 35.99
C SER G 422 24.04 -1.59 35.51
N SER G 423 23.09 -2.12 34.75
CA SER G 423 23.17 -3.48 34.26
C SER G 423 23.43 -3.59 32.76
N LEU G 424 23.04 -2.58 31.97
CA LEU G 424 23.23 -2.65 30.52
C LEU G 424 24.70 -2.75 30.17
N ASP G 425 25.52 -1.88 30.75
CA ASP G 425 26.96 -1.85 30.49
C ASP G 425 27.69 -1.98 31.83
N THR G 426 28.33 -3.12 32.04
CA THR G 426 29.00 -3.42 33.30
C THR G 426 30.52 -3.57 33.15
N CYS G 427 31.03 -3.67 31.94
CA CYS G 427 32.47 -3.80 31.69
C CYS G 427 33.00 -5.14 32.22
N GLY G 428 32.35 -6.23 31.81
CA GLY G 428 32.85 -7.56 32.08
C GLY G 428 33.02 -7.87 33.56
N GLU G 429 32.04 -7.54 34.36
CA GLU G 429 32.07 -7.84 35.79
C GLU G 429 30.84 -8.58 36.27
N GLU G 430 29.66 -8.27 35.74
CA GLU G 430 28.41 -8.82 36.26
C GLU G 430 27.47 -9.22 35.12
N ALA G 431 28.01 -9.81 34.06
CA ALA G 431 27.19 -10.40 33.00
C ALA G 431 26.20 -9.37 32.44
N SER G 432 26.77 -8.37 31.78
CA SER G 432 25.97 -7.28 31.24
C SER G 432 24.79 -7.81 30.44
N VAL G 433 23.70 -7.03 30.44
CA VAL G 433 22.53 -7.38 29.65
C VAL G 433 22.83 -7.27 28.16
N LEU G 434 23.71 -6.34 27.78
CA LEU G 434 23.95 -6.08 26.36
C LEU G 434 24.56 -7.29 25.67
N GLU G 435 25.54 -7.94 26.30
CA GLU G 435 26.15 -9.12 25.68
C GLU G 435 25.13 -10.22 25.49
N ILE G 436 24.28 -10.46 26.50
CA ILE G 436 23.26 -11.49 26.40
C ILE G 436 22.24 -11.14 25.32
N LEU G 437 21.95 -9.85 25.17
CA LEU G 437 20.99 -9.44 24.16
C LEU G 437 21.56 -9.60 22.75
N VAL G 438 22.86 -9.39 22.59
CA VAL G 438 23.46 -9.46 21.26
C VAL G 438 23.91 -10.86 20.85
N TYR G 439 24.16 -11.76 21.81
CA TYR G 439 24.59 -13.12 21.51
C TYR G 439 23.48 -14.14 21.75
N ASN G 440 22.97 -14.21 22.97
CA ASN G 440 22.10 -15.31 23.40
C ASN G 440 20.62 -15.03 23.16
N SER G 441 20.27 -13.87 22.64
CA SER G 441 18.87 -13.47 22.54
C SER G 441 18.18 -14.28 21.46
N LYS G 442 16.90 -13.96 21.22
CA LYS G 442 16.10 -14.64 20.22
C LYS G 442 16.28 -13.92 18.88
N ILE G 443 16.68 -14.67 17.84
CA ILE G 443 17.08 -14.05 16.59
C ILE G 443 15.91 -13.28 15.97
N GLU G 444 14.70 -13.80 16.11
CA GLU G 444 13.56 -13.20 15.43
C GLU G 444 13.35 -11.76 15.86
N ASN G 445 13.59 -11.45 17.14
CA ASN G 445 13.21 -10.18 17.72
C ASN G 445 14.40 -9.37 18.20
N ARG G 446 15.62 -9.82 17.87
CA ARG G 446 16.82 -9.10 18.29
C ARG G 446 16.89 -7.70 17.68
N HIS G 447 16.49 -7.61 16.41
CA HIS G 447 16.51 -6.34 15.69
C HIS G 447 15.67 -5.27 16.40
N GLU G 448 14.61 -5.71 17.06
CA GLU G 448 13.73 -4.79 17.79
C GLU G 448 14.18 -4.59 19.22
N MET G 449 14.79 -5.60 19.84
CA MET G 449 15.38 -5.37 21.16
C MET G 449 16.52 -4.36 21.10
N LEU G 450 17.24 -4.31 19.98
CA LEU G 450 18.40 -3.45 19.87
C LEU G 450 18.05 -2.01 19.51
N ALA G 451 16.76 -1.68 19.36
CA ALA G 451 16.34 -0.34 19.00
C ALA G 451 15.73 0.41 20.18
N VAL G 452 15.81 -0.14 21.39
CA VAL G 452 15.23 0.55 22.55
C VAL G 452 16.02 1.82 22.83
N GLU G 453 15.41 2.71 23.60
CA GLU G 453 15.85 4.11 23.64
C GLU G 453 17.30 4.27 24.07
N PRO G 454 17.78 3.66 25.15
CA PRO G 454 19.17 3.90 25.60
C PRO G 454 20.21 2.93 25.08
N ILE G 455 19.85 2.02 24.19
CA ILE G 455 20.78 0.99 23.72
C ILE G 455 21.43 1.37 22.39
N ASN G 456 20.63 1.88 21.44
CA ASN G 456 21.19 2.29 20.17
C ASN G 456 22.19 3.43 20.35
N GLU G 457 21.83 4.42 21.16
CA GLU G 457 22.74 5.54 21.42
C GLU G 457 23.97 5.06 22.16
N LEU G 458 23.81 4.11 23.09
CA LEU G 458 24.97 3.57 23.79
C LEU G 458 25.92 2.89 22.81
N LEU G 459 25.40 2.06 21.92
CA LEU G 459 26.26 1.38 20.95
C LEU G 459 26.94 2.38 20.03
N ARG G 460 26.22 3.40 19.58
CA ARG G 460 26.83 4.42 18.74
C ARG G 460 27.94 5.15 19.47
N ASP G 461 27.70 5.51 20.73
CA ASP G 461 28.72 6.21 21.52
C ASP G 461 29.95 5.35 21.68
N LYS G 462 29.78 4.06 21.92
CA LYS G 462 30.93 3.18 22.09
C LYS G 462 31.70 3.02 20.78
N TRP G 463 30.98 2.91 19.67
CA TRP G 463 31.61 2.91 18.35
C TRP G 463 32.47 4.16 18.16
N ARG G 464 31.91 5.33 18.44
CA ARG G 464 32.66 6.56 18.28
C ARG G 464 33.87 6.60 19.20
N LYS G 465 33.71 6.18 20.45
CA LYS G 465 34.76 6.32 21.44
C LYS G 465 35.95 5.41 21.14
N PHE G 466 35.68 4.12 20.89
CA PHE G 466 36.79 3.19 20.67
C PHE G 466 36.51 2.16 19.58
N GLY G 467 35.43 2.28 18.83
CA GLY G 467 35.07 1.24 17.88
C GLY G 467 35.65 1.43 16.50
N ALA G 468 35.57 2.65 15.97
CA ALA G 468 36.01 2.90 14.61
C ALA G 468 37.51 2.74 14.46
N VAL G 469 38.28 3.35 15.37
CA VAL G 469 39.73 3.34 15.25
C VAL G 469 40.27 1.91 15.33
N SER G 470 39.76 1.13 16.29
CA SER G 470 40.25 -0.24 16.44
C SER G 470 39.90 -1.09 15.22
N PHE G 471 38.68 -0.94 14.70
CA PHE G 471 38.30 -1.70 13.52
C PHE G 471 39.18 -1.34 12.33
N TYR G 472 39.42 -0.05 12.11
CA TYR G 472 40.21 0.36 10.96
C TYR G 472 41.67 -0.08 11.11
N ILE G 473 42.17 -0.05 12.34
CA ILE G 473 43.54 -0.48 12.61
C ILE G 473 43.62 -1.98 12.32
N ASN G 474 42.53 -2.68 12.58
CA ASN G 474 42.46 -4.12 12.34
C ASN G 474 42.49 -4.39 10.84
N VAL G 475 41.69 -3.63 10.10
CA VAL G 475 41.63 -3.76 8.64
C VAL G 475 43.00 -3.52 8.03
N VAL G 476 43.67 -2.45 8.46
CA VAL G 476 44.98 -2.12 7.91
C VAL G 476 45.97 -3.23 8.20
N SER G 477 45.98 -3.73 9.44
CA SER G 477 46.92 -4.78 9.81
C SER G 477 46.68 -6.05 9.00
N TYR G 478 45.40 -6.43 8.83
CA TYR G 478 45.11 -7.63 8.05
C TYR G 478 45.55 -7.47 6.60
N LEU G 479 45.26 -6.31 6.00
CA LEU G 479 45.64 -6.10 4.61
C LEU G 479 47.16 -6.13 4.45
N CYS G 480 47.89 -5.51 5.38
CA CYS G 480 49.35 -5.56 5.32
C CYS G 480 49.85 -6.99 5.47
N ALA G 481 49.25 -7.75 6.40
CA ALA G 481 49.69 -9.13 6.60
C ALA G 481 49.48 -9.96 5.34
N MET G 482 48.36 -9.76 4.66
CA MET G 482 48.12 -10.49 3.43
C MET G 482 49.01 -10.02 2.29
N VAL G 483 49.35 -8.73 2.25
CA VAL G 483 50.30 -8.26 1.25
C VAL G 483 51.65 -8.95 1.46
N ILE G 484 52.09 -9.05 2.72
CA ILE G 484 53.34 -9.73 3.03
C ILE G 484 53.25 -11.21 2.65
N PHE G 485 52.10 -11.84 2.93
CA PHE G 485 51.92 -13.23 2.55
C PHE G 485 52.04 -13.43 1.04
N THR G 486 51.39 -12.56 0.27
CA THR G 486 51.46 -12.65 -1.18
C THR G 486 52.88 -12.45 -1.68
N LEU G 487 53.59 -11.46 -1.12
CA LEU G 487 54.98 -11.23 -1.53
C LEU G 487 55.84 -12.44 -1.21
N THR G 488 55.67 -13.03 -0.02
CA THR G 488 56.45 -14.21 0.35
C THR G 488 56.16 -15.37 -0.59
N ALA G 489 54.88 -15.55 -0.96
CA ALA G 489 54.53 -16.62 -1.88
C ALA G 489 55.17 -16.39 -3.25
N TYR G 490 55.16 -15.14 -3.73
CA TYR G 490 55.64 -14.86 -5.08
C TYR G 490 57.14 -15.11 -5.21
N TYR G 491 57.92 -14.76 -4.18
CA TYR G 491 59.38 -14.81 -4.28
C TYR G 491 59.94 -16.21 -4.06
N GLN G 492 59.12 -17.20 -3.79
CA GLN G 492 59.61 -18.53 -3.45
C GLN G 492 60.34 -19.14 -4.65
N PRO G 493 61.61 -19.53 -4.50
CA PRO G 493 62.29 -20.24 -5.61
C PRO G 493 61.74 -21.65 -5.80
N LEU G 494 61.10 -21.88 -6.95
CA LEU G 494 60.45 -23.16 -7.22
C LEU G 494 61.42 -24.30 -7.47
N GLU G 495 62.72 -24.03 -7.60
CA GLU G 495 63.71 -25.06 -7.88
C GLU G 495 64.40 -25.43 -6.58
N GLY G 496 64.30 -26.71 -6.19
CA GLY G 496 64.89 -27.19 -4.97
C GLY G 496 63.86 -27.75 -4.02
N THR G 497 64.25 -28.73 -3.20
CA THR G 497 63.36 -29.34 -2.23
C THR G 497 63.63 -28.76 -0.85
N PRO G 498 62.62 -28.23 -0.15
CA PRO G 498 62.88 -27.56 1.13
C PRO G 498 63.34 -28.55 2.18
N PRO G 499 63.84 -28.08 3.33
CA PRO G 499 63.98 -26.66 3.64
C PRO G 499 65.15 -26.00 2.91
N TYR G 500 64.97 -24.76 2.45
CA TYR G 500 66.03 -24.09 1.70
C TYR G 500 67.07 -23.50 2.66
N PRO G 501 68.32 -23.37 2.20
CA PRO G 501 69.34 -22.69 3.02
C PRO G 501 69.13 -21.18 3.00
N TYR G 502 68.98 -20.59 4.18
CA TYR G 502 68.76 -19.16 4.33
C TYR G 502 70.12 -18.50 4.59
N ARG G 503 70.69 -17.91 3.55
CA ARG G 503 72.00 -17.26 3.63
C ARG G 503 71.98 -15.83 3.11
N THR G 504 71.21 -15.56 2.06
CA THR G 504 71.14 -14.22 1.50
C THR G 504 70.17 -13.36 2.30
N THR G 505 70.38 -12.05 2.24
CA THR G 505 69.45 -11.13 2.90
C THR G 505 68.05 -11.27 2.34
N VAL G 506 67.92 -11.56 1.04
CA VAL G 506 66.62 -11.87 0.48
C VAL G 506 66.07 -13.14 1.11
N ASP G 507 66.94 -14.13 1.35
CA ASP G 507 66.51 -15.34 2.04
C ASP G 507 66.07 -15.04 3.47
N TYR G 508 66.77 -14.11 4.13
CA TYR G 508 66.34 -13.70 5.46
C TYR G 508 64.96 -13.03 5.42
N LEU G 509 64.73 -12.18 4.42
CA LEU G 509 63.42 -11.56 4.25
C LEU G 509 62.36 -12.63 4.03
N ARG G 510 62.66 -13.63 3.19
CA ARG G 510 61.70 -14.71 2.96
C ARG G 510 61.44 -15.50 4.23
N LEU G 511 62.47 -15.75 5.04
CA LEU G 511 62.25 -16.45 6.30
C LEU G 511 61.39 -15.63 7.24
N ALA G 512 61.60 -14.32 7.28
CA ALA G 512 60.74 -13.46 8.09
C ALA G 512 59.30 -13.52 7.62
N GLY G 513 59.08 -13.51 6.30
CA GLY G 513 57.75 -13.67 5.77
C GLY G 513 57.15 -15.03 6.13
N GLU G 514 57.95 -16.09 6.02
CA GLU G 514 57.48 -17.42 6.36
C GLU G 514 57.05 -17.51 7.81
N VAL G 515 57.86 -16.96 8.72
CA VAL G 515 57.53 -17.06 10.14
C VAL G 515 56.35 -16.18 10.49
N ILE G 516 56.30 -14.95 9.95
CA ILE G 516 55.16 -14.09 10.25
C ILE G 516 53.87 -14.69 9.72
N THR G 517 53.93 -15.41 8.60
CA THR G 517 52.75 -16.11 8.10
C THR G 517 52.24 -17.12 9.12
N LEU G 518 53.15 -17.91 9.70
CA LEU G 518 52.74 -18.88 10.70
C LEU G 518 52.24 -18.21 11.97
N PHE G 519 52.87 -17.10 12.36
CA PHE G 519 52.37 -16.35 13.51
C PHE G 519 50.93 -15.88 13.27
N THR G 520 50.65 -15.34 12.08
CA THR G 520 49.29 -14.92 11.77
C THR G 520 48.33 -16.10 11.73
N GLY G 521 48.78 -17.24 11.19
CA GLY G 521 47.91 -18.41 11.14
C GLY G 521 47.55 -18.91 12.52
N VAL G 522 48.55 -19.02 13.41
CA VAL G 522 48.28 -19.48 14.75
C VAL G 522 47.46 -18.44 15.52
N LEU G 523 47.66 -17.16 15.22
CA LEU G 523 46.82 -16.13 15.82
C LEU G 523 45.36 -16.29 15.40
N PHE G 524 45.12 -16.56 14.11
CA PHE G 524 43.76 -16.76 13.63
C PHE G 524 43.16 -17.99 14.27
N PHE G 525 43.94 -19.06 14.40
CA PHE G 525 43.49 -20.24 15.13
C PHE G 525 43.13 -19.90 16.57
N PHE G 526 44.02 -19.17 17.26
CA PHE G 526 43.84 -18.88 18.67
C PHE G 526 42.56 -18.09 18.92
N THR G 527 42.44 -16.92 18.29
CA THR G 527 41.29 -16.07 18.58
C THR G 527 39.99 -16.69 18.06
N ASN G 528 40.01 -17.50 16.98
CA ASN G 528 38.73 -17.99 16.45
C ASN G 528 38.29 -19.11 17.30
N ILE G 529 39.24 -19.95 17.67
CA ILE G 529 38.84 -21.02 18.58
C ILE G 529 38.31 -20.44 19.89
N LYS G 530 38.95 -19.39 20.40
CA LYS G 530 38.43 -18.78 21.63
C LYS G 530 37.01 -18.29 21.43
N ASP G 531 36.74 -17.64 20.30
CA ASP G 531 35.40 -17.13 20.04
C ASP G 531 34.40 -18.28 19.91
N LEU G 532 34.76 -19.33 19.17
CA LEU G 532 33.82 -20.42 18.94
C LEU G 532 33.53 -21.18 20.22
N PHE G 533 34.55 -21.39 21.07
CA PHE G 533 34.31 -22.00 22.37
C PHE G 533 33.47 -21.09 23.27
N MET G 534 33.76 -19.79 23.25
CA MET G 534 33.02 -18.85 24.08
C MET G 534 31.55 -18.80 23.70
N LYS G 535 31.25 -18.77 22.42
CA LYS G 535 29.89 -18.68 21.94
C LYS G 535 29.38 -20.05 21.51
N LYS G 536 28.10 -20.30 21.75
CA LYS G 536 27.52 -21.59 21.39
C LYS G 536 27.42 -21.74 19.88
N CYS G 537 27.29 -22.98 19.45
CA CYS G 537 27.18 -23.25 18.01
C CYS G 537 25.87 -22.65 17.49
N PRO G 538 25.91 -21.85 16.44
CA PRO G 538 24.68 -21.25 15.91
C PRO G 538 23.97 -22.19 14.95
N GLY G 539 22.76 -21.79 14.57
CA GLY G 539 21.96 -22.52 13.62
C GLY G 539 21.56 -21.68 12.43
N VAL G 540 20.42 -21.99 11.81
CA VAL G 540 19.94 -21.21 10.69
C VAL G 540 19.43 -19.85 11.19
N ASN G 541 19.52 -18.84 10.32
CA ASN G 541 19.18 -17.45 10.58
C ASN G 541 20.26 -16.75 11.39
N SER G 542 21.29 -17.46 11.86
CA SER G 542 22.43 -16.86 12.53
C SER G 542 23.74 -17.11 11.80
N LEU G 543 23.76 -18.00 10.82
CA LEU G 543 24.98 -18.26 10.06
C LEU G 543 25.44 -17.00 9.32
N PHE G 544 24.48 -16.27 8.72
CA PHE G 544 24.85 -15.11 7.93
C PHE G 544 25.48 -14.02 8.79
N ILE G 545 25.14 -13.95 10.07
CA ILE G 545 25.64 -12.88 10.92
C ILE G 545 27.14 -13.00 11.06
N ASP G 546 27.61 -14.09 11.66
CA ASP G 546 29.05 -14.28 11.86
C ASP G 546 29.56 -15.69 11.64
N GLY G 547 28.70 -16.72 11.67
CA GLY G 547 29.20 -18.09 11.70
C GLY G 547 30.13 -18.43 10.54
N SER G 548 29.71 -18.07 9.33
CA SER G 548 30.45 -18.47 8.15
C SER G 548 31.88 -17.94 8.17
N PHE G 549 32.08 -16.76 8.75
CA PHE G 549 33.42 -16.18 8.71
C PHE G 549 34.39 -16.88 9.67
N GLN G 550 33.91 -17.34 10.79
CA GLN G 550 34.81 -18.05 11.66
C GLN G 550 35.05 -19.42 11.07
N LEU G 551 34.06 -20.00 10.39
CA LEU G 551 34.29 -21.25 9.68
C LEU G 551 35.41 -21.09 8.66
N LEU G 552 35.31 -20.05 7.82
CA LEU G 552 36.31 -19.84 6.77
C LEU G 552 37.69 -19.56 7.37
N TYR G 553 37.74 -18.76 8.43
CA TYR G 553 39.03 -18.44 9.05
C TYR G 553 39.68 -19.69 9.62
N PHE G 554 38.88 -20.56 10.27
CA PHE G 554 39.39 -21.84 10.73
C PHE G 554 39.95 -22.66 9.57
N ILE G 555 39.22 -22.73 8.46
CA ILE G 555 39.70 -23.52 7.33
C ILE G 555 41.03 -22.98 6.83
N TYR G 556 41.14 -21.65 6.71
CA TYR G 556 42.37 -21.05 6.23
C TYR G 556 43.54 -21.32 7.17
N SER G 557 43.31 -21.19 8.48
CA SER G 557 44.36 -21.49 9.44
C SER G 557 44.80 -22.94 9.36
N VAL G 558 43.84 -23.86 9.23
CA VAL G 558 44.17 -25.27 9.11
C VAL G 558 45.01 -25.50 7.86
N LEU G 559 44.66 -24.83 6.76
CA LEU G 559 45.43 -24.98 5.53
C LEU G 559 46.87 -24.52 5.72
N VAL G 560 47.06 -23.38 6.39
CA VAL G 560 48.43 -22.91 6.63
C VAL G 560 49.19 -23.91 7.51
N ILE G 561 48.53 -24.45 8.54
CA ILE G 561 49.21 -25.39 9.42
C ILE G 561 49.65 -26.63 8.66
N VAL G 562 48.77 -27.18 7.82
CA VAL G 562 49.18 -28.35 7.04
C VAL G 562 50.25 -27.99 6.02
N SER G 563 50.23 -26.74 5.52
CA SER G 563 51.28 -26.30 4.61
C SER G 563 52.63 -26.34 5.31
N ALA G 564 52.67 -25.95 6.58
CA ALA G 564 53.92 -26.05 7.33
C ALA G 564 54.42 -27.48 7.39
N ALA G 565 53.53 -28.43 7.72
CA ALA G 565 53.94 -29.82 7.84
C ALA G 565 54.47 -30.36 6.51
N LEU G 566 53.75 -30.12 5.46
CA LEU G 566 54.22 -30.61 4.22
C LEU G 566 55.58 -29.95 3.89
N TYR G 567 55.67 -28.59 3.99
CA TYR G 567 56.91 -27.90 3.68
C TYR G 567 58.08 -28.50 4.46
N LEU G 568 57.80 -29.10 5.63
CA LEU G 568 58.90 -29.66 6.40
C LEU G 568 59.70 -30.67 5.58
N ALA G 569 59.03 -31.65 4.97
CA ALA G 569 59.73 -32.72 4.25
C ALA G 569 59.37 -32.79 2.77
N GLY G 570 58.08 -32.84 2.44
CA GLY G 570 57.67 -33.15 1.07
C GLY G 570 57.72 -31.99 0.11
N ILE G 571 58.58 -32.08 -0.90
CA ILE G 571 58.76 -30.98 -1.85
C ILE G 571 57.48 -30.72 -2.64
N GLU G 572 56.89 -31.78 -3.21
CA GLU G 572 55.75 -31.58 -4.10
C GLU G 572 54.49 -31.18 -3.32
N ALA G 573 54.31 -31.75 -2.12
CA ALA G 573 53.02 -31.69 -1.45
C ALA G 573 52.63 -30.26 -1.08
N TYR G 574 53.56 -29.50 -0.48
CA TYR G 574 53.14 -28.30 0.24
C TYR G 574 52.54 -27.25 -0.68
N LEU G 575 53.00 -27.20 -1.93
CA LEU G 575 52.48 -26.24 -2.90
C LEU G 575 51.05 -26.56 -3.34
N ALA G 576 50.54 -27.75 -3.03
CA ALA G 576 49.20 -28.10 -3.46
C ALA G 576 48.16 -27.16 -2.88
N VAL G 577 48.27 -26.84 -1.60
CA VAL G 577 47.23 -26.13 -0.88
C VAL G 577 47.66 -24.76 -0.35
N MET G 578 48.96 -24.45 -0.34
CA MET G 578 49.37 -23.14 0.13
C MET G 578 48.77 -22.03 -0.72
N VAL G 579 48.58 -22.28 -2.03
CA VAL G 579 47.89 -21.32 -2.88
C VAL G 579 46.43 -21.18 -2.45
N PHE G 580 45.77 -22.31 -2.17
CA PHE G 580 44.42 -22.25 -1.60
C PHE G 580 44.40 -21.36 -0.37
N ALA G 581 45.49 -21.38 0.40
CA ALA G 581 45.57 -20.50 1.56
C ALA G 581 45.38 -19.04 1.15
N LEU G 582 46.12 -18.60 0.12
CA LEU G 582 45.99 -17.21 -0.34
C LEU G 582 44.57 -16.94 -0.84
N VAL G 583 44.02 -17.88 -1.60
CA VAL G 583 42.68 -17.68 -2.16
C VAL G 583 41.67 -17.49 -1.03
N LEU G 584 41.71 -18.38 -0.03
CA LEU G 584 40.78 -18.29 1.08
C LEU G 584 41.00 -17.03 1.88
N GLY G 585 42.25 -16.59 2.05
CA GLY G 585 42.50 -15.37 2.80
C GLY G 585 41.93 -14.15 2.10
N TRP G 586 42.15 -14.03 0.78
CA TRP G 586 41.57 -12.91 0.06
C TRP G 586 40.05 -12.97 0.04
N MET G 587 39.48 -14.18 0.02
CA MET G 587 38.04 -14.28 0.20
C MET G 587 37.62 -13.77 1.58
N ASN G 588 38.38 -14.12 2.61
CA ASN G 588 38.02 -13.75 3.98
C ASN G 588 38.12 -12.25 4.21
N ALA G 589 39.03 -11.59 3.50
CA ALA G 589 39.16 -10.14 3.63
C ALA G 589 37.81 -9.42 3.42
N LEU G 590 36.83 -10.11 2.83
CA LEU G 590 35.49 -9.56 2.68
C LEU G 590 34.82 -9.34 4.03
N TYR G 591 35.32 -9.99 5.09
CA TYR G 591 34.72 -9.83 6.41
C TYR G 591 34.60 -8.36 6.80
N PHE G 592 35.65 -7.59 6.57
CA PHE G 592 35.78 -6.26 7.15
C PHE G 592 34.90 -5.22 6.46
N THR G 593 34.12 -5.61 5.45
CA THR G 593 33.20 -4.67 4.81
C THR G 593 32.03 -4.28 5.70
N ARG G 594 31.84 -4.98 6.82
CA ARG G 594 30.70 -4.71 7.68
C ARG G 594 30.80 -3.36 8.37
N GLY G 595 32.00 -2.77 8.45
CA GLY G 595 32.13 -1.46 9.04
C GLY G 595 31.39 -0.40 8.25
N LEU G 596 31.44 -0.49 6.92
CA LEU G 596 30.69 0.41 6.06
C LEU G 596 29.37 -0.22 5.68
N LYS G 597 28.28 0.49 5.93
CA LYS G 597 26.95 -0.05 5.65
C LYS G 597 26.78 -0.37 4.17
N LEU G 598 27.24 0.52 3.30
CA LEU G 598 27.07 0.31 1.86
C LEU G 598 27.75 -0.97 1.42
N THR G 599 28.96 -1.23 1.92
CA THR G 599 29.66 -2.47 1.61
C THR G 599 29.10 -3.64 2.41
N GLY G 600 28.60 -3.38 3.63
CA GLY G 600 28.05 -4.47 4.42
C GLY G 600 26.84 -5.11 3.78
N THR G 601 25.94 -4.29 3.22
CA THR G 601 24.77 -4.85 2.56
C THR G 601 25.18 -5.72 1.37
N TYR G 602 26.17 -5.27 0.60
CA TYR G 602 26.66 -6.07 -0.51
C TYR G 602 27.27 -7.38 -0.03
N SER G 603 27.99 -7.35 1.10
CA SER G 603 28.53 -8.58 1.66
C SER G 603 27.40 -9.55 2.00
N ILE G 604 26.33 -9.04 2.60
CA ILE G 604 25.17 -9.88 2.89
C ILE G 604 24.60 -10.47 1.60
N MET G 605 24.50 -9.64 0.56
CA MET G 605 23.99 -10.13 -0.72
C MET G 605 24.83 -11.27 -1.26
N ILE G 606 26.16 -11.10 -1.25
CA ILE G 606 27.03 -12.15 -1.78
C ILE G 606 26.86 -13.42 -0.97
N GLN G 607 26.84 -13.31 0.35
CA GLN G 607 26.72 -14.50 1.18
C GLN G 607 25.41 -15.24 0.90
N LYS G 608 24.29 -14.51 0.89
CA LYS G 608 23.00 -15.15 0.68
C LYS G 608 22.89 -15.74 -0.72
N ILE G 609 23.39 -15.04 -1.73
CA ILE G 609 23.35 -15.58 -3.09
C ILE G 609 24.18 -16.85 -3.18
N LEU G 610 25.35 -16.88 -2.54
CA LEU G 610 26.18 -18.08 -2.58
C LEU G 610 25.50 -19.26 -1.89
N PHE G 611 24.85 -19.01 -0.75
CA PHE G 611 24.37 -20.14 0.04
C PHE G 611 22.94 -20.56 -0.29
N LYS G 612 21.99 -19.62 -0.27
CA LYS G 612 20.57 -19.97 -0.35
C LYS G 612 20.21 -20.66 -1.66
N ASP G 613 20.35 -19.95 -2.78
CA ASP G 613 19.81 -20.41 -4.05
C ASP G 613 20.85 -20.96 -5.01
N LEU G 614 22.15 -20.66 -4.80
CA LEU G 614 23.15 -21.16 -5.72
C LEU G 614 23.22 -22.68 -5.68
N PHE G 615 23.20 -23.26 -4.47
CA PHE G 615 23.23 -24.71 -4.35
C PHE G 615 21.96 -25.34 -4.88
N ARG G 616 20.84 -24.63 -4.76
CA ARG G 616 19.56 -25.11 -5.27
C ARG G 616 19.66 -25.24 -6.79
N PHE G 617 20.09 -24.17 -7.45
CA PHE G 617 20.28 -24.17 -8.90
C PHE G 617 21.29 -25.23 -9.31
N LEU G 618 22.37 -25.38 -8.52
CA LEU G 618 23.37 -26.38 -8.84
C LEU G 618 22.79 -27.79 -8.78
N LEU G 619 21.93 -28.05 -7.79
CA LEU G 619 21.29 -29.37 -7.69
C LEU G 619 20.43 -29.66 -8.92
N VAL G 620 19.58 -28.71 -9.30
CA VAL G 620 18.72 -28.94 -10.47
C VAL G 620 19.58 -29.10 -11.72
N TYR G 621 20.59 -28.27 -11.85
CA TYR G 621 21.45 -28.27 -13.03
C TYR G 621 22.23 -29.57 -13.16
N LEU G 622 22.65 -30.10 -12.01
CA LEU G 622 23.34 -31.38 -11.94
C LEU G 622 22.37 -32.49 -12.32
N LEU G 623 21.12 -32.40 -11.85
CA LEU G 623 20.11 -33.39 -12.20
C LEU G 623 19.98 -33.51 -13.71
N PHE G 624 19.76 -32.38 -14.38
CA PHE G 624 19.61 -32.44 -15.84
C PHE G 624 20.90 -32.86 -16.52
N MET G 625 22.04 -32.42 -16.00
CA MET G 625 23.32 -32.76 -16.58
C MET G 625 23.59 -34.26 -16.49
N ILE G 626 23.29 -34.88 -15.35
CA ILE G 626 23.56 -36.32 -15.20
C ILE G 626 22.59 -37.12 -16.05
N GLY G 627 21.32 -36.70 -16.09
CA GLY G 627 20.39 -37.38 -16.97
C GLY G 627 20.83 -37.34 -18.43
N TYR G 628 21.22 -36.17 -18.91
CA TYR G 628 21.67 -36.06 -20.30
C TYR G 628 22.99 -36.79 -20.52
N ALA G 629 23.89 -36.80 -19.55
CA ALA G 629 25.13 -37.56 -19.73
C ALA G 629 24.82 -39.02 -19.96
N SER G 630 23.97 -39.61 -19.11
CA SER G 630 23.63 -41.02 -19.30
C SER G 630 22.95 -41.22 -20.64
N ALA G 631 21.96 -40.39 -20.98
CA ALA G 631 21.22 -40.57 -22.22
C ALA G 631 22.12 -40.42 -23.44
N LEU G 632 22.97 -39.41 -23.45
CA LEU G 632 23.84 -39.14 -24.59
C LEU G 632 24.86 -40.24 -24.78
N VAL G 633 25.49 -40.70 -23.71
CA VAL G 633 26.58 -41.65 -23.85
C VAL G 633 26.07 -43.08 -24.03
N SER G 634 24.87 -43.39 -23.55
CA SER G 634 24.31 -44.71 -23.78
C SER G 634 24.07 -44.99 -25.26
N LEU G 635 23.87 -43.96 -26.07
CA LEU G 635 23.61 -44.16 -27.49
C LEU G 635 24.87 -44.49 -28.26
N LEU G 636 26.01 -44.00 -27.81
CA LEU G 636 27.25 -44.16 -28.56
C LEU G 636 27.67 -45.62 -28.63
N ASN G 637 28.21 -46.01 -29.79
CA ASN G 637 28.72 -47.36 -30.00
C ASN G 637 30.23 -47.32 -30.19
N PRO G 638 31.01 -48.10 -29.42
CA PRO G 638 32.46 -48.07 -29.60
C PRO G 638 32.94 -49.01 -30.70
N ASP G 662 36.39 -48.16 -20.91
CA ASP G 662 35.41 -47.25 -21.52
C ASP G 662 35.18 -46.03 -20.63
N SER G 663 35.68 -46.09 -19.39
CA SER G 663 35.51 -44.96 -18.47
C SER G 663 36.33 -43.76 -18.92
N GLU G 664 37.52 -43.99 -19.49
CA GLU G 664 38.32 -42.88 -20.00
C GLU G 664 37.61 -42.15 -21.13
N THR G 665 37.05 -42.91 -22.09
CA THR G 665 36.33 -42.29 -23.18
C THR G 665 35.10 -41.54 -22.66
N PHE G 666 34.44 -42.08 -21.65
CA PHE G 666 33.35 -41.36 -20.99
C PHE G 666 33.81 -39.98 -20.55
N SER G 667 35.00 -39.88 -19.96
CA SER G 667 35.49 -38.58 -19.52
C SER G 667 35.74 -37.65 -20.71
N THR G 668 36.33 -38.15 -21.79
CA THR G 668 36.59 -37.30 -22.94
C THR G 668 35.27 -36.77 -23.52
N PHE G 669 34.26 -37.63 -23.61
CA PHE G 669 32.99 -37.21 -24.19
C PHE G 669 32.23 -36.28 -23.26
N LEU G 670 32.33 -36.48 -21.94
CA LEU G 670 31.74 -35.53 -21.02
C LEU G 670 32.40 -34.16 -21.14
N LEU G 671 33.73 -34.14 -21.26
CA LEU G 671 34.43 -32.87 -21.48
C LEU G 671 34.00 -32.22 -22.78
N ASP G 672 33.85 -33.02 -23.84
CA ASP G 672 33.37 -32.46 -25.10
C ASP G 672 31.98 -31.86 -24.95
N LEU G 673 31.09 -32.55 -24.23
CA LEU G 673 29.75 -32.02 -24.00
C LEU G 673 29.81 -30.71 -23.23
N PHE G 674 30.69 -30.62 -22.23
CA PHE G 674 30.85 -29.37 -21.50
C PHE G 674 31.36 -28.27 -22.43
N LYS G 675 32.28 -28.62 -23.34
CA LYS G 675 32.76 -27.65 -24.31
C LYS G 675 31.62 -27.12 -25.17
N LEU G 676 30.74 -28.01 -25.65
CA LEU G 676 29.58 -27.56 -26.40
C LEU G 676 28.70 -26.64 -25.57
N THR G 677 28.64 -26.87 -24.25
CA THR G 677 27.85 -25.98 -23.40
C THR G 677 28.44 -24.57 -23.38
N ILE G 678 29.76 -24.46 -23.40
CA ILE G 678 30.40 -23.15 -23.31
C ILE G 678 30.36 -22.39 -24.64
N GLY G 679 30.21 -23.08 -25.76
CA GLY G 679 30.00 -22.41 -27.03
C GLY G 679 30.98 -22.80 -28.12
N MET G 680 31.82 -23.81 -27.88
CA MET G 680 32.73 -24.30 -28.91
C MET G 680 32.70 -25.83 -28.89
N GLY G 681 32.72 -26.42 -30.09
CA GLY G 681 32.68 -27.86 -30.20
C GLY G 681 32.97 -28.30 -31.61
N ASP G 682 32.96 -29.61 -31.81
CA ASP G 682 33.22 -30.23 -33.11
C ASP G 682 31.93 -30.82 -33.65
N LEU G 683 31.51 -30.35 -34.83
CA LEU G 683 30.28 -30.85 -35.43
C LEU G 683 30.40 -32.34 -35.76
N GLU G 684 31.55 -32.74 -36.33
CA GLU G 684 31.72 -34.15 -36.69
C GLU G 684 31.68 -35.05 -35.46
N MET G 685 32.06 -34.53 -34.29
CA MET G 685 32.02 -35.34 -33.08
C MET G 685 30.59 -35.75 -32.75
N LEU G 686 29.64 -34.82 -32.87
CA LEU G 686 28.26 -35.13 -32.55
C LEU G 686 27.69 -36.17 -33.52
N SER G 687 27.99 -36.02 -34.81
CA SER G 687 27.50 -36.93 -35.84
C SER G 687 28.44 -38.10 -36.06
N SER G 688 29.46 -38.27 -35.20
CA SER G 688 30.43 -39.33 -35.40
C SER G 688 29.78 -40.71 -35.35
N THR G 689 28.85 -40.92 -34.41
CA THR G 689 28.28 -42.23 -34.15
C THR G 689 26.76 -42.20 -34.30
N LYS G 690 26.29 -42.36 -35.54
CA LYS G 690 24.92 -42.74 -35.81
C LYS G 690 23.89 -41.72 -35.33
N TYR G 691 22.66 -41.84 -35.84
CA TYR G 691 21.50 -41.06 -35.44
C TYR G 691 21.85 -39.59 -35.23
N PRO G 692 22.26 -38.86 -36.27
CA PRO G 692 22.50 -37.42 -36.10
C PRO G 692 21.25 -36.65 -35.71
N VAL G 693 20.08 -37.09 -36.16
CA VAL G 693 18.86 -36.33 -35.91
C VAL G 693 18.56 -36.27 -34.41
N VAL G 694 18.57 -37.44 -33.76
CA VAL G 694 18.23 -37.47 -32.34
C VAL G 694 19.25 -36.67 -31.55
N PHE G 695 20.52 -36.71 -31.96
CA PHE G 695 21.52 -35.87 -31.32
C PHE G 695 21.17 -34.39 -31.46
N ILE G 696 20.73 -33.97 -32.65
CA ILE G 696 20.41 -32.56 -32.86
C ILE G 696 19.25 -32.14 -31.95
N ILE G 697 18.19 -32.94 -31.92
CA ILE G 697 17.05 -32.60 -31.05
C ILE G 697 17.47 -32.61 -29.58
N LEU G 698 18.25 -33.61 -29.17
CA LEU G 698 18.69 -33.66 -27.78
C LEU G 698 19.48 -32.42 -27.41
N LEU G 699 20.41 -32.01 -28.27
CA LEU G 699 21.22 -30.83 -27.97
C LEU G 699 20.37 -29.56 -27.96
N VAL G 700 19.41 -29.47 -28.88
CA VAL G 700 18.55 -28.29 -28.92
C VAL G 700 17.74 -28.18 -27.63
N THR G 701 17.15 -29.29 -27.20
CA THR G 701 16.41 -29.29 -25.94
C THR G 701 17.35 -29.00 -24.77
N TYR G 702 18.57 -29.54 -24.81
CA TYR G 702 19.56 -29.24 -23.78
C TYR G 702 19.76 -27.74 -23.64
N ILE G 703 20.03 -27.06 -24.75
CA ILE G 703 20.29 -25.62 -24.70
C ILE G 703 19.05 -24.88 -24.24
N ILE G 704 17.88 -25.24 -24.77
CA ILE G 704 16.65 -24.53 -24.42
C ILE G 704 16.35 -24.68 -22.93
N LEU G 705 16.46 -25.91 -22.41
CA LEU G 705 16.19 -26.13 -21.00
C LEU G 705 17.21 -25.43 -20.11
N THR G 706 18.48 -25.40 -20.52
CA THR G 706 19.45 -24.65 -19.74
C THR G 706 19.06 -23.16 -19.68
N PHE G 707 18.63 -22.60 -20.81
CA PHE G 707 18.15 -21.22 -20.82
C PHE G 707 16.95 -21.06 -19.90
N VAL G 708 16.06 -22.06 -19.90
CA VAL G 708 14.87 -21.98 -19.04
C VAL G 708 15.27 -21.99 -17.57
N LEU G 709 16.25 -22.83 -17.20
CA LEU G 709 16.74 -22.80 -15.83
C LEU G 709 17.32 -21.42 -15.49
N LEU G 710 18.08 -20.84 -16.42
CA LEU G 710 18.62 -19.51 -16.15
C LEU G 710 17.51 -18.49 -15.93
N LEU G 711 16.49 -18.53 -16.78
CA LEU G 711 15.36 -17.61 -16.66
C LEU G 711 14.62 -17.79 -15.34
N ASN G 712 14.37 -19.04 -14.97
CA ASN G 712 13.66 -19.35 -13.73
C ASN G 712 14.45 -18.85 -12.53
N MET G 713 15.77 -19.08 -12.52
CA MET G 713 16.60 -18.58 -11.45
C MET G 713 16.56 -17.06 -11.40
N LEU G 714 16.55 -16.42 -12.57
CA LEU G 714 16.47 -14.97 -12.61
C LEU G 714 15.19 -14.49 -11.96
N ILE G 715 14.06 -15.13 -12.28
CA ILE G 715 12.76 -14.74 -11.72
C ILE G 715 12.75 -14.91 -10.21
N ALA G 716 13.25 -16.06 -9.74
CA ALA G 716 13.22 -16.36 -8.31
C ALA G 716 14.07 -15.35 -7.53
N LEU G 717 15.28 -15.07 -8.01
CA LEU G 717 16.06 -14.00 -7.41
C LEU G 717 15.35 -12.66 -7.55
N MET G 718 14.59 -12.47 -8.63
CA MET G 718 13.95 -11.19 -8.88
C MET G 718 12.94 -10.82 -7.82
N GLY G 719 11.97 -11.70 -7.56
CA GLY G 719 10.87 -11.26 -6.73
C GLY G 719 10.99 -11.64 -5.28
N GLU G 720 11.15 -12.94 -5.04
CA GLU G 720 11.12 -13.46 -3.68
C GLU G 720 12.33 -13.01 -2.89
N THR G 721 13.51 -13.04 -3.52
CA THR G 721 14.73 -12.65 -2.83
C THR G 721 14.76 -11.15 -2.56
N VAL G 722 14.47 -10.33 -3.58
CA VAL G 722 14.65 -8.89 -3.43
C VAL G 722 13.62 -8.30 -2.48
N GLY G 723 12.35 -8.71 -2.59
CA GLY G 723 11.34 -8.14 -1.70
C GLY G 723 11.69 -8.33 -0.24
N GLN G 724 12.22 -9.51 0.12
CA GLN G 724 12.63 -9.77 1.50
C GLN G 724 13.93 -9.07 1.83
N VAL G 725 14.88 -9.04 0.89
CA VAL G 725 16.20 -8.49 1.16
C VAL G 725 16.10 -7.01 1.52
N SER G 726 15.33 -6.26 0.73
CA SER G 726 15.26 -4.81 0.94
C SER G 726 14.98 -4.44 2.39
N LYS G 727 14.41 -5.37 3.16
CA LYS G 727 14.16 -5.16 4.58
C LYS G 727 15.12 -5.92 5.48
N GLU G 728 15.51 -7.15 5.11
CA GLU G 728 16.30 -7.98 6.01
C GLU G 728 17.77 -7.55 6.06
N SER G 729 18.28 -6.97 4.98
CA SER G 729 19.70 -6.63 4.95
C SER G 729 20.04 -5.59 6.00
N LYS G 730 19.17 -4.59 6.19
CA LYS G 730 19.40 -3.57 7.20
C LYS G 730 19.62 -4.20 8.57
N HIS G 731 18.70 -5.08 8.97
CA HIS G 731 18.78 -5.66 10.31
C HIS G 731 19.96 -6.59 10.44
N ILE G 732 20.27 -7.38 9.43
CA ILE G 732 21.42 -8.28 9.54
C ILE G 732 22.70 -7.47 9.66
N TRP G 733 22.83 -6.39 8.90
CA TRP G 733 24.01 -5.55 9.04
C TRP G 733 24.08 -4.92 10.42
N LYS G 734 22.95 -4.48 10.96
CA LYS G 734 22.96 -3.89 12.30
C LYS G 734 23.45 -4.91 13.33
N LEU G 735 22.98 -6.15 13.23
CA LEU G 735 23.44 -7.18 14.15
C LEU G 735 24.93 -7.43 14.00
N GLN G 736 25.43 -7.48 12.77
CA GLN G 736 26.86 -7.67 12.57
C GLN G 736 27.67 -6.53 13.18
N TRP G 737 27.21 -5.30 12.98
CA TRP G 737 27.90 -4.14 13.53
C TRP G 737 27.96 -4.21 15.05
N ALA G 738 26.82 -4.51 15.69
CA ALA G 738 26.78 -4.57 17.14
C ALA G 738 27.69 -5.67 17.68
N THR G 739 27.65 -6.86 17.06
CA THR G 739 28.46 -7.95 17.57
C THR G 739 29.95 -7.66 17.39
N THR G 740 30.34 -7.00 16.29
CA THR G 740 31.74 -6.61 16.16
C THR G 740 32.13 -5.59 17.22
N ILE G 741 31.26 -4.64 17.52
CA ILE G 741 31.56 -3.68 18.58
C ILE G 741 31.83 -4.41 19.88
N LEU G 742 30.96 -5.37 20.23
CA LEU G 742 31.12 -6.06 21.51
C LEU G 742 32.37 -6.93 21.51
N ASP G 743 32.70 -7.54 20.38
CA ASP G 743 33.94 -8.31 20.28
C ASP G 743 35.15 -7.41 20.51
N ILE G 744 35.16 -6.23 19.89
CA ILE G 744 36.26 -5.30 20.08
C ILE G 744 36.36 -4.92 21.55
N GLU G 745 35.21 -4.67 22.20
CA GLU G 745 35.25 -4.41 23.64
C GLU G 745 35.92 -5.54 24.40
N ARG G 746 35.44 -6.77 24.20
CA ARG G 746 35.97 -7.88 24.98
C ARG G 746 37.44 -8.15 24.70
N SER G 747 37.95 -7.69 23.56
CA SER G 747 39.37 -7.86 23.30
C SER G 747 40.21 -7.10 24.33
N PHE G 748 39.81 -5.89 24.68
CA PHE G 748 40.59 -5.07 25.59
C PHE G 748 40.61 -5.66 26.99
N PRO G 749 41.61 -5.29 27.80
CA PRO G 749 41.64 -5.75 29.19
C PRO G 749 40.62 -5.01 30.04
N VAL G 750 40.36 -5.55 31.23
CA VAL G 750 39.29 -5.05 32.07
C VAL G 750 39.54 -3.59 32.47
N PHE G 751 40.77 -3.28 32.89
CA PHE G 751 41.06 -1.93 33.34
C PHE G 751 40.89 -0.93 32.21
N LEU G 752 41.32 -1.29 30.99
CA LEU G 752 41.15 -0.41 29.85
C LEU G 752 39.67 -0.20 29.54
N ARG G 753 38.88 -1.26 29.63
CA ARG G 753 37.43 -1.12 29.44
C ARG G 753 36.84 -0.17 30.47
N LYS G 754 37.28 -0.28 31.73
CA LYS G 754 36.80 0.63 32.75
C LYS G 754 37.19 2.06 32.43
N ALA G 755 38.40 2.27 31.91
CA ALA G 755 38.81 3.62 31.53
C ALA G 755 37.92 4.18 30.43
N PHE G 756 37.61 3.37 29.42
CA PHE G 756 36.73 3.78 28.33
C PHE G 756 35.28 3.38 28.59
N ARG G 757 34.75 3.77 29.74
CA ARG G 757 33.38 3.43 30.13
C ARG G 757 32.45 4.59 29.76
N SER G 758 31.39 4.27 29.04
CA SER G 758 30.41 5.28 28.65
C SER G 758 29.60 5.73 29.86
N GLY G 759 29.02 6.93 29.74
CA GLY G 759 28.16 7.48 30.78
C GLY G 759 28.93 8.28 31.82
N GLU G 760 28.18 8.95 32.66
CA GLU G 760 28.72 9.84 33.68
C GLU G 760 28.82 9.10 35.01
N MET G 761 29.15 9.84 36.07
CA MET G 761 29.17 9.34 37.44
C MET G 761 28.13 10.10 38.25
N VAL G 762 26.98 10.37 37.64
CA VAL G 762 25.99 11.26 38.24
C VAL G 762 25.51 10.70 39.57
N THR G 763 25.15 11.59 40.49
CA THR G 763 24.52 11.23 41.75
C THR G 763 23.04 11.56 41.65
N VAL G 764 22.20 10.58 41.97
CA VAL G 764 20.76 10.72 41.79
C VAL G 764 20.09 11.35 43.01
N GLY G 765 20.41 10.87 44.20
CA GLY G 765 19.81 11.41 45.40
C GLY G 765 20.16 10.57 46.61
N LYS G 766 19.63 11.00 47.75
CA LYS G 766 19.87 10.29 48.99
C LYS G 766 19.15 8.95 48.98
N SER G 767 19.79 7.94 49.56
CA SER G 767 19.22 6.60 49.64
C SER G 767 18.31 6.52 50.86
N SER G 768 17.89 5.29 51.22
CA SER G 768 17.01 5.12 52.36
C SER G 768 17.64 5.68 53.63
N ASP G 769 18.96 5.57 53.78
CA ASP G 769 19.67 6.10 54.93
C ASP G 769 20.33 7.45 54.63
N GLY G 770 20.02 8.07 53.50
CA GLY G 770 20.60 9.33 53.12
C GLY G 770 21.90 9.23 52.35
N THR G 771 22.44 8.03 52.17
CA THR G 771 23.67 7.88 51.41
C THR G 771 23.42 8.19 49.93
N PRO G 772 24.44 8.65 49.21
CA PRO G 772 24.24 8.99 47.80
C PRO G 772 24.14 7.76 46.91
N ASP G 773 23.40 7.90 45.82
CA ASP G 773 23.23 6.80 44.88
C ASP G 773 24.52 6.57 44.08
N ARG G 774 24.97 7.60 43.35
CA ARG G 774 26.21 7.50 42.58
C ARG G 774 26.13 6.37 41.56
N ARG G 775 25.20 6.52 40.63
CA ARG G 775 24.94 5.51 39.60
C ARG G 775 25.44 6.01 38.24
N TRP G 776 26.13 5.12 37.52
CA TRP G 776 26.64 5.44 36.19
C TRP G 776 25.47 5.54 35.22
N CYS G 777 25.12 6.75 34.82
CA CYS G 777 24.01 7.00 33.92
C CYS G 777 24.52 7.46 32.55
N PHE G 778 23.58 7.66 31.64
CA PHE G 778 23.87 8.03 30.26
C PHE G 778 22.76 8.96 29.80
N ARG G 779 23.10 10.22 29.50
CA ARG G 779 22.09 11.23 29.24
C ARG G 779 21.70 11.30 27.77
N VAL G 780 20.41 11.50 27.53
CA VAL G 780 19.86 11.85 26.22
C VAL G 780 18.89 13.00 26.42
N ASP G 781 18.82 13.87 25.42
CA ASP G 781 18.00 15.08 25.49
C ASP G 781 17.05 15.15 24.31
N GLU G 782 15.95 15.87 24.51
CA GLU G 782 14.89 15.93 23.51
C GLU G 782 14.28 17.32 23.51
N VAL G 783 13.55 17.60 22.43
CA VAL G 783 12.83 18.85 22.26
C VAL G 783 11.36 18.51 22.10
N ASN G 784 10.52 19.08 22.96
CA ASN G 784 9.07 18.84 22.93
C ASN G 784 8.32 20.16 23.06
N TRP G 785 7.40 20.40 22.14
CA TRP G 785 6.61 21.63 22.11
C TRP G 785 5.17 21.44 22.55
N SER G 786 4.77 20.22 22.92
CA SER G 786 3.37 19.94 23.23
C SER G 786 3.07 20.12 24.71
N HIS G 787 3.72 19.33 25.57
CA HIS G 787 3.53 19.42 27.01
C HIS G 787 4.46 20.50 27.55
N TRP G 788 3.88 21.60 28.00
CA TRP G 788 4.65 22.74 28.46
C TRP G 788 4.82 22.66 29.98
N ASN G 789 6.03 22.94 30.44
CA ASN G 789 6.42 22.91 31.86
C ASN G 789 5.69 21.81 32.62
N GLN G 790 5.66 20.60 32.07
CA GLN G 790 5.09 19.44 32.75
C GLN G 790 6.23 18.73 33.47
N ASN G 791 6.24 18.83 34.80
CA ASN G 791 7.35 18.31 35.60
C ASN G 791 8.60 19.15 35.32
N LEU G 792 9.70 18.84 36.02
CA LEU G 792 10.92 19.61 35.85
C LEU G 792 12.11 18.73 36.21
N GLY G 793 13.29 19.15 35.75
CA GLY G 793 14.50 18.45 36.07
C GLY G 793 14.79 18.49 37.56
N ILE G 794 14.88 17.32 38.18
CA ILE G 794 15.00 17.24 39.63
C ILE G 794 16.46 17.21 40.08
N ILE G 795 17.38 16.84 39.18
CA ILE G 795 18.77 16.66 39.59
C ILE G 795 19.67 17.90 39.55
N ASN G 796 20.15 18.31 38.38
CA ASN G 796 21.09 19.42 38.34
C ASN G 796 20.51 20.74 38.80
N GLU G 797 19.24 20.98 38.44
CA GLU G 797 18.49 22.20 38.72
C GLU G 797 19.20 23.40 38.11
N ASP G 798 19.81 23.14 36.95
CA ASP G 798 20.58 24.11 36.16
C ASP G 798 20.95 23.35 34.89
N PRO G 799 20.72 23.98 33.70
CA PRO G 799 21.13 23.26 32.49
C PRO G 799 22.56 22.74 32.48
N LEU H 146 -71.05 -7.96 -16.04
CA LEU H 146 -72.41 -7.94 -15.52
C LEU H 146 -73.04 -9.32 -15.55
N LYS H 147 -73.46 -9.76 -16.74
CA LYS H 147 -74.12 -11.05 -16.89
C LYS H 147 -73.35 -12.05 -17.74
N VAL H 148 -72.37 -11.59 -18.51
CA VAL H 148 -71.51 -12.46 -19.31
C VAL H 148 -70.09 -12.30 -18.80
N PHE H 149 -69.47 -13.41 -18.39
CA PHE H 149 -68.13 -13.41 -17.83
C PHE H 149 -67.22 -14.26 -18.70
N ASN H 150 -66.49 -13.61 -19.60
CA ASN H 150 -65.44 -14.26 -20.38
C ASN H 150 -64.11 -14.04 -19.67
N ARG H 151 -63.09 -14.77 -20.12
CA ARG H 151 -61.73 -14.59 -19.59
C ARG H 151 -61.24 -13.11 -19.61
N PRO H 152 -61.38 -12.38 -20.77
CA PRO H 152 -61.01 -10.96 -20.76
C PRO H 152 -61.57 -10.20 -19.59
N ILE H 153 -62.87 -10.31 -19.37
CA ILE H 153 -63.55 -9.45 -18.39
C ILE H 153 -63.07 -9.80 -16.99
N LEU H 154 -63.20 -11.08 -16.62
CA LEU H 154 -62.90 -11.49 -15.26
C LEU H 154 -61.45 -11.26 -14.91
N PHE H 155 -60.54 -11.47 -15.87
CA PHE H 155 -59.13 -11.24 -15.55
C PHE H 155 -58.86 -9.78 -15.23
N ASP H 156 -59.49 -8.85 -15.95
CA ASP H 156 -59.35 -7.43 -15.62
C ASP H 156 -59.97 -7.13 -14.25
N ILE H 157 -61.17 -7.67 -14.00
CA ILE H 157 -61.84 -7.40 -12.73
C ILE H 157 -60.94 -7.79 -11.57
N VAL H 158 -60.39 -9.00 -11.63
CA VAL H 158 -59.54 -9.48 -10.55
C VAL H 158 -58.21 -8.75 -10.55
N SER H 159 -57.73 -8.34 -11.73
CA SER H 159 -56.44 -7.71 -11.84
C SER H 159 -56.39 -6.35 -11.16
N ARG H 160 -57.51 -5.61 -11.13
CA ARG H 160 -57.48 -4.32 -10.45
C ARG H 160 -57.98 -4.41 -9.01
N GLY H 161 -58.25 -5.60 -8.51
CA GLY H 161 -58.74 -5.74 -7.15
C GLY H 161 -60.18 -5.33 -6.96
N SER H 162 -60.96 -5.31 -8.04
CA SER H 162 -62.33 -4.80 -8.02
C SER H 162 -63.26 -5.85 -7.42
N THR H 163 -63.43 -5.78 -6.10
CA THR H 163 -64.41 -6.65 -5.44
C THR H 163 -65.83 -6.31 -5.86
N ALA H 164 -66.09 -5.06 -6.20
CA ALA H 164 -67.46 -4.63 -6.47
C ALA H 164 -68.04 -5.34 -7.70
N ASP H 165 -67.21 -5.64 -8.68
CA ASP H 165 -67.68 -6.08 -9.99
C ASP H 165 -67.88 -7.59 -10.09
N LEU H 166 -67.89 -8.31 -8.97
CA LEU H 166 -68.08 -9.76 -8.98
C LEU H 166 -69.50 -10.15 -8.54
N ASP H 167 -70.46 -9.22 -8.61
CA ASP H 167 -71.81 -9.55 -8.20
C ASP H 167 -72.41 -10.62 -9.10
N GLY H 168 -72.23 -10.48 -10.42
CA GLY H 168 -72.87 -11.42 -11.34
C GLY H 168 -72.25 -12.80 -11.33
N LEU H 169 -70.97 -12.89 -10.93
CA LEU H 169 -70.21 -14.11 -11.16
C LEU H 169 -70.87 -15.31 -10.51
N LEU H 170 -71.20 -15.21 -9.22
CA LEU H 170 -71.75 -16.37 -8.51
C LEU H 170 -73.07 -16.84 -9.09
N PRO H 171 -74.07 -15.99 -9.35
CA PRO H 171 -75.27 -16.51 -10.02
C PRO H 171 -74.96 -17.11 -11.37
N PHE H 172 -74.01 -16.51 -12.10
CA PHE H 172 -73.71 -16.97 -13.46
C PHE H 172 -73.15 -18.40 -13.45
N LEU H 173 -72.20 -18.68 -12.54
CA LEU H 173 -71.58 -20.00 -12.52
C LEU H 173 -72.62 -21.08 -12.26
N LEU H 174 -73.49 -20.89 -11.27
CA LEU H 174 -74.55 -21.86 -11.01
C LEU H 174 -75.52 -21.95 -12.19
N THR H 175 -75.91 -20.81 -12.75
CA THR H 175 -76.91 -20.80 -13.80
C THR H 175 -76.46 -21.62 -15.01
N HIS H 176 -75.18 -21.49 -15.38
CA HIS H 176 -74.68 -22.12 -16.60
C HIS H 176 -73.87 -23.39 -16.32
N LYS H 177 -73.93 -23.94 -15.10
CA LYS H 177 -73.19 -25.14 -14.75
C LYS H 177 -71.71 -25.00 -15.10
N LYS H 178 -71.10 -23.93 -14.62
CA LYS H 178 -69.70 -23.64 -14.92
C LYS H 178 -68.93 -23.41 -13.63
N ARG H 179 -67.65 -23.72 -13.68
CA ARG H 179 -66.75 -23.57 -12.55
C ARG H 179 -65.58 -22.67 -12.96
N LEU H 180 -64.97 -22.01 -11.97
CA LEU H 180 -63.84 -21.13 -12.27
C LEU H 180 -62.61 -21.87 -12.74
N THR H 181 -62.56 -23.20 -12.57
CA THR H 181 -61.41 -23.98 -13.01
C THR H 181 -61.60 -24.55 -14.40
N ASP H 182 -62.75 -24.32 -15.02
CA ASP H 182 -62.97 -24.80 -16.37
C ASP H 182 -62.07 -24.06 -17.35
N GLU H 183 -61.68 -24.74 -18.43
CA GLU H 183 -60.74 -24.21 -19.39
C GLU H 183 -61.07 -22.84 -19.97
N GLU H 184 -62.34 -22.46 -19.97
CA GLU H 184 -62.71 -21.19 -20.56
C GLU H 184 -62.10 -20.00 -19.82
N PHE H 185 -61.83 -20.15 -18.52
CA PHE H 185 -61.35 -19.06 -17.69
C PHE H 185 -59.84 -19.07 -17.46
N ARG H 186 -59.14 -19.94 -18.16
CA ARG H 186 -57.72 -20.03 -17.92
C ARG H 186 -56.85 -19.72 -19.15
N GLU H 187 -55.70 -19.10 -18.91
CA GLU H 187 -54.71 -18.79 -19.93
C GLU H 187 -54.41 -20.04 -20.76
N PRO H 188 -54.45 -19.97 -22.09
CA PRO H 188 -54.08 -21.15 -22.88
C PRO H 188 -52.60 -21.47 -22.72
N SER H 189 -51.78 -20.42 -22.75
CA SER H 189 -50.33 -20.60 -22.67
C SER H 189 -49.93 -21.24 -21.34
N THR H 190 -50.32 -20.61 -20.23
CA THR H 190 -49.81 -20.99 -18.91
C THR H 190 -50.84 -21.67 -18.03
N GLY H 191 -52.12 -21.64 -18.39
CA GLY H 191 -53.13 -22.22 -17.54
C GLY H 191 -53.42 -21.44 -16.28
N LYS H 192 -52.91 -20.21 -16.18
CA LYS H 192 -53.09 -19.43 -14.97
C LYS H 192 -54.57 -19.16 -14.72
N THR H 193 -55.05 -19.51 -13.51
CA THR H 193 -56.42 -19.34 -13.10
C THR H 193 -56.54 -17.94 -12.44
N CYS H 194 -57.70 -17.59 -11.93
CA CYS H 194 -57.91 -16.26 -11.38
C CYS H 194 -57.05 -16.00 -10.15
N LEU H 195 -56.82 -17.03 -9.33
CA LEU H 195 -56.15 -16.80 -8.06
C LEU H 195 -54.70 -16.33 -8.20
N PRO H 196 -53.84 -16.96 -9.01
CA PRO H 196 -52.50 -16.39 -9.20
C PRO H 196 -52.53 -15.00 -9.79
N LYS H 197 -53.51 -14.72 -10.64
CA LYS H 197 -53.64 -13.39 -11.24
C LYS H 197 -53.92 -12.37 -10.16
N ALA H 198 -54.79 -12.73 -9.23
CA ALA H 198 -55.12 -11.84 -8.13
C ALA H 198 -53.93 -11.64 -7.20
N LEU H 199 -53.19 -12.71 -6.90
CA LEU H 199 -52.08 -12.58 -5.97
C LEU H 199 -50.91 -11.81 -6.56
N LEU H 200 -50.71 -11.88 -7.87
CA LEU H 200 -49.65 -11.09 -8.49
C LEU H 200 -50.02 -9.61 -8.52
N ASN H 201 -51.27 -9.30 -8.80
CA ASN H 201 -51.67 -7.91 -8.83
C ASN H 201 -52.17 -7.47 -7.47
N LEU H 202 -51.19 -7.37 -6.58
CA LEU H 202 -51.42 -6.96 -5.20
C LEU H 202 -51.33 -5.45 -5.10
N SER H 203 -52.38 -4.84 -4.53
CA SER H 203 -52.43 -3.41 -4.31
C SER H 203 -52.06 -3.15 -2.85
N ASN H 204 -50.87 -2.57 -2.60
CA ASN H 204 -50.40 -2.29 -1.24
C ASN H 204 -50.43 -3.50 -0.32
N GLY H 205 -50.19 -4.68 -0.88
CA GLY H 205 -50.13 -5.88 -0.08
C GLY H 205 -51.45 -6.56 0.19
N ARG H 206 -52.55 -5.98 -0.29
CA ARG H 206 -53.86 -6.56 0.00
C ARG H 206 -54.85 -6.43 -1.16
N ASN H 207 -55.32 -7.56 -1.71
CA ASN H 207 -56.27 -7.51 -2.80
C ASN H 207 -57.64 -7.91 -2.26
N ASP H 208 -58.65 -7.06 -2.44
CA ASP H 208 -59.96 -7.37 -1.88
C ASP H 208 -60.75 -8.53 -2.50
N THR H 209 -60.22 -9.15 -3.54
CA THR H 209 -60.96 -10.23 -4.20
C THR H 209 -60.54 -11.66 -3.85
N ILE H 210 -59.43 -11.87 -3.12
CA ILE H 210 -59.03 -13.26 -2.86
C ILE H 210 -60.10 -13.92 -2.01
N PRO H 211 -60.57 -13.32 -0.91
CA PRO H 211 -61.60 -14.01 -0.11
C PRO H 211 -62.87 -14.27 -0.90
N VAL H 212 -63.27 -13.33 -1.76
CA VAL H 212 -64.50 -13.52 -2.53
C VAL H 212 -64.31 -14.65 -3.55
N LEU H 213 -63.15 -14.70 -4.21
CA LEU H 213 -62.91 -15.80 -5.13
C LEU H 213 -62.95 -17.14 -4.42
N LEU H 214 -62.31 -17.23 -3.25
CA LEU H 214 -62.33 -18.50 -2.52
C LEU H 214 -63.74 -18.85 -2.06
N ASP H 215 -64.51 -17.85 -1.62
CA ASP H 215 -65.88 -18.09 -1.20
C ASP H 215 -66.72 -18.64 -2.36
N ILE H 216 -66.60 -18.01 -3.52
CA ILE H 216 -67.33 -18.48 -4.71
C ILE H 216 -66.87 -19.88 -5.08
N ALA H 217 -65.57 -20.15 -4.97
CA ALA H 217 -65.07 -21.47 -5.33
C ALA H 217 -65.66 -22.55 -4.43
N GLU H 218 -65.69 -22.35 -3.11
CA GLU H 218 -66.29 -23.40 -2.27
C GLU H 218 -67.77 -23.46 -2.49
N ARG H 219 -68.40 -22.30 -2.64
CA ARG H 219 -69.85 -22.34 -2.82
C ARG H 219 -70.22 -23.09 -4.10
N THR H 220 -69.35 -23.04 -5.11
CA THR H 220 -69.59 -23.71 -6.38
C THR H 220 -69.20 -25.19 -6.36
N GLY H 221 -68.57 -25.66 -5.28
CA GLY H 221 -68.41 -27.09 -5.04
C GLY H 221 -67.01 -27.64 -5.17
N ASN H 222 -66.06 -26.87 -5.72
CA ASN H 222 -64.75 -27.45 -6.04
C ASN H 222 -63.58 -26.65 -5.46
N MET H 223 -63.61 -26.33 -4.16
CA MET H 223 -62.51 -25.57 -3.58
C MET H 223 -61.16 -26.26 -3.85
N ARG H 224 -61.10 -27.56 -3.56
CA ARG H 224 -59.87 -28.33 -3.70
C ARG H 224 -59.15 -28.13 -5.03
N GLU H 225 -59.88 -28.30 -6.13
CA GLU H 225 -59.30 -28.16 -7.46
C GLU H 225 -58.86 -26.73 -7.74
N PHE H 226 -59.39 -25.77 -6.98
CA PHE H 226 -59.10 -24.36 -7.25
C PHE H 226 -57.84 -23.87 -6.54
N ILE H 227 -57.69 -24.16 -5.25
CA ILE H 227 -56.62 -23.54 -4.48
C ILE H 227 -55.26 -23.96 -5.01
N ASN H 228 -55.13 -25.22 -5.45
CA ASN H 228 -53.86 -25.74 -5.96
C ASN H 228 -54.06 -26.21 -7.41
N SER H 229 -53.93 -25.25 -8.33
CA SER H 229 -53.96 -25.53 -9.76
C SER H 229 -52.61 -25.17 -10.36
N PRO H 230 -51.83 -26.14 -10.85
CA PRO H 230 -50.48 -25.83 -11.32
C PRO H 230 -50.50 -25.13 -12.67
N PHE H 231 -49.37 -24.51 -12.97
CA PHE H 231 -49.13 -23.95 -14.29
C PHE H 231 -48.75 -25.08 -15.25
N ARG H 232 -49.03 -24.89 -16.53
CA ARG H 232 -48.70 -25.91 -17.53
C ARG H 232 -47.54 -25.56 -18.47
N ASP H 233 -47.23 -24.27 -18.67
CA ASP H 233 -46.17 -23.94 -19.60
C ASP H 233 -44.84 -24.44 -19.06
N ILE H 234 -44.02 -24.99 -19.97
CA ILE H 234 -42.76 -25.62 -19.56
C ILE H 234 -41.93 -24.68 -18.70
N TYR H 235 -42.15 -23.37 -18.84
CA TYR H 235 -41.27 -22.40 -18.19
C TYR H 235 -41.62 -22.25 -16.70
N TYR H 236 -42.90 -22.44 -16.33
CA TYR H 236 -43.35 -22.32 -14.94
C TYR H 236 -44.03 -23.58 -14.41
N ARG H 237 -43.71 -24.76 -14.94
CA ARG H 237 -44.47 -25.96 -14.57
C ARG H 237 -44.48 -26.16 -13.06
N GLY H 238 -45.67 -26.47 -12.53
CA GLY H 238 -45.82 -26.88 -11.15
C GLY H 238 -46.03 -25.77 -10.16
N GLN H 239 -45.88 -24.51 -10.57
CA GLN H 239 -45.98 -23.41 -9.62
C GLN H 239 -47.42 -23.24 -9.18
N THR H 240 -47.63 -23.10 -7.87
CA THR H 240 -48.95 -23.03 -7.26
C THR H 240 -49.20 -21.62 -6.73
N ALA H 241 -50.47 -21.32 -6.49
CA ALA H 241 -50.82 -20.06 -5.83
C ALA H 241 -50.10 -19.91 -4.49
N LEU H 242 -49.85 -21.02 -3.81
CA LEU H 242 -49.12 -20.97 -2.55
C LEU H 242 -47.70 -20.45 -2.77
N HIS H 243 -47.07 -20.86 -3.88
CA HIS H 243 -45.73 -20.35 -4.18
C HIS H 243 -45.75 -18.84 -4.36
N ILE H 244 -46.77 -18.32 -5.04
CA ILE H 244 -46.87 -16.88 -5.23
C ILE H 244 -47.10 -16.19 -3.90
N ALA H 245 -47.96 -16.76 -3.06
CA ALA H 245 -48.22 -16.15 -1.75
C ALA H 245 -46.96 -16.08 -0.92
N ILE H 246 -46.17 -17.16 -0.90
CA ILE H 246 -44.94 -17.16 -0.11
C ILE H 246 -43.90 -16.22 -0.72
N GLU H 247 -43.81 -16.19 -2.04
CA GLU H 247 -42.79 -15.37 -2.69
C GLU H 247 -43.07 -13.88 -2.51
N ARG H 248 -44.34 -13.49 -2.56
CA ARG H 248 -44.70 -12.09 -2.38
C ARG H 248 -44.47 -11.60 -0.96
N ARG H 249 -44.19 -12.51 -0.02
CA ARG H 249 -43.82 -12.15 1.35
C ARG H 249 -45.02 -11.54 2.09
N CYS H 250 -46.16 -12.21 1.98
CA CYS H 250 -47.37 -11.83 2.72
C CYS H 250 -47.80 -13.04 3.55
N LYS H 251 -47.48 -13.01 4.84
CA LYS H 251 -47.84 -14.11 5.74
C LYS H 251 -49.35 -14.27 5.84
N HIS H 252 -50.08 -13.15 5.79
CA HIS H 252 -51.53 -13.19 5.95
C HIS H 252 -52.21 -13.98 4.84
N TYR H 253 -51.77 -13.83 3.59
CA TYR H 253 -52.37 -14.62 2.52
C TYR H 253 -51.90 -16.06 2.49
N VAL H 254 -50.65 -16.36 2.90
CA VAL H 254 -50.27 -17.77 2.96
C VAL H 254 -51.08 -18.48 4.03
N GLU H 255 -51.30 -17.84 5.18
CA GLU H 255 -52.19 -18.44 6.19
C GLU H 255 -53.60 -18.62 5.64
N LEU H 256 -54.16 -17.56 5.05
CA LEU H 256 -55.52 -17.62 4.55
C LEU H 256 -55.68 -18.63 3.44
N LEU H 257 -54.61 -18.95 2.72
CA LEU H 257 -54.66 -19.88 1.61
C LEU H 257 -54.45 -21.32 2.04
N VAL H 258 -53.58 -21.54 3.03
CA VAL H 258 -53.38 -22.90 3.53
C VAL H 258 -54.53 -23.32 4.43
N ALA H 259 -55.22 -22.36 5.06
CA ALA H 259 -56.32 -22.72 5.95
C ALA H 259 -57.44 -23.46 5.22
N GLN H 260 -57.54 -23.31 3.90
CA GLN H 260 -58.62 -23.93 3.14
C GLN H 260 -58.17 -25.10 2.29
N GLY H 261 -56.93 -25.58 2.49
CA GLY H 261 -56.50 -26.81 1.84
C GLY H 261 -55.48 -26.64 0.73
N ALA H 262 -54.58 -25.67 0.87
CA ALA H 262 -53.51 -25.51 -0.10
C ALA H 262 -52.45 -26.57 0.11
N ASP H 263 -52.03 -27.22 -0.97
CA ASP H 263 -51.00 -28.25 -0.89
C ASP H 263 -49.68 -27.59 -0.52
N VAL H 264 -49.15 -27.94 0.65
CA VAL H 264 -47.92 -27.32 1.16
C VAL H 264 -46.71 -28.15 0.73
N HIS H 265 -46.91 -29.04 -0.24
CA HIS H 265 -45.82 -29.89 -0.72
C HIS H 265 -45.69 -29.87 -2.24
N ALA H 266 -46.45 -29.03 -2.93
CA ALA H 266 -46.40 -28.99 -4.38
C ALA H 266 -45.05 -28.43 -4.86
N GLN H 267 -44.54 -29.00 -5.95
CA GLN H 267 -43.18 -28.72 -6.40
C GLN H 267 -43.20 -27.82 -7.62
N ALA H 268 -42.46 -26.71 -7.55
CA ALA H 268 -42.28 -25.80 -8.67
C ALA H 268 -41.03 -26.20 -9.43
N ARG H 269 -41.19 -27.00 -10.47
CA ARG H 269 -40.06 -27.61 -11.17
C ARG H 269 -39.97 -27.23 -12.65
N GLY H 270 -40.54 -26.11 -13.06
CA GLY H 270 -40.41 -25.68 -14.44
C GLY H 270 -39.04 -25.13 -14.75
N ARG H 271 -38.75 -24.98 -16.04
CA ARG H 271 -37.43 -24.53 -16.48
C ARG H 271 -36.97 -23.27 -15.78
N PHE H 272 -37.90 -22.37 -15.45
CA PHE H 272 -37.50 -21.13 -14.81
C PHE H 272 -36.91 -21.41 -13.44
N PHE H 273 -37.38 -22.45 -12.76
CA PHE H 273 -36.99 -22.73 -11.38
C PHE H 273 -35.90 -23.80 -11.36
N GLN H 274 -34.77 -23.50 -11.98
CA GLN H 274 -33.68 -24.44 -12.14
C GLN H 274 -32.38 -23.77 -11.75
N PRO H 275 -31.35 -24.54 -11.42
CA PRO H 275 -30.07 -23.93 -11.06
C PRO H 275 -29.54 -23.06 -12.19
N LYS H 276 -28.83 -21.99 -11.81
CA LYS H 276 -28.36 -21.04 -12.81
C LYS H 276 -27.53 -21.72 -13.88
N ASP H 277 -26.81 -22.79 -13.53
CA ASP H 277 -26.02 -23.52 -14.52
C ASP H 277 -26.85 -24.36 -15.47
N GLU H 278 -28.15 -24.52 -15.23
CA GLU H 278 -28.98 -25.38 -16.05
C GLU H 278 -30.14 -24.64 -16.68
N GLY H 279 -29.93 -23.38 -17.03
CA GLY H 279 -30.95 -22.60 -17.68
C GLY H 279 -32.10 -22.22 -16.77
N GLY H 280 -31.81 -21.39 -15.77
CA GLY H 280 -32.83 -20.92 -14.85
C GLY H 280 -32.28 -19.79 -14.02
N TYR H 281 -33.18 -18.97 -13.48
CA TYR H 281 -32.78 -17.79 -12.76
C TYR H 281 -32.94 -17.90 -11.24
N PHE H 282 -33.53 -18.98 -10.72
CA PHE H 282 -33.65 -19.12 -9.28
C PHE H 282 -33.95 -20.57 -8.95
N TYR H 283 -33.11 -21.20 -8.14
CA TYR H 283 -33.34 -22.53 -7.61
C TYR H 283 -33.38 -22.43 -6.09
N PHE H 284 -34.56 -22.65 -5.51
CA PHE H 284 -34.79 -22.43 -4.09
C PHE H 284 -35.10 -23.72 -3.35
N GLY H 285 -34.82 -24.87 -3.95
CA GLY H 285 -35.14 -26.14 -3.34
C GLY H 285 -36.39 -26.80 -3.87
N GLU H 286 -37.18 -26.10 -4.68
CA GLU H 286 -38.29 -26.72 -5.41
C GLU H 286 -39.41 -27.15 -4.45
N LEU H 287 -39.75 -26.29 -3.49
CA LEU H 287 -40.75 -26.67 -2.50
C LEU H 287 -41.18 -25.44 -1.70
N PRO H 288 -42.44 -25.37 -1.25
CA PRO H 288 -42.88 -24.16 -0.53
C PRO H 288 -42.06 -23.83 0.69
N LEU H 289 -41.79 -24.81 1.56
CA LEU H 289 -41.00 -24.52 2.75
C LEU H 289 -39.58 -24.12 2.37
N SER H 290 -39.00 -24.77 1.37
CA SER H 290 -37.69 -24.36 0.87
C SER H 290 -37.74 -22.96 0.29
N LEU H 291 -38.85 -22.60 -0.37
CA LEU H 291 -39.00 -21.24 -0.87
C LEU H 291 -39.03 -20.23 0.26
N ALA H 292 -39.76 -20.53 1.33
CA ALA H 292 -39.82 -19.61 2.46
C ALA H 292 -38.47 -19.47 3.14
N ALA H 293 -37.75 -20.59 3.31
CA ALA H 293 -36.46 -20.53 3.98
C ALA H 293 -35.42 -19.83 3.13
N CYS H 294 -35.45 -20.04 1.82
CA CYS H 294 -34.41 -19.54 0.92
C CYS H 294 -34.55 -18.06 0.59
N THR H 295 -35.72 -17.46 0.83
CA THR H 295 -35.90 -16.03 0.62
C THR H 295 -35.92 -15.26 1.94
N ASN H 296 -35.45 -15.87 3.02
CA ASN H 296 -35.29 -15.20 4.31
C ASN H 296 -36.63 -14.67 4.83
N GLN H 297 -37.55 -15.59 5.10
CA GLN H 297 -38.81 -15.29 5.76
C GLN H 297 -38.99 -16.28 6.92
N PRO H 298 -38.29 -16.05 8.04
CA PRO H 298 -38.37 -17.03 9.13
C PRO H 298 -39.77 -17.21 9.69
N HIS H 299 -40.60 -16.16 9.67
CA HIS H 299 -41.95 -16.28 10.22
C HIS H 299 -42.79 -17.27 9.42
N ILE H 300 -42.65 -17.25 8.09
CA ILE H 300 -43.42 -18.16 7.26
C ILE H 300 -42.97 -19.60 7.51
N VAL H 301 -41.67 -19.80 7.72
CA VAL H 301 -41.19 -21.15 8.04
C VAL H 301 -41.76 -21.62 9.36
N ASN H 302 -41.75 -20.74 10.37
CA ASN H 302 -42.29 -21.11 11.68
C ASN H 302 -43.77 -21.46 11.57
N TYR H 303 -44.52 -20.72 10.75
CA TYR H 303 -45.93 -21.03 10.57
C TYR H 303 -46.12 -22.32 9.78
N LEU H 304 -45.38 -22.50 8.70
CA LEU H 304 -45.59 -23.65 7.83
C LEU H 304 -45.31 -24.95 8.56
N THR H 305 -44.23 -24.98 9.35
CA THR H 305 -43.91 -26.20 10.08
C THR H 305 -44.94 -26.49 11.17
N GLU H 306 -45.46 -25.46 11.82
CA GLU H 306 -46.40 -25.61 12.94
C GLU H 306 -47.68 -24.84 12.67
N ASN H 307 -48.72 -25.54 12.22
CA ASN H 307 -50.06 -24.98 12.10
C ASN H 307 -51.07 -26.11 12.22
N PRO H 308 -52.25 -25.87 12.78
CA PRO H 308 -53.19 -26.98 13.01
C PRO H 308 -53.70 -27.63 11.73
N HIS H 309 -53.71 -26.94 10.60
CA HIS H 309 -54.32 -27.50 9.40
C HIS H 309 -53.42 -28.56 8.74
N LYS H 310 -52.21 -28.17 8.35
CA LYS H 310 -51.31 -29.10 7.69
C LYS H 310 -49.89 -28.59 7.82
N LYS H 311 -48.98 -29.49 8.18
CA LYS H 311 -47.61 -29.13 8.52
C LYS H 311 -46.66 -29.69 7.48
N ALA H 312 -45.78 -28.83 6.96
CA ALA H 312 -44.75 -29.25 6.01
C ALA H 312 -43.53 -29.71 6.80
N ASP H 313 -43.27 -31.02 6.81
CA ASP H 313 -42.14 -31.54 7.57
C ASP H 313 -40.83 -31.22 6.88
N MET H 314 -39.78 -31.04 7.70
CA MET H 314 -38.50 -30.55 7.19
C MET H 314 -37.70 -31.61 6.45
N ARG H 315 -38.04 -32.89 6.59
CA ARG H 315 -37.24 -33.97 6.03
C ARG H 315 -37.60 -34.31 4.60
N ARG H 316 -38.64 -33.70 4.03
CA ARG H 316 -39.06 -34.03 2.68
C ARG H 316 -38.00 -33.59 1.67
N GLN H 317 -37.83 -34.39 0.63
CA GLN H 317 -36.87 -34.13 -0.43
C GLN H 317 -37.63 -33.84 -1.72
N ASP H 318 -37.04 -33.00 -2.57
CA ASP H 318 -37.66 -32.64 -3.82
C ASP H 318 -37.24 -33.66 -4.88
N SER H 319 -37.52 -33.36 -6.15
CA SER H 319 -37.19 -34.30 -7.22
C SER H 319 -35.70 -34.60 -7.25
N ARG H 320 -34.86 -33.56 -7.07
CA ARG H 320 -33.42 -33.74 -7.08
C ARG H 320 -32.91 -34.50 -5.87
N GLY H 321 -33.75 -34.67 -4.84
CA GLY H 321 -33.32 -35.24 -3.58
C GLY H 321 -32.90 -34.21 -2.55
N ASN H 322 -32.72 -32.96 -2.95
CA ASN H 322 -32.28 -31.91 -2.04
C ASN H 322 -33.34 -31.65 -0.98
N THR H 323 -32.94 -31.82 0.30
CA THR H 323 -33.68 -31.46 1.50
C THR H 323 -33.57 -29.92 1.67
N VAL H 324 -34.26 -29.37 2.66
CA VAL H 324 -34.22 -27.93 2.89
C VAL H 324 -32.79 -27.44 3.08
N LEU H 325 -31.90 -28.29 3.59
CA LEU H 325 -30.54 -27.87 3.89
C LEU H 325 -29.65 -27.85 2.66
N HIS H 326 -29.81 -28.83 1.76
CA HIS H 326 -29.13 -28.72 0.47
C HIS H 326 -29.60 -27.48 -0.28
N ALA H 327 -30.90 -27.19 -0.21
CA ALA H 327 -31.42 -26.00 -0.88
C ALA H 327 -30.84 -24.73 -0.27
N LEU H 328 -30.72 -24.68 1.06
CA LEU H 328 -30.14 -23.51 1.70
C LEU H 328 -28.66 -23.36 1.39
N VAL H 329 -27.95 -24.48 1.20
CA VAL H 329 -26.57 -24.41 0.76
C VAL H 329 -26.48 -23.93 -0.69
N ALA H 330 -27.45 -24.33 -1.52
CA ALA H 330 -27.38 -24.00 -2.94
C ALA H 330 -27.41 -22.50 -3.16
N ILE H 331 -28.30 -21.79 -2.44
CA ILE H 331 -28.34 -20.34 -2.54
C ILE H 331 -27.23 -19.67 -1.75
N ALA H 332 -26.53 -20.42 -0.90
CA ALA H 332 -25.52 -19.82 -0.05
C ALA H 332 -24.46 -19.14 -0.91
N ASP H 333 -24.07 -17.94 -0.49
CA ASP H 333 -23.02 -17.18 -1.16
C ASP H 333 -22.02 -16.73 -0.11
N ASN H 334 -20.90 -16.20 -0.58
CA ASN H 334 -19.81 -15.79 0.30
C ASN H 334 -19.89 -14.33 0.69
N THR H 335 -20.90 -13.60 0.23
CA THR H 335 -21.11 -12.24 0.70
C THR H 335 -21.67 -12.26 2.12
N ARG H 336 -21.34 -11.23 2.89
CA ARG H 336 -21.82 -11.17 4.27
C ARG H 336 -23.34 -11.10 4.32
N GLU H 337 -23.94 -10.29 3.45
CA GLU H 337 -25.39 -10.12 3.45
C GLU H 337 -26.11 -11.45 3.26
N ASN H 338 -25.49 -12.40 2.57
CA ASN H 338 -26.09 -13.70 2.31
C ASN H 338 -25.82 -14.68 3.44
N THR H 339 -24.54 -14.91 3.74
CA THR H 339 -24.17 -15.87 4.79
C THR H 339 -24.84 -15.53 6.11
N LYS H 340 -24.97 -14.23 6.40
CA LYS H 340 -25.51 -13.80 7.69
C LYS H 340 -26.83 -14.48 7.98
N PHE H 341 -27.72 -14.57 6.99
CA PHE H 341 -29.02 -15.20 7.20
C PHE H 341 -29.03 -16.67 6.80
N VAL H 342 -28.16 -17.08 5.88
CA VAL H 342 -28.11 -18.50 5.51
C VAL H 342 -27.76 -19.34 6.72
N THR H 343 -26.72 -18.95 7.45
CA THR H 343 -26.32 -19.72 8.63
C THR H 343 -27.41 -19.70 9.70
N LYS H 344 -28.03 -18.55 9.91
CA LYS H 344 -29.08 -18.44 10.92
C LYS H 344 -30.24 -19.39 10.60
N MET H 345 -30.72 -19.35 9.36
CA MET H 345 -31.84 -20.21 8.99
C MET H 345 -31.44 -21.68 9.04
N TYR H 346 -30.21 -22.00 8.64
CA TYR H 346 -29.73 -23.37 8.72
C TYR H 346 -29.81 -23.89 10.15
N ASP H 347 -29.23 -23.13 11.09
CA ASP H 347 -29.26 -23.56 12.49
C ASP H 347 -30.69 -23.66 13.01
N LEU H 348 -31.53 -22.68 12.68
CA LEU H 348 -32.91 -22.71 13.11
C LEU H 348 -33.59 -24.00 12.68
N LEU H 349 -33.51 -24.32 11.39
CA LEU H 349 -34.20 -25.50 10.87
C LEU H 349 -33.61 -26.77 11.47
N LEU H 350 -32.28 -26.84 11.62
CA LEU H 350 -31.68 -28.06 12.16
C LEU H 350 -32.15 -28.31 13.59
N LEU H 351 -32.07 -27.28 14.44
CA LEU H 351 -32.51 -27.48 15.83
C LEU H 351 -33.99 -27.82 15.89
N LYS H 352 -34.82 -27.17 15.08
CA LYS H 352 -36.25 -27.46 15.11
C LYS H 352 -36.52 -28.91 14.70
N CYS H 353 -35.87 -29.38 13.64
CA CYS H 353 -36.09 -30.75 13.20
C CYS H 353 -35.61 -31.74 14.25
N ALA H 354 -34.47 -31.44 14.89
CA ALA H 354 -33.97 -32.32 15.94
C ALA H 354 -34.95 -32.38 17.11
N ARG H 355 -35.46 -31.22 17.54
CA ARG H 355 -36.37 -31.21 18.68
C ARG H 355 -37.67 -31.95 18.37
N LEU H 356 -38.22 -31.75 17.18
CA LEU H 356 -39.51 -32.39 16.88
C LEU H 356 -39.31 -33.89 16.74
N PHE H 357 -38.47 -34.30 15.80
CA PHE H 357 -38.17 -35.71 15.57
C PHE H 357 -36.80 -36.00 16.18
N PRO H 358 -36.73 -36.65 17.34
CA PRO H 358 -35.44 -36.76 18.02
C PRO H 358 -34.49 -37.77 17.39
N ASP H 359 -35.00 -38.93 16.99
CA ASP H 359 -34.12 -40.00 16.50
C ASP H 359 -33.39 -39.58 15.24
N SER H 360 -34.09 -38.92 14.31
CA SER H 360 -33.51 -38.61 13.02
C SER H 360 -32.51 -37.48 13.11
N ASN H 361 -31.54 -37.48 12.19
CA ASN H 361 -30.64 -36.36 11.98
C ASN H 361 -30.90 -35.82 10.58
N LEU H 362 -31.34 -34.56 10.51
CA LEU H 362 -31.67 -33.97 9.22
C LEU H 362 -30.44 -33.88 8.33
N GLU H 363 -29.28 -33.63 8.91
CA GLU H 363 -28.04 -33.44 8.15
C GLU H 363 -27.51 -34.74 7.57
N ALA H 364 -28.08 -35.89 7.91
CA ALA H 364 -27.61 -37.18 7.43
C ALA H 364 -28.44 -37.73 6.28
N VAL H 365 -29.29 -36.89 5.69
CA VAL H 365 -30.11 -37.27 4.54
C VAL H 365 -29.37 -36.85 3.28
N LEU H 366 -29.08 -37.80 2.41
CA LEU H 366 -28.30 -37.55 1.20
C LEU H 366 -29.25 -37.32 0.03
N ASN H 367 -28.78 -36.56 -0.95
CA ASN H 367 -29.57 -36.28 -2.13
C ASN H 367 -29.31 -37.37 -3.17
N ASN H 368 -29.79 -37.17 -4.40
CA ASN H 368 -29.59 -38.17 -5.45
C ASN H 368 -28.12 -38.37 -5.77
N ASP H 369 -27.29 -37.35 -5.56
CA ASP H 369 -25.87 -37.44 -5.83
C ASP H 369 -25.06 -38.04 -4.68
N GLY H 370 -25.72 -38.35 -3.56
CA GLY H 370 -25.03 -38.93 -2.42
C GLY H 370 -24.34 -37.94 -1.52
N LEU H 371 -24.45 -36.64 -1.79
CA LEU H 371 -23.84 -35.62 -0.95
C LEU H 371 -24.75 -35.28 0.23
N SER H 372 -24.22 -34.49 1.15
CA SER H 372 -24.95 -33.99 2.31
C SER H 372 -24.69 -32.49 2.41
N PRO H 373 -25.42 -31.76 3.25
CA PRO H 373 -25.23 -30.31 3.28
C PRO H 373 -23.77 -29.87 3.46
N LEU H 374 -23.04 -30.48 4.39
CA LEU H 374 -21.64 -30.14 4.56
C LEU H 374 -20.81 -30.60 3.36
N MET H 375 -21.00 -31.85 2.96
CA MET H 375 -20.26 -32.37 1.80
C MET H 375 -20.65 -31.64 0.52
N MET H 376 -21.88 -31.12 0.47
CA MET H 376 -22.31 -30.33 -0.68
C MET H 376 -21.66 -28.94 -0.68
N ALA H 377 -21.53 -28.34 0.50
CA ALA H 377 -20.84 -27.05 0.59
C ALA H 377 -19.34 -27.19 0.40
N ALA H 378 -18.79 -28.39 0.58
CA ALA H 378 -17.37 -28.59 0.39
C ALA H 378 -16.98 -28.46 -1.08
N LYS H 379 -17.70 -29.14 -1.96
CA LYS H 379 -17.34 -29.20 -3.37
C LYS H 379 -17.96 -28.09 -4.21
N THR H 380 -18.69 -27.17 -3.59
CA THR H 380 -19.31 -26.07 -4.32
C THR H 380 -18.63 -24.74 -4.05
N GLY H 381 -17.83 -24.64 -2.98
CA GLY H 381 -17.08 -23.42 -2.71
C GLY H 381 -17.85 -22.44 -1.85
N LYS H 382 -18.40 -22.90 -0.73
CA LYS H 382 -19.20 -22.08 0.17
C LYS H 382 -18.50 -22.04 1.53
N ILE H 383 -17.64 -21.04 1.74
CA ILE H 383 -16.91 -20.94 3.00
C ILE H 383 -17.87 -20.60 4.14
N GLY H 384 -18.72 -19.60 3.94
CA GLY H 384 -19.50 -19.06 5.04
C GLY H 384 -20.28 -20.13 5.78
N ILE H 385 -20.85 -21.07 5.05
CA ILE H 385 -21.61 -22.14 5.68
C ILE H 385 -20.73 -23.35 6.00
N PHE H 386 -19.68 -23.58 5.21
CA PHE H 386 -18.82 -24.73 5.44
C PHE H 386 -18.10 -24.63 6.78
N GLN H 387 -17.42 -23.49 7.02
CA GLN H 387 -16.72 -23.32 8.28
C GLN H 387 -17.71 -23.21 9.44
N HIS H 388 -18.88 -22.61 9.19
CA HIS H 388 -19.90 -22.54 10.24
C HIS H 388 -20.34 -23.94 10.66
N ILE H 389 -20.53 -24.84 9.70
CA ILE H 389 -20.91 -26.21 10.03
C ILE H 389 -19.80 -26.89 10.80
N ILE H 390 -18.55 -26.70 10.38
CA ILE H 390 -17.44 -27.37 11.04
C ILE H 390 -17.30 -26.89 12.49
N ARG H 391 -17.41 -25.58 12.73
CA ARG H 391 -17.10 -25.01 14.03
C ARG H 391 -18.32 -24.89 14.95
N ARG H 392 -19.49 -25.36 14.53
CA ARG H 392 -20.70 -25.07 15.30
C ARG H 392 -20.68 -25.78 16.64
N GLU H 393 -21.14 -25.08 17.68
CA GLU H 393 -21.31 -25.67 18.99
C GLU H 393 -22.64 -25.19 19.56
N VAL H 394 -23.44 -26.14 20.04
CA VAL H 394 -24.76 -25.86 20.59
C VAL H 394 -24.67 -26.01 22.10
N THR H 395 -24.83 -24.89 22.82
CA THR H 395 -24.68 -24.90 24.26
C THR H 395 -25.85 -25.55 24.98
N ASP H 396 -27.06 -25.41 24.45
CA ASP H 396 -28.25 -25.93 25.12
C ASP H 396 -28.10 -27.43 25.34
N GLU H 397 -28.40 -27.88 26.56
CA GLU H 397 -28.23 -29.28 26.90
C GLU H 397 -29.24 -30.17 26.18
N ASP H 398 -30.38 -29.61 25.80
CA ASP H 398 -31.42 -30.40 25.13
C ASP H 398 -30.89 -30.98 23.82
N THR H 399 -30.17 -30.19 23.04
CA THR H 399 -29.69 -30.58 21.72
C THR H 399 -28.23 -30.24 21.55
N ARG H 400 -27.42 -30.53 22.58
CA ARG H 400 -25.99 -30.31 22.46
C ARG H 400 -25.30 -31.38 21.63
N HIS H 401 -25.93 -32.55 21.47
CA HIS H 401 -25.30 -33.66 20.78
C HIS H 401 -25.03 -33.36 19.31
N LEU H 402 -25.77 -32.43 18.71
CA LEU H 402 -25.58 -32.08 17.30
C LEU H 402 -24.63 -30.91 17.14
N SER H 403 -23.47 -31.02 17.78
CA SER H 403 -22.40 -30.05 17.66
C SER H 403 -21.14 -30.77 17.21
N ARG H 404 -20.21 -30.01 16.63
CA ARG H 404 -19.00 -30.59 16.06
C ARG H 404 -17.72 -29.96 16.60
N LYS H 405 -17.79 -29.18 17.67
CA LYS H 405 -16.59 -28.67 18.33
C LYS H 405 -16.87 -28.58 19.82
N PHE H 406 -16.10 -29.30 20.61
CA PHE H 406 -16.31 -29.40 22.04
C PHE H 406 -15.12 -28.80 22.77
N LYS H 407 -15.31 -28.47 24.05
CA LYS H 407 -14.28 -27.88 24.88
C LYS H 407 -13.80 -28.94 25.86
N ASP H 408 -12.60 -29.48 25.62
CA ASP H 408 -12.10 -30.59 26.42
C ASP H 408 -11.80 -30.16 27.85
N TRP H 409 -10.86 -29.24 28.03
CA TRP H 409 -10.48 -28.81 29.37
C TRP H 409 -9.85 -27.42 29.33
N ALA H 410 -9.64 -26.86 30.51
CA ALA H 410 -9.07 -25.53 30.63
C ALA H 410 -8.27 -25.42 31.92
N TYR H 411 -7.28 -24.54 31.91
CA TYR H 411 -6.51 -24.22 33.11
C TYR H 411 -5.91 -22.83 32.92
N GLY H 412 -6.41 -21.85 33.65
CA GLY H 412 -5.98 -20.49 33.47
C GLY H 412 -6.23 -20.07 32.03
N PRO H 413 -5.23 -19.47 31.38
CA PRO H 413 -5.34 -19.10 29.97
C PRO H 413 -4.85 -20.19 29.01
N VAL H 414 -5.35 -21.42 29.20
CA VAL H 414 -5.03 -22.51 28.29
C VAL H 414 -6.28 -23.35 28.07
N TYR H 415 -6.93 -23.17 26.93
CA TYR H 415 -8.17 -23.87 26.61
C TYR H 415 -7.90 -24.92 25.54
N SER H 416 -8.14 -26.18 25.86
CA SER H 416 -7.99 -27.27 24.91
C SER H 416 -9.38 -27.72 24.49
N SER H 417 -9.72 -27.48 23.24
CA SER H 417 -10.97 -27.92 22.62
C SER H 417 -10.64 -29.03 21.64
N LEU H 418 -11.67 -29.67 21.10
CA LEU H 418 -11.45 -30.77 20.19
C LEU H 418 -12.59 -30.89 19.19
N TYR H 419 -12.23 -30.90 17.92
CA TYR H 419 -13.18 -30.91 16.81
C TYR H 419 -13.59 -32.33 16.47
N ASP H 420 -14.83 -32.47 16.00
CA ASP H 420 -15.34 -33.75 15.53
C ASP H 420 -14.98 -33.94 14.06
N LEU H 421 -14.32 -35.05 13.75
CA LEU H 421 -13.98 -35.42 12.38
C LEU H 421 -14.71 -36.67 11.94
N SER H 422 -15.98 -36.79 12.36
CA SER H 422 -16.77 -37.95 11.96
C SER H 422 -16.87 -38.06 10.45
N SER H 423 -16.94 -36.93 9.75
CA SER H 423 -17.04 -36.93 8.30
C SER H 423 -15.79 -36.45 7.59
N LEU H 424 -14.96 -35.63 8.23
CA LEU H 424 -13.77 -35.11 7.56
C LEU H 424 -12.81 -36.23 7.20
N ASP H 425 -12.53 -37.12 8.15
CA ASP H 425 -11.62 -38.24 7.94
C ASP H 425 -12.37 -39.53 8.29
N THR H 426 -12.67 -40.33 7.27
CA THR H 426 -13.45 -41.55 7.45
C THR H 426 -12.67 -42.81 7.11
N CYS H 427 -11.49 -42.70 6.49
CA CYS H 427 -10.66 -43.85 6.13
C CYS H 427 -11.35 -44.72 5.08
N GLY H 428 -11.77 -44.09 3.98
CA GLY H 428 -12.26 -44.81 2.82
C GLY H 428 -13.44 -45.72 3.11
N GLU H 429 -14.44 -45.19 3.82
CA GLU H 429 -15.65 -45.94 4.12
C GLU H 429 -16.91 -45.19 3.75
N GLU H 430 -16.95 -43.87 3.93
CA GLU H 430 -18.17 -43.09 3.74
C GLU H 430 -17.88 -41.78 3.02
N ALA H 431 -17.02 -41.81 2.00
CA ALA H 431 -16.81 -40.68 1.12
C ALA H 431 -16.45 -39.42 1.92
N SER H 432 -15.28 -39.48 2.53
CA SER H 432 -14.81 -38.39 3.39
C SER H 432 -14.96 -37.04 2.69
N VAL H 433 -15.18 -36.00 3.50
CA VAL H 433 -15.26 -34.65 2.97
C VAL H 433 -13.91 -34.19 2.46
N LEU H 434 -12.82 -34.66 3.06
CA LEU H 434 -11.49 -34.16 2.71
C LEU H 434 -11.12 -34.51 1.28
N GLU H 435 -11.40 -35.74 0.85
CA GLU H 435 -11.08 -36.12 -0.53
C GLU H 435 -11.86 -35.27 -1.53
N ILE H 436 -13.15 -35.05 -1.26
CA ILE H 436 -13.97 -34.24 -2.14
C ILE H 436 -13.47 -32.80 -2.16
N LEU H 437 -13.00 -32.31 -1.02
CA LEU H 437 -12.50 -30.94 -0.95
C LEU H 437 -11.20 -30.78 -1.71
N VAL H 438 -10.35 -31.82 -1.72
CA VAL H 438 -9.05 -31.71 -2.36
C VAL H 438 -9.07 -32.08 -3.84
N TYR H 439 -10.03 -32.87 -4.29
CA TYR H 439 -10.12 -33.25 -5.70
C TYR H 439 -11.25 -32.53 -6.44
N ASN H 440 -12.49 -32.67 -5.97
CA ASN H 440 -13.66 -32.25 -6.72
C ASN H 440 -14.08 -30.82 -6.43
N SER H 441 -13.38 -30.11 -5.53
CA SER H 441 -13.83 -28.81 -5.09
C SER H 441 -13.64 -27.78 -6.19
N LYS H 442 -13.93 -26.52 -5.88
CA LYS H 442 -13.80 -25.42 -6.82
C LYS H 442 -12.38 -24.86 -6.71
N ILE H 443 -11.69 -24.81 -7.85
CA ILE H 443 -10.25 -24.49 -7.82
C ILE H 443 -10.03 -23.08 -7.26
N GLU H 444 -10.94 -22.16 -7.57
CA GLU H 444 -10.72 -20.76 -7.18
C GLU H 444 -10.59 -20.62 -5.67
N ASN H 445 -11.35 -21.40 -4.91
CA ASN H 445 -11.50 -21.18 -3.48
C ASN H 445 -10.98 -22.36 -2.66
N ARG H 446 -10.32 -23.31 -3.30
CA ARG H 446 -9.78 -24.48 -2.60
C ARG H 446 -8.73 -24.07 -1.58
N HIS H 447 -7.89 -23.11 -1.96
CA HIS H 447 -6.81 -22.63 -1.09
C HIS H 447 -7.36 -22.12 0.25
N GLU H 448 -8.56 -21.56 0.21
CA GLU H 448 -9.20 -21.03 1.40
C GLU H 448 -10.02 -22.08 2.13
N MET H 449 -10.62 -23.03 1.40
CA MET H 449 -11.28 -24.14 2.08
C MET H 449 -10.28 -24.98 2.87
N LEU H 450 -9.04 -25.07 2.40
CA LEU H 450 -8.05 -25.92 3.05
C LEU H 450 -7.38 -25.27 4.25
N ALA H 451 -7.75 -24.05 4.60
CA ALA H 451 -7.16 -23.34 5.72
C ALA H 451 -8.08 -23.28 6.94
N VAL H 452 -9.21 -23.99 6.91
CA VAL H 452 -10.11 -23.96 8.05
C VAL H 452 -9.46 -24.63 9.26
N GLU H 453 -10.02 -24.35 10.43
CA GLU H 453 -9.29 -24.59 11.68
C GLU H 453 -8.85 -26.04 11.86
N PRO H 454 -9.71 -27.04 11.69
CA PRO H 454 -9.31 -28.43 11.96
C PRO H 454 -8.78 -29.21 10.77
N ILE H 455 -8.60 -28.58 9.61
CA ILE H 455 -8.19 -29.29 8.40
C ILE H 455 -6.69 -29.18 8.17
N ASN H 456 -6.13 -27.97 8.33
CA ASN H 456 -4.69 -27.81 8.14
C ASN H 456 -3.91 -28.63 9.16
N GLU H 457 -4.33 -28.58 10.43
CA GLU H 457 -3.67 -29.36 11.45
C GLU H 457 -3.84 -30.85 11.21
N LEU H 458 -5.02 -31.25 10.72
CA LEU H 458 -5.22 -32.67 10.40
C LEU H 458 -4.25 -33.11 9.32
N LEU H 459 -4.13 -32.32 8.24
CA LEU H 459 -3.22 -32.70 7.17
C LEU H 459 -1.78 -32.75 7.64
N ARG H 460 -1.37 -31.77 8.47
CA ARG H 460 -0.02 -31.78 9.00
C ARG H 460 0.23 -33.01 9.86
N ASP H 461 -0.74 -33.36 10.72
CA ASP H 461 -0.60 -34.53 11.56
C ASP H 461 -0.45 -35.79 10.73
N LYS H 462 -1.23 -35.91 9.66
CA LYS H 462 -1.16 -37.10 8.82
C LYS H 462 0.18 -37.16 8.09
N TRP H 463 0.66 -36.01 7.61
CA TRP H 463 2.00 -35.93 7.03
C TRP H 463 3.05 -36.46 8.01
N ARG H 464 3.00 -35.96 9.25
CA ARG H 464 3.99 -36.39 10.24
C ARG H 464 3.86 -37.88 10.53
N LYS H 465 2.63 -38.38 10.65
CA LYS H 465 2.43 -39.75 11.09
C LYS H 465 2.87 -40.74 10.02
N PHE H 466 2.44 -40.55 8.77
CA PHE H 466 2.79 -41.52 7.74
C PHE H 466 3.10 -40.89 6.39
N GLY H 467 3.21 -39.57 6.29
CA GLY H 467 3.38 -38.94 5.00
C GLY H 467 4.82 -38.75 4.57
N ALA H 468 5.67 -38.29 5.49
CA ALA H 468 7.05 -37.99 5.12
C ALA H 468 7.83 -39.26 4.78
N VAL H 469 7.72 -40.28 5.64
CA VAL H 469 8.52 -41.49 5.43
C VAL H 469 8.15 -42.16 4.13
N SER H 470 6.85 -42.27 3.83
CA SER H 470 6.43 -42.92 2.60
C SER H 470 6.89 -42.15 1.37
N PHE H 471 6.77 -40.82 1.41
CA PHE H 471 7.22 -40.02 0.27
C PHE H 471 8.71 -40.17 0.05
N TYR H 472 9.50 -40.12 1.12
CA TYR H 472 10.95 -40.22 0.97
C TYR H 472 11.36 -41.61 0.49
N ILE H 473 10.65 -42.62 0.97
CA ILE H 473 10.93 -44.00 0.56
C ILE H 473 10.61 -44.12 -0.93
N ASN H 474 9.60 -43.38 -1.38
CA ASN H 474 9.21 -43.37 -2.78
C ASN H 474 10.28 -42.71 -3.63
N VAL H 475 10.78 -41.58 -3.15
CA VAL H 475 11.84 -40.85 -3.84
C VAL H 475 13.07 -41.73 -4.00
N VAL H 476 13.47 -42.38 -2.91
CA VAL H 476 14.67 -43.21 -2.94
C VAL H 476 14.49 -44.36 -3.94
N SER H 477 13.33 -45.00 -3.90
CA SER H 477 13.08 -46.13 -4.79
C SER H 477 13.10 -45.69 -6.25
N TYR H 478 12.47 -44.54 -6.55
CA TYR H 478 12.47 -44.06 -7.93
C TYR H 478 13.88 -43.73 -8.40
N LEU H 479 14.66 -43.06 -7.55
CA LEU H 479 16.03 -42.71 -7.96
C LEU H 479 16.87 -43.96 -8.18
N CYS H 480 16.73 -44.96 -7.31
CA CYS H 480 17.46 -46.20 -7.52
C CYS H 480 17.03 -46.89 -8.81
N ALA H 481 15.72 -46.91 -9.08
CA ALA H 481 15.23 -47.55 -10.30
C ALA H 481 15.79 -46.86 -11.53
N MET H 482 15.86 -45.53 -11.52
CA MET H 482 16.43 -44.82 -12.67
C MET H 482 17.94 -45.00 -12.76
N VAL H 483 18.64 -45.13 -11.64
CA VAL H 483 20.06 -45.42 -11.70
C VAL H 483 20.28 -46.78 -12.36
N ILE H 484 19.47 -47.77 -11.98
CA ILE H 484 19.55 -49.08 -12.61
C ILE H 484 19.23 -48.99 -14.09
N PHE H 485 18.22 -48.21 -14.45
CA PHE H 485 17.88 -48.05 -15.86
C PHE H 485 19.04 -47.44 -16.65
N THR H 486 19.67 -46.41 -16.10
CA THR H 486 20.81 -45.80 -16.77
C THR H 486 21.96 -46.78 -16.92
N LEU H 487 22.25 -47.55 -15.86
CA LEU H 487 23.33 -48.52 -15.94
C LEU H 487 23.03 -49.59 -17.00
N THR H 488 21.79 -50.06 -17.05
CA THR H 488 21.42 -51.06 -18.04
C THR H 488 21.55 -50.49 -19.45
N ALA H 489 21.15 -49.24 -19.64
CA ALA H 489 21.29 -48.62 -20.95
C ALA H 489 22.77 -48.50 -21.35
N TYR H 490 23.62 -48.11 -20.40
CA TYR H 490 25.02 -47.85 -20.73
C TYR H 490 25.75 -49.12 -21.14
N TYR H 491 25.46 -50.24 -20.48
CA TYR H 491 26.22 -51.48 -20.70
C TYR H 491 25.77 -52.25 -21.94
N GLN H 492 24.77 -51.77 -22.66
CA GLN H 492 24.23 -52.52 -23.80
C GLN H 492 25.28 -52.66 -24.89
N PRO H 493 25.63 -53.89 -25.31
CA PRO H 493 26.55 -54.03 -26.45
C PRO H 493 25.88 -53.63 -27.76
N LEU H 494 26.38 -52.56 -28.38
CA LEU H 494 25.78 -52.01 -29.58
C LEU H 494 26.00 -52.88 -30.82
N GLU H 495 26.83 -53.91 -30.74
CA GLU H 495 27.12 -54.77 -31.88
C GLU H 495 26.29 -56.04 -31.77
N GLY H 496 25.46 -56.29 -32.78
CA GLY H 496 24.58 -57.44 -32.78
C GLY H 496 23.12 -57.06 -32.82
N THR H 497 22.30 -57.91 -33.43
CA THR H 497 20.86 -57.67 -33.52
C THR H 497 20.13 -58.49 -32.46
N PRO H 498 19.31 -57.89 -31.61
CA PRO H 498 18.69 -58.63 -30.51
C PRO H 498 17.70 -59.65 -31.04
N PRO H 499 17.22 -60.59 -30.19
CA PRO H 499 17.61 -60.69 -28.78
C PRO H 499 19.00 -61.28 -28.58
N TYR H 500 19.76 -60.75 -27.63
CA TYR H 500 21.11 -61.23 -27.40
C TYR H 500 21.10 -62.52 -26.58
N PRO H 501 22.11 -63.38 -26.75
CA PRO H 501 22.23 -64.58 -25.90
C PRO H 501 22.73 -64.21 -24.52
N TYR H 502 21.96 -64.57 -23.49
CA TYR H 502 22.31 -64.28 -22.10
C TYR H 502 23.00 -65.50 -21.52
N ARG H 503 24.33 -65.44 -21.46
CA ARG H 503 25.15 -66.53 -20.95
C ARG H 503 26.11 -66.10 -19.85
N THR H 504 26.68 -64.89 -19.95
CA THR H 504 27.60 -64.41 -18.95
C THR H 504 26.83 -63.84 -17.76
N THR H 505 27.49 -63.83 -16.59
CA THR H 505 26.88 -63.24 -15.41
C THR H 505 26.60 -61.75 -15.63
N VAL H 506 27.45 -61.06 -16.40
CA VAL H 506 27.13 -59.69 -16.80
C VAL H 506 25.88 -59.67 -17.65
N ASP H 507 25.72 -60.67 -18.53
CA ASP H 507 24.50 -60.76 -19.32
C ASP H 507 23.28 -61.03 -18.44
N TYR H 508 23.45 -61.84 -17.39
CA TYR H 508 22.36 -62.05 -16.45
C TYR H 508 22.00 -60.75 -15.73
N LEU H 509 23.01 -59.97 -15.34
CA LEU H 509 22.74 -58.67 -14.72
C LEU H 509 21.99 -57.76 -15.68
N ARG H 510 22.40 -57.74 -16.95
CA ARG H 510 21.71 -56.94 -17.94
C ARG H 510 20.27 -57.40 -18.13
N LEU H 511 20.04 -58.72 -18.13
CA LEU H 511 18.68 -59.22 -18.26
C LEU H 511 17.83 -58.82 -17.06
N ALA H 512 18.42 -58.86 -15.85
CA ALA H 512 17.71 -58.39 -14.67
C ALA H 512 17.36 -56.92 -14.79
N GLY H 513 18.29 -56.11 -15.28
CA GLY H 513 17.99 -54.71 -15.53
C GLY H 513 16.90 -54.52 -16.55
N GLU H 514 16.95 -55.29 -17.64
CA GLU H 514 15.95 -55.20 -18.68
C GLU H 514 14.56 -55.53 -18.14
N VAL H 515 14.45 -56.60 -17.35
CA VAL H 515 13.15 -57.01 -16.85
C VAL H 515 12.64 -56.04 -15.79
N ILE H 516 13.52 -55.59 -14.88
CA ILE H 516 13.07 -54.63 -13.87
C ILE H 516 12.63 -53.33 -14.51
N THR H 517 13.26 -52.94 -15.63
CA THR H 517 12.80 -51.76 -16.34
C THR H 517 11.38 -51.92 -16.83
N LEU H 518 11.05 -53.08 -17.39
CA LEU H 518 9.68 -53.31 -17.85
C LEU H 518 8.71 -53.40 -16.68
N PHE H 519 9.13 -54.01 -15.57
CA PHE H 519 8.29 -54.02 -14.38
C PHE H 519 7.97 -52.60 -13.93
N THR H 520 8.97 -51.73 -13.87
CA THR H 520 8.73 -50.35 -13.48
C THR H 520 7.83 -49.64 -14.50
N GLY H 521 8.03 -49.90 -15.79
CA GLY H 521 7.20 -49.28 -16.79
C GLY H 521 5.74 -49.68 -16.67
N VAL H 522 5.48 -50.98 -16.51
CA VAL H 522 4.11 -51.44 -16.37
C VAL H 522 3.53 -50.97 -15.04
N LEU H 523 4.36 -50.84 -14.01
CA LEU H 523 3.88 -50.26 -12.75
C LEU H 523 3.44 -48.82 -12.94
N PHE H 524 4.24 -48.03 -13.67
CA PHE H 524 3.88 -46.64 -13.93
C PHE H 524 2.60 -46.56 -14.73
N PHE H 525 2.47 -47.44 -15.73
CA PHE H 525 1.21 -47.53 -16.48
C PHE H 525 0.05 -47.87 -15.55
N PHE H 526 0.23 -48.87 -14.70
CA PHE H 526 -0.86 -49.36 -13.85
C PHE H 526 -1.37 -48.28 -12.92
N THR H 527 -0.48 -47.73 -12.10
CA THR H 527 -0.91 -46.76 -11.09
C THR H 527 -1.38 -45.46 -11.74
N ASN H 528 -0.84 -45.05 -12.90
CA ASN H 528 -1.23 -43.75 -13.46
C ASN H 528 -2.55 -43.91 -14.10
N ILE H 529 -2.72 -45.01 -14.81
CA ILE H 529 -4.04 -45.22 -15.39
C ILE H 529 -5.10 -45.32 -14.29
N LYS H 530 -4.79 -45.99 -13.18
CA LYS H 530 -5.76 -46.05 -12.09
C LYS H 530 -6.09 -44.66 -11.59
N ASP H 531 -5.08 -43.81 -11.41
CA ASP H 531 -5.32 -42.45 -10.94
C ASP H 531 -6.15 -41.66 -11.94
N LEU H 532 -5.80 -41.76 -13.23
CA LEU H 532 -6.51 -40.94 -14.23
C LEU H 532 -7.96 -41.40 -14.39
N PHE H 533 -8.20 -42.71 -14.34
CA PHE H 533 -9.59 -43.20 -14.36
C PHE H 533 -10.33 -42.78 -13.10
N MET H 534 -9.67 -42.87 -11.93
CA MET H 534 -10.31 -42.52 -10.67
C MET H 534 -10.71 -41.05 -10.65
N LYS H 535 -9.83 -40.17 -11.12
CA LYS H 535 -10.08 -38.74 -11.09
C LYS H 535 -10.52 -38.26 -12.47
N LYS H 536 -11.42 -37.28 -12.48
CA LYS H 536 -11.93 -36.78 -13.74
C LYS H 536 -10.85 -35.99 -14.47
N CYS H 537 -11.05 -35.80 -15.77
CA CYS H 537 -10.09 -35.07 -16.57
C CYS H 537 -10.08 -33.61 -16.12
N PRO H 538 -8.92 -33.04 -15.79
CA PRO H 538 -8.87 -31.65 -15.36
C PRO H 538 -8.82 -30.68 -16.53
N GLY H 539 -8.96 -29.39 -16.20
CA GLY H 539 -8.88 -28.34 -17.19
C GLY H 539 -7.82 -27.32 -16.84
N VAL H 540 -8.00 -26.07 -17.27
CA VAL H 540 -7.05 -25.02 -16.96
C VAL H 540 -7.15 -24.66 -15.48
N ASN H 541 -6.05 -24.19 -14.92
CA ASN H 541 -5.86 -23.86 -13.51
C ASN H 541 -5.70 -25.11 -12.65
N SER H 542 -5.86 -26.31 -13.20
CA SER H 542 -5.59 -27.54 -12.49
C SER H 542 -4.49 -28.38 -13.12
N LEU H 543 -4.05 -28.03 -14.33
CA LEU H 543 -2.97 -28.76 -14.98
C LEU H 543 -1.68 -28.65 -14.19
N PHE H 544 -1.38 -27.45 -13.66
CA PHE H 544 -0.13 -27.25 -12.94
C PHE H 544 -0.07 -28.08 -11.66
N ILE H 545 -1.21 -28.38 -11.06
CA ILE H 545 -1.23 -29.09 -9.79
C ILE H 545 -0.66 -30.50 -9.99
N ASP H 546 -1.33 -31.32 -10.79
CA ASP H 546 -0.87 -32.68 -11.00
C ASP H 546 -1.00 -33.19 -12.44
N GLY H 547 -1.83 -32.59 -13.28
CA GLY H 547 -2.15 -33.21 -14.57
C GLY H 547 -0.93 -33.49 -15.42
N SER H 548 -0.04 -32.51 -15.53
CA SER H 548 1.09 -32.64 -16.44
C SER H 548 1.96 -33.82 -16.08
N PHE H 549 2.07 -34.15 -14.79
CA PHE H 549 2.97 -35.22 -14.40
C PHE H 549 2.41 -36.59 -14.74
N GLN H 550 1.12 -36.77 -14.67
CA GLN H 550 0.59 -38.06 -15.05
C GLN H 550 0.65 -38.15 -16.57
N LEU H 551 0.47 -37.03 -17.28
CA LEU H 551 0.66 -37.05 -18.72
C LEU H 551 2.06 -37.52 -19.09
N LEU H 552 3.08 -36.91 -18.46
CA LEU H 552 4.46 -37.25 -18.78
C LEU H 552 4.77 -38.71 -18.42
N TYR H 553 4.27 -39.16 -17.26
CA TYR H 553 4.53 -40.53 -16.84
C TYR H 553 3.90 -41.52 -17.81
N PHE H 554 2.67 -41.24 -18.27
CA PHE H 554 2.06 -42.06 -19.31
C PHE H 554 2.92 -42.09 -20.57
N ILE H 555 3.41 -40.94 -21.00
CA ILE H 555 4.22 -40.91 -22.23
C ILE H 555 5.47 -41.77 -22.06
N TYR H 556 6.13 -41.65 -20.91
CA TYR H 556 7.34 -42.42 -20.65
C TYR H 556 7.06 -43.92 -20.63
N SER H 557 5.97 -44.32 -19.97
CA SER H 557 5.61 -45.74 -19.95
C SER H 557 5.32 -46.24 -21.35
N VAL H 558 4.59 -45.46 -22.16
CA VAL H 558 4.30 -45.87 -23.53
C VAL H 558 5.60 -46.04 -24.31
N LEU H 559 6.55 -45.13 -24.10
CA LEU H 559 7.83 -45.23 -24.81
C LEU H 559 8.55 -46.50 -24.44
N VAL H 560 8.56 -46.86 -23.15
CA VAL H 560 9.21 -48.11 -22.75
C VAL H 560 8.51 -49.31 -23.38
N ILE H 561 7.18 -49.29 -23.41
CA ILE H 561 6.43 -50.42 -23.97
C ILE H 561 6.76 -50.59 -25.45
N VAL H 562 6.78 -49.49 -26.21
CA VAL H 562 7.13 -49.61 -27.63
C VAL H 562 8.60 -50.01 -27.79
N SER H 563 9.46 -49.61 -26.85
CA SER H 563 10.85 -50.04 -26.91
C SER H 563 10.94 -51.55 -26.78
N ALA H 564 10.11 -52.15 -25.93
CA ALA H 564 10.09 -53.61 -25.84
C ALA H 564 9.73 -54.24 -27.17
N ALA H 565 8.68 -53.73 -27.82
CA ALA H 565 8.23 -54.33 -29.08
C ALA H 565 9.32 -54.22 -30.14
N LEU H 566 9.89 -53.06 -30.28
CA LEU H 566 10.90 -52.92 -31.27
C LEU H 566 12.07 -53.88 -30.92
N TYR H 567 12.56 -53.84 -29.65
CA TYR H 567 13.67 -54.69 -29.25
C TYR H 567 13.40 -56.15 -29.60
N LEU H 568 12.11 -56.54 -29.66
CA LEU H 568 11.81 -57.93 -29.97
C LEU H 568 12.45 -58.36 -31.29
N ALA H 569 12.22 -57.61 -32.36
CA ALA H 569 12.71 -58.00 -33.68
C ALA H 569 13.66 -56.99 -34.31
N GLY H 570 13.29 -55.71 -34.37
CA GLY H 570 14.03 -54.74 -35.16
C GLY H 570 15.27 -54.18 -34.48
N ILE H 571 16.44 -54.47 -35.05
CA ILE H 571 17.70 -54.04 -34.43
C ILE H 571 17.80 -52.52 -34.40
N GLU H 572 17.56 -51.86 -35.54
CA GLU H 572 17.77 -50.42 -35.60
C GLU H 572 16.71 -49.65 -34.82
N ALA H 573 15.47 -50.13 -34.84
CA ALA H 573 14.34 -49.31 -34.40
C ALA H 573 14.42 -48.98 -32.91
N TYR H 574 14.70 -49.98 -32.06
CA TYR H 574 14.40 -49.82 -30.64
C TYR H 574 15.25 -48.73 -30.00
N LEU H 575 16.46 -48.53 -30.50
CA LEU H 575 17.34 -47.50 -29.94
C LEU H 575 16.87 -46.08 -30.28
N ALA H 576 15.92 -45.93 -31.20
CA ALA H 576 15.48 -44.60 -31.58
C ALA H 576 14.89 -43.86 -30.39
N VAL H 577 14.06 -44.53 -29.60
CA VAL H 577 13.27 -43.87 -28.56
C VAL H 577 13.60 -44.35 -27.15
N MET H 578 14.34 -45.44 -26.98
CA MET H 578 14.68 -45.87 -25.63
C MET H 578 15.50 -44.80 -24.90
N VAL H 579 16.33 -44.05 -25.64
CA VAL H 579 17.03 -42.92 -25.03
C VAL H 579 16.05 -41.83 -24.60
N PHE H 580 15.07 -41.53 -25.46
CA PHE H 580 14.00 -40.62 -25.06
C PHE H 580 13.37 -41.08 -23.76
N ALA H 581 13.28 -42.39 -23.56
CA ALA H 581 12.75 -42.92 -22.30
C ALA H 581 13.56 -42.39 -21.12
N LEU H 582 14.89 -42.48 -21.19
CA LEU H 582 15.73 -41.98 -20.11
C LEU H 582 15.55 -40.48 -19.92
N VAL H 583 15.51 -39.74 -21.04
CA VAL H 583 15.38 -38.29 -20.94
C VAL H 583 14.08 -37.92 -20.23
N LEU H 584 12.97 -38.54 -20.65
CA LEU H 584 11.69 -38.24 -20.04
C LEU H 584 11.65 -38.67 -18.58
N GLY H 585 12.29 -39.79 -18.24
CA GLY H 585 12.31 -40.21 -16.85
C GLY H 585 13.06 -39.24 -15.95
N TRP H 586 14.23 -38.79 -16.40
CA TRP H 586 14.97 -37.81 -15.60
C TRP H 586 14.23 -36.48 -15.54
N MET H 587 13.49 -36.13 -16.59
CA MET H 587 12.61 -34.96 -16.49
C MET H 587 11.53 -35.19 -15.42
N ASN H 588 10.95 -36.39 -15.40
CA ASN H 588 9.85 -36.68 -14.49
C ASN H 588 10.31 -36.69 -13.04
N ALA H 589 11.56 -37.08 -12.80
CA ALA H 589 12.08 -37.06 -11.44
C ALA H 589 11.88 -35.72 -10.75
N LEU H 590 11.60 -34.67 -11.52
CA LEU H 590 11.29 -33.36 -10.95
C LEU H 590 9.99 -33.39 -10.14
N TYR H 591 9.14 -34.40 -10.37
CA TYR H 591 7.88 -34.49 -9.64
C TYR H 591 8.09 -34.40 -8.13
N PHE H 592 9.08 -35.11 -7.61
CA PHE H 592 9.21 -35.33 -6.18
C PHE H 592 9.74 -34.13 -5.43
N THR H 593 10.00 -33.01 -6.11
CA THR H 593 10.43 -31.80 -5.43
C THR H 593 9.31 -31.15 -4.62
N ARG H 594 8.07 -31.59 -4.78
CA ARG H 594 6.95 -30.97 -4.09
C ARG H 594 6.98 -31.24 -2.59
N GLY H 595 7.73 -32.24 -2.14
CA GLY H 595 7.84 -32.48 -0.71
C GLY H 595 8.51 -31.33 0.01
N LEU H 596 9.54 -30.75 -0.61
CA LEU H 596 10.22 -29.59 -0.06
C LEU H 596 9.63 -28.32 -0.67
N LYS H 597 9.17 -27.41 0.19
CA LYS H 597 8.55 -26.18 -0.30
C LYS H 597 9.50 -25.38 -1.17
N LEU H 598 10.76 -25.26 -0.74
CA LEU H 598 11.72 -24.45 -1.49
C LEU H 598 11.89 -24.98 -2.91
N THR H 599 11.99 -26.30 -3.05
CA THR H 599 12.07 -26.91 -4.37
C THR H 599 10.72 -26.95 -5.07
N GLY H 600 9.63 -27.07 -4.31
CA GLY H 600 8.31 -27.09 -4.92
C GLY H 600 7.99 -25.80 -5.66
N THR H 601 8.30 -24.66 -5.05
CA THR H 601 8.05 -23.39 -5.72
C THR H 601 8.83 -23.29 -7.02
N TYR H 602 10.10 -23.72 -7.00
CA TYR H 602 10.89 -23.72 -8.23
C TYR H 602 10.29 -24.64 -9.28
N SER H 603 9.77 -25.80 -8.87
CA SER H 603 9.11 -26.69 -9.83
C SER H 603 7.93 -25.98 -10.48
N ILE H 604 7.13 -25.27 -9.67
CA ILE H 604 6.02 -24.51 -10.22
C ILE H 604 6.53 -23.46 -11.21
N MET H 605 7.62 -22.78 -10.86
CA MET H 605 8.17 -21.78 -11.76
C MET H 605 8.56 -22.40 -13.09
N ILE H 606 9.26 -23.53 -13.06
CA ILE H 606 9.69 -24.17 -14.30
C ILE H 606 8.48 -24.56 -15.14
N GLN H 607 7.47 -25.16 -14.50
CA GLN H 607 6.30 -25.59 -15.24
C GLN H 607 5.60 -24.40 -15.92
N LYS H 608 5.36 -23.34 -15.15
CA LYS H 608 4.64 -22.19 -15.70
C LYS H 608 5.46 -21.51 -16.79
N ILE H 609 6.77 -21.37 -16.60
CA ILE H 609 7.61 -20.77 -17.63
C ILE H 609 7.57 -21.58 -18.90
N LEU H 610 7.62 -22.91 -18.78
CA LEU H 610 7.59 -23.75 -19.97
C LEU H 610 6.26 -23.65 -20.70
N PHE H 611 5.15 -23.59 -19.96
CA PHE H 611 3.85 -23.68 -20.64
C PHE H 611 3.27 -22.33 -21.01
N LYS H 612 3.15 -21.41 -20.06
CA LYS H 612 2.39 -20.18 -20.29
C LYS H 612 2.98 -19.31 -21.40
N ASP H 613 4.21 -18.81 -21.21
CA ASP H 613 4.75 -17.79 -22.10
C ASP H 613 5.80 -18.32 -23.07
N LEU H 614 6.38 -19.50 -22.83
CA LEU H 614 7.39 -20.01 -23.75
C LEU H 614 6.79 -20.27 -25.12
N PHE H 615 5.61 -20.89 -25.16
CA PHE H 615 4.96 -21.15 -26.45
C PHE H 615 4.52 -19.86 -27.12
N ARG H 616 4.17 -18.86 -26.32
CA ARG H 616 3.76 -17.56 -26.85
C ARG H 616 4.95 -16.94 -27.58
N PHE H 617 6.10 -16.87 -26.89
CA PHE H 617 7.32 -16.35 -27.49
C PHE H 617 7.71 -17.17 -28.72
N LEU H 618 7.55 -18.48 -28.65
CA LEU H 618 7.90 -19.33 -29.78
C LEU H 618 7.02 -19.01 -30.98
N LEU H 619 5.73 -18.78 -30.75
CA LEU H 619 4.83 -18.43 -31.85
C LEU H 619 5.27 -17.13 -32.52
N VAL H 620 5.52 -16.09 -31.74
CA VAL H 620 5.93 -14.82 -32.34
C VAL H 620 7.26 -14.97 -33.06
N TYR H 621 8.19 -15.71 -32.44
CA TYR H 621 9.53 -15.89 -32.98
C TYR H 621 9.48 -16.67 -34.30
N LEU H 622 8.58 -17.64 -34.37
CA LEU H 622 8.36 -18.43 -35.57
C LEU H 622 7.76 -17.54 -36.65
N LEU H 623 6.83 -16.66 -36.25
CA LEU H 623 6.22 -15.73 -37.21
C LEU H 623 7.30 -14.92 -37.91
N PHE H 624 8.16 -14.28 -37.13
CA PHE H 624 9.20 -13.45 -37.74
C PHE H 624 10.20 -14.30 -38.53
N MET H 625 10.51 -15.48 -38.01
CA MET H 625 11.45 -16.37 -38.67
C MET H 625 10.93 -16.83 -40.04
N ILE H 626 9.64 -17.18 -40.13
CA ILE H 626 9.09 -17.67 -41.39
C ILE H 626 8.98 -16.51 -42.38
N GLY H 627 8.57 -15.34 -41.89
CA GLY H 627 8.54 -14.18 -42.78
C GLY H 627 9.90 -13.86 -43.36
N TYR H 628 10.93 -13.84 -42.52
CA TYR H 628 12.28 -13.56 -43.02
C TYR H 628 12.80 -14.69 -43.90
N ALA H 629 12.48 -15.94 -43.60
CA ALA H 629 12.92 -17.02 -44.47
C ALA H 629 12.38 -16.82 -45.87
N SER H 630 11.08 -16.56 -45.99
CA SER H 630 10.52 -16.34 -47.32
C SER H 630 11.16 -15.12 -47.98
N ALA H 631 11.27 -14.01 -47.26
CA ALA H 631 11.81 -12.79 -47.85
C ALA H 631 13.26 -12.98 -48.28
N LEU H 632 14.08 -13.60 -47.44
CA LEU H 632 15.49 -13.77 -47.74
C LEU H 632 15.70 -14.70 -48.92
N VAL H 633 14.98 -15.82 -48.96
CA VAL H 633 15.26 -16.81 -49.99
C VAL H 633 14.59 -16.46 -51.32
N SER H 634 13.51 -15.66 -51.29
CA SER H 634 12.90 -15.24 -52.54
C SER H 634 13.84 -14.37 -53.37
N LEU H 635 14.77 -13.67 -52.73
CA LEU H 635 15.69 -12.79 -53.45
C LEU H 635 16.78 -13.56 -54.17
N LEU H 636 17.17 -14.72 -53.65
CA LEU H 636 18.30 -15.46 -54.20
C LEU H 636 17.98 -15.96 -55.61
N ASN H 637 18.99 -15.93 -56.48
CA ASN H 637 18.89 -16.44 -57.84
C ASN H 637 19.77 -17.66 -58.02
N PRO H 638 19.24 -18.79 -58.50
CA PRO H 638 20.10 -19.97 -58.67
C PRO H 638 20.82 -19.98 -60.01
N ASP H 662 15.15 -27.54 -55.66
CA ASP H 662 15.51 -26.29 -54.98
C ASP H 662 15.18 -26.37 -53.49
N SER H 663 14.42 -27.40 -53.10
CA SER H 663 14.05 -27.54 -51.69
C SER H 663 15.27 -27.91 -50.84
N GLU H 664 16.20 -28.69 -51.39
CA GLU H 664 17.41 -29.02 -50.65
C GLU H 664 18.25 -27.78 -50.38
N THR H 665 18.44 -26.93 -51.40
CA THR H 665 19.18 -25.69 -51.19
C THR H 665 18.49 -24.79 -50.19
N PHE H 666 17.15 -24.76 -50.22
CA PHE H 666 16.40 -24.04 -49.21
C PHE H 666 16.81 -24.47 -47.80
N SER H 667 16.96 -25.79 -47.59
CA SER H 667 17.36 -26.28 -46.28
C SER H 667 18.76 -25.81 -45.91
N THR H 668 19.71 -25.88 -46.86
CA THR H 668 21.07 -25.43 -46.56
C THR H 668 21.10 -23.96 -46.19
N PHE H 669 20.35 -23.13 -46.92
CA PHE H 669 20.36 -21.70 -46.65
C PHE H 669 19.62 -21.36 -45.37
N LEU H 670 18.56 -22.11 -45.03
CA LEU H 670 17.92 -21.92 -43.74
C LEU H 670 18.86 -22.28 -42.60
N LEU H 671 19.61 -23.38 -42.75
CA LEU H 671 20.60 -23.73 -41.75
C LEU H 671 21.68 -22.65 -41.63
N ASP H 672 22.12 -22.10 -42.77
CA ASP H 672 23.10 -21.02 -42.71
C ASP H 672 22.54 -19.81 -41.98
N LEU H 673 21.28 -19.46 -42.25
CA LEU H 673 20.66 -18.35 -41.55
C LEU H 673 20.60 -18.61 -40.05
N PHE H 674 20.27 -19.84 -39.65
CA PHE H 674 20.27 -20.18 -38.23
C PHE H 674 21.67 -20.04 -37.65
N LYS H 675 22.69 -20.45 -38.40
CA LYS H 675 24.07 -20.30 -37.95
C LYS H 675 24.40 -18.83 -37.71
N LEU H 676 23.99 -17.94 -38.63
CA LEU H 676 24.21 -16.52 -38.42
C LEU H 676 23.48 -16.04 -37.16
N THR H 677 22.34 -16.64 -36.83
CA THR H 677 21.63 -16.26 -35.62
C THR H 677 22.45 -16.60 -34.38
N ILE H 678 23.15 -17.74 -34.41
CA ILE H 678 23.90 -18.18 -33.24
C ILE H 678 25.21 -17.42 -33.06
N GLY H 679 25.75 -16.83 -34.13
CA GLY H 679 26.91 -15.97 -34.01
C GLY H 679 28.09 -16.34 -34.88
N MET H 680 27.91 -17.31 -35.78
CA MET H 680 28.96 -17.68 -36.73
C MET H 680 28.34 -17.84 -38.11
N GLY H 681 29.05 -17.36 -39.12
CA GLY H 681 28.56 -17.45 -40.49
C GLY H 681 29.64 -17.08 -41.47
N ASP H 682 29.28 -17.13 -42.75
CA ASP H 682 30.18 -16.82 -43.85
C ASP H 682 29.74 -15.50 -44.48
N LEU H 683 30.65 -14.52 -44.50
CA LEU H 683 30.33 -13.23 -45.08
C LEU H 683 30.08 -13.35 -46.58
N GLU H 684 30.91 -14.12 -47.27
CA GLU H 684 30.73 -14.27 -48.72
C GLU H 684 29.40 -14.93 -49.05
N MET H 685 28.87 -15.76 -48.14
CA MET H 685 27.58 -16.40 -48.39
C MET H 685 26.47 -15.36 -48.50
N LEU H 686 26.47 -14.37 -47.61
CA LEU H 686 25.42 -13.34 -47.65
C LEU H 686 25.51 -12.52 -48.93
N SER H 687 26.73 -12.14 -49.33
CA SER H 687 26.95 -11.34 -50.53
C SER H 687 27.11 -12.20 -51.78
N SER H 688 26.86 -13.50 -51.68
CA SER H 688 27.08 -14.38 -52.82
C SER H 688 26.17 -14.01 -53.99
N THR H 689 24.92 -13.67 -53.73
CA THR H 689 23.92 -13.46 -54.76
C THR H 689 23.31 -12.07 -54.66
N LYS H 690 24.00 -11.09 -55.25
CA LYS H 690 23.41 -9.79 -55.58
C LYS H 690 22.93 -9.00 -54.37
N TYR H 691 22.69 -7.71 -54.57
CA TYR H 691 22.12 -6.80 -53.58
C TYR H 691 22.70 -7.03 -52.19
N PRO H 692 24.00 -6.80 -51.99
CA PRO H 692 24.55 -6.91 -50.63
C PRO H 692 23.93 -5.92 -49.65
N VAL H 693 23.55 -4.74 -50.12
CA VAL H 693 23.06 -3.70 -49.21
C VAL H 693 21.76 -4.15 -48.55
N VAL H 694 20.80 -4.61 -49.35
CA VAL H 694 19.51 -4.99 -48.79
C VAL H 694 19.70 -6.16 -47.82
N PHE H 695 20.62 -7.08 -48.14
CA PHE H 695 20.93 -8.14 -47.21
C PHE H 695 21.44 -7.60 -45.89
N ILE H 696 22.33 -6.61 -45.94
CA ILE H 696 22.89 -6.06 -44.71
C ILE H 696 21.78 -5.43 -43.86
N ILE H 697 20.93 -4.61 -44.48
CA ILE H 697 19.84 -3.99 -43.71
C ILE H 697 18.89 -5.06 -43.17
N LEU H 698 18.54 -6.06 -44.00
CA LEU H 698 17.65 -7.10 -43.53
C LEU H 698 18.22 -7.82 -42.32
N LEU H 699 19.51 -8.18 -42.38
CA LEU H 699 20.13 -8.89 -41.25
C LEU H 699 20.20 -8.00 -40.02
N VAL H 700 20.50 -6.71 -40.21
CA VAL H 700 20.57 -5.80 -39.06
C VAL H 700 19.21 -5.69 -38.38
N THR H 701 18.15 -5.52 -39.17
CA THR H 701 16.81 -5.49 -38.60
C THR H 701 16.46 -6.82 -37.96
N TYR H 702 16.86 -7.92 -38.58
CA TYR H 702 16.66 -9.24 -37.98
C TYR H 702 17.23 -9.30 -36.57
N ILE H 703 18.49 -8.92 -36.42
CA ILE H 703 19.15 -9.00 -35.11
C ILE H 703 18.47 -8.06 -34.13
N ILE H 704 18.18 -6.82 -34.58
CA ILE H 704 17.59 -5.84 -33.67
C ILE H 704 16.23 -6.31 -33.20
N LEU H 705 15.39 -6.79 -34.10
CA LEU H 705 14.06 -7.26 -33.73
C LEU H 705 14.13 -8.48 -32.83
N THR H 706 15.09 -9.39 -33.08
CA THR H 706 15.24 -10.52 -32.16
C THR H 706 15.57 -10.03 -30.76
N PHE H 707 16.47 -9.05 -30.66
CA PHE H 707 16.79 -8.47 -29.36
C PHE H 707 15.56 -7.83 -28.74
N VAL H 708 14.72 -7.17 -29.56
CA VAL H 708 13.51 -6.55 -29.04
C VAL H 708 12.55 -7.59 -28.50
N LEU H 709 12.41 -8.71 -29.20
CA LEU H 709 11.57 -9.80 -28.68
C LEU H 709 12.13 -10.30 -27.35
N LEU H 710 13.45 -10.45 -27.24
CA LEU H 710 14.03 -10.89 -25.98
C LEU H 710 13.71 -9.90 -24.85
N LEU H 711 13.86 -8.61 -25.13
CA LEU H 711 13.59 -7.57 -24.15
C LEU H 711 12.13 -7.58 -23.72
N ASN H 712 11.23 -7.68 -24.69
CA ASN H 712 9.80 -7.71 -24.41
C ASN H 712 9.43 -8.91 -23.55
N MET H 713 9.97 -10.08 -23.89
CA MET H 713 9.73 -11.27 -23.07
C MET H 713 10.25 -11.06 -21.66
N LEU H 714 11.42 -10.42 -21.54
CA LEU H 714 11.98 -10.16 -20.23
C LEU H 714 11.04 -9.28 -19.40
N ILE H 715 10.49 -8.23 -20.02
CA ILE H 715 9.59 -7.32 -19.32
C ILE H 715 8.32 -8.05 -18.88
N ALA H 716 7.75 -8.85 -19.79
CA ALA H 716 6.50 -9.53 -19.48
C ALA H 716 6.70 -10.53 -18.33
N LEU H 717 7.76 -11.33 -18.39
CA LEU H 717 8.09 -12.16 -17.23
C LEU H 717 8.38 -11.32 -16.00
N MET H 718 8.93 -10.12 -16.20
CA MET H 718 9.32 -9.28 -15.07
C MET H 718 8.13 -8.87 -14.22
N GLY H 719 7.13 -8.25 -14.83
CA GLY H 719 6.12 -7.63 -13.99
C GLY H 719 4.89 -8.47 -13.77
N GLU H 720 4.28 -8.88 -14.88
CA GLU H 720 2.99 -9.57 -14.81
C GLU H 720 3.14 -10.95 -14.19
N THR H 721 4.18 -11.67 -14.57
CA THR H 721 4.38 -13.02 -14.05
C THR H 721 4.76 -12.99 -12.58
N VAL H 722 5.74 -12.16 -12.21
CA VAL H 722 6.28 -12.21 -10.86
C VAL H 722 5.26 -11.69 -9.84
N GLY H 723 4.57 -10.58 -10.14
CA GLY H 723 3.61 -10.06 -9.18
C GLY H 723 2.57 -11.10 -8.80
N GLN H 724 2.09 -11.86 -9.79
CA GLN H 724 1.10 -12.90 -9.51
C GLN H 724 1.73 -14.12 -8.85
N VAL H 725 2.94 -14.49 -9.29
CA VAL H 725 3.59 -15.70 -8.81
C VAL H 725 3.83 -15.61 -7.31
N SER H 726 4.37 -14.48 -6.85
CA SER H 726 4.75 -14.33 -5.45
C SER H 726 3.61 -14.74 -4.51
N LYS H 727 2.37 -14.72 -4.98
CA LYS H 727 1.21 -15.15 -4.22
C LYS H 727 0.67 -16.51 -4.64
N GLU H 728 0.68 -16.81 -5.94
CA GLU H 728 0.03 -18.03 -6.41
C GLU H 728 0.86 -19.29 -6.14
N SER H 729 2.19 -19.15 -6.08
CA SER H 729 3.04 -20.33 -5.91
C SER H 729 2.78 -21.01 -4.57
N LYS H 730 2.60 -20.21 -3.52
CA LYS H 730 2.31 -20.77 -2.20
C LYS H 730 1.11 -21.70 -2.26
N HIS H 731 0.00 -21.19 -2.81
CA HIS H 731 -1.24 -21.96 -2.82
C HIS H 731 -1.14 -23.18 -3.72
N ILE H 732 -0.50 -23.04 -4.88
CA ILE H 732 -0.38 -24.20 -5.76
C ILE H 732 0.45 -25.30 -5.09
N TRP H 733 1.54 -24.90 -4.42
CA TRP H 733 2.33 -25.90 -3.70
C TRP H 733 1.51 -26.55 -2.59
N LYS H 734 0.72 -25.76 -1.87
CA LYS H 734 -0.08 -26.34 -0.80
C LYS H 734 -1.05 -27.39 -1.36
N LEU H 735 -1.69 -27.07 -2.49
CA LEU H 735 -2.59 -28.03 -3.11
C LEU H 735 -1.85 -29.30 -3.52
N GLN H 736 -0.66 -29.15 -4.12
CA GLN H 736 0.12 -30.33 -4.50
C GLN H 736 0.46 -31.17 -3.29
N TRP H 737 0.88 -30.53 -2.20
CA TRP H 737 1.23 -31.26 -0.98
C TRP H 737 0.04 -32.04 -0.45
N ALA H 738 -1.13 -31.39 -0.36
CA ALA H 738 -2.30 -32.06 0.16
C ALA H 738 -2.72 -33.24 -0.71
N THR H 739 -2.73 -33.05 -2.03
CA THR H 739 -3.15 -34.13 -2.90
C THR H 739 -2.18 -35.31 -2.85
N THR H 740 -0.88 -35.04 -2.72
CA THR H 740 0.06 -36.15 -2.55
C THR H 740 -0.18 -36.88 -1.23
N ILE H 741 -0.47 -36.14 -0.16
CA ILE H 741 -0.78 -36.80 1.11
C ILE H 741 -1.96 -37.75 0.93
N LEU H 742 -3.02 -37.26 0.28
CA LEU H 742 -4.21 -38.09 0.15
C LEU H 742 -3.96 -39.29 -0.76
N ASP H 743 -3.14 -39.11 -1.80
CA ASP H 743 -2.78 -40.24 -2.66
C ASP H 743 -2.02 -41.30 -1.86
N ILE H 744 -1.07 -40.86 -1.03
CA ILE H 744 -0.32 -41.80 -0.20
C ILE H 744 -1.28 -42.55 0.72
N GLU H 745 -2.24 -41.83 1.31
CA GLU H 745 -3.25 -42.50 2.12
C GLU H 745 -3.97 -43.59 1.33
N ARG H 746 -4.51 -43.22 0.17
CA ARG H 746 -5.32 -44.19 -0.58
C ARG H 746 -4.49 -45.36 -1.07
N SER H 747 -3.17 -45.21 -1.16
CA SER H 747 -2.33 -46.34 -1.54
C SER H 747 -2.45 -47.49 -0.52
N PHE H 748 -2.45 -47.15 0.76
CA PHE H 748 -2.45 -48.17 1.80
C PHE H 748 -3.78 -48.93 1.83
N PRO H 749 -3.78 -50.14 2.38
CA PRO H 749 -5.04 -50.88 2.53
C PRO H 749 -5.91 -50.30 3.63
N VAL H 750 -7.17 -50.72 3.63
CA VAL H 750 -8.16 -50.12 4.52
C VAL H 750 -7.78 -50.36 5.98
N PHE H 751 -7.39 -51.58 6.32
CA PHE H 751 -7.09 -51.89 7.71
C PHE H 751 -5.88 -51.09 8.19
N LEU H 752 -4.87 -50.93 7.33
CA LEU H 752 -3.71 -50.13 7.70
C LEU H 752 -4.10 -48.67 7.91
N ARG H 753 -4.97 -48.14 7.05
CA ARG H 753 -5.46 -46.78 7.23
C ARG H 753 -6.18 -46.64 8.56
N LYS H 754 -7.00 -47.63 8.92
CA LYS H 754 -7.68 -47.59 10.20
C LYS H 754 -6.68 -47.60 11.35
N ALA H 755 -5.61 -48.39 11.22
CA ALA H 755 -4.58 -48.41 12.26
C ALA H 755 -3.93 -47.04 12.41
N PHE H 756 -3.61 -46.38 11.31
CA PHE H 756 -3.02 -45.04 11.32
C PHE H 756 -4.08 -43.96 11.19
N ARG H 757 -5.09 -43.99 12.07
CA ARG H 757 -6.17 -43.03 12.04
C ARG H 757 -5.89 -41.91 13.03
N SER H 758 -5.97 -40.67 12.54
CA SER H 758 -5.73 -39.52 13.41
C SER H 758 -6.90 -39.33 14.37
N GLY H 759 -6.62 -38.63 15.47
CA GLY H 759 -7.63 -38.31 16.46
C GLY H 759 -7.75 -39.38 17.53
N GLU H 760 -8.52 -39.04 18.56
CA GLU H 760 -8.71 -39.88 19.72
C GLU H 760 -9.99 -40.70 19.56
N MET H 761 -10.37 -41.40 20.63
CA MET H 761 -11.63 -42.13 20.72
C MET H 761 -12.48 -41.52 21.84
N VAL H 762 -12.45 -40.19 21.94
CA VAL H 762 -13.04 -39.52 23.08
C VAL H 762 -14.54 -39.79 23.13
N THR H 763 -15.08 -39.81 24.36
CA THR H 763 -16.51 -39.91 24.60
C THR H 763 -17.03 -38.53 24.98
N VAL H 764 -18.08 -38.07 24.31
CA VAL H 764 -18.57 -36.71 24.49
C VAL H 764 -19.60 -36.64 25.60
N GLY H 765 -20.57 -37.54 25.61
CA GLY H 765 -21.59 -37.52 26.64
C GLY H 765 -22.68 -38.51 26.32
N LYS H 766 -23.67 -38.53 27.22
CA LYS H 766 -24.81 -39.42 27.05
C LYS H 766 -25.68 -38.95 25.88
N SER H 767 -26.21 -39.90 25.13
CA SER H 767 -27.07 -39.60 23.99
C SER H 767 -28.51 -39.40 24.49
N SER H 768 -29.46 -39.35 23.55
CA SER H 768 -30.85 -39.15 23.93
C SER H 768 -31.32 -40.24 24.89
N ASP H 769 -30.84 -41.47 24.72
CA ASP H 769 -31.20 -42.58 25.60
C ASP H 769 -30.13 -42.85 26.64
N GLY H 770 -29.15 -41.96 26.79
CA GLY H 770 -28.07 -42.14 27.75
C GLY H 770 -26.88 -42.91 27.23
N THR H 771 -26.94 -43.45 26.01
CA THR H 771 -25.81 -44.17 25.47
C THR H 771 -24.66 -43.21 25.18
N PRO H 772 -23.42 -43.70 25.21
CA PRO H 772 -22.27 -42.81 24.98
C PRO H 772 -22.11 -42.46 23.51
N ASP H 773 -21.55 -41.26 23.28
CA ASP H 773 -21.33 -40.81 21.91
C ASP H 773 -20.17 -41.57 21.27
N ARG H 774 -18.98 -41.50 21.87
CA ARG H 774 -17.82 -42.22 21.37
C ARG H 774 -17.49 -41.80 19.93
N ARG H 775 -17.15 -40.53 19.78
CA ARG H 775 -16.86 -39.94 18.48
C ARG H 775 -15.37 -39.67 18.34
N TRP H 776 -14.81 -40.02 17.19
CA TRP H 776 -13.40 -39.80 16.89
C TRP H 776 -13.16 -38.31 16.71
N CYS H 777 -12.55 -37.66 17.69
CA CYS H 777 -12.28 -36.24 17.67
C CYS H 777 -10.79 -35.99 17.49
N PHE H 778 -10.45 -34.70 17.39
CA PHE H 778 -9.07 -34.26 17.16
C PHE H 778 -8.88 -32.96 17.93
N ARG H 779 -8.00 -32.95 18.92
CA ARG H 779 -7.88 -31.82 19.83
C ARG H 779 -6.89 -30.79 19.34
N VAL H 780 -7.25 -29.52 19.55
CA VAL H 780 -6.35 -28.39 19.40
C VAL H 780 -6.52 -27.49 20.62
N ASP H 781 -5.44 -26.85 21.03
CA ASP H 781 -5.43 -26.03 22.23
C ASP H 781 -4.93 -24.63 21.90
N GLU H 782 -5.33 -23.67 22.74
CA GLU H 782 -5.04 -22.27 22.49
C GLU H 782 -4.78 -21.57 23.82
N VAL H 783 -4.19 -20.39 23.72
CA VAL H 783 -3.90 -19.52 24.86
C VAL H 783 -4.63 -18.21 24.62
N ASN H 784 -5.48 -17.81 25.56
CA ASN H 784 -6.25 -16.57 25.46
C ASN H 784 -6.20 -15.84 26.78
N TRP H 785 -5.82 -14.56 26.72
CA TRP H 785 -5.70 -13.71 27.90
C TRP H 785 -6.81 -12.69 28.03
N SER H 786 -7.78 -12.66 27.11
CA SER H 786 -8.80 -11.62 27.10
C SER H 786 -10.04 -12.04 27.88
N HIS H 787 -10.71 -13.11 27.45
CA HIS H 787 -11.90 -13.62 28.13
C HIS H 787 -11.45 -14.56 29.23
N TRP H 788 -11.65 -14.14 30.48
CA TRP H 788 -11.20 -14.89 31.63
C TRP H 788 -12.33 -15.77 32.14
N ASN H 789 -12.01 -17.01 32.47
CA ASN H 789 -12.94 -18.02 32.98
C ASN H 789 -14.32 -17.89 32.33
N GLN H 790 -14.37 -17.74 31.01
CA GLN H 790 -15.63 -17.72 30.28
C GLN H 790 -15.93 -19.14 29.81
N ASN H 791 -16.92 -19.76 30.43
CA ASN H 791 -17.22 -21.17 30.18
C ASN H 791 -16.08 -22.03 30.71
N LEU H 792 -16.21 -23.34 30.62
CA LEU H 792 -15.19 -24.24 31.13
C LEU H 792 -15.23 -25.55 30.36
N GLY H 793 -14.14 -26.31 30.45
CA GLY H 793 -14.08 -27.62 29.84
C GLY H 793 -15.09 -28.57 30.44
N ILE H 794 -15.99 -29.07 29.61
CA ILE H 794 -17.11 -29.88 30.10
C ILE H 794 -16.77 -31.37 30.11
N ILE H 795 -15.76 -31.80 29.34
CA ILE H 795 -15.48 -33.22 29.22
C ILE H 795 -14.53 -33.83 30.24
N ASN H 796 -13.22 -33.66 30.10
CA ASN H 796 -12.31 -34.31 31.02
C ASN H 796 -12.43 -33.87 32.47
N GLU H 797 -12.66 -32.56 32.64
CA GLU H 797 -12.78 -31.89 33.95
C GLU H 797 -11.48 -32.07 34.74
N ASP H 798 -10.38 -32.08 33.99
CA ASP H 798 -9.02 -32.26 34.48
C ASP H 798 -8.13 -32.08 33.25
N PRO H 799 -7.07 -31.23 33.36
CA PRO H 799 -6.20 -31.10 32.19
C PRO H 799 -5.71 -32.41 31.58
#